data_9BJ4
#
_entry.id   9BJ4
#
_cell.length_a   1.00
_cell.length_b   1.00
_cell.length_c   1.00
_cell.angle_alpha   90.00
_cell.angle_beta   90.00
_cell.angle_gamma   90.00
#
_symmetry.space_group_name_H-M   'P 1'
#
loop_
_entity.id
_entity.type
_entity.pdbx_description
1 polymer 'Spike glycoprotein'
2 polymer 'C952 Heavy Chain'
3 polymer 'C952 Light Chain'
4 branched 2-acetamido-2-deoxy-beta-D-glucopyranose-(1-4)-2-acetamido-2-deoxy-beta-D-glucopyranose
#
loop_
_entity_poly.entity_id
_entity_poly.type
_entity_poly.pdbx_seq_one_letter_code
_entity_poly.pdbx_strand_id
1 'polypeptide(L)'
;MFVFLVLLPLVSSQCVNLTTRTQLPPAYTNSFTRGVYYPDKVFRSSVLHSTQDLFLPFFSNVTWFHAIHVSGTNGTKRFD
NPVLPFNDGVYFASTEKSNIIRGWIFGTTLDSKTQSLLIVNNATNVVIKVCEFQFCNDPFLGVYYHKNNKSWMESEFRVY
SSANNCTFEYVSQPFLMDLEGKQGNFKNLREFVFKNIDGYFKIYSKHTPINLVRDLPQGFSALEPLVDLPIGINITRFQT
LLALHRSYLTPGDSSSGWTAGAAAYYVGYLQPRTFLLKYNENGTITDAVDCALDPLSETKCTLKSFTVEKGIYQTSNFRV
QPTESIVRFPNITNLCPFGEVFNATRFASVYAWNRKRISNCVADYSVLYNSASFSTFKCYGVSPTKLNDLCFTNVYADSF
VIRGDEVRQIAPGQTGKIADYNYKLPDDFTGCVIAWNSNNLDSKVGGNYNYLYRLFRKSNLKPFERDISTEIYQAGSTPC
NGVEGFNCYFPLQSYGFQPTNGVGYQPYRVVVLSFELLHAPATVCGPKKSTNLVKNKCVNFNFNGLTGTGVLTESNKKFL
PFQQFGRDIADTTDAVRDPQTLEILDITPCSFGGVSVITPGTNTSNQVAVLYQDVNCTEVPVAIHADQLTPTWRVYSTGS
NVFQTRAGCLIGAEHVNNSYECDIPIGAGICASYQTQTNSPGSASSVASQSIIAYTMSLGAENSVAYSNNSIAIPTNFTI
SVTTEILPVSMTKTSVDCTMYICGDSTECSNLLLQYGSFCTQLNRALTGIAVEQDKNTQEVFAQVKQIYKTPPIKDFGGF
NFSQILPDPSKPSKRSPIEDLLFNKVTLADAGFIKQYGDCLGDIAARDLICAQKFNGLTVLPPLLTDEMIAQYTSALLAG
TITSGWTFGAGPALQIPFPMQMAYRFNGIGVTQNVLYENQKLIANQFNSAIGKIQDSLSSTPSALGKLQDVVNQNAQALN
TLVKQLSSNFGAISSVLNDILSRLDPPEAEVQIDRLITGRLQSLQTYVTQQLIRAAEIRASANLAATKMSECVLGQSKRV
DFCGKGYHLMSFPQSAPHGVVFLHVTYVPAQEKNFTTAPAICHDGKAHFPREGVFVSNGTHWFVTQRNFYEPQIITTDNT
FVSGNCDVVIGIVNNTVYDPLQPELDSFKEELDKYFKNHTSPDVDLGDISGINASVVNIQKEIDRLNEVAKNLNESLIDL
QELGKYEQGSGYIPEAPRDGQAYVRKDGEWVLLSTFLGRSLEVLFQGPGHHHHHHHHSAWSHPQFEKGGGSGGGGSGGSA
WSHPQFEK
;
A,B,C
2 'polypeptide(L)'
;MGWSCIILFLVATATGVHSEVQLVQSGAEVKKPGESLTISCKDSGNSFTIYWIGWVRQMPGKGLEWMGMIYPGDSGTRYS
PSFEGQVTISADESINTAYLQWRSLKASDTAMYYCVRGIAVDWYFDLWGRGTLVTVSSASTKGPSVFPLAPSSKSTSGGT
AALGCLVKDYFPEPVTVSWNSGALTSGVHTFPAVLQSSGLYSLSSVVTVPSSSLGTQTYICNVNHKPSNTKVDKRVEPKS
CDKTHHHHHH
;
H,D,F
3 'polypeptide(L)'
;MGWSCIILFLVATATGSWAQSVLTQPPSVSGAPGQRVTISCTGSSSNIGAGFDVHWYQQLPGTAPKLLIYGNNNRPSGVP
DRFSGSKSATSASLAITGLQAEDEADYYCQSSDSSLSGLYVFGTGTNVIVLGQPKAAPSVTLFPPSSEELQANKATLVCL
ISDFYPGAVTVAWKADSSPVKAGVETTTPSKQSNNKYAASSYLSLTPEQWKSHRSYSCQVTHEGSTVEKTVAPTECS
;
L,E,G
#
loop_
_chem_comp.id
_chem_comp.type
_chem_comp.name
_chem_comp.formula
NAG D-saccharide, beta linking 2-acetamido-2-deoxy-beta-D-glucopyranose 'C8 H15 N O6'
#
# COMPACT_ATOMS: atom_id res chain seq x y z
N ALA A 27 -13.68 -2.74 57.92
CA ALA A 27 -12.63 -1.73 57.93
C ALA A 27 -11.96 -1.63 56.56
N TYR A 28 -11.28 -0.51 56.31
CA TYR A 28 -10.64 -0.26 55.02
C TYR A 28 -9.18 0.08 55.23
N THR A 29 -8.39 -0.12 54.18
CA THR A 29 -6.96 0.16 54.23
C THR A 29 -6.49 0.62 52.85
N ASN A 30 -5.36 1.31 52.83
CA ASN A 30 -4.77 1.81 51.61
C ASN A 30 -4.02 0.70 50.88
N SER A 31 -4.27 0.57 49.58
CA SER A 31 -3.60 -0.47 48.79
C SER A 31 -2.13 -0.14 48.55
N PHE A 32 -1.74 1.12 48.64
CA PHE A 32 -0.37 1.57 48.35
C PHE A 32 0.07 1.10 46.98
N THR A 33 1.16 0.34 46.91
CA THR A 33 1.73 -0.12 45.66
C THR A 33 1.79 -1.63 45.55
N ARG A 34 0.94 -2.34 46.28
CA ARG A 34 0.94 -3.80 46.22
C ARG A 34 0.12 -4.29 45.03
N GLY A 35 0.34 -5.56 44.68
CA GLY A 35 -0.42 -6.18 43.61
C GLY A 35 0.24 -6.10 42.25
N VAL A 36 1.53 -6.42 42.19
CA VAL A 36 2.31 -6.36 40.96
C VAL A 36 2.94 -7.72 40.72
N TYR A 37 2.88 -8.18 39.47
CA TYR A 37 3.39 -9.49 39.11
C TYR A 37 4.07 -9.41 37.75
N TYR A 38 4.93 -10.38 37.47
CA TYR A 38 5.56 -10.47 36.17
C TYR A 38 4.50 -10.79 35.12
N PRO A 39 4.39 -10.01 34.04
CA PRO A 39 3.30 -10.23 33.09
C PRO A 39 3.55 -11.35 32.10
N ASP A 40 4.80 -11.76 31.90
CA ASP A 40 5.12 -12.81 30.95
C ASP A 40 6.43 -13.46 31.37
N LYS A 41 6.86 -14.46 30.59
CA LYS A 41 8.03 -15.28 30.91
C LYS A 41 9.24 -14.92 30.06
N VAL A 42 9.26 -13.71 29.50
CA VAL A 42 10.34 -13.28 28.62
C VAL A 42 11.31 -12.42 29.41
N PHE A 43 12.60 -12.69 29.29
CA PHE A 43 13.60 -11.97 30.07
C PHE A 43 13.80 -10.57 29.53
N ARG A 44 13.79 -9.58 30.43
CA ARG A 44 14.16 -8.21 30.11
C ARG A 44 14.99 -7.66 31.27
N SER A 45 15.91 -6.76 30.95
CA SER A 45 16.79 -6.20 31.97
C SER A 45 17.10 -4.75 31.66
N SER A 46 17.10 -3.94 32.72
CA SER A 46 17.40 -2.51 32.63
C SER A 46 16.59 -1.84 31.51
N VAL A 47 15.28 -2.08 31.53
CA VAL A 47 14.39 -1.60 30.48
C VAL A 47 13.12 -1.09 31.12
N LEU A 48 12.64 0.05 30.65
CA LEU A 48 11.34 0.59 31.05
C LEU A 48 10.31 0.09 30.04
N HIS A 49 9.53 -0.90 30.44
CA HIS A 49 8.59 -1.57 29.54
C HIS A 49 7.16 -1.18 29.88
N SER A 50 6.39 -0.88 28.84
CA SER A 50 4.99 -0.47 28.99
C SER A 50 4.09 -1.63 28.59
N THR A 51 3.12 -1.94 29.45
CA THR A 51 2.22 -3.05 29.14
C THR A 51 0.85 -2.81 29.78
N GLN A 52 -0.19 -3.29 29.11
CA GLN A 52 -1.55 -3.22 29.63
C GLN A 52 -1.95 -4.60 30.13
N ASP A 53 -2.28 -4.68 31.41
CA ASP A 53 -2.66 -5.95 32.02
C ASP A 53 -3.51 -5.68 33.25
N LEU A 54 -4.25 -6.69 33.68
CA LEU A 54 -5.07 -6.59 34.87
C LEU A 54 -4.17 -6.50 36.09
N PHE A 55 -4.29 -5.40 36.83
CA PHE A 55 -3.46 -5.14 37.98
C PHE A 55 -4.32 -4.55 39.10
N LEU A 56 -3.72 -4.40 40.28
CA LEU A 56 -4.36 -3.72 41.38
C LEU A 56 -4.09 -2.23 41.26
N PRO A 57 -5.11 -1.40 41.04
CA PRO A 57 -4.88 0.05 40.92
C PRO A 57 -4.23 0.60 42.19
N PHE A 58 -3.29 1.52 41.99
CA PHE A 58 -2.51 2.03 43.11
C PHE A 58 -3.36 2.92 44.01
N PHE A 59 -3.06 2.86 45.31
CA PHE A 59 -3.72 3.69 46.32
C PHE A 59 -5.23 3.51 46.32
N SER A 60 -5.70 2.28 46.16
CA SER A 60 -7.11 1.98 46.25
C SER A 60 -7.46 1.53 47.68
N ASN A 61 -8.75 1.31 47.91
CA ASN A 61 -9.24 0.87 49.20
C ASN A 61 -9.46 -0.64 49.20
N VAL A 62 -8.82 -1.32 50.14
CA VAL A 62 -8.96 -2.76 50.32
C VAL A 62 -9.71 -3.00 51.62
N THR A 63 -10.66 -3.94 51.58
CA THR A 63 -11.50 -4.20 52.75
C THR A 63 -10.78 -5.09 53.74
N TRP A 64 -10.94 -4.77 55.03
CA TRP A 64 -10.26 -5.47 56.12
C TRP A 64 -11.27 -6.33 56.85
N PHE A 65 -11.01 -7.63 56.92
CA PHE A 65 -11.86 -8.57 57.64
C PHE A 65 -11.12 -9.09 58.88
N HIS A 66 -11.87 -9.30 59.95
CA HIS A 66 -11.35 -9.82 61.20
C HIS A 66 -11.70 -11.29 61.34
N ALA A 67 -11.10 -11.93 62.35
CA ALA A 67 -11.33 -13.34 62.61
C ALA A 67 -11.53 -13.57 64.10
N ILE A 68 -12.36 -12.74 64.72
CA ILE A 68 -12.68 -12.84 66.14
C ILE A 68 -14.19 -12.84 66.32
N HIS A 69 -14.65 -13.64 67.27
CA HIS A 69 -16.07 -13.76 67.60
C HIS A 69 -16.91 -14.14 66.38
N ASP A 80 -17.15 -15.47 60.09
CA ASP A 80 -17.54 -14.47 59.09
C ASP A 80 -16.96 -14.80 57.71
N ASN A 81 -17.62 -15.71 57.01
CA ASN A 81 -17.20 -16.17 55.68
C ASN A 81 -18.35 -16.00 54.71
N PRO A 82 -18.61 -14.79 54.26
CA PRO A 82 -19.72 -14.54 53.33
C PRO A 82 -19.33 -14.97 51.92
N VAL A 83 -20.23 -14.66 50.98
CA VAL A 83 -20.02 -14.96 49.57
C VAL A 83 -19.70 -13.66 48.84
N LEU A 84 -18.49 -13.56 48.30
CA LEU A 84 -18.02 -12.34 47.65
C LEU A 84 -17.92 -12.58 46.15
N PRO A 85 -18.40 -11.63 45.32
CA PRO A 85 -18.21 -11.78 43.87
C PRO A 85 -16.74 -11.77 43.50
N PHE A 86 -16.39 -12.61 42.51
CA PHE A 86 -15.02 -12.73 42.03
C PHE A 86 -14.65 -11.67 41.01
N ASN A 87 -15.62 -11.20 40.23
CA ASN A 87 -15.42 -10.18 39.21
C ASN A 87 -14.34 -10.57 38.22
N ASP A 88 -13.30 -9.74 38.10
CA ASP A 88 -12.27 -9.95 37.09
C ASP A 88 -10.94 -10.40 37.70
N GLY A 89 -10.97 -11.02 38.88
CA GLY A 89 -9.74 -11.44 39.52
C GLY A 89 -9.67 -10.96 40.96
N VAL A 90 -8.84 -11.58 41.78
CA VAL A 90 -8.77 -11.23 43.19
C VAL A 90 -7.32 -11.20 43.65
N TYR A 91 -6.94 -10.11 44.32
CA TYR A 91 -5.68 -10.06 45.05
C TYR A 91 -5.97 -10.43 46.50
N PHE A 92 -5.28 -11.44 47.00
CA PHE A 92 -5.47 -11.98 48.34
C PHE A 92 -4.22 -11.70 49.16
N ALA A 93 -4.39 -11.36 50.43
CA ALA A 93 -3.22 -11.06 51.26
C ALA A 93 -3.49 -11.52 52.68
N SER A 94 -2.44 -11.99 53.35
CA SER A 94 -2.59 -12.42 54.73
C SER A 94 -1.28 -12.29 55.48
N THR A 95 -1.40 -12.17 56.79
CA THR A 95 -0.29 -12.36 57.72
C THR A 95 -0.71 -13.44 58.72
N GLU A 96 0.23 -14.32 59.05
CA GLU A 96 -0.10 -15.52 59.80
C GLU A 96 0.84 -15.69 60.99
N LYS A 97 0.30 -16.31 62.04
CA LYS A 97 1.10 -16.70 63.20
C LYS A 97 0.80 -18.12 63.67
N SER A 98 -0.28 -18.76 63.19
CA SER A 98 -0.60 -20.12 63.60
C SER A 98 -1.11 -20.98 62.45
N ASN A 99 -1.02 -20.51 61.21
CA ASN A 99 -1.41 -21.28 60.02
C ASN A 99 -2.87 -21.72 60.10
N ILE A 100 -3.74 -20.79 60.50
CA ILE A 100 -5.17 -21.10 60.58
C ILE A 100 -5.76 -21.27 59.19
N ILE A 101 -5.43 -20.36 58.27
CA ILE A 101 -5.94 -20.45 56.91
C ILE A 101 -5.23 -21.61 56.20
N ARG A 102 -6.02 -22.53 55.65
CA ARG A 102 -5.47 -23.74 55.06
C ARG A 102 -6.04 -24.08 53.69
N GLY A 103 -7.16 -23.49 53.28
CA GLY A 103 -7.76 -23.90 52.03
C GLY A 103 -8.61 -22.81 51.40
N TRP A 104 -8.90 -23.03 50.12
CA TRP A 104 -9.70 -22.10 49.33
C TRP A 104 -10.74 -22.87 48.51
N ILE A 105 -11.93 -22.29 48.40
CA ILE A 105 -13.02 -22.85 47.57
C ILE A 105 -13.48 -21.78 46.61
N PHE A 106 -13.54 -22.11 45.32
CA PHE A 106 -13.98 -21.19 44.29
C PHE A 106 -15.04 -21.86 43.42
N GLY A 107 -15.96 -21.05 42.90
CA GLY A 107 -16.99 -21.60 42.02
C GLY A 107 -18.03 -20.57 41.65
N THR A 108 -19.24 -21.06 41.40
CA THR A 108 -20.39 -20.23 41.09
C THR A 108 -21.58 -20.48 42.01
N THR A 109 -21.83 -21.74 42.37
CA THR A 109 -22.91 -22.08 43.29
C THR A 109 -22.43 -22.76 44.57
N LEU A 110 -21.37 -23.58 44.49
CA LEU A 110 -20.75 -24.21 45.67
C LEU A 110 -21.75 -25.05 46.45
N ASP A 111 -22.50 -25.89 45.73
CA ASP A 111 -23.43 -26.82 46.38
C ASP A 111 -23.39 -28.19 45.71
N SER A 112 -22.23 -28.60 45.21
CA SER A 112 -22.02 -29.86 44.49
C SER A 112 -22.82 -29.94 43.20
N LYS A 113 -23.37 -28.82 42.72
CA LYS A 113 -24.07 -28.77 41.45
C LYS A 113 -23.16 -28.46 40.28
N THR A 114 -22.07 -27.73 40.52
CA THR A 114 -21.10 -27.37 39.50
C THR A 114 -19.70 -27.65 40.02
N GLN A 115 -18.74 -27.71 39.09
CA GLN A 115 -17.36 -27.96 39.46
C GLN A 115 -16.81 -26.80 40.26
N SER A 116 -16.16 -27.10 41.39
CA SER A 116 -15.64 -26.10 42.29
C SER A 116 -14.16 -26.37 42.53
N LEU A 117 -13.34 -25.34 42.38
CA LEU A 117 -11.92 -25.48 42.63
C LEU A 117 -11.69 -25.49 44.14
N LEU A 118 -10.88 -26.43 44.63
CA LEU A 118 -10.70 -26.59 46.06
C LEU A 118 -9.23 -26.91 46.32
N ILE A 119 -8.53 -26.01 47.01
CA ILE A 119 -7.11 -26.19 47.33
C ILE A 119 -6.97 -26.36 48.83
N VAL A 120 -6.20 -27.37 49.24
CA VAL A 120 -5.83 -27.56 50.64
C VAL A 120 -4.33 -27.77 50.75
N ASN A 121 -3.77 -27.37 51.88
CA ASN A 121 -2.36 -27.53 52.20
C ASN A 121 -2.26 -28.04 53.64
N ASN A 122 -2.10 -29.35 53.80
CA ASN A 122 -2.02 -29.97 55.12
C ASN A 122 -0.56 -30.32 55.40
N ALA A 123 0.04 -29.64 56.37
CA ALA A 123 1.43 -29.84 56.75
C ALA A 123 2.36 -29.64 55.56
N THR A 124 2.87 -30.73 54.99
CA THR A 124 3.79 -30.67 53.86
C THR A 124 3.18 -31.23 52.58
N ASN A 125 1.85 -31.33 52.52
CA ASN A 125 1.15 -31.88 51.37
C ASN A 125 0.23 -30.82 50.79
N VAL A 126 0.25 -30.69 49.46
CA VAL A 126 -0.57 -29.73 48.74
C VAL A 126 -1.48 -30.50 47.79
N VAL A 127 -2.78 -30.30 47.91
CA VAL A 127 -3.76 -31.03 47.12
C VAL A 127 -4.69 -30.03 46.44
N ILE A 128 -4.88 -30.19 45.12
CA ILE A 128 -5.80 -29.37 44.36
C ILE A 128 -6.84 -30.29 43.72
N LYS A 129 -8.12 -29.97 43.92
CA LYS A 129 -9.20 -30.86 43.53
C LYS A 129 -10.27 -30.07 42.79
N VAL A 130 -10.81 -30.68 41.73
CA VAL A 130 -11.80 -30.02 40.89
C VAL A 130 -13.05 -30.88 40.83
N CYS A 131 -13.17 -31.84 41.74
CA CYS A 131 -14.36 -32.67 41.80
C CYS A 131 -15.51 -31.91 42.47
N GLU A 132 -16.72 -32.40 42.22
CA GLU A 132 -17.92 -31.77 42.75
C GLU A 132 -18.19 -32.27 44.17
N PHE A 133 -17.37 -31.77 45.09
CA PHE A 133 -17.50 -32.13 46.49
C PHE A 133 -18.84 -31.67 47.05
N GLN A 134 -19.42 -32.48 47.93
CA GLN A 134 -20.66 -32.11 48.63
C GLN A 134 -20.27 -31.37 49.90
N PHE A 135 -20.29 -30.04 49.83
CA PHE A 135 -19.91 -29.24 50.98
C PHE A 135 -20.94 -29.35 52.09
N CYS A 136 -20.49 -29.12 53.32
CA CYS A 136 -21.40 -29.04 54.44
C CYS A 136 -22.21 -27.75 54.36
N ASN A 137 -23.24 -27.66 55.20
CA ASN A 137 -24.11 -26.48 55.19
C ASN A 137 -23.34 -25.22 55.54
N ASP A 138 -22.47 -25.29 56.55
CA ASP A 138 -21.61 -24.17 56.94
C ASP A 138 -20.19 -24.71 57.05
N PRO A 139 -19.46 -24.74 55.93
CA PRO A 139 -18.10 -25.30 55.97
C PRO A 139 -17.18 -24.52 56.89
N PHE A 140 -16.38 -25.26 57.66
CA PHE A 140 -15.32 -24.69 58.46
C PHE A 140 -14.43 -25.83 58.95
N LEU A 141 -13.24 -25.47 59.43
CA LEU A 141 -12.25 -26.44 59.87
C LEU A 141 -12.00 -26.28 61.37
N GLY A 142 -11.88 -27.41 62.06
CA GLY A 142 -11.64 -27.39 63.49
C GLY A 142 -10.17 -27.34 63.84
N VAL A 143 -9.91 -27.12 65.13
CA VAL A 143 -8.54 -27.06 65.64
C VAL A 143 -8.37 -28.07 66.77
N ASN A 165 -17.68 -37.31 39.65
CA ASN A 165 -17.58 -36.59 38.39
C ASN A 165 -16.34 -35.68 38.38
N CYS A 166 -15.16 -36.30 38.34
CA CYS A 166 -13.90 -35.57 38.40
C CYS A 166 -13.32 -35.41 37.01
N THR A 167 -12.89 -34.19 36.68
CA THR A 167 -12.21 -33.91 35.42
C THR A 167 -10.77 -33.44 35.62
N PHE A 168 -10.29 -33.35 36.85
CA PHE A 168 -8.92 -32.96 37.11
C PHE A 168 -8.56 -33.38 38.53
N GLU A 169 -7.31 -33.75 38.74
CA GLU A 169 -6.81 -34.12 40.05
C GLU A 169 -5.32 -33.88 40.09
N TYR A 170 -4.84 -33.21 41.14
CA TYR A 170 -3.42 -32.91 41.27
C TYR A 170 -3.01 -33.00 42.73
N VAL A 171 -1.96 -33.78 42.98
CA VAL A 171 -1.30 -33.85 44.28
C VAL A 171 0.19 -33.64 44.06
N SER A 172 0.77 -32.68 44.78
CA SER A 172 2.18 -32.38 44.62
C SER A 172 3.06 -33.40 45.34
N PHE A 186 4.25 -9.82 63.83
CA PHE A 186 4.09 -10.95 62.93
C PHE A 186 5.44 -11.44 62.42
N LYS A 187 5.43 -12.54 61.67
CA LYS A 187 6.65 -13.12 61.16
C LYS A 187 6.66 -13.29 59.64
N ASN A 188 5.52 -13.63 59.03
CA ASN A 188 5.45 -13.81 57.59
C ASN A 188 4.26 -13.04 57.04
N LEU A 189 4.44 -12.49 55.84
CA LEU A 189 3.38 -11.84 55.09
C LEU A 189 3.32 -12.49 53.72
N ARG A 190 2.16 -13.05 53.37
CA ARG A 190 2.02 -13.78 52.11
C ARG A 190 0.97 -13.10 51.24
N GLU A 191 1.34 -12.84 50.00
CA GLU A 191 0.46 -12.20 49.02
C GLU A 191 0.24 -13.15 47.85
N PHE A 192 -1.00 -13.17 47.37
CA PHE A 192 -1.42 -14.04 46.29
C PHE A 192 -2.20 -13.21 45.28
N VAL A 193 -2.10 -13.60 44.01
CA VAL A 193 -2.89 -13.02 42.93
C VAL A 193 -3.55 -14.17 42.19
N PHE A 194 -4.88 -14.20 42.19
CA PHE A 194 -5.65 -15.25 41.53
C PHE A 194 -6.42 -14.64 40.38
N LYS A 195 -6.29 -15.23 39.19
CA LYS A 195 -7.05 -14.69 38.07
C LYS A 195 -7.44 -15.81 37.11
N ASN A 196 -8.54 -15.58 36.40
CA ASN A 196 -9.02 -16.47 35.34
C ASN A 196 -9.11 -15.68 34.05
N ILE A 197 -8.37 -16.12 33.04
CA ILE A 197 -8.37 -15.48 31.73
C ILE A 197 -8.56 -16.57 30.68
N ASP A 198 -9.67 -16.49 29.93
CA ASP A 198 -9.99 -17.42 28.85
C ASP A 198 -9.92 -18.86 29.32
N GLY A 199 -10.51 -19.13 30.48
CA GLY A 199 -10.53 -20.47 31.03
C GLY A 199 -9.21 -20.93 31.62
N TYR A 200 -8.24 -20.04 31.78
CA TYR A 200 -6.94 -20.37 32.34
C TYR A 200 -6.83 -19.73 33.72
N PHE A 201 -6.61 -20.55 34.73
CA PHE A 201 -6.51 -20.12 36.12
C PHE A 201 -5.03 -19.94 36.47
N LYS A 202 -4.61 -18.68 36.64
CA LYS A 202 -3.24 -18.37 36.95
C LYS A 202 -3.14 -17.91 38.41
N ILE A 203 -2.22 -18.51 39.16
CA ILE A 203 -2.00 -18.18 40.56
C ILE A 203 -0.55 -17.72 40.74
N TYR A 204 -0.38 -16.57 41.38
CA TYR A 204 0.93 -16.02 41.73
C TYR A 204 0.98 -15.87 43.23
N SER A 205 2.17 -16.08 43.81
CA SER A 205 2.27 -16.00 45.26
C SER A 205 3.68 -15.61 45.66
N LYS A 206 3.78 -14.98 46.83
CA LYS A 206 5.07 -14.68 47.43
C LYS A 206 4.88 -14.47 48.92
N HIS A 207 5.68 -15.16 49.72
CA HIS A 207 5.72 -14.98 51.17
C HIS A 207 7.05 -14.38 51.56
N THR A 208 7.03 -13.39 52.44
CA THR A 208 8.24 -12.70 52.84
C THR A 208 8.26 -12.51 54.35
N PRO A 209 9.44 -12.56 54.96
CA PRO A 209 9.54 -12.25 56.40
C PRO A 209 9.47 -10.74 56.63
N ILE A 210 8.57 -10.32 57.51
CA ILE A 210 8.40 -8.93 57.88
C ILE A 210 8.42 -8.81 59.39
N ASN A 211 8.73 -7.62 59.88
CA ASN A 211 8.68 -7.30 61.31
C ASN A 211 7.87 -6.02 61.47
N LEU A 212 6.55 -6.18 61.55
CA LEU A 212 5.63 -5.07 61.75
C LEU A 212 4.24 -5.62 62.05
N VAL A 213 3.66 -5.22 63.17
CA VAL A 213 2.39 -5.78 63.63
C VAL A 213 1.24 -4.80 63.50
N ARG A 214 1.49 -3.50 63.35
CA ARG A 214 0.42 -2.52 63.33
C ARG A 214 -0.32 -2.51 62.00
N ASP A 215 0.39 -2.16 60.93
CA ASP A 215 -0.22 -1.97 59.60
C ASP A 215 0.56 -2.76 58.55
N LEU A 216 0.10 -2.63 57.32
CA LEU A 216 0.77 -3.25 56.18
C LEU A 216 2.08 -2.52 55.89
N PRO A 217 3.22 -3.22 55.84
CA PRO A 217 4.48 -2.52 55.53
C PRO A 217 4.45 -1.89 54.15
N GLN A 218 5.08 -0.72 54.04
CA GLN A 218 5.13 0.03 52.80
C GLN A 218 6.38 -0.32 52.02
N GLY A 219 6.21 -0.56 50.72
CA GLY A 219 7.33 -0.93 49.87
C GLY A 219 6.82 -1.57 48.59
N PHE A 220 7.76 -2.16 47.85
CA PHE A 220 7.46 -2.79 46.58
C PHE A 220 8.04 -4.20 46.57
N SER A 221 7.22 -5.18 46.21
CA SER A 221 7.65 -6.57 46.12
C SER A 221 7.01 -7.20 44.90
N ALA A 222 7.80 -7.92 44.11
CA ALA A 222 7.32 -8.53 42.89
C ALA A 222 6.72 -9.90 43.17
N LEU A 223 5.68 -10.23 42.41
CA LEU A 223 5.01 -11.53 42.50
C LEU A 223 5.44 -12.39 41.33
N GLU A 224 5.92 -13.61 41.63
CA GLU A 224 6.36 -14.49 40.57
C GLU A 224 5.33 -15.58 40.30
N PRO A 225 5.18 -15.99 39.05
CA PRO A 225 4.24 -17.06 38.74
C PRO A 225 4.74 -18.42 39.20
N LEU A 226 3.82 -19.23 39.73
CA LEU A 226 4.13 -20.59 40.14
C LEU A 226 3.28 -21.62 39.39
N VAL A 227 1.97 -21.44 39.34
CA VAL A 227 1.06 -22.45 38.81
C VAL A 227 0.05 -21.83 37.86
N ASP A 228 -0.18 -22.53 36.75
CA ASP A 228 -1.23 -22.23 35.79
C ASP A 228 -2.01 -23.52 35.55
N LEU A 229 -3.34 -23.41 35.51
CA LEU A 229 -4.19 -24.58 35.37
C LEU A 229 -5.21 -24.36 34.27
N PRO A 230 -5.39 -25.31 33.35
CA PRO A 230 -6.44 -25.19 32.32
C PRO A 230 -7.77 -25.79 32.77
N ILE A 231 -8.25 -25.36 33.94
CA ILE A 231 -9.47 -25.94 34.49
C ILE A 231 -10.69 -25.54 33.67
N GLY A 232 -10.70 -24.32 33.16
CA GLY A 232 -11.85 -23.85 32.40
C GLY A 232 -13.12 -23.69 33.22
N ILE A 233 -13.03 -23.10 34.41
CA ILE A 233 -14.16 -22.90 35.30
C ILE A 233 -14.53 -21.43 35.28
N ASN A 234 -15.83 -21.14 35.12
CA ASN A 234 -16.33 -19.77 35.23
C ASN A 234 -16.59 -19.47 36.69
N ILE A 235 -15.61 -18.87 37.36
CA ILE A 235 -15.71 -18.58 38.79
C ILE A 235 -16.23 -17.16 38.96
N THR A 236 -17.37 -17.03 39.64
CA THR A 236 -17.91 -15.73 40.00
C THR A 236 -18.00 -15.50 41.50
N ARG A 237 -17.88 -16.55 42.31
CA ARG A 237 -17.93 -16.42 43.76
C ARG A 237 -16.85 -17.30 44.38
N PHE A 238 -16.46 -16.95 45.60
CA PHE A 238 -15.36 -17.67 46.25
C PHE A 238 -15.54 -17.59 47.76
N GLN A 239 -14.69 -18.33 48.47
CA GLN A 239 -14.73 -18.38 49.92
C GLN A 239 -13.41 -18.95 50.44
N THR A 240 -12.98 -18.45 51.59
CA THR A 240 -11.82 -18.96 52.29
C THR A 240 -12.28 -19.87 53.42
N LEU A 241 -11.33 -20.27 54.28
CA LEU A 241 -11.63 -21.18 55.37
C LEU A 241 -11.02 -20.64 56.66
N LEU A 242 -11.86 -20.08 57.53
CA LEU A 242 -11.46 -19.64 58.85
C LEU A 242 -11.85 -20.70 59.88
N ALA A 243 -10.89 -21.05 60.73
CA ALA A 243 -11.10 -22.08 61.74
C ALA A 243 -11.82 -21.47 62.94
N LEU A 244 -12.92 -22.10 63.36
CA LEU A 244 -13.70 -21.65 64.49
C LEU A 244 -13.71 -22.70 65.58
N HIS A 245 -13.84 -22.24 66.82
CA HIS A 245 -13.91 -23.14 67.97
C HIS A 245 -15.34 -23.59 68.23
N ALA A 263 -5.62 -13.62 62.81
CA ALA A 263 -5.07 -13.77 61.47
C ALA A 263 -5.95 -13.10 60.43
N ALA A 264 -5.82 -11.78 60.31
CA ALA A 264 -6.63 -11.04 59.36
C ALA A 264 -6.17 -11.31 57.92
N TYR A 265 -7.08 -11.04 56.99
CA TYR A 265 -6.78 -11.18 55.57
C TYR A 265 -7.43 -10.02 54.82
N TYR A 266 -6.94 -9.78 53.60
CA TYR A 266 -7.40 -8.68 52.78
C TYR A 266 -7.69 -9.16 51.36
N VAL A 267 -8.72 -8.60 50.75
CA VAL A 267 -9.13 -8.96 49.40
C VAL A 267 -9.32 -7.68 48.59
N GLY A 268 -8.60 -7.57 47.47
CA GLY A 268 -8.73 -6.44 46.58
C GLY A 268 -9.06 -6.90 45.17
N TYR A 269 -9.54 -5.94 44.37
CA TYR A 269 -10.09 -6.24 43.05
C TYR A 269 -9.16 -5.71 41.96
N LEU A 270 -9.05 -6.45 40.87
CA LEU A 270 -8.16 -6.11 39.76
C LEU A 270 -8.89 -5.30 38.70
N GLN A 271 -8.14 -4.47 37.99
CA GLN A 271 -8.65 -3.62 36.93
C GLN A 271 -7.67 -3.63 35.77
N PRO A 272 -8.15 -3.35 34.55
CA PRO A 272 -7.25 -3.24 33.37
C PRO A 272 -6.55 -1.89 33.24
N ARG A 273 -5.43 -1.75 33.95
CA ARG A 273 -4.66 -0.52 33.97
C ARG A 273 -3.31 -0.71 33.29
N THR A 274 -2.91 0.29 32.50
CA THR A 274 -1.61 0.28 31.84
C THR A 274 -0.51 0.64 32.84
N PHE A 275 0.60 -0.08 32.79
CA PHE A 275 1.69 0.10 33.73
C PHE A 275 3.01 0.26 33.00
N LEU A 276 3.92 0.98 33.63
CA LEU A 276 5.32 1.05 33.19
C LEU A 276 6.19 0.43 34.26
N LEU A 277 6.93 -0.61 33.90
CA LEU A 277 7.75 -1.38 34.83
C LEU A 277 9.22 -1.18 34.52
N LYS A 278 10.02 -1.05 35.58
CA LYS A 278 11.46 -0.82 35.44
C LYS A 278 12.20 -2.12 35.76
N TYR A 279 12.61 -2.83 34.72
CA TYR A 279 13.42 -4.03 34.91
C TYR A 279 14.86 -3.64 35.15
N ASN A 280 15.40 -4.05 36.30
CA ASN A 280 16.77 -3.70 36.68
C ASN A 280 17.75 -4.60 35.93
N GLU A 281 19.02 -4.57 36.35
CA GLU A 281 20.05 -5.34 35.66
C GLU A 281 19.90 -6.84 35.88
N ASN A 282 19.17 -7.27 36.92
CA ASN A 282 19.01 -8.69 37.23
C ASN A 282 17.64 -9.22 36.81
N GLY A 283 16.88 -8.45 36.04
CA GLY A 283 15.60 -8.91 35.53
C GLY A 283 14.46 -8.83 36.52
N THR A 284 14.67 -8.27 37.70
CA THR A 284 13.64 -8.16 38.72
C THR A 284 13.07 -6.75 38.74
N ILE A 285 11.74 -6.64 38.61
CA ILE A 285 11.11 -5.33 38.59
C ILE A 285 11.23 -4.70 39.97
N THR A 286 11.77 -3.49 40.01
CA THR A 286 11.96 -2.76 41.26
C THR A 286 11.00 -1.59 41.43
N ASP A 287 10.44 -1.08 40.33
CA ASP A 287 9.49 0.02 40.43
C ASP A 287 8.51 -0.06 39.27
N ALA A 288 7.33 0.50 39.50
CA ALA A 288 6.28 0.54 38.50
C ALA A 288 5.45 1.79 38.71
N VAL A 289 4.97 2.34 37.60
CA VAL A 289 4.13 3.55 37.61
C VAL A 289 2.84 3.25 36.89
N ASP A 290 1.73 3.65 37.51
CA ASP A 290 0.42 3.57 36.88
C ASP A 290 0.32 4.69 35.84
N CYS A 291 -0.21 4.35 34.67
CA CYS A 291 -0.26 5.31 33.57
C CYS A 291 -1.46 6.26 33.66
N ALA A 292 -2.43 5.99 34.53
CA ALA A 292 -3.65 6.79 34.57
C ALA A 292 -4.06 7.18 35.99
N LEU A 293 -3.14 7.16 36.94
CA LEU A 293 -3.49 7.52 38.32
C LEU A 293 -3.76 9.01 38.46
N ASP A 294 -2.87 9.84 37.91
CA ASP A 294 -2.95 11.29 38.09
C ASP A 294 -2.11 11.94 37.00
N PRO A 295 -2.29 13.25 36.78
CA PRO A 295 -1.58 13.89 35.64
C PRO A 295 -0.07 13.74 35.68
N LEU A 296 0.56 13.78 36.85
CA LEU A 296 2.00 13.59 36.91
C LEU A 296 2.39 12.21 36.39
N SER A 297 1.66 11.18 36.79
CA SER A 297 1.91 9.85 36.26
C SER A 297 1.62 9.77 34.77
N GLU A 298 0.64 10.53 34.29
CA GLU A 298 0.38 10.58 32.86
C GLU A 298 1.57 11.15 32.11
N THR A 299 2.17 12.22 32.63
CA THR A 299 3.36 12.78 32.01
C THR A 299 4.52 11.79 32.02
N LYS A 300 4.70 11.10 33.15
CA LYS A 300 5.74 10.08 33.23
C LYS A 300 5.50 8.99 32.19
N CYS A 301 4.25 8.59 32.00
CA CYS A 301 3.91 7.57 31.02
C CYS A 301 4.19 8.04 29.60
N THR A 302 3.87 9.29 29.29
CA THR A 302 4.11 9.81 27.95
C THR A 302 5.60 9.92 27.65
N LEU A 303 6.39 10.45 28.59
CA LEU A 303 7.81 10.60 28.35
C LEU A 303 8.59 9.31 28.50
N LYS A 304 8.00 8.27 29.09
CA LYS A 304 8.65 6.98 29.30
C LYS A 304 9.94 7.15 30.11
N SER A 305 9.81 7.79 31.27
CA SER A 305 10.93 7.95 32.18
C SER A 305 10.40 8.21 33.58
N PHE A 306 11.27 8.05 34.57
CA PHE A 306 10.94 8.26 35.96
C PHE A 306 11.28 9.65 36.45
N THR A 307 11.84 10.49 35.59
CA THR A 307 12.20 11.86 35.96
C THR A 307 11.75 12.79 34.84
N VAL A 308 11.00 13.83 35.20
CA VAL A 308 10.49 14.79 34.22
C VAL A 308 11.18 16.12 34.48
N GLU A 309 11.84 16.65 33.45
CA GLU A 309 12.50 17.93 33.57
C GLU A 309 11.49 19.07 33.61
N LYS A 310 11.93 20.21 34.14
CA LYS A 310 11.05 21.36 34.27
C LYS A 310 10.60 21.87 32.91
N GLY A 311 9.30 22.14 32.80
CA GLY A 311 8.73 22.60 31.56
C GLY A 311 7.26 22.22 31.49
N ILE A 312 6.67 22.48 30.32
CA ILE A 312 5.26 22.20 30.06
C ILE A 312 5.19 21.15 28.96
N TYR A 313 4.41 20.10 29.19
CA TYR A 313 4.33 18.96 28.28
C TYR A 313 2.88 18.71 27.87
N GLN A 314 2.71 18.14 26.68
CA GLN A 314 1.42 17.72 26.19
C GLN A 314 1.32 16.21 26.32
N THR A 315 0.26 15.74 26.99
CA THR A 315 0.18 14.34 27.36
C THR A 315 -1.05 13.60 26.84
N SER A 316 -2.18 14.28 26.64
CA SER A 316 -3.40 13.58 26.25
C SER A 316 -4.39 14.59 25.68
N ASN A 317 -5.57 14.10 25.32
CA ASN A 317 -6.64 14.91 24.77
C ASN A 317 -7.92 14.66 25.56
N PHE A 318 -8.58 15.73 25.98
CA PHE A 318 -9.86 15.66 26.66
C PHE A 318 -11.00 15.76 25.67
N ARG A 319 -11.99 14.89 25.83
CA ARG A 319 -13.15 14.87 24.95
C ARG A 319 -14.38 14.51 25.76
N VAL A 320 -15.46 15.25 25.55
CA VAL A 320 -16.71 14.98 26.26
C VAL A 320 -17.38 13.75 25.68
N GLN A 321 -17.87 12.87 26.55
CA GLN A 321 -18.50 11.67 26.05
C GLN A 321 -20.01 11.85 25.94
N PRO A 322 -20.65 11.23 24.95
CA PRO A 322 -22.10 11.37 24.80
C PRO A 322 -22.85 10.72 25.96
N THR A 323 -24.04 11.25 26.23
CA THR A 323 -24.85 10.82 27.35
C THR A 323 -25.97 9.87 26.98
N GLU A 324 -26.63 10.08 25.84
CA GLU A 324 -27.78 9.26 25.49
C GLU A 324 -27.92 9.16 23.97
N SER A 325 -28.69 8.18 23.53
CA SER A 325 -28.89 7.88 22.12
C SER A 325 -30.28 8.28 21.68
N ILE A 326 -30.38 8.83 20.46
CA ILE A 326 -31.62 9.33 19.90
C ILE A 326 -31.78 8.73 18.50
N VAL A 327 -32.76 7.83 18.34
CA VAL A 327 -33.04 7.18 17.06
C VAL A 327 -34.35 7.72 16.53
N ARG A 328 -34.33 8.23 15.30
CA ARG A 328 -35.54 8.79 14.69
C ARG A 328 -35.81 8.13 13.35
N PHE A 329 -37.03 7.62 13.19
CA PHE A 329 -37.49 6.98 11.98
C PHE A 329 -38.90 7.48 11.65
N PRO A 330 -39.32 7.37 10.40
CA PRO A 330 -40.69 7.76 10.05
C PRO A 330 -41.71 6.85 10.70
N ASN A 331 -42.93 7.39 10.88
CA ASN A 331 -44.01 6.66 11.54
C ASN A 331 -44.90 6.02 10.48
N ILE A 332 -44.61 4.77 10.15
CA ILE A 332 -45.37 4.01 9.18
C ILE A 332 -45.78 2.68 9.81
N THR A 333 -46.82 2.08 9.24
CA THR A 333 -47.42 0.87 9.80
C THR A 333 -47.52 -0.28 8.81
N ASN A 334 -47.73 0.01 7.52
CA ASN A 334 -48.00 -1.03 6.54
C ASN A 334 -46.83 -2.00 6.42
N LEU A 335 -47.14 -3.29 6.30
CA LEU A 335 -46.13 -4.33 6.16
C LEU A 335 -45.81 -4.56 4.68
N CYS A 336 -44.52 -4.75 4.39
CA CYS A 336 -44.09 -4.96 3.01
C CYS A 336 -44.51 -6.33 2.53
N PRO A 337 -45.03 -6.44 1.30
CA PRO A 337 -45.52 -7.73 0.77
C PRO A 337 -44.40 -8.60 0.21
N PHE A 338 -43.51 -9.06 1.09
CA PHE A 338 -42.45 -9.96 0.67
C PHE A 338 -43.01 -11.32 0.29
N GLY A 339 -44.02 -11.80 1.03
CA GLY A 339 -44.64 -13.08 0.73
C GLY A 339 -45.41 -13.09 -0.57
N GLU A 340 -45.78 -11.91 -1.07
CA GLU A 340 -46.46 -11.85 -2.37
C GLU A 340 -45.56 -12.37 -3.49
N VAL A 341 -44.27 -12.04 -3.43
CA VAL A 341 -43.32 -12.50 -4.44
C VAL A 341 -42.59 -13.77 -4.02
N PHE A 342 -42.44 -14.02 -2.72
CA PHE A 342 -41.56 -15.14 -2.30
C PHE A 342 -42.34 -16.46 -2.38
N ASN A 343 -43.67 -16.38 -2.31
CA ASN A 343 -44.53 -17.58 -2.55
C ASN A 343 -44.75 -17.75 -4.05
N ALA A 344 -45.96 -17.42 -4.53
CA ALA A 344 -46.31 -17.39 -5.97
C ALA A 344 -46.42 -18.81 -6.53
N THR A 345 -47.57 -19.13 -7.13
CA THR A 345 -47.83 -20.42 -7.74
C THR A 345 -46.83 -20.72 -8.86
N ARG A 346 -46.63 -19.77 -9.77
CA ARG A 346 -45.70 -19.95 -10.87
C ARG A 346 -44.85 -18.70 -11.05
N PHE A 347 -43.59 -18.90 -11.41
CA PHE A 347 -42.66 -17.80 -11.63
C PHE A 347 -42.56 -17.48 -13.12
N ALA A 348 -42.14 -16.27 -13.41
CA ALA A 348 -41.99 -15.84 -14.79
C ALA A 348 -40.78 -16.51 -15.43
N SER A 349 -40.79 -16.57 -16.76
CA SER A 349 -39.69 -17.16 -17.50
C SER A 349 -38.44 -16.29 -17.36
N VAL A 350 -37.28 -16.92 -17.57
CA VAL A 350 -36.02 -16.22 -17.35
C VAL A 350 -35.82 -15.10 -18.36
N TYR A 351 -36.37 -15.24 -19.57
CA TYR A 351 -36.18 -14.21 -20.59
C TYR A 351 -37.21 -13.10 -20.53
N ALA A 352 -38.24 -13.23 -19.70
CA ALA A 352 -39.27 -12.21 -19.53
C ALA A 352 -39.55 -12.01 -18.05
N TRP A 353 -38.48 -11.90 -17.26
CA TRP A 353 -38.61 -11.77 -15.81
C TRP A 353 -39.36 -10.49 -15.45
N ASN A 354 -40.29 -10.62 -14.51
CA ASN A 354 -41.02 -9.47 -14.03
C ASN A 354 -40.19 -8.67 -13.02
N ARG A 355 -40.65 -7.47 -12.71
CA ARG A 355 -39.99 -6.60 -11.76
C ARG A 355 -41.03 -6.03 -10.80
N LYS A 356 -40.78 -6.15 -9.50
CA LYS A 356 -41.72 -5.76 -8.48
C LYS A 356 -41.17 -4.59 -7.68
N ARG A 357 -42.06 -3.63 -7.40
CA ARG A 357 -41.72 -2.42 -6.67
C ARG A 357 -42.05 -2.60 -5.19
N ILE A 358 -41.13 -2.18 -4.32
CA ILE A 358 -41.39 -2.17 -2.89
C ILE A 358 -41.05 -0.79 -2.35
N SER A 359 -42.06 -0.11 -1.83
CA SER A 359 -41.92 1.22 -1.24
C SER A 359 -43.10 1.46 -0.30
N ASN A 360 -42.92 2.43 0.60
CA ASN A 360 -43.98 2.88 1.52
C ASN A 360 -44.45 1.74 2.42
N CYS A 361 -43.50 1.12 3.12
CA CYS A 361 -43.81 0.07 4.07
C CYS A 361 -42.60 -0.18 4.95
N VAL A 362 -42.81 -0.97 6.00
CA VAL A 362 -41.74 -1.38 6.91
C VAL A 362 -41.49 -2.87 6.70
N ALA A 363 -40.22 -3.23 6.47
CA ALA A 363 -39.85 -4.59 6.13
C ALA A 363 -39.00 -5.20 7.24
N ASP A 364 -39.21 -6.49 7.47
CA ASP A 364 -38.46 -7.24 8.47
C ASP A 364 -37.65 -8.32 7.75
N TYR A 365 -36.38 -8.02 7.48
CA TYR A 365 -35.50 -8.98 6.83
C TYR A 365 -35.07 -10.12 7.75
N SER A 366 -35.29 -9.98 9.06
CA SER A 366 -34.93 -11.07 9.98
C SER A 366 -35.74 -12.32 9.71
N VAL A 367 -37.04 -12.17 9.48
CA VAL A 367 -37.89 -13.33 9.23
C VAL A 367 -37.49 -14.02 7.93
N LEU A 368 -36.97 -13.26 6.97
CA LEU A 368 -36.52 -13.86 5.72
C LEU A 368 -35.16 -14.55 5.88
N TYR A 369 -34.27 -13.94 6.67
CA TYR A 369 -32.92 -14.50 6.80
C TYR A 369 -32.93 -15.78 7.63
N ASN A 370 -33.71 -15.82 8.71
CA ASN A 370 -33.68 -16.96 9.62
C ASN A 370 -34.18 -18.24 8.97
N SER A 371 -35.00 -18.14 7.92
CA SER A 371 -35.49 -19.34 7.26
C SER A 371 -34.33 -20.13 6.66
N ALA A 372 -34.37 -21.44 6.86
CA ALA A 372 -33.31 -22.33 6.39
C ALA A 372 -33.64 -22.99 5.06
N SER A 373 -34.78 -22.65 4.46
CA SER A 373 -35.15 -23.27 3.19
C SER A 373 -34.16 -22.89 2.08
N PHE A 374 -33.71 -21.63 2.07
CA PHE A 374 -32.84 -21.16 1.01
C PHE A 374 -31.51 -21.91 1.03
N SER A 375 -31.02 -22.27 -0.15
CA SER A 375 -29.74 -22.94 -0.28
C SER A 375 -28.60 -22.00 -0.61
N THR A 376 -28.83 -21.00 -1.46
CA THR A 376 -27.83 -20.00 -1.80
C THR A 376 -28.36 -18.63 -1.39
N PHE A 377 -27.56 -17.89 -0.62
CA PHE A 377 -27.97 -16.59 -0.09
C PHE A 377 -26.72 -15.72 -0.02
N LYS A 378 -26.50 -14.91 -1.06
CA LYS A 378 -25.29 -14.11 -1.16
C LYS A 378 -25.66 -12.64 -1.27
N CYS A 379 -25.14 -11.83 -0.35
CA CYS A 379 -25.40 -10.40 -0.33
C CYS A 379 -24.11 -9.66 -0.65
N TYR A 380 -24.17 -8.78 -1.65
CA TYR A 380 -23.02 -8.02 -2.12
C TYR A 380 -23.18 -6.57 -1.67
N GLY A 381 -22.21 -6.09 -0.91
CA GLY A 381 -22.19 -4.72 -0.46
C GLY A 381 -22.80 -4.48 0.91
N VAL A 382 -23.67 -5.38 1.38
CA VAL A 382 -24.31 -5.25 2.68
C VAL A 382 -24.27 -6.60 3.38
N SER A 383 -23.95 -6.59 4.67
CA SER A 383 -23.99 -7.81 5.46
C SER A 383 -25.44 -8.18 5.76
N PRO A 384 -25.84 -9.44 5.53
CA PRO A 384 -27.26 -9.79 5.70
C PRO A 384 -27.78 -9.57 7.12
N THR A 385 -26.94 -9.79 8.14
CA THR A 385 -27.39 -9.68 9.51
C THR A 385 -27.61 -8.24 9.95
N LYS A 386 -27.13 -7.26 9.18
CA LYS A 386 -27.27 -5.85 9.54
C LYS A 386 -28.34 -5.13 8.71
N LEU A 387 -29.09 -5.87 7.89
CA LEU A 387 -30.15 -5.26 7.11
C LEU A 387 -31.30 -4.76 7.97
N ASN A 388 -31.38 -5.21 9.21
CA ASN A 388 -32.50 -4.87 10.08
C ASN A 388 -32.46 -3.44 10.59
N ASP A 389 -31.33 -2.74 10.44
CA ASP A 389 -31.16 -1.40 10.95
C ASP A 389 -31.19 -0.32 9.88
N LEU A 390 -30.63 -0.60 8.71
CA LEU A 390 -30.58 0.39 7.64
C LEU A 390 -31.99 0.67 7.11
N CYS A 391 -32.18 1.88 6.59
CA CYS A 391 -33.41 2.27 5.91
C CYS A 391 -33.05 2.70 4.49
N PHE A 392 -33.70 2.07 3.51
CA PHE A 392 -33.45 2.34 2.10
C PHE A 392 -34.60 3.14 1.51
N THR A 393 -34.40 3.59 0.27
CA THR A 393 -35.37 4.45 -0.39
C THR A 393 -36.30 3.69 -1.32
N ASN A 394 -35.92 2.49 -1.77
CA ASN A 394 -36.71 1.76 -2.75
C ASN A 394 -36.14 0.36 -2.88
N VAL A 395 -37.00 -0.62 -3.15
CA VAL A 395 -36.56 -2.00 -3.33
C VAL A 395 -37.08 -2.54 -4.64
N TYR A 396 -36.19 -3.15 -5.43
CA TYR A 396 -36.56 -3.85 -6.65
C TYR A 396 -36.49 -5.34 -6.38
N ALA A 397 -37.52 -6.08 -6.78
CA ALA A 397 -37.55 -7.53 -6.66
C ALA A 397 -37.64 -8.15 -8.05
N ASP A 398 -36.79 -9.13 -8.32
CA ASP A 398 -36.81 -9.84 -9.59
C ASP A 398 -36.88 -11.34 -9.32
N SER A 399 -37.66 -12.05 -10.12
CA SER A 399 -37.90 -13.47 -9.88
C SER A 399 -37.86 -14.25 -11.18
N PHE A 400 -37.21 -15.42 -11.15
CA PHE A 400 -37.23 -16.31 -12.30
C PHE A 400 -36.79 -17.71 -11.85
N VAL A 401 -36.67 -18.61 -12.82
CA VAL A 401 -36.28 -20.00 -12.56
C VAL A 401 -35.24 -20.42 -13.59
N ILE A 402 -34.18 -21.08 -13.12
CA ILE A 402 -33.05 -21.48 -13.95
C ILE A 402 -32.70 -22.92 -13.63
N ARG A 403 -31.60 -23.40 -14.23
CA ARG A 403 -31.10 -24.74 -13.95
C ARG A 403 -30.36 -24.76 -12.62
N GLY A 404 -30.51 -25.88 -11.89
CA GLY A 404 -29.95 -25.95 -10.55
C GLY A 404 -28.43 -25.90 -10.54
N ASP A 405 -27.78 -26.64 -11.45
CA ASP A 405 -26.32 -26.65 -11.47
C ASP A 405 -25.77 -25.30 -11.89
N GLU A 406 -26.47 -24.59 -12.78
CA GLU A 406 -25.99 -23.34 -13.33
C GLU A 406 -26.47 -22.12 -12.53
N VAL A 407 -26.75 -22.31 -11.24
CA VAL A 407 -27.18 -21.21 -10.40
C VAL A 407 -26.02 -20.29 -10.03
N ARG A 408 -24.79 -20.76 -10.22
CA ARG A 408 -23.63 -19.93 -9.88
C ARG A 408 -23.46 -18.76 -10.82
N GLN A 409 -24.11 -18.78 -11.98
CA GLN A 409 -23.85 -17.78 -13.01
C GLN A 409 -24.48 -16.43 -12.70
N ILE A 410 -25.50 -16.39 -11.84
CA ILE A 410 -26.18 -15.13 -11.52
C ILE A 410 -25.33 -14.45 -10.43
N ALA A 411 -24.38 -13.63 -10.88
CA ALA A 411 -23.47 -12.92 -10.01
C ALA A 411 -22.79 -11.84 -10.82
N PRO A 412 -22.31 -10.77 -10.16
CA PRO A 412 -21.63 -9.70 -10.91
C PRO A 412 -20.38 -10.21 -11.60
N GLY A 413 -20.13 -9.70 -12.80
CA GLY A 413 -18.93 -10.04 -13.55
C GLY A 413 -18.81 -11.50 -13.90
N GLN A 414 -19.88 -12.10 -14.41
CA GLN A 414 -19.90 -13.51 -14.79
C GLN A 414 -20.17 -13.65 -16.27
N THR A 415 -19.72 -14.78 -16.82
CA THR A 415 -19.90 -15.09 -18.23
C THR A 415 -20.43 -16.50 -18.38
N GLY A 416 -21.26 -16.69 -19.40
CA GLY A 416 -21.89 -17.97 -19.64
C GLY A 416 -22.98 -17.88 -20.69
N LYS A 417 -24.15 -18.46 -20.42
CA LYS A 417 -25.26 -18.40 -21.35
C LYS A 417 -26.36 -17.45 -20.89
N ILE A 418 -26.90 -17.67 -19.70
CA ILE A 418 -27.98 -16.81 -19.22
C ILE A 418 -27.45 -15.43 -18.85
N ALA A 419 -26.31 -15.37 -18.18
CA ALA A 419 -25.76 -14.08 -17.80
C ALA A 419 -25.36 -13.25 -19.02
N ASP A 420 -24.78 -13.91 -20.03
CA ASP A 420 -24.29 -13.18 -21.20
C ASP A 420 -25.41 -12.75 -22.12
N TYR A 421 -26.51 -13.51 -22.19
CA TYR A 421 -27.54 -13.30 -23.20
C TYR A 421 -28.93 -13.02 -22.65
N ASN A 422 -29.20 -13.32 -21.38
CA ASN A 422 -30.58 -13.21 -20.88
C ASN A 422 -30.71 -12.30 -19.67
N TYR A 423 -29.79 -12.35 -18.72
CA TYR A 423 -29.90 -11.54 -17.50
C TYR A 423 -28.50 -11.24 -17.00
N LYS A 424 -28.03 -10.02 -17.25
CA LYS A 424 -26.69 -9.58 -16.86
C LYS A 424 -26.80 -8.65 -15.65
N LEU A 425 -26.03 -8.94 -14.61
CA LEU A 425 -26.00 -8.10 -13.42
C LEU A 425 -24.96 -7.00 -13.57
N PRO A 426 -25.24 -5.81 -13.03
CA PRO A 426 -24.24 -4.73 -13.10
C PRO A 426 -23.01 -5.07 -12.28
N ASP A 427 -21.87 -4.51 -12.72
CA ASP A 427 -20.60 -4.83 -12.07
C ASP A 427 -20.50 -4.24 -10.67
N ASP A 428 -21.21 -3.15 -10.40
CA ASP A 428 -21.21 -2.50 -9.10
C ASP A 428 -22.45 -2.84 -8.29
N PHE A 429 -22.90 -4.08 -8.37
CA PHE A 429 -24.13 -4.50 -7.70
C PHE A 429 -24.01 -4.32 -6.19
N THR A 430 -25.08 -3.79 -5.59
CA THR A 430 -25.20 -3.65 -4.14
C THR A 430 -26.58 -4.17 -3.74
N GLY A 431 -26.68 -5.47 -3.49
CA GLY A 431 -27.97 -6.08 -3.20
C GLY A 431 -27.84 -7.48 -2.64
N CYS A 432 -28.85 -8.32 -2.87
CA CYS A 432 -28.81 -9.70 -2.38
C CYS A 432 -29.42 -10.63 -3.43
N VAL A 433 -28.95 -11.87 -3.43
CA VAL A 433 -29.40 -12.91 -4.33
C VAL A 433 -29.76 -14.14 -3.52
N ILE A 434 -30.98 -14.65 -3.72
CA ILE A 434 -31.48 -15.81 -3.01
C ILE A 434 -31.88 -16.85 -4.05
N ALA A 435 -31.50 -18.10 -3.81
CA ALA A 435 -31.80 -19.17 -4.76
C ALA A 435 -32.03 -20.45 -3.99
N TRP A 436 -33.16 -21.11 -4.27
CA TRP A 436 -33.50 -22.32 -3.55
C TRP A 436 -34.07 -23.37 -4.51
N ASN A 437 -33.97 -24.62 -4.08
CA ASN A 437 -34.42 -25.74 -4.89
C ASN A 437 -35.93 -25.71 -5.05
N SER A 438 -36.40 -25.92 -6.28
CA SER A 438 -37.82 -25.94 -6.58
C SER A 438 -38.16 -27.10 -7.50
N ASN A 439 -37.54 -28.25 -7.25
CA ASN A 439 -37.79 -29.42 -8.08
C ASN A 439 -39.23 -29.91 -7.93
N ASN A 440 -39.77 -29.88 -6.71
CA ASN A 440 -41.08 -30.44 -6.44
C ASN A 440 -42.21 -29.45 -6.69
N LEU A 441 -41.94 -28.31 -7.32
CA LEU A 441 -42.97 -27.34 -7.62
C LEU A 441 -43.05 -26.93 -9.08
N ASP A 442 -41.94 -27.03 -9.81
CA ASP A 442 -41.89 -26.51 -11.19
C ASP A 442 -41.60 -27.64 -12.17
N SER A 443 -41.00 -28.74 -11.69
CA SER A 443 -40.70 -29.90 -12.56
C SER A 443 -41.93 -30.80 -12.64
N LYS A 444 -41.92 -31.76 -13.56
CA LYS A 444 -43.13 -32.58 -13.85
C LYS A 444 -42.70 -33.86 -14.59
N VAL A 445 -43.42 -34.95 -14.38
CA VAL A 445 -43.09 -36.21 -15.05
C VAL A 445 -43.52 -36.13 -16.51
N GLY A 446 -42.67 -36.60 -17.40
CA GLY A 446 -42.94 -36.56 -18.82
C GLY A 446 -42.53 -35.28 -19.52
N GLY A 447 -42.05 -34.28 -18.78
CA GLY A 447 -41.59 -33.05 -19.39
C GLY A 447 -42.55 -31.89 -19.22
N ASN A 448 -42.04 -30.77 -18.71
CA ASN A 448 -42.81 -29.53 -18.58
C ASN A 448 -42.18 -28.47 -19.48
N TYR A 449 -43.00 -27.85 -20.32
CA TYR A 449 -42.52 -26.91 -21.32
C TYR A 449 -43.11 -25.52 -21.13
N ASN A 450 -43.40 -25.15 -19.88
CA ASN A 450 -43.91 -23.82 -19.60
C ASN A 450 -42.80 -22.78 -19.48
N TYR A 451 -41.55 -23.20 -19.37
CA TYR A 451 -40.42 -22.29 -19.23
C TYR A 451 -39.55 -22.35 -20.47
N LEU A 452 -39.11 -21.17 -20.93
CA LEU A 452 -38.28 -21.06 -22.11
C LEU A 452 -37.04 -20.23 -21.79
N TYR A 453 -35.98 -20.46 -22.55
CA TYR A 453 -34.75 -19.69 -22.38
C TYR A 453 -34.16 -19.38 -23.75
N ARG A 454 -33.66 -18.16 -23.90
CA ARG A 454 -33.06 -17.74 -25.16
C ARG A 454 -31.69 -18.35 -25.33
N LEU A 455 -31.32 -18.60 -26.58
CA LEU A 455 -30.00 -19.14 -26.90
C LEU A 455 -29.26 -18.31 -27.94
N PHE A 456 -29.97 -17.78 -28.94
CA PHE A 456 -29.35 -17.12 -30.08
C PHE A 456 -29.60 -15.62 -30.03
N ARG A 457 -28.54 -14.83 -30.11
CA ARG A 457 -28.65 -13.39 -30.26
C ARG A 457 -27.38 -12.88 -30.96
N LYS A 458 -27.52 -11.75 -31.66
CA LYS A 458 -26.40 -11.20 -32.40
C LYS A 458 -25.37 -10.53 -31.50
N SER A 459 -25.81 -9.88 -30.43
CA SER A 459 -24.90 -9.11 -29.58
C SER A 459 -25.19 -9.41 -28.12
N ASN A 460 -24.27 -9.00 -27.26
CA ASN A 460 -24.42 -9.20 -25.83
C ASN A 460 -25.52 -8.28 -25.29
N LEU A 461 -25.78 -8.39 -23.99
CA LEU A 461 -26.91 -7.73 -23.36
C LEU A 461 -26.40 -6.76 -22.29
N LYS A 462 -26.92 -5.54 -22.30
CA LYS A 462 -26.53 -4.56 -21.31
C LYS A 462 -27.14 -4.91 -19.94
N PRO A 463 -26.50 -4.49 -18.85
CA PRO A 463 -27.02 -4.85 -17.52
C PRO A 463 -28.41 -4.29 -17.27
N PHE A 464 -29.23 -5.10 -16.60
CA PHE A 464 -30.59 -4.72 -16.19
C PHE A 464 -31.45 -4.30 -17.39
N GLU A 465 -31.41 -5.10 -18.44
CA GLU A 465 -32.25 -4.88 -19.61
C GLU A 465 -32.95 -6.19 -19.97
N ARG A 466 -34.27 -6.13 -20.14
CA ARG A 466 -35.07 -7.29 -20.48
C ARG A 466 -35.58 -7.15 -21.91
N ASP A 467 -35.39 -8.20 -22.70
CA ASP A 467 -35.78 -8.21 -24.10
C ASP A 467 -36.75 -9.35 -24.35
N ILE A 468 -37.84 -9.05 -25.04
CA ILE A 468 -38.85 -10.05 -25.38
C ILE A 468 -38.94 -10.18 -26.90
N SER A 469 -37.83 -9.89 -27.58
CA SER A 469 -37.81 -9.96 -29.04
C SER A 469 -37.98 -11.39 -29.51
N THR A 470 -38.79 -11.57 -30.55
CA THR A 470 -39.08 -12.88 -31.10
C THR A 470 -38.62 -13.03 -32.55
N GLU A 471 -37.85 -12.09 -33.08
CA GLU A 471 -37.40 -12.16 -34.45
C GLU A 471 -36.49 -13.36 -34.66
N ILE A 472 -36.58 -13.97 -35.84
CA ILE A 472 -35.80 -15.17 -36.13
C ILE A 472 -34.33 -14.78 -36.32
N TYR A 473 -33.44 -15.55 -35.69
CA TYR A 473 -32.01 -15.34 -35.88
C TYR A 473 -31.64 -15.57 -37.33
N GLN A 474 -30.73 -14.73 -37.83
CA GLN A 474 -30.25 -14.82 -39.21
C GLN A 474 -28.77 -15.19 -39.17
N ALA A 475 -28.48 -16.48 -39.17
CA ALA A 475 -27.11 -16.98 -39.17
C ALA A 475 -26.53 -17.07 -40.57
N GLY A 476 -27.33 -16.80 -41.60
CA GLY A 476 -26.85 -16.86 -42.97
C GLY A 476 -27.14 -15.57 -43.71
N SER A 477 -26.51 -15.44 -44.88
CA SER A 477 -26.68 -14.24 -45.69
C SER A 477 -28.09 -14.12 -46.25
N THR A 478 -28.73 -15.25 -46.56
CA THR A 478 -30.06 -15.20 -47.12
C THR A 478 -31.06 -14.68 -46.09
N PRO A 479 -32.01 -13.84 -46.49
CA PRO A 479 -33.05 -13.42 -45.56
C PRO A 479 -33.90 -14.60 -45.12
N CYS A 480 -34.27 -14.61 -43.84
CA CYS A 480 -35.08 -15.70 -43.30
C CYS A 480 -36.54 -15.59 -43.74
N ASN A 481 -37.03 -14.37 -43.93
CA ASN A 481 -38.42 -14.11 -44.36
C ASN A 481 -39.43 -14.73 -43.39
N GLY A 482 -39.04 -14.85 -42.12
CA GLY A 482 -39.94 -15.42 -41.13
C GLY A 482 -40.31 -16.85 -41.40
N VAL A 483 -39.39 -17.63 -41.97
CA VAL A 483 -39.64 -19.04 -42.28
C VAL A 483 -38.53 -19.87 -41.64
N GLU A 484 -38.93 -20.90 -40.89
CA GLU A 484 -37.96 -21.80 -40.29
C GLU A 484 -37.23 -22.58 -41.37
N GLY A 485 -35.96 -22.89 -41.11
CA GLY A 485 -35.17 -23.65 -42.06
C GLY A 485 -33.67 -23.50 -41.87
N PHE A 486 -32.95 -23.39 -42.98
CA PHE A 486 -31.49 -23.30 -42.93
C PHE A 486 -31.06 -21.98 -42.33
N ASN A 487 -30.28 -22.04 -41.25
CA ASN A 487 -29.76 -20.87 -40.54
C ASN A 487 -30.88 -19.94 -40.07
N CYS A 488 -32.08 -20.47 -39.86
CA CYS A 488 -33.22 -19.70 -39.33
C CYS A 488 -33.91 -20.59 -38.31
N TYR A 489 -33.51 -20.47 -37.05
CA TYR A 489 -34.05 -21.28 -35.96
C TYR A 489 -34.90 -20.42 -35.04
N PHE A 490 -35.78 -21.10 -34.31
CA PHE A 490 -36.58 -20.43 -33.28
C PHE A 490 -35.71 -20.15 -32.07
N PRO A 491 -35.57 -18.90 -31.64
CA PRO A 491 -34.60 -18.59 -30.57
C PRO A 491 -35.03 -19.00 -29.17
N LEU A 492 -36.27 -19.47 -28.98
CA LEU A 492 -36.77 -19.80 -27.66
C LEU A 492 -37.09 -21.29 -27.59
N GLN A 493 -36.38 -22.00 -26.72
CA GLN A 493 -36.66 -23.41 -26.48
C GLN A 493 -36.84 -23.65 -24.98
N SER A 494 -37.51 -24.75 -24.66
CA SER A 494 -37.86 -25.07 -23.29
C SER A 494 -36.78 -25.90 -22.61
N TYR A 495 -36.73 -25.80 -21.29
CA TYR A 495 -35.78 -26.58 -20.51
C TYR A 495 -36.16 -28.05 -20.49
N GLY A 496 -37.45 -28.34 -20.27
CA GLY A 496 -37.90 -29.72 -20.14
C GLY A 496 -37.49 -30.34 -18.83
N PHE A 497 -38.03 -29.82 -17.73
CA PHE A 497 -37.71 -30.34 -16.41
C PHE A 497 -38.43 -31.66 -16.15
N GLN A 498 -37.72 -32.60 -15.53
CA GLN A 498 -38.27 -33.87 -15.09
C GLN A 498 -37.82 -34.14 -13.67
N PRO A 499 -38.64 -34.84 -12.88
CA PRO A 499 -38.28 -35.09 -11.47
C PRO A 499 -37.18 -36.11 -11.30
N THR A 500 -36.88 -36.93 -12.31
CA THR A 500 -35.98 -38.06 -12.14
C THR A 500 -34.53 -37.76 -12.54
N ASN A 501 -34.23 -36.56 -13.04
CA ASN A 501 -32.86 -36.28 -13.46
C ASN A 501 -31.98 -36.01 -12.24
N GLY A 502 -30.70 -35.78 -12.52
CA GLY A 502 -29.73 -35.55 -11.48
C GLY A 502 -29.84 -34.16 -10.90
N VAL A 503 -28.89 -33.84 -10.01
CA VAL A 503 -28.86 -32.53 -9.37
C VAL A 503 -28.61 -31.43 -10.40
N GLY A 504 -27.93 -31.76 -11.49
CA GLY A 504 -27.57 -30.78 -12.50
C GLY A 504 -28.68 -30.35 -13.42
N TYR A 505 -29.90 -30.83 -13.22
CA TYR A 505 -31.02 -30.46 -14.09
C TYR A 505 -32.28 -30.03 -13.36
N GLN A 506 -32.32 -30.13 -12.03
CA GLN A 506 -33.51 -29.72 -11.30
C GLN A 506 -33.67 -28.19 -11.38
N PRO A 507 -34.90 -27.69 -11.54
CA PRO A 507 -35.09 -26.25 -11.58
C PRO A 507 -34.83 -25.60 -10.23
N TYR A 508 -34.31 -24.38 -10.27
CA TYR A 508 -34.01 -23.59 -9.09
C TYR A 508 -34.74 -22.25 -9.22
N ARG A 509 -35.34 -21.79 -8.12
CA ARG A 509 -36.02 -20.51 -8.09
C ARG A 509 -35.07 -19.46 -7.55
N VAL A 510 -34.95 -18.34 -8.28
CA VAL A 510 -34.01 -17.28 -7.97
C VAL A 510 -34.78 -15.98 -7.81
N VAL A 511 -34.51 -15.27 -6.71
CA VAL A 511 -35.06 -13.95 -6.43
C VAL A 511 -33.91 -13.02 -6.10
N VAL A 512 -33.87 -11.88 -6.78
CA VAL A 512 -32.83 -10.88 -6.63
C VAL A 512 -33.44 -9.62 -6.05
N LEU A 513 -32.91 -9.16 -4.93
CA LEU A 513 -33.32 -7.90 -4.31
C LEU A 513 -32.25 -6.86 -4.57
N SER A 514 -32.66 -5.69 -5.05
CA SER A 514 -31.71 -4.61 -5.29
C SER A 514 -32.19 -3.32 -4.63
N PHE A 515 -31.26 -2.61 -3.99
CA PHE A 515 -31.52 -1.34 -3.33
C PHE A 515 -30.75 -0.24 -4.03
N GLU A 516 -31.31 0.97 -4.00
CA GLU A 516 -30.61 2.17 -4.44
C GLU A 516 -30.08 2.89 -3.21
N LEU A 517 -28.77 3.01 -3.11
CA LEU A 517 -28.12 3.59 -1.95
C LEU A 517 -27.95 5.10 -2.07
N LEU A 518 -28.52 5.71 -3.10
CA LEU A 518 -28.42 7.15 -3.29
C LEU A 518 -29.13 7.90 -2.16
N HIS A 519 -28.59 9.06 -1.81
CA HIS A 519 -29.19 9.88 -0.77
C HIS A 519 -30.49 10.50 -1.29
N ALA A 520 -31.60 10.13 -0.64
CA ALA A 520 -32.92 10.58 -1.06
C ALA A 520 -33.87 10.38 0.12
N PRO A 521 -35.06 10.98 0.07
CA PRO A 521 -36.06 10.69 1.10
C PRO A 521 -36.37 9.20 1.16
N ALA A 522 -36.19 8.63 2.35
CA ALA A 522 -36.31 7.19 2.54
C ALA A 522 -37.74 6.82 2.89
N THR A 523 -38.20 5.68 2.38
CA THR A 523 -39.55 5.21 2.62
C THR A 523 -39.66 3.74 3.01
N VAL A 524 -38.57 2.98 2.98
CA VAL A 524 -38.57 1.58 3.38
C VAL A 524 -37.59 1.47 4.54
N CYS A 525 -38.09 1.59 5.77
CA CYS A 525 -37.28 1.54 6.97
C CYS A 525 -37.50 0.22 7.71
N GLY A 526 -36.51 -0.16 8.50
CA GLY A 526 -36.60 -1.36 9.30
C GLY A 526 -37.46 -1.16 10.52
N PRO A 527 -37.74 -2.25 11.22
CA PRO A 527 -38.60 -2.21 12.43
C PRO A 527 -37.86 -1.81 13.70
N LYS A 528 -37.57 -0.51 13.82
CA LYS A 528 -36.94 0.04 15.00
C LYS A 528 -37.77 1.21 15.50
N LYS A 529 -38.05 1.23 16.80
CA LYS A 529 -38.93 2.22 17.37
C LYS A 529 -38.20 3.54 17.58
N SER A 530 -38.93 4.64 17.40
CA SER A 530 -38.37 5.97 17.52
C SER A 530 -38.28 6.37 19.00
N THR A 531 -37.52 7.43 19.25
CA THR A 531 -37.28 7.95 20.58
C THR A 531 -37.41 9.46 20.58
N ASN A 532 -37.94 10.01 21.68
CA ASN A 532 -38.08 11.44 21.81
C ASN A 532 -36.71 12.11 21.75
N LEU A 533 -36.67 13.28 21.11
CA LEU A 533 -35.43 13.98 20.83
C LEU A 533 -35.11 14.99 21.93
N VAL A 534 -33.82 15.21 22.16
CA VAL A 534 -33.32 16.11 23.20
C VAL A 534 -32.35 17.09 22.57
N LYS A 535 -32.47 18.36 22.93
CA LYS A 535 -31.66 19.43 22.35
C LYS A 535 -30.65 19.95 23.37
N ASN A 536 -29.58 20.54 22.85
CA ASN A 536 -28.55 21.21 23.65
C ASN A 536 -27.89 20.24 24.64
N LYS A 537 -27.54 19.05 24.15
CA LYS A 537 -26.81 18.07 24.97
C LYS A 537 -26.09 17.11 24.04
N CYS A 538 -24.89 16.70 24.44
CA CYS A 538 -24.09 15.79 23.63
C CYS A 538 -24.73 14.42 23.61
N VAL A 539 -25.31 14.04 22.47
CA VAL A 539 -25.99 12.77 22.30
C VAL A 539 -25.48 12.12 21.01
N ASN A 540 -25.68 10.80 20.91
CA ASN A 540 -25.42 10.12 19.65
C ASN A 540 -26.74 9.83 18.97
N PHE A 541 -26.86 10.30 17.73
CA PHE A 541 -28.10 10.28 16.96
C PHE A 541 -28.02 9.31 15.81
N ASN A 542 -29.19 8.84 15.39
CA ASN A 542 -29.35 7.95 14.24
C ASN A 542 -30.59 8.43 13.49
N PHE A 543 -30.37 9.13 12.37
CA PHE A 543 -31.43 9.63 11.51
C PHE A 543 -31.45 8.80 10.24
N ASN A 544 -32.51 8.01 10.05
CA ASN A 544 -32.72 7.26 8.81
C ASN A 544 -31.50 6.42 8.44
N GLY A 545 -30.82 5.88 9.44
CA GLY A 545 -29.68 5.02 9.23
C GLY A 545 -28.34 5.69 9.31
N LEU A 546 -28.28 7.02 9.17
CA LEU A 546 -27.01 7.72 9.31
C LEU A 546 -26.77 8.04 10.78
N THR A 547 -25.60 7.64 11.27
CA THR A 547 -25.26 7.75 12.68
C THR A 547 -24.27 8.88 12.90
N GLY A 548 -24.26 9.39 14.12
CA GLY A 548 -23.29 10.42 14.46
C GLY A 548 -23.38 10.76 15.93
N THR A 549 -22.49 11.65 16.36
CA THR A 549 -22.50 12.18 17.71
C THR A 549 -22.40 13.69 17.66
N GLY A 550 -23.01 14.37 18.61
CA GLY A 550 -22.92 15.80 18.67
C GLY A 550 -24.09 16.41 19.43
N VAL A 551 -24.27 17.70 19.21
CA VAL A 551 -25.31 18.50 19.84
C VAL A 551 -26.23 19.02 18.76
N LEU A 552 -27.53 18.78 18.91
CA LEU A 552 -28.53 19.27 17.98
C LEU A 552 -29.06 20.60 18.49
N THR A 553 -28.95 21.64 17.66
CA THR A 553 -29.35 22.99 18.05
C THR A 553 -30.28 23.58 17.00
N GLU A 554 -31.01 24.60 17.41
CA GLU A 554 -31.89 25.31 16.50
C GLU A 554 -31.08 26.05 15.44
N SER A 555 -31.70 26.24 14.28
CA SER A 555 -31.00 26.75 13.12
C SER A 555 -31.81 27.84 12.44
N ASN A 556 -31.11 28.72 11.74
CA ASN A 556 -31.72 29.73 10.87
C ASN A 556 -31.50 29.39 9.40
N LYS A 557 -31.15 28.16 9.10
CA LYS A 557 -30.85 27.73 7.74
C LYS A 557 -32.16 27.46 7.01
N LYS A 558 -32.30 28.03 5.81
CA LYS A 558 -33.54 27.95 5.05
C LYS A 558 -33.39 26.91 3.94
N PHE A 559 -33.68 25.66 4.28
CA PHE A 559 -33.68 24.61 3.28
C PHE A 559 -34.84 24.79 2.31
N LEU A 560 -34.61 24.41 1.06
CA LEU A 560 -35.70 24.34 0.11
C LEU A 560 -36.62 23.17 0.47
N PRO A 561 -37.89 23.23 0.07
CA PRO A 561 -38.83 22.15 0.46
C PRO A 561 -38.36 20.77 0.04
N PHE A 562 -37.69 20.65 -1.10
CA PHE A 562 -37.16 19.38 -1.57
C PHE A 562 -35.77 19.08 -1.02
N GLN A 563 -35.20 19.97 -0.22
CA GLN A 563 -33.80 19.92 0.15
C GLN A 563 -33.67 19.28 1.53
N GLN A 564 -32.82 18.26 1.64
CA GLN A 564 -32.83 17.38 2.81
C GLN A 564 -31.61 17.49 3.69
N PHE A 565 -30.40 17.29 3.15
CA PHE A 565 -29.18 17.27 3.94
C PHE A 565 -28.27 18.42 3.56
N GLY A 566 -27.43 18.84 4.50
CA GLY A 566 -26.43 19.85 4.25
C GLY A 566 -25.05 19.33 4.59
N ARG A 567 -24.07 19.68 3.76
CA ARG A 567 -22.71 19.21 3.94
C ARG A 567 -21.74 20.38 3.94
N ASP A 568 -20.63 20.21 4.64
CA ASP A 568 -19.57 21.19 4.72
C ASP A 568 -18.48 20.84 3.69
N ILE A 569 -17.34 21.52 3.79
CA ILE A 569 -16.25 21.28 2.86
C ILE A 569 -15.75 19.85 2.96
N ALA A 570 -15.60 19.34 4.18
CA ALA A 570 -15.07 18.00 4.43
C ALA A 570 -16.10 16.89 4.23
N ASP A 571 -17.21 17.18 3.55
CA ASP A 571 -18.19 16.18 3.13
C ASP A 571 -19.01 15.66 4.31
N THR A 572 -18.68 16.11 5.53
CA THR A 572 -19.45 15.68 6.69
C THR A 572 -20.80 16.39 6.74
N THR A 573 -21.70 15.86 7.57
CA THR A 573 -23.04 16.40 7.71
C THR A 573 -23.04 17.61 8.62
N ASP A 574 -23.87 18.60 8.30
CA ASP A 574 -23.97 19.82 9.09
C ASP A 574 -25.36 20.10 9.62
N ALA A 575 -26.40 19.84 8.83
CA ALA A 575 -27.77 20.09 9.26
C ALA A 575 -28.66 18.97 8.75
N VAL A 576 -29.63 18.57 9.58
CA VAL A 576 -30.54 17.49 9.22
C VAL A 576 -31.97 17.96 9.43
N ARG A 577 -32.90 17.22 8.82
CA ARG A 577 -34.32 17.49 8.95
C ARG A 577 -35.01 16.27 9.56
N ASP A 578 -35.76 16.50 10.63
CA ASP A 578 -36.37 15.40 11.35
C ASP A 578 -37.47 14.76 10.50
N PRO A 579 -37.46 13.43 10.33
CA PRO A 579 -38.46 12.80 9.45
C PRO A 579 -39.89 12.97 9.93
N GLN A 580 -40.13 12.99 11.24
CA GLN A 580 -41.49 13.08 11.76
C GLN A 580 -42.01 14.52 11.79
N THR A 581 -41.21 15.45 12.30
CA THR A 581 -41.58 16.86 12.37
C THR A 581 -40.64 17.65 11.47
N LEU A 582 -41.20 18.44 10.57
CA LEU A 582 -40.41 19.13 9.53
C LEU A 582 -39.69 20.34 10.13
N GLU A 583 -38.67 20.04 10.92
CA GLU A 583 -37.79 21.06 11.49
C GLU A 583 -36.37 20.79 11.03
N ILE A 584 -35.49 21.76 11.26
CA ILE A 584 -34.10 21.70 10.84
C ILE A 584 -33.22 21.84 12.07
N LEU A 585 -32.29 20.91 12.24
CA LEU A 585 -31.40 20.88 13.40
C LEU A 585 -29.97 20.95 12.92
N ASP A 586 -29.20 21.89 13.48
CA ASP A 586 -27.77 21.95 13.21
C ASP A 586 -27.02 21.00 14.14
N ILE A 587 -25.94 20.42 13.63
CA ILE A 587 -25.14 19.46 14.36
C ILE A 587 -23.81 20.11 14.71
N THR A 588 -23.52 20.22 16.00
CA THR A 588 -22.25 20.78 16.46
C THR A 588 -21.47 19.71 17.19
N PRO A 589 -20.22 19.44 16.81
CA PRO A 589 -19.44 18.42 17.51
C PRO A 589 -19.21 18.78 18.96
N CYS A 590 -19.07 17.75 19.80
CA CYS A 590 -18.84 17.96 21.22
C CYS A 590 -17.49 18.64 21.44
N SER A 591 -17.41 19.40 22.53
CA SER A 591 -16.17 20.12 22.85
C SER A 591 -15.04 19.14 23.11
N PHE A 592 -13.84 19.53 22.70
CA PHE A 592 -12.66 18.69 22.83
C PHE A 592 -11.43 19.59 22.85
N GLY A 593 -10.30 19.01 23.21
CA GLY A 593 -9.05 19.75 23.15
C GLY A 593 -7.89 19.08 23.84
N GLY A 594 -6.67 19.40 23.42
CA GLY A 594 -5.51 18.84 24.07
C GLY A 594 -5.37 19.34 25.50
N VAL A 595 -4.70 18.54 26.32
CA VAL A 595 -4.48 18.86 27.72
C VAL A 595 -2.98 18.90 27.97
N SER A 596 -2.55 19.79 28.85
CA SER A 596 -1.13 19.98 29.11
C SER A 596 -0.88 19.95 30.62
N VAL A 597 0.29 19.46 30.99
CA VAL A 597 0.68 19.33 32.39
C VAL A 597 1.84 20.28 32.64
N ILE A 598 1.64 21.23 33.54
CA ILE A 598 2.68 22.18 33.93
C ILE A 598 3.29 21.68 35.23
N THR A 599 4.59 21.44 35.22
CA THR A 599 5.25 20.82 36.35
C THR A 599 6.67 21.32 36.54
N PRO A 600 7.07 21.61 37.77
CA PRO A 600 8.49 21.73 38.08
C PRO A 600 9.12 20.35 38.12
N GLY A 601 10.46 20.33 38.13
CA GLY A 601 11.16 19.06 38.12
C GLY A 601 10.87 18.23 39.35
N THR A 602 10.88 16.92 39.16
CA THR A 602 10.68 16.01 40.30
C THR A 602 11.77 16.15 41.34
N ASN A 603 12.92 16.71 40.97
CA ASN A 603 13.97 16.98 41.93
C ASN A 603 13.52 17.99 42.99
N THR A 604 12.49 18.78 42.70
CA THR A 604 11.99 19.79 43.63
C THR A 604 10.69 19.37 44.30
N SER A 605 9.66 19.03 43.54
CA SER A 605 8.37 18.72 44.11
C SER A 605 7.56 17.88 43.14
N ASN A 606 6.46 17.33 43.63
CA ASN A 606 5.55 16.51 42.82
C ASN A 606 4.24 17.23 42.52
N GLN A 607 4.13 18.52 42.84
CA GLN A 607 2.88 19.25 42.61
C GLN A 607 2.84 19.78 41.18
N VAL A 608 1.72 19.54 40.49
CA VAL A 608 1.57 19.91 39.09
C VAL A 608 0.26 20.65 38.91
N ALA A 609 0.09 21.23 37.73
CA ALA A 609 -1.16 21.88 37.33
C ALA A 609 -1.55 21.41 35.94
N VAL A 610 -2.83 21.57 35.62
CA VAL A 610 -3.40 21.06 34.38
C VAL A 610 -4.01 22.22 33.61
N LEU A 611 -3.70 22.30 32.31
CA LEU A 611 -4.20 23.32 31.42
C LEU A 611 -5.04 22.67 30.34
N TYR A 612 -6.27 23.13 30.17
CA TYR A 612 -7.17 22.64 29.13
C TYR A 612 -7.17 23.64 27.99
N GLN A 613 -6.80 23.18 26.80
CA GLN A 613 -6.52 24.08 25.70
C GLN A 613 -7.80 24.53 25.00
N ASP A 614 -7.97 25.85 24.88
CA ASP A 614 -8.96 26.46 23.99
C ASP A 614 -10.37 25.95 24.25
N VAL A 615 -10.76 25.91 25.53
CA VAL A 615 -12.13 25.58 25.89
C VAL A 615 -12.63 26.62 26.88
N ASN A 616 -13.87 27.07 26.68
CA ASN A 616 -14.52 27.82 27.74
C ASN A 616 -14.91 26.88 28.86
N CYS A 617 -14.43 27.20 30.05
CA CYS A 617 -14.49 26.25 31.15
C CYS A 617 -15.66 26.51 32.10
N THR A 618 -16.85 26.33 31.55
CA THR A 618 -18.07 26.09 32.31
C THR A 618 -18.41 24.61 32.32
N GLU A 619 -18.06 23.88 31.26
CA GLU A 619 -18.39 22.46 31.17
C GLU A 619 -17.50 21.60 32.06
N VAL A 620 -16.22 21.95 32.19
CA VAL A 620 -15.32 21.13 32.99
C VAL A 620 -15.51 21.43 34.48
N ASN A 641 -9.65 28.04 42.86
CA ASN A 641 -8.41 28.61 42.37
C ASN A 641 -8.22 28.34 40.88
N VAL A 642 -9.16 28.83 40.06
CA VAL A 642 -9.10 28.68 38.61
C VAL A 642 -8.89 30.06 38.01
N PHE A 643 -8.01 30.14 37.01
CA PHE A 643 -7.66 31.40 36.37
C PHE A 643 -7.91 31.30 34.88
N GLN A 644 -8.78 32.15 34.36
CA GLN A 644 -9.18 32.11 32.95
C GLN A 644 -8.23 32.98 32.12
N THR A 645 -7.41 32.34 31.29
CA THR A 645 -6.56 32.99 30.32
C THR A 645 -7.01 32.57 28.92
N ARG A 646 -6.35 33.15 27.92
CA ARG A 646 -6.76 32.93 26.53
C ARG A 646 -6.66 31.47 26.11
N ALA A 647 -5.89 30.67 26.82
CA ALA A 647 -5.74 29.26 26.48
C ALA A 647 -6.68 28.34 27.27
N GLY A 648 -7.55 28.89 28.11
CA GLY A 648 -8.40 28.11 29.00
C GLY A 648 -8.18 28.54 30.43
N CYS A 649 -8.72 27.79 31.39
CA CYS A 649 -8.49 28.12 32.77
C CYS A 649 -7.38 27.22 33.27
N LEU A 650 -6.32 27.80 33.81
CA LEU A 650 -5.33 27.06 34.55
C LEU A 650 -5.90 26.78 35.93
N ILE A 651 -5.83 25.52 36.36
CA ILE A 651 -6.33 25.10 37.66
C ILE A 651 -5.14 24.61 38.48
N GLY A 652 -5.14 24.95 39.77
CA GLY A 652 -4.07 24.56 40.67
C GLY A 652 -3.01 25.63 40.87
N ALA A 653 -3.11 26.77 40.20
CA ALA A 653 -2.15 27.85 40.34
C ALA A 653 -2.85 29.11 40.82
N GLU A 654 -2.29 29.73 41.86
CA GLU A 654 -2.86 30.94 42.42
C GLU A 654 -2.39 32.16 41.62
N HIS A 655 -3.35 33.00 41.23
CA HIS A 655 -3.01 34.21 40.50
C HIS A 655 -2.29 35.21 41.40
N VAL A 656 -1.31 35.90 40.83
CA VAL A 656 -0.50 36.89 41.55
C VAL A 656 -0.49 38.18 40.75
N ASN A 657 -0.73 39.30 41.44
CA ASN A 657 -0.75 40.59 40.76
C ASN A 657 0.65 41.03 40.33
N ASN A 658 1.66 40.69 41.11
CA ASN A 658 3.02 41.12 40.79
C ASN A 658 3.52 40.45 39.50
N SER A 659 4.48 41.09 38.85
CA SER A 659 5.07 40.60 37.62
C SER A 659 6.55 40.33 37.81
N TYR A 660 7.01 39.21 37.24
CA TYR A 660 8.41 38.81 37.32
C TYR A 660 8.86 38.34 35.95
N GLU A 661 10.12 37.94 35.84
CA GLU A 661 10.62 37.32 34.62
C GLU A 661 10.06 35.90 34.55
N CYS A 662 9.23 35.64 33.56
CA CYS A 662 8.45 34.41 33.55
C CYS A 662 9.30 33.22 33.12
N ASP A 663 9.05 32.08 33.76
CA ASP A 663 9.95 30.94 33.74
C ASP A 663 9.58 29.91 32.69
N ILE A 664 8.37 29.36 32.74
CA ILE A 664 7.88 28.43 31.73
C ILE A 664 6.67 29.04 31.04
N PRO A 665 6.66 29.16 29.72
CA PRO A 665 5.59 29.89 29.05
C PRO A 665 4.30 29.08 28.97
N ILE A 666 3.18 29.77 29.22
CA ILE A 666 1.85 29.21 29.04
C ILE A 666 1.20 29.75 27.77
N GLY A 667 1.11 31.06 27.66
CA GLY A 667 0.60 31.67 26.44
C GLY A 667 -0.11 32.97 26.69
N ALA A 668 -0.23 33.76 25.63
CA ALA A 668 -0.91 35.05 25.66
C ALA A 668 -0.33 35.96 26.75
N GLY A 669 0.98 35.89 26.93
CA GLY A 669 1.67 36.69 27.92
C GLY A 669 1.61 36.15 29.33
N ILE A 670 1.07 34.95 29.54
CA ILE A 670 0.93 34.36 30.86
C ILE A 670 1.96 33.26 31.00
N CYS A 671 2.70 33.27 32.11
CA CYS A 671 3.63 32.21 32.45
C CYS A 671 3.50 31.86 33.94
N ALA A 672 3.93 30.65 34.28
CA ALA A 672 3.85 30.14 35.63
C ALA A 672 5.24 29.79 36.17
N SER A 673 5.35 29.74 37.48
CA SER A 673 6.62 29.44 38.14
C SER A 673 6.38 28.97 39.57
N TYR A 674 7.34 28.21 40.09
CA TYR A 674 7.26 27.63 41.42
C TYR A 674 7.85 28.59 42.43
N GLN A 675 7.06 29.00 43.42
CA GLN A 675 7.48 30.05 44.34
C GLN A 675 6.78 29.84 45.68
N THR A 676 7.22 30.62 46.67
CA THR A 676 6.64 30.54 48.02
C THR A 676 5.30 31.26 48.09
N SER A 689 3.45 25.78 52.18
CA SER A 689 3.02 27.11 51.77
C SER A 689 3.47 27.44 50.35
N GLN A 690 4.46 26.69 49.86
CA GLN A 690 4.98 26.92 48.53
C GLN A 690 4.10 26.24 47.48
N SER A 691 3.94 26.90 46.34
CA SER A 691 3.08 26.39 45.28
C SER A 691 3.50 27.02 43.96
N ILE A 692 2.75 26.70 42.91
CA ILE A 692 3.01 27.31 41.62
C ILE A 692 2.06 28.47 41.41
N ILE A 693 2.53 29.53 40.74
CA ILE A 693 1.77 30.74 40.53
C ILE A 693 1.85 31.14 39.07
N ALA A 694 0.83 31.87 38.62
CA ALA A 694 0.73 32.31 37.23
C ALA A 694 0.61 33.82 37.20
N TYR A 695 1.28 34.44 36.23
CA TYR A 695 1.31 35.89 36.14
C TYR A 695 1.61 36.32 34.72
N THR A 696 1.34 37.59 34.43
CA THR A 696 1.72 38.19 33.16
C THR A 696 3.20 38.55 33.20
N MET A 697 3.94 38.14 32.17
CA MET A 697 5.37 38.33 32.17
C MET A 697 5.74 39.80 32.08
N SER A 698 6.88 40.15 32.66
CA SER A 698 7.39 41.51 32.65
C SER A 698 8.49 41.64 31.60
N LEU A 699 8.42 42.71 30.82
CA LEU A 699 9.35 42.93 29.72
C LEU A 699 10.68 43.53 30.18
N GLY A 700 10.81 43.87 31.45
CA GLY A 700 12.05 44.41 31.98
C GLY A 700 11.81 45.64 32.84
N ALA A 701 12.89 46.09 33.45
CA ALA A 701 12.83 47.25 34.33
C ALA A 701 12.54 48.51 33.54
N GLU A 702 11.89 49.47 34.20
CA GLU A 702 11.59 50.76 33.58
C GLU A 702 12.72 51.73 33.89
N ASN A 703 13.17 52.46 32.86
CA ASN A 703 14.30 53.37 33.01
C ASN A 703 14.13 54.51 32.02
N SER A 704 13.85 55.70 32.55
CA SER A 704 13.75 56.89 31.72
C SER A 704 15.12 57.56 31.60
N VAL A 705 15.32 58.26 30.49
CA VAL A 705 16.57 58.97 30.22
C VAL A 705 16.31 60.46 30.34
N ALA A 706 17.12 61.14 31.15
CA ALA A 706 16.96 62.57 31.39
C ALA A 706 17.47 63.34 30.17
N TYR A 707 16.62 63.39 29.14
CA TYR A 707 16.97 64.07 27.90
C TYR A 707 16.84 65.57 28.05
N SER A 708 17.66 66.29 27.29
CA SER A 708 17.57 67.74 27.18
C SER A 708 18.26 68.14 25.88
N ASN A 709 18.24 69.42 25.57
CA ASN A 709 18.81 69.91 24.32
C ASN A 709 20.23 70.45 24.47
N ASN A 710 20.79 70.51 25.69
CA ASN A 710 22.14 71.01 25.84
C ASN A 710 22.94 70.26 26.90
N SER A 711 22.68 68.97 27.09
CA SER A 711 23.41 68.18 28.07
C SER A 711 23.88 66.88 27.44
N ILE A 712 25.11 66.48 27.75
CA ILE A 712 25.70 65.27 27.20
C ILE A 712 26.37 64.48 28.31
N ALA A 713 26.20 63.17 28.30
CA ALA A 713 26.77 62.28 29.31
C ALA A 713 27.98 61.57 28.73
N ILE A 714 29.12 61.67 29.42
CA ILE A 714 30.38 61.12 28.96
C ILE A 714 30.92 60.19 30.04
N PRO A 715 31.41 59.00 29.70
CA PRO A 715 31.96 58.11 30.73
C PRO A 715 33.35 58.55 31.19
N THR A 716 33.71 58.06 32.37
CA THR A 716 35.00 58.35 32.98
C THR A 716 35.80 57.10 33.35
N ASN A 717 35.22 55.91 33.27
CA ASN A 717 35.93 54.68 33.59
C ASN A 717 35.35 53.56 32.74
N PHE A 718 36.11 52.47 32.63
CA PHE A 718 35.77 51.39 31.72
C PHE A 718 35.95 50.05 32.40
N THR A 719 35.42 49.01 31.75
CA THR A 719 35.57 47.64 32.21
C THR A 719 35.77 46.74 31.00
N ILE A 720 36.40 45.60 31.24
CA ILE A 720 36.69 44.62 30.19
C ILE A 720 36.02 43.32 30.58
N SER A 721 35.18 42.78 29.70
CA SER A 721 34.40 41.60 30.03
C SER A 721 34.53 40.56 28.92
N VAL A 722 34.56 39.29 29.31
CA VAL A 722 34.67 38.19 28.37
C VAL A 722 33.39 37.37 28.40
N THR A 723 32.88 37.02 27.23
CA THR A 723 31.65 36.25 27.10
C THR A 723 31.90 35.04 26.22
N THR A 724 31.03 34.05 26.35
CA THR A 724 31.15 32.79 25.62
C THR A 724 30.00 32.62 24.64
N GLU A 725 30.32 32.08 23.47
CA GLU A 725 29.30 31.69 22.49
C GLU A 725 29.61 30.28 22.00
N ILE A 726 28.59 29.44 21.95
CA ILE A 726 28.74 28.02 21.64
C ILE A 726 28.01 27.72 20.34
N LEU A 727 28.70 27.06 19.40
CA LEU A 727 28.12 26.77 18.09
C LEU A 727 28.38 25.33 17.70
N PRO A 728 27.36 24.58 17.32
CA PRO A 728 27.58 23.24 16.75
C PRO A 728 28.23 23.34 15.38
N VAL A 729 28.93 22.27 15.00
CA VAL A 729 29.62 22.25 13.71
C VAL A 729 29.22 21.02 12.91
N SER A 730 29.32 19.84 13.52
CA SER A 730 29.05 18.60 12.79
C SER A 730 28.26 17.65 13.67
N MET A 731 27.68 16.64 13.03
CA MET A 731 26.90 15.61 13.70
C MET A 731 27.52 14.25 13.42
N THR A 732 26.99 13.22 14.07
CA THR A 732 27.53 11.88 13.93
C THR A 732 27.27 11.34 12.52
N LYS A 733 28.25 10.59 12.00
CA LYS A 733 28.17 10.04 10.64
C LYS A 733 27.54 8.66 10.71
N THR A 734 26.21 8.63 10.66
CA THR A 734 25.47 7.38 10.72
C THR A 734 25.24 6.82 9.33
N SER A 735 25.42 5.50 9.19
CA SER A 735 25.16 4.82 7.93
C SER A 735 24.29 3.60 8.20
N VAL A 736 23.44 3.27 7.23
CA VAL A 736 22.55 2.12 7.33
C VAL A 736 22.59 1.36 6.02
N ASP A 737 22.23 0.07 6.07
CA ASP A 737 22.10 -0.76 4.89
C ASP A 737 20.64 -1.18 4.74
N CYS A 738 20.07 -0.94 3.57
CA CYS A 738 18.64 -1.13 3.40
C CYS A 738 18.25 -2.59 3.58
N THR A 739 18.91 -3.50 2.85
CA THR A 739 18.43 -4.87 2.79
C THR A 739 18.72 -5.63 4.07
N MET A 740 19.88 -5.40 4.69
CA MET A 740 20.16 -6.06 5.96
C MET A 740 19.21 -5.58 7.06
N TYR A 741 18.89 -4.28 7.06
CA TYR A 741 17.94 -3.77 8.04
C TYR A 741 16.56 -4.35 7.80
N ILE A 742 16.13 -4.40 6.54
CA ILE A 742 14.76 -4.81 6.25
C ILE A 742 14.59 -6.30 6.50
N CYS A 743 15.30 -7.14 5.74
CA CYS A 743 15.13 -8.58 5.86
C CYS A 743 16.47 -9.31 5.77
N GLY A 744 17.42 -8.91 6.60
CA GLY A 744 18.73 -9.54 6.65
C GLY A 744 18.71 -11.06 6.53
N ASP A 745 19.75 -11.60 5.90
CA ASP A 745 19.96 -13.03 5.62
C ASP A 745 18.65 -13.79 5.39
N SER A 746 17.90 -13.35 4.37
CA SER A 746 16.71 -14.06 3.92
C SER A 746 16.61 -13.91 2.41
N THR A 747 16.69 -15.03 1.69
CA THR A 747 16.77 -14.97 0.23
C THR A 747 15.43 -14.64 -0.40
N GLU A 748 14.33 -15.20 0.12
CA GLU A 748 13.02 -14.94 -0.46
C GLU A 748 12.68 -13.46 -0.41
N CYS A 749 12.95 -12.81 0.73
CA CYS A 749 12.67 -11.39 0.82
C CYS A 749 13.58 -10.58 -0.09
N SER A 750 14.83 -11.02 -0.27
CA SER A 750 15.70 -10.31 -1.20
C SER A 750 15.15 -10.37 -2.62
N ASN A 751 14.65 -11.53 -3.03
CA ASN A 751 14.03 -11.64 -4.34
C ASN A 751 12.79 -10.76 -4.44
N LEU A 752 11.99 -10.70 -3.37
CA LEU A 752 10.82 -9.82 -3.38
C LEU A 752 11.22 -8.36 -3.49
N LEU A 753 12.25 -7.95 -2.75
CA LEU A 753 12.68 -6.56 -2.72
C LEU A 753 13.38 -6.15 -4.01
N LEU A 754 13.86 -7.11 -4.80
CA LEU A 754 14.47 -6.74 -6.07
C LEU A 754 13.49 -6.13 -7.05
N GLN A 755 12.19 -6.20 -6.78
CA GLN A 755 11.17 -5.68 -7.69
C GLN A 755 10.91 -4.19 -7.52
N TYR A 756 11.46 -3.55 -6.50
CA TYR A 756 11.14 -2.15 -6.23
C TYR A 756 12.10 -1.17 -6.88
N GLY A 757 13.23 -1.63 -7.41
CA GLY A 757 14.11 -0.75 -8.17
C GLY A 757 15.24 -0.21 -7.32
N SER A 758 15.47 1.10 -7.41
CA SER A 758 16.62 1.76 -6.82
C SER A 758 16.31 2.39 -5.46
N PHE A 759 15.28 1.89 -4.77
CA PHE A 759 14.91 2.42 -3.47
C PHE A 759 15.97 2.21 -2.41
N CYS A 760 16.94 1.33 -2.64
CA CYS A 760 18.08 1.17 -1.75
C CYS A 760 19.26 2.04 -2.15
N THR A 761 19.57 2.06 -3.45
CA THR A 761 20.70 2.85 -3.92
C THR A 761 20.49 4.32 -3.63
N GLN A 762 19.27 4.83 -3.79
CA GLN A 762 19.02 6.24 -3.50
C GLN A 762 19.31 6.57 -2.04
N LEU A 763 18.82 5.74 -1.12
CA LEU A 763 19.03 6.02 0.30
C LEU A 763 20.50 5.92 0.67
N ASN A 764 21.20 4.90 0.16
CA ASN A 764 22.62 4.79 0.46
C ASN A 764 23.39 5.99 -0.06
N ARG A 765 23.04 6.46 -1.27
CA ARG A 765 23.72 7.63 -1.83
C ARG A 765 23.45 8.87 -0.98
N ALA A 766 22.22 9.06 -0.53
CA ALA A 766 21.91 10.23 0.28
C ALA A 766 22.68 10.22 1.59
N LEU A 767 22.72 9.06 2.26
CA LEU A 767 23.44 8.99 3.53
C LEU A 767 24.95 9.17 3.34
N THR A 768 25.50 8.63 2.25
CA THR A 768 26.92 8.88 1.96
C THR A 768 27.18 10.36 1.73
N GLY A 769 26.28 11.04 1.03
CA GLY A 769 26.44 12.48 0.83
C GLY A 769 26.46 13.24 2.12
N ILE A 770 25.54 12.91 3.03
CA ILE A 770 25.54 13.56 4.35
C ILE A 770 26.85 13.29 5.09
N ALA A 771 27.31 12.04 5.04
CA ALA A 771 28.52 11.67 5.76
C ALA A 771 29.73 12.45 5.25
N VAL A 772 29.83 12.64 3.94
CA VAL A 772 30.94 13.42 3.41
C VAL A 772 30.80 14.90 3.78
N GLU A 773 29.57 15.43 3.72
CA GLU A 773 29.36 16.84 4.02
C GLU A 773 29.75 17.16 5.46
N GLN A 774 29.58 16.22 6.38
CA GLN A 774 30.00 16.48 7.77
C GLN A 774 31.49 16.78 7.87
N ASP A 775 32.31 15.93 7.25
CA ASP A 775 33.75 16.16 7.29
C ASP A 775 34.14 17.43 6.55
N LYS A 776 33.44 17.74 5.46
CA LYS A 776 33.69 19.01 4.79
C LYS A 776 33.40 20.19 5.71
N ASN A 777 32.32 20.12 6.48
CA ASN A 777 31.99 21.17 7.43
C ASN A 777 33.11 21.37 8.45
N THR A 778 33.56 20.27 9.05
CA THR A 778 34.60 20.39 10.08
C THR A 778 35.88 20.98 9.49
N GLN A 779 36.29 20.49 8.32
CA GLN A 779 37.52 20.99 7.71
C GLN A 779 37.41 22.46 7.36
N GLU A 780 36.25 22.89 6.85
CA GLU A 780 36.06 24.28 6.47
C GLU A 780 36.05 25.20 7.69
N VAL A 781 35.47 24.75 8.81
CA VAL A 781 35.44 25.61 10.00
C VAL A 781 36.82 25.73 10.62
N PHE A 782 37.53 24.61 10.77
CA PHE A 782 38.77 24.67 11.56
C PHE A 782 40.01 24.93 10.72
N ALA A 783 40.19 24.18 9.63
CA ALA A 783 41.43 24.23 8.86
C ALA A 783 41.47 25.51 8.03
N GLN A 784 41.85 26.60 8.69
CA GLN A 784 41.90 27.91 8.07
C GLN A 784 43.27 28.56 8.17
N VAL A 785 44.27 27.86 8.68
CA VAL A 785 45.62 28.39 8.82
C VAL A 785 46.57 27.49 8.04
N LYS A 786 47.47 28.11 7.28
CA LYS A 786 48.33 27.36 6.37
C LYS A 786 49.52 26.71 7.07
N GLN A 787 49.85 27.13 8.29
CA GLN A 787 51.01 26.62 8.99
C GLN A 787 50.67 26.43 10.45
N ILE A 788 51.52 25.67 11.15
CA ILE A 788 51.34 25.39 12.57
C ILE A 788 52.35 26.23 13.33
N TYR A 789 51.86 27.20 14.10
CA TYR A 789 52.69 28.04 14.93
C TYR A 789 52.87 27.44 16.31
N LYS A 790 53.82 27.98 17.07
CA LYS A 790 54.05 27.53 18.43
C LYS A 790 54.46 28.71 19.29
N THR A 791 53.88 28.80 20.48
CA THR A 791 54.16 29.91 21.38
C THR A 791 55.59 29.79 21.93
N PRO A 792 56.22 30.92 22.26
CA PRO A 792 57.56 30.86 22.84
C PRO A 792 57.53 30.18 24.18
N PRO A 793 58.63 29.53 24.58
CA PRO A 793 58.64 28.84 25.89
C PRO A 793 58.44 29.77 27.07
N ILE A 794 58.90 31.02 27.01
CA ILE A 794 58.81 31.95 28.12
C ILE A 794 57.59 32.84 27.93
N LYS A 795 56.80 32.97 28.99
CA LYS A 795 55.54 33.72 28.93
C LYS A 795 55.71 35.11 29.53
N ASP A 796 56.44 35.96 28.81
CA ASP A 796 56.61 37.36 29.18
C ASP A 796 55.71 38.21 28.27
N PHE A 797 54.44 38.31 28.66
CA PHE A 797 53.42 38.99 27.87
C PHE A 797 52.95 40.27 28.53
N GLY A 798 53.83 40.96 29.24
CA GLY A 798 53.49 42.24 29.81
C GLY A 798 52.45 42.22 30.91
N GLY A 799 52.31 41.09 31.61
CA GLY A 799 51.39 40.96 32.71
C GLY A 799 50.12 40.19 32.38
N PHE A 800 49.80 40.02 31.12
CA PHE A 800 48.62 39.24 30.75
C PHE A 800 48.91 37.76 30.96
N ASN A 801 48.00 37.06 31.63
CA ASN A 801 48.18 35.65 31.97
C ASN A 801 47.27 34.81 31.11
N PHE A 802 47.85 34.05 30.19
CA PHE A 802 47.11 33.18 29.29
C PHE A 802 47.19 31.71 29.67
N SER A 803 47.61 31.40 30.89
CA SER A 803 47.86 30.02 31.26
C SER A 803 46.61 29.16 31.23
N GLN A 804 45.43 29.77 31.28
CA GLN A 804 44.19 29.00 31.30
C GLN A 804 43.66 28.66 29.92
N ILE A 805 44.28 29.14 28.85
CA ILE A 805 43.86 28.80 27.50
C ILE A 805 44.96 28.14 26.67
N LEU A 806 46.23 28.33 27.00
CA LEU A 806 47.30 27.66 26.28
C LEU A 806 47.34 26.18 26.66
N PRO A 807 47.92 25.34 25.80
CA PRO A 807 47.96 23.91 26.10
C PRO A 807 48.76 23.61 27.35
N ASP A 808 48.35 22.55 28.06
CA ASP A 808 49.05 22.10 29.25
C ASP A 808 49.82 20.84 28.92
N PRO A 809 51.16 20.88 28.89
CA PRO A 809 51.92 19.68 28.50
C PRO A 809 51.82 18.53 29.49
N SER A 810 51.42 18.79 30.73
CA SER A 810 51.40 17.73 31.75
C SER A 810 50.24 16.77 31.61
N LYS A 811 49.19 17.15 30.89
CA LYS A 811 48.06 16.26 30.68
C LYS A 811 48.43 15.12 29.73
N PRO A 812 47.75 13.98 29.84
CA PRO A 812 47.99 12.91 28.86
C PRO A 812 47.72 13.34 27.43
N SER A 813 46.69 14.15 27.23
CA SER A 813 46.37 14.73 25.93
C SER A 813 46.53 16.24 26.04
N LYS A 814 47.20 16.84 25.05
CA LYS A 814 47.55 18.26 25.11
C LYS A 814 46.29 19.09 24.87
N ARG A 815 45.53 19.30 25.95
CA ARG A 815 44.34 20.12 25.92
C ARG A 815 44.41 21.16 27.02
N SER A 816 43.70 22.24 26.82
CA SER A 816 43.70 23.36 27.75
C SER A 816 42.77 23.10 28.92
N PRO A 817 43.01 23.74 30.07
CA PRO A 817 42.13 23.52 31.22
C PRO A 817 40.67 23.86 30.96
N ILE A 818 40.39 24.91 30.18
CA ILE A 818 39.01 25.22 29.82
C ILE A 818 38.41 24.16 28.90
N GLU A 819 39.20 23.56 28.04
CA GLU A 819 38.72 22.48 27.19
C GLU A 819 38.41 21.21 27.95
N ASP A 820 39.12 20.94 29.04
CA ASP A 820 38.84 19.74 29.83
C ASP A 820 37.45 19.80 30.43
N LEU A 821 37.04 20.96 30.95
CA LEU A 821 35.70 21.11 31.48
C LEU A 821 34.65 20.90 30.40
N LEU A 822 34.90 21.43 29.20
CA LEU A 822 33.95 21.24 28.11
C LEU A 822 33.84 19.78 27.71
N PHE A 823 34.96 19.05 27.73
CA PHE A 823 34.93 17.65 27.37
C PHE A 823 34.35 16.75 28.46
N ASN A 824 34.17 17.26 29.67
CA ASN A 824 33.62 16.48 30.77
C ASN A 824 32.15 16.79 31.05
N LYS A 825 31.52 17.62 30.22
CA LYS A 825 30.11 17.96 30.41
C LYS A 825 29.19 17.37 29.37
N VAL A 826 29.70 16.90 28.24
CA VAL A 826 28.90 16.33 27.18
C VAL A 826 29.07 14.82 27.20
N THR A 827 27.96 14.10 27.30
CA THR A 827 27.99 12.64 27.35
C THR A 827 27.55 12.03 26.02
N LYS A 854 21.93 -1.42 16.21
CA LYS A 854 23.01 -2.18 16.83
C LYS A 854 23.64 -3.14 15.83
N PHE A 855 23.01 -4.29 15.64
CA PHE A 855 23.47 -5.31 14.69
C PHE A 855 22.49 -5.50 13.55
N ASN A 856 21.65 -4.51 13.29
CA ASN A 856 20.65 -4.57 12.22
C ASN A 856 21.05 -3.73 11.01
N GLY A 857 22.35 -3.60 10.75
CA GLY A 857 22.83 -2.81 9.65
C GLY A 857 23.11 -1.36 9.96
N LEU A 858 23.06 -0.96 11.23
CA LEU A 858 23.33 0.41 11.64
C LEU A 858 24.79 0.52 12.07
N THR A 859 25.54 1.42 11.43
CA THR A 859 26.94 1.62 11.74
C THR A 859 27.22 3.10 11.92
N VAL A 860 28.29 3.41 12.65
CA VAL A 860 28.77 4.76 12.83
C VAL A 860 30.22 4.82 12.36
N LEU A 861 30.51 5.79 11.52
CA LEU A 861 31.84 5.92 10.96
C LEU A 861 32.66 6.92 11.78
N PRO A 862 33.98 6.75 11.82
CA PRO A 862 34.82 7.67 12.58
C PRO A 862 35.08 8.94 11.79
N PRO A 863 35.17 10.09 12.46
CA PRO A 863 35.48 11.34 11.76
C PRO A 863 36.89 11.32 11.19
N LEU A 864 37.07 12.06 10.10
CA LEU A 864 38.37 12.11 9.45
C LEU A 864 39.44 12.73 10.35
N LEU A 865 39.10 13.81 11.04
CA LEU A 865 40.04 14.52 11.89
C LEU A 865 39.85 14.06 13.34
N THR A 866 40.91 13.55 13.94
CA THR A 866 40.85 13.15 15.34
C THR A 866 40.84 14.38 16.25
N ASP A 867 40.45 14.15 17.51
CA ASP A 867 40.37 15.27 18.45
C ASP A 867 41.73 15.90 18.70
N GLU A 868 42.80 15.11 18.66
CA GLU A 868 44.14 15.68 18.85
C GLU A 868 44.47 16.67 17.73
N MET A 869 44.09 16.35 16.48
CA MET A 869 44.33 17.27 15.39
C MET A 869 43.53 18.56 15.56
N ILE A 870 42.29 18.46 16.04
CA ILE A 870 41.50 19.66 16.29
C ILE A 870 42.15 20.52 17.36
N ALA A 871 42.64 19.89 18.42
CA ALA A 871 43.34 20.64 19.47
C ALA A 871 44.59 21.30 18.92
N GLN A 872 45.33 20.60 18.05
CA GLN A 872 46.52 21.19 17.45
C GLN A 872 46.17 22.40 16.59
N TYR A 873 45.09 22.30 15.82
CA TYR A 873 44.66 23.43 14.99
C TYR A 873 44.31 24.63 15.85
N THR A 874 43.52 24.41 16.91
CA THR A 874 43.14 25.54 17.76
C THR A 874 44.35 26.14 18.47
N SER A 875 45.30 25.30 18.91
CA SER A 875 46.51 25.83 19.51
C SER A 875 47.31 26.67 18.53
N ALA A 876 47.38 26.22 17.27
CA ALA A 876 48.09 27.01 16.25
C ALA A 876 47.42 28.36 16.04
N LEU A 877 46.09 28.37 15.93
CA LEU A 877 45.38 29.63 15.75
C LEU A 877 45.61 30.55 16.93
N LEU A 878 45.53 30.02 18.15
CA LEU A 878 45.69 30.86 19.34
C LEU A 878 47.10 31.42 19.43
N ALA A 879 48.11 30.59 19.14
CA ALA A 879 49.48 31.07 19.19
C ALA A 879 49.73 32.15 18.15
N GLY A 880 49.19 31.96 16.94
CA GLY A 880 49.31 33.01 15.93
C GLY A 880 48.66 34.30 16.37
N THR A 881 47.46 34.21 16.96
CA THR A 881 46.76 35.42 17.40
C THR A 881 47.54 36.15 18.49
N ILE A 882 48.08 35.40 19.46
CA ILE A 882 48.76 36.06 20.57
C ILE A 882 50.10 36.64 20.12
N THR A 883 50.80 35.96 19.21
CA THR A 883 52.14 36.42 18.84
C THR A 883 52.11 37.51 17.79
N SER A 884 51.27 37.38 16.75
CA SER A 884 51.35 38.24 15.59
C SER A 884 50.15 39.17 15.40
N GLY A 885 49.04 38.93 16.07
CA GLY A 885 47.86 39.75 15.86
C GLY A 885 47.04 39.33 14.67
N TRP A 886 46.59 40.30 13.87
CA TRP A 886 45.82 40.00 12.66
C TRP A 886 46.69 39.81 11.43
N THR A 887 48.01 39.97 11.57
CA THR A 887 48.88 39.96 10.39
C THR A 887 48.92 38.59 9.74
N PHE A 888 48.93 37.51 10.54
CA PHE A 888 49.10 36.18 9.98
C PHE A 888 47.90 35.75 9.14
N GLY A 889 46.77 36.44 9.23
CA GLY A 889 45.62 36.11 8.41
C GLY A 889 45.64 36.70 7.02
N ALA A 890 46.62 37.55 6.72
CA ALA A 890 46.70 38.24 5.44
C ALA A 890 47.98 37.94 4.67
N GLY A 891 48.93 37.21 5.25
CA GLY A 891 50.17 36.90 4.59
C GLY A 891 51.20 36.34 5.54
N PRO A 892 52.43 36.87 5.49
CA PRO A 892 53.46 36.43 6.42
C PRO A 892 53.13 36.87 7.84
N ALA A 893 53.63 36.09 8.81
CA ALA A 893 53.33 36.32 10.21
C ALA A 893 54.42 37.22 10.81
N LEU A 894 54.10 38.50 10.90
CA LEU A 894 55.00 39.47 11.51
C LEU A 894 54.74 39.54 13.02
N GLN A 895 55.82 39.54 13.80
CA GLN A 895 55.68 39.56 15.25
C GLN A 895 55.56 41.00 15.76
N ILE A 896 55.00 41.14 16.95
CA ILE A 896 54.76 42.44 17.57
C ILE A 896 54.48 42.23 19.06
N PRO A 897 55.01 43.08 19.94
CA PRO A 897 54.74 42.91 21.37
C PRO A 897 53.25 43.03 21.69
N PHE A 898 52.82 42.28 22.70
CA PHE A 898 51.39 42.23 23.01
C PHE A 898 50.81 43.58 23.45
N PRO A 899 51.44 44.35 24.35
CA PRO A 899 50.84 45.64 24.72
C PRO A 899 50.66 46.59 23.54
N MET A 900 51.58 46.58 22.56
CA MET A 900 51.36 47.42 21.39
C MET A 900 50.19 46.93 20.56
N GLN A 901 50.01 45.60 20.48
CA GLN A 901 48.83 45.08 19.80
C GLN A 901 47.55 45.54 20.48
N MET A 902 47.53 45.51 21.81
CA MET A 902 46.36 46.01 22.53
C MET A 902 46.17 47.50 22.30
N ALA A 903 47.26 48.25 22.19
CA ALA A 903 47.14 49.67 21.87
C ALA A 903 46.50 49.89 20.51
N TYR A 904 46.89 49.09 19.52
CA TYR A 904 46.26 49.18 18.20
C TYR A 904 44.78 48.84 18.28
N ARG A 905 44.44 47.78 19.01
CA ARG A 905 43.03 47.41 19.13
C ARG A 905 42.23 48.51 19.81
N PHE A 906 42.82 49.16 20.83
CA PHE A 906 42.15 50.29 21.47
C PHE A 906 41.97 51.45 20.51
N ASN A 907 42.99 51.76 19.72
CA ASN A 907 42.87 52.82 18.72
C ASN A 907 41.81 52.50 17.68
N GLY A 908 41.54 51.21 17.47
CA GLY A 908 40.55 50.83 16.48
C GLY A 908 39.13 51.24 16.81
N ILE A 909 38.84 51.56 18.08
CA ILE A 909 37.49 51.88 18.50
C ILE A 909 37.38 53.31 19.04
N GLY A 910 38.22 54.22 18.57
CA GLY A 910 38.08 55.61 18.93
C GLY A 910 38.62 56.00 20.29
N VAL A 911 39.50 55.18 20.88
CA VAL A 911 40.14 55.50 22.15
C VAL A 911 41.64 55.57 21.94
N THR A 912 42.25 56.67 22.36
CA THR A 912 43.67 56.88 22.14
C THR A 912 44.49 55.86 22.92
N GLN A 913 45.64 55.48 22.35
CA GLN A 913 46.46 54.43 22.94
C GLN A 913 47.05 54.82 24.29
N ASN A 914 47.22 56.12 24.54
CA ASN A 914 47.76 56.54 25.83
C ASN A 914 46.86 56.10 26.98
N VAL A 915 45.56 55.97 26.73
CA VAL A 915 44.65 55.47 27.76
C VAL A 915 45.07 54.07 28.20
N LEU A 916 45.39 53.20 27.25
CA LEU A 916 45.91 51.88 27.62
C LEU A 916 47.26 52.01 28.32
N TYR A 917 48.14 52.87 27.81
CA TYR A 917 49.51 52.88 28.33
C TYR A 917 49.57 53.36 29.78
N GLU A 918 48.66 54.25 30.19
CA GLU A 918 48.65 54.66 31.58
C GLU A 918 48.05 53.59 32.49
N ASN A 919 47.15 52.77 31.96
CA ASN A 919 46.35 51.85 32.78
C ASN A 919 46.62 50.39 32.42
N GLN A 920 47.89 50.02 32.29
CA GLN A 920 48.22 48.66 31.87
C GLN A 920 47.90 47.64 32.95
N LYS A 921 48.32 47.91 34.20
CA LYS A 921 48.15 46.93 35.26
C LYS A 921 46.69 46.69 35.57
N LEU A 922 45.89 47.75 35.61
CA LEU A 922 44.46 47.60 35.88
C LEU A 922 43.80 46.72 34.82
N ILE A 923 44.14 46.94 33.56
CA ILE A 923 43.56 46.17 32.47
C ILE A 923 43.99 44.71 32.56
N ALA A 924 45.25 44.46 32.89
CA ALA A 924 45.72 43.09 33.04
C ALA A 924 44.97 42.38 34.17
N ASN A 925 44.79 43.06 35.30
CA ASN A 925 44.08 42.44 36.41
C ASN A 925 42.63 42.15 36.04
N GLN A 926 41.97 43.07 35.35
CA GLN A 926 40.59 42.85 34.94
C GLN A 926 40.49 41.66 33.98
N PHE A 927 41.43 41.56 33.04
CA PHE A 927 41.41 40.44 32.11
C PHE A 927 41.58 39.11 32.84
N ASN A 928 42.53 39.05 33.78
CA ASN A 928 42.74 37.81 34.52
C ASN A 928 41.52 37.43 35.34
N SER A 929 40.92 38.41 36.02
CA SER A 929 39.73 38.12 36.82
C SER A 929 38.58 37.65 35.95
N ALA A 930 38.41 38.25 34.77
CA ALA A 930 37.35 37.82 33.87
C ALA A 930 37.58 36.38 33.42
N ILE A 931 38.82 36.02 33.08
CA ILE A 931 39.11 34.64 32.69
C ILE A 931 38.78 33.68 33.82
N GLY A 932 39.18 34.02 35.04
CA GLY A 932 38.88 33.14 36.17
C GLY A 932 37.39 32.98 36.40
N LYS A 933 36.64 34.08 36.29
CA LYS A 933 35.19 34.01 36.48
C LYS A 933 34.56 33.14 35.41
N ILE A 934 35.04 33.22 34.17
CA ILE A 934 34.49 32.37 33.12
C ILE A 934 34.77 30.90 33.42
N GLN A 935 35.98 30.62 33.90
CA GLN A 935 36.31 29.24 34.29
C GLN A 935 35.34 28.73 35.35
N ASP A 936 35.11 29.53 36.39
CA ASP A 936 34.20 29.11 37.46
C ASP A 936 32.78 28.93 36.94
N SER A 937 32.32 29.84 36.09
CA SER A 937 30.96 29.75 35.56
C SER A 937 30.76 28.49 34.74
N LEU A 938 31.75 28.14 33.90
CA LEU A 938 31.66 26.89 33.17
C LEU A 938 31.74 25.68 34.09
N SER A 939 32.52 25.78 35.18
CA SER A 939 32.68 24.64 36.07
C SER A 939 31.48 24.41 36.99
N SER A 940 30.63 25.41 37.20
CA SER A 940 29.55 25.28 38.15
C SER A 940 28.15 25.14 37.53
N THR A 941 27.94 25.58 36.30
CA THR A 941 26.61 25.52 35.70
C THR A 941 26.58 24.45 34.62
N PRO A 942 25.74 23.41 34.75
CA PRO A 942 25.76 22.33 33.76
C PRO A 942 24.94 22.59 32.51
N SER A 943 23.97 23.50 32.56
CA SER A 943 23.10 23.74 31.40
C SER A 943 23.73 24.61 30.34
N ALA A 944 24.90 25.21 30.61
CA ALA A 944 25.49 26.17 29.67
C ALA A 944 25.80 25.53 28.32
N LEU A 945 26.04 24.22 28.27
CA LEU A 945 26.36 23.54 27.05
C LEU A 945 25.14 22.93 26.37
N GLY A 946 23.94 23.37 26.76
CA GLY A 946 22.74 22.77 26.21
C GLY A 946 22.70 22.78 24.70
N LYS A 947 23.12 23.88 24.09
CA LYS A 947 23.07 24.00 22.64
C LYS A 947 23.79 22.86 21.94
N LEU A 948 24.83 22.31 22.56
CA LEU A 948 25.46 21.13 21.98
C LEU A 948 24.67 19.88 22.32
N GLN A 949 24.36 19.70 23.61
CA GLN A 949 23.81 18.44 24.09
C GLN A 949 22.54 18.07 23.33
N ASP A 950 21.65 19.04 23.16
CA ASP A 950 20.39 18.79 22.47
C ASP A 950 20.62 18.10 21.14
N VAL A 951 21.56 18.60 20.35
CA VAL A 951 21.83 17.99 19.05
C VAL A 951 22.02 16.49 19.21
N VAL A 952 22.95 16.10 20.08
CA VAL A 952 23.24 14.68 20.25
C VAL A 952 21.96 13.93 20.59
N ASN A 953 21.21 14.45 21.57
CA ASN A 953 19.98 13.78 21.99
C ASN A 953 19.10 13.49 20.79
N GLN A 954 18.86 14.52 19.95
CA GLN A 954 17.96 14.34 18.84
C GLN A 954 18.40 13.16 17.98
N ASN A 955 19.67 13.13 17.61
CA ASN A 955 20.16 12.04 16.77
C ASN A 955 19.85 10.70 17.42
N ALA A 956 20.23 10.55 18.69
CA ALA A 956 20.00 9.29 19.38
C ALA A 956 18.52 8.93 19.30
N GLN A 957 17.65 9.90 19.64
CA GLN A 957 16.23 9.62 19.64
C GLN A 957 15.80 9.03 18.31
N ALA A 958 16.20 9.68 17.22
CA ALA A 958 15.78 9.21 15.90
C ALA A 958 16.15 7.75 15.74
N LEU A 959 17.42 7.41 16.01
CA LEU A 959 17.85 6.04 15.82
C LEU A 959 17.00 5.09 16.63
N ASN A 960 16.74 5.42 17.90
CA ASN A 960 15.95 4.54 18.75
C ASN A 960 14.61 4.25 18.08
N THR A 961 13.92 5.30 17.64
CA THR A 961 12.61 5.08 17.04
C THR A 961 12.71 4.14 15.86
N LEU A 962 13.72 4.34 15.00
CA LEU A 962 13.86 3.47 13.84
C LEU A 962 13.97 2.02 14.28
N VAL A 963 14.79 1.75 15.30
CA VAL A 963 14.96 0.37 15.74
C VAL A 963 13.64 -0.18 16.23
N LYS A 964 12.88 0.61 16.99
CA LYS A 964 11.61 0.12 17.50
C LYS A 964 10.63 -0.18 16.38
N GLN A 965 10.81 0.43 15.21
CA GLN A 965 9.92 0.13 14.09
C GLN A 965 10.05 -1.31 13.63
N LEU A 966 11.11 -2.01 14.04
CA LEU A 966 11.22 -3.41 13.70
C LEU A 966 10.25 -4.28 14.49
N SER A 967 9.61 -3.74 15.52
CA SER A 967 8.74 -4.53 16.38
C SER A 967 7.27 -4.46 16.00
N SER A 968 6.92 -3.71 14.96
CA SER A 968 5.53 -3.54 14.58
C SER A 968 5.09 -4.61 13.59
N ASN A 969 3.78 -4.76 13.44
CA ASN A 969 3.21 -5.77 12.56
C ASN A 969 2.93 -5.24 11.17
N PHE A 970 2.45 -4.00 11.06
CA PHE A 970 2.02 -3.40 9.79
C PHE A 970 0.90 -4.17 9.13
N GLY A 971 0.18 -5.00 9.89
CA GLY A 971 -0.91 -5.80 9.35
C GLY A 971 -0.58 -7.26 9.15
N ALA A 972 0.69 -7.65 9.23
CA ALA A 972 1.05 -9.05 9.06
C ALA A 972 0.63 -9.85 10.29
N ILE A 973 0.89 -11.16 10.26
CA ILE A 973 0.50 -12.01 11.37
C ILE A 973 1.53 -11.95 12.50
N SER A 974 2.79 -11.62 12.19
CA SER A 974 3.82 -11.56 13.21
C SER A 974 4.92 -10.62 12.74
N SER A 975 5.66 -10.07 13.71
CA SER A 975 6.68 -9.07 13.43
C SER A 975 8.05 -9.66 13.13
N VAL A 976 8.23 -10.96 13.30
CA VAL A 976 9.51 -11.62 13.03
C VAL A 976 9.41 -12.37 11.72
N LEU A 977 10.40 -12.19 10.86
CA LEU A 977 10.33 -12.74 9.51
C LEU A 977 10.47 -14.25 9.50
N ASN A 978 11.35 -14.79 10.34
CA ASN A 978 11.63 -16.23 10.30
C ASN A 978 10.41 -17.04 10.70
N ASP A 979 9.63 -16.57 11.69
CA ASP A 979 8.42 -17.27 12.08
C ASP A 979 7.42 -17.32 10.93
N ILE A 980 7.25 -16.23 10.20
CA ILE A 980 6.37 -16.23 9.04
C ILE A 980 6.88 -17.20 7.99
N LEU A 981 8.20 -17.20 7.76
CA LEU A 981 8.78 -18.11 6.77
C LEU A 981 8.78 -19.55 7.24
N SER A 982 8.60 -19.80 8.53
CA SER A 982 8.59 -21.15 9.08
C SER A 982 7.19 -21.66 9.42
N ARG A 983 6.15 -20.92 9.05
CA ARG A 983 4.78 -21.32 9.33
C ARG A 983 3.87 -21.36 8.12
N LEU A 984 4.20 -20.66 7.04
CA LEU A 984 3.32 -20.52 5.89
C LEU A 984 4.00 -21.04 4.64
N ASP A 985 3.18 -21.41 3.66
CA ASP A 985 3.65 -21.77 2.33
C ASP A 985 4.03 -20.52 1.55
N PRO A 986 4.83 -20.67 0.49
CA PRO A 986 5.28 -19.49 -0.27
C PRO A 986 4.15 -18.63 -0.79
N PRO A 987 3.04 -19.20 -1.29
CA PRO A 987 1.99 -18.33 -1.87
C PRO A 987 1.37 -17.33 -0.89
N GLU A 988 1.46 -17.55 0.42
CA GLU A 988 0.97 -16.59 1.39
C GLU A 988 2.08 -15.92 2.19
N ALA A 989 3.19 -16.62 2.41
CA ALA A 989 4.37 -15.97 2.94
C ALA A 989 4.78 -14.80 2.07
N GLU A 990 4.54 -14.90 0.76
CA GLU A 990 4.84 -13.78 -0.12
C GLU A 990 4.00 -12.55 0.24
N VAL A 991 2.71 -12.74 0.50
CA VAL A 991 1.85 -11.60 0.85
C VAL A 991 2.28 -10.98 2.17
N GLN A 992 2.54 -11.83 3.17
CA GLN A 992 2.96 -11.30 4.47
C GLN A 992 4.28 -10.53 4.34
N ILE A 993 5.24 -11.09 3.61
CA ILE A 993 6.51 -10.43 3.43
C ILE A 993 6.33 -9.12 2.69
N ASP A 994 5.43 -9.08 1.71
CA ASP A 994 5.18 -7.84 0.99
C ASP A 994 4.67 -6.75 1.92
N ARG A 995 3.76 -7.10 2.82
CA ARG A 995 3.26 -6.12 3.78
C ARG A 995 4.40 -5.59 4.66
N LEU A 996 5.24 -6.50 5.16
CA LEU A 996 6.36 -6.06 5.99
C LEU A 996 7.31 -5.15 5.21
N ILE A 997 7.57 -5.48 3.94
CA ILE A 997 8.47 -4.67 3.13
C ILE A 997 7.90 -3.27 2.97
N THR A 998 6.62 -3.16 2.69
CA THR A 998 6.01 -1.84 2.54
C THR A 998 6.18 -1.01 3.81
N GLY A 999 5.86 -1.61 4.96
CA GLY A 999 5.97 -0.86 6.20
C GLY A 999 7.39 -0.39 6.50
N ARG A 1000 8.36 -1.30 6.38
CA ARG A 1000 9.72 -0.95 6.73
C ARG A 1000 10.32 0.04 5.74
N LEU A 1001 9.97 -0.08 4.46
CA LEU A 1001 10.45 0.88 3.48
C LEU A 1001 9.92 2.28 3.78
N GLN A 1002 8.64 2.39 4.13
CA GLN A 1002 8.09 3.69 4.48
C GLN A 1002 8.81 4.29 5.68
N SER A 1003 9.07 3.47 6.70
CA SER A 1003 9.78 3.96 7.88
C SER A 1003 11.19 4.47 7.52
N LEU A 1004 11.90 3.71 6.69
CA LEU A 1004 13.25 4.14 6.30
C LEU A 1004 13.22 5.45 5.54
N GLN A 1005 12.25 5.61 4.63
CA GLN A 1005 12.17 6.87 3.89
C GLN A 1005 11.92 8.05 4.83
N THR A 1006 11.02 7.88 5.80
CA THR A 1006 10.78 8.95 6.75
C THR A 1006 12.06 9.32 7.49
N TYR A 1007 12.80 8.32 7.96
CA TYR A 1007 14.03 8.60 8.69
C TYR A 1007 15.03 9.36 7.82
N VAL A 1008 15.19 8.94 6.56
CA VAL A 1008 16.16 9.60 5.69
C VAL A 1008 15.78 11.05 5.44
N THR A 1009 14.49 11.32 5.22
CA THR A 1009 14.07 12.71 4.99
C THR A 1009 14.35 13.58 6.22
N GLN A 1010 14.02 13.08 7.41
CA GLN A 1010 14.30 13.86 8.62
C GLN A 1010 15.80 14.15 8.75
N GLN A 1011 16.63 13.14 8.47
CA GLN A 1011 18.07 13.34 8.58
C GLN A 1011 18.56 14.38 7.58
N LEU A 1012 18.02 14.38 6.36
CA LEU A 1012 18.43 15.37 5.37
C LEU A 1012 18.12 16.78 5.86
N ILE A 1013 16.92 17.00 6.39
CA ILE A 1013 16.58 18.34 6.86
C ILE A 1013 17.49 18.77 8.00
N ARG A 1014 17.72 17.87 8.97
CA ARG A 1014 18.57 18.22 10.10
C ARG A 1014 19.99 18.52 9.65
N ALA A 1015 20.49 17.77 8.67
CA ALA A 1015 21.83 18.03 8.15
C ALA A 1015 21.92 19.38 7.49
N ALA A 1016 20.87 19.79 6.76
CA ALA A 1016 20.87 21.13 6.19
C ALA A 1016 20.96 22.20 7.27
N GLU A 1017 20.20 22.03 8.35
CA GLU A 1017 20.27 22.99 9.45
C GLU A 1017 21.67 23.06 10.04
N ILE A 1018 22.28 21.90 10.29
CA ILE A 1018 23.63 21.88 10.88
C ILE A 1018 24.63 22.53 9.94
N ARG A 1019 24.48 22.32 8.64
CA ARG A 1019 25.39 22.95 7.69
C ARG A 1019 25.27 24.46 7.72
N ALA A 1020 24.04 24.97 7.84
CA ALA A 1020 23.87 26.43 7.97
C ALA A 1020 24.58 26.95 9.22
N SER A 1021 24.43 26.24 10.34
CA SER A 1021 25.12 26.67 11.56
C SER A 1021 26.63 26.63 11.41
N ALA A 1022 27.15 25.60 10.73
CA ALA A 1022 28.59 25.50 10.52
C ALA A 1022 29.11 26.63 9.65
N ASN A 1023 28.34 27.02 8.63
CA ASN A 1023 28.74 28.17 7.81
C ASN A 1023 28.78 29.44 8.65
N LEU A 1024 27.79 29.64 9.51
CA LEU A 1024 27.83 30.81 10.39
C LEU A 1024 29.06 30.78 11.29
N ALA A 1025 29.39 29.61 11.84
CA ALA A 1025 30.56 29.51 12.71
C ALA A 1025 31.85 29.81 11.94
N ALA A 1026 31.96 29.31 10.72
CA ALA A 1026 33.15 29.60 9.91
C ALA A 1026 33.27 31.08 9.61
N THR A 1027 32.16 31.74 9.28
CA THR A 1027 32.20 33.18 9.04
C THR A 1027 32.60 33.93 10.30
N LYS A 1028 32.10 33.50 11.46
CA LYS A 1028 32.50 34.13 12.71
C LYS A 1028 33.98 33.94 13.00
N MET A 1029 34.52 32.76 12.70
CA MET A 1029 35.95 32.53 12.91
C MET A 1029 36.79 33.40 11.98
N SER A 1030 36.36 33.55 10.73
CA SER A 1030 37.19 34.30 9.77
C SER A 1030 37.31 35.77 10.16
N GLU A 1031 36.21 36.39 10.61
CA GLU A 1031 36.16 37.83 10.75
C GLU A 1031 36.32 38.33 12.18
N CYS A 1032 36.34 37.46 13.18
CA CYS A 1032 36.37 37.91 14.56
C CYS A 1032 37.66 37.60 15.28
N VAL A 1033 38.28 36.45 15.04
CA VAL A 1033 39.56 36.14 15.69
C VAL A 1033 40.75 36.52 14.80
N LEU A 1034 40.63 36.31 13.49
CA LEU A 1034 41.71 36.66 12.56
C LEU A 1034 41.81 38.16 12.32
N GLY A 1035 40.85 38.95 12.79
CA GLY A 1035 40.88 40.39 12.64
C GLY A 1035 40.09 41.04 13.75
N GLN A 1036 39.62 42.26 13.50
CA GLN A 1036 38.78 42.99 14.43
C GLN A 1036 37.52 43.41 13.72
N SER A 1037 36.37 43.15 14.33
CA SER A 1037 35.07 43.33 13.67
C SER A 1037 34.44 44.64 14.12
N LYS A 1038 33.94 45.40 13.15
CA LYS A 1038 33.24 46.66 13.41
C LYS A 1038 31.73 46.50 13.40
N ARG A 1039 31.21 45.29 13.22
CA ARG A 1039 29.78 45.07 13.20
C ARG A 1039 29.24 44.99 14.63
N VAL A 1040 28.13 45.68 14.89
CA VAL A 1040 27.61 45.79 16.24
C VAL A 1040 26.94 44.48 16.64
N ASP A 1041 27.26 44.00 17.84
CA ASP A 1041 26.64 42.82 18.44
C ASP A 1041 26.84 41.56 17.62
N PHE A 1042 27.80 41.56 16.69
CA PHE A 1042 28.16 40.33 16.01
C PHE A 1042 29.17 39.51 16.79
N CYS A 1043 30.01 40.18 17.59
CA CYS A 1043 31.03 39.50 18.37
C CYS A 1043 30.88 39.83 19.86
N GLY A 1044 29.67 39.71 20.37
CA GLY A 1044 29.42 39.95 21.78
C GLY A 1044 29.05 41.40 22.06
N LYS A 1045 28.25 41.59 23.11
CA LYS A 1045 27.79 42.92 23.46
C LYS A 1045 28.95 43.81 23.88
N GLY A 1046 28.97 45.02 23.37
CA GLY A 1046 30.04 45.97 23.60
C GLY A 1046 30.93 46.11 22.38
N TYR A 1047 31.97 46.92 22.55
CA TYR A 1047 32.96 47.14 21.50
C TYR A 1047 33.95 45.98 21.51
N HIS A 1048 34.17 45.40 20.33
CA HIS A 1048 34.97 44.18 20.22
C HIS A 1048 36.46 44.49 20.26
N LEU A 1049 37.21 43.65 20.96
CA LEU A 1049 38.66 43.76 21.00
C LEU A 1049 39.36 42.56 20.37
N MET A 1050 39.06 41.34 20.84
CA MET A 1050 39.70 40.15 20.29
C MET A 1050 38.96 38.92 20.80
N SER A 1051 39.14 37.82 20.09
CA SER A 1051 38.44 36.58 20.42
C SER A 1051 39.44 35.43 20.50
N PHE A 1052 39.04 34.39 21.24
CA PHE A 1052 39.84 33.18 21.38
C PHE A 1052 38.96 31.96 21.11
N PRO A 1053 39.39 31.05 20.25
CA PRO A 1053 38.60 29.84 20.00
C PRO A 1053 39.03 28.68 20.88
N GLN A 1054 38.05 27.82 21.19
CA GLN A 1054 38.30 26.58 21.91
C GLN A 1054 37.43 25.49 21.29
N SER A 1055 37.94 24.27 21.30
CA SER A 1055 37.19 23.17 20.71
C SER A 1055 36.26 22.55 21.75
N ALA A 1056 35.30 21.77 21.26
CA ALA A 1056 34.39 21.03 22.13
C ALA A 1056 33.79 19.90 21.31
N PRO A 1057 33.29 18.85 21.95
CA PRO A 1057 32.76 17.71 21.19
C PRO A 1057 31.69 18.15 20.20
N HIS A 1058 32.01 18.01 18.91
CA HIS A 1058 31.12 18.39 17.83
C HIS A 1058 30.71 19.86 17.90
N GLY A 1059 31.65 20.73 18.23
CA GLY A 1059 31.32 22.15 18.28
C GLY A 1059 32.51 23.00 18.65
N VAL A 1060 32.28 24.31 18.60
CA VAL A 1060 33.32 25.29 18.91
C VAL A 1060 32.76 26.30 19.90
N VAL A 1061 33.66 26.89 20.69
CA VAL A 1061 33.30 27.87 21.71
C VAL A 1061 34.21 29.07 21.55
N PHE A 1062 33.61 30.25 21.38
CA PHE A 1062 34.35 31.48 21.24
C PHE A 1062 34.29 32.26 22.55
N LEU A 1063 35.43 32.80 22.95
CA LEU A 1063 35.52 33.73 24.07
C LEU A 1063 35.80 35.11 23.48
N HIS A 1064 34.80 35.99 23.54
CA HIS A 1064 34.92 37.34 23.03
C HIS A 1064 35.30 38.28 24.17
N VAL A 1065 36.24 39.19 23.90
CA VAL A 1065 36.67 40.20 24.88
C VAL A 1065 36.14 41.54 24.42
N THR A 1066 35.41 42.23 25.30
CA THR A 1066 34.73 43.45 24.95
C THR A 1066 34.99 44.54 25.98
N TYR A 1067 34.90 45.78 25.52
CA TYR A 1067 35.19 46.98 26.29
C TYR A 1067 33.88 47.72 26.53
N VAL A 1068 33.55 47.99 27.79
CA VAL A 1068 32.26 48.56 28.14
C VAL A 1068 32.43 49.76 29.07
N PRO A 1069 31.83 50.91 28.78
CA PRO A 1069 31.90 52.04 29.72
C PRO A 1069 31.18 51.72 31.02
N ALA A 1070 31.66 52.32 32.11
CA ALA A 1070 31.17 51.97 33.44
C ALA A 1070 30.47 53.12 34.13
N GLN A 1071 31.14 54.25 34.35
CA GLN A 1071 30.60 55.36 35.12
C GLN A 1071 30.51 56.58 34.21
N GLU A 1072 29.44 57.37 34.36
CA GLU A 1072 29.20 58.50 33.48
C GLU A 1072 28.93 59.76 34.28
N LYS A 1073 29.24 60.90 33.67
CA LYS A 1073 28.93 62.20 34.23
C LYS A 1073 28.32 63.08 33.15
N ASN A 1074 27.40 63.94 33.55
CA ASN A 1074 26.68 64.80 32.61
C ASN A 1074 27.26 66.21 32.64
N PHE A 1075 27.38 66.80 31.45
CA PHE A 1075 27.97 68.12 31.28
C PHE A 1075 27.10 68.95 30.34
N THR A 1076 27.30 70.27 30.41
CA THR A 1076 26.65 71.20 29.49
C THR A 1076 27.55 71.41 28.28
N THR A 1077 26.96 71.35 27.09
CA THR A 1077 27.71 71.33 25.84
C THR A 1077 27.26 72.45 24.91
N ALA A 1078 27.96 72.58 23.79
CA ALA A 1078 27.67 73.56 22.76
C ALA A 1078 28.32 73.14 21.45
N PRO A 1079 27.71 73.44 20.29
CA PRO A 1079 28.28 72.95 19.03
C PRO A 1079 29.48 73.72 18.50
N ALA A 1080 29.68 74.98 18.89
CA ALA A 1080 30.77 75.77 18.36
C ALA A 1080 31.03 76.96 19.26
N ILE A 1081 32.09 77.71 18.95
CA ILE A 1081 32.48 78.89 19.71
C ILE A 1081 32.87 80.01 18.75
N CYS A 1082 32.35 81.22 18.99
CA CYS A 1082 32.85 82.41 18.30
C CYS A 1082 34.10 82.92 19.01
N HIS A 1083 35.10 83.31 18.23
CA HIS A 1083 36.29 83.97 18.77
C HIS A 1083 36.42 85.40 18.28
N ASP A 1084 36.46 85.62 16.97
CA ASP A 1084 36.48 86.95 16.37
C ASP A 1084 35.43 87.07 15.29
N GLY A 1085 34.28 86.44 15.49
CA GLY A 1085 33.27 86.31 14.47
C GLY A 1085 33.32 85.00 13.71
N LYS A 1086 34.43 84.28 13.81
CA LYS A 1086 34.56 82.98 13.16
C LYS A 1086 34.02 81.88 14.07
N ALA A 1087 33.57 80.80 13.45
CA ALA A 1087 33.04 79.65 14.18
C ALA A 1087 34.06 78.52 14.14
N HIS A 1088 34.40 77.99 15.31
CA HIS A 1088 35.37 76.91 15.43
C HIS A 1088 34.64 75.60 15.69
N PHE A 1089 35.11 74.53 15.06
CA PHE A 1089 34.53 73.21 15.23
C PHE A 1089 35.63 72.22 15.60
N PRO A 1090 35.30 71.19 16.38
CA PRO A 1090 36.33 70.25 16.82
C PRO A 1090 36.74 69.29 15.72
N ARG A 1091 38.04 69.02 15.63
CA ARG A 1091 38.53 68.00 14.71
C ARG A 1091 38.09 66.62 15.17
N GLU A 1092 38.32 66.30 16.44
CA GLU A 1092 37.86 65.06 17.06
C GLU A 1092 37.43 65.38 18.48
N GLY A 1093 36.36 64.74 18.92
CA GLY A 1093 35.82 65.01 20.23
C GLY A 1093 34.80 66.13 20.23
N VAL A 1094 34.34 66.48 21.42
CA VAL A 1094 33.28 67.47 21.58
C VAL A 1094 33.65 68.46 22.66
N PHE A 1095 32.95 69.60 22.64
CA PHE A 1095 33.07 70.63 23.66
C PHE A 1095 32.20 70.27 24.86
N VAL A 1096 32.77 70.39 26.06
CA VAL A 1096 32.03 70.21 27.30
C VAL A 1096 32.41 71.35 28.25
N SER A 1097 31.62 71.50 29.30
CA SER A 1097 31.88 72.52 30.31
C SER A 1097 31.52 71.97 31.68
N ASN A 1098 32.36 72.27 32.66
CA ASN A 1098 32.09 71.92 34.04
C ASN A 1098 31.34 73.01 34.79
N GLY A 1099 30.92 74.07 34.09
CA GLY A 1099 30.19 75.16 34.68
C GLY A 1099 30.94 76.48 34.70
N THR A 1100 32.26 76.46 34.53
CA THR A 1100 33.04 77.69 34.55
C THR A 1100 33.93 77.81 33.32
N HIS A 1101 34.37 76.67 32.78
CA HIS A 1101 35.31 76.68 31.67
C HIS A 1101 34.91 75.61 30.66
N TRP A 1102 35.42 75.73 29.45
CA TRP A 1102 35.11 74.85 28.35
C TRP A 1102 36.35 74.07 27.93
N PHE A 1103 36.17 72.77 27.69
CA PHE A 1103 37.25 71.89 27.25
C PHE A 1103 36.77 71.05 26.08
N VAL A 1104 37.72 70.36 25.44
CA VAL A 1104 37.42 69.40 24.38
C VAL A 1104 37.83 68.02 24.86
N THR A 1105 37.01 67.02 24.56
CA THR A 1105 37.27 65.66 25.01
C THR A 1105 37.04 64.68 23.87
N GLN A 1106 37.56 63.47 24.05
CA GLN A 1106 37.21 62.34 23.20
C GLN A 1106 35.78 61.90 23.49
N ARG A 1107 35.21 61.15 22.55
CA ARG A 1107 33.79 60.82 22.66
C ARG A 1107 33.51 59.63 23.57
N ASN A 1108 34.52 58.84 23.92
CA ASN A 1108 34.30 57.62 24.68
C ASN A 1108 35.10 57.56 25.99
N PHE A 1109 35.73 58.65 26.39
CA PHE A 1109 36.51 58.66 27.62
C PHE A 1109 36.79 60.09 28.06
N TYR A 1110 36.39 60.44 29.28
CA TYR A 1110 36.55 61.82 29.73
C TYR A 1110 38.01 62.14 29.98
N GLU A 1111 38.54 63.10 29.22
CA GLU A 1111 39.91 63.56 29.38
C GLU A 1111 40.01 64.99 28.87
N PRO A 1112 39.66 65.98 29.69
CA PRO A 1112 39.58 67.35 29.20
C PRO A 1112 40.92 67.91 28.78
N GLN A 1113 40.89 68.77 27.76
CA GLN A 1113 42.07 69.44 27.26
C GLN A 1113 41.71 70.89 26.95
N ILE A 1114 42.72 71.76 27.03
CA ILE A 1114 42.49 73.18 26.79
C ILE A 1114 42.22 73.43 25.31
N ILE A 1115 41.22 74.26 25.02
CA ILE A 1115 40.88 74.56 23.64
C ILE A 1115 42.02 75.33 22.99
N THR A 1116 42.47 74.86 21.82
CA THR A 1116 43.60 75.44 21.13
C THR A 1116 43.30 75.43 19.63
N THR A 1117 43.88 76.41 18.92
CA THR A 1117 43.70 76.48 17.48
C THR A 1117 44.07 75.17 16.79
N ASP A 1118 45.06 74.46 17.33
CA ASP A 1118 45.40 73.15 16.78
C ASP A 1118 44.24 72.16 16.90
N ASN A 1119 43.42 72.30 17.93
CA ASN A 1119 42.31 71.36 18.15
C ASN A 1119 41.11 71.62 17.26
N THR A 1120 40.87 72.86 16.86
CA THR A 1120 39.65 73.23 16.15
C THR A 1120 39.99 73.78 14.77
N PHE A 1121 38.99 73.78 13.89
CA PHE A 1121 39.13 74.36 12.57
C PHE A 1121 37.99 75.33 12.31
N VAL A 1122 38.24 76.28 11.39
CA VAL A 1122 37.38 77.42 11.17
C VAL A 1122 36.56 77.21 9.90
N SER A 1123 35.27 77.50 9.96
CA SER A 1123 34.41 77.40 8.79
C SER A 1123 33.30 78.44 8.91
N GLY A 1124 33.43 79.53 8.15
CA GLY A 1124 32.39 80.55 8.11
C GLY A 1124 32.36 81.44 9.33
N ASN A 1125 31.21 82.09 9.52
CA ASN A 1125 30.96 82.99 10.64
C ASN A 1125 29.76 82.46 11.43
N CYS A 1126 29.61 82.96 12.65
CA CYS A 1126 28.61 82.42 13.57
C CYS A 1126 27.35 83.26 13.64
N ASP A 1127 26.92 83.82 12.52
CA ASP A 1127 25.61 84.45 12.45
C ASP A 1127 24.52 83.50 11.95
N VAL A 1128 24.86 82.23 11.70
CA VAL A 1128 23.94 81.26 11.14
C VAL A 1128 23.78 80.03 12.01
N VAL A 1129 24.88 79.49 12.54
CA VAL A 1129 24.81 78.27 13.33
C VAL A 1129 24.06 78.51 14.62
N ILE A 1130 23.19 77.57 14.97
CA ILE A 1130 22.26 77.72 16.09
C ILE A 1130 22.87 77.10 17.35
N GLY A 1131 22.86 77.84 18.44
CA GLY A 1131 23.30 77.34 19.72
C GLY A 1131 24.75 77.56 20.07
N ILE A 1132 25.44 78.45 19.38
CA ILE A 1132 26.87 78.64 19.59
C ILE A 1132 27.09 79.68 20.68
N VAL A 1133 28.04 79.41 21.56
CA VAL A 1133 28.34 80.28 22.70
C VAL A 1133 29.64 81.02 22.44
N ASN A 1134 29.93 81.99 23.31
CA ASN A 1134 31.11 82.82 23.17
C ASN A 1134 32.19 82.39 24.16
N ASN A 1135 33.42 82.31 23.68
CA ASN A 1135 34.58 81.98 24.50
C ASN A 1135 35.82 82.42 23.75
N THR A 1136 36.99 82.01 24.24
CA THR A 1136 38.26 82.37 23.63
C THR A 1136 39.07 81.11 23.33
N VAL A 1137 39.84 81.18 22.24
CA VAL A 1137 40.71 80.09 21.82
C VAL A 1137 42.15 80.55 21.95
N TYR A 1138 43.01 79.64 22.43
CA TYR A 1138 44.40 79.97 22.72
C TYR A 1138 45.28 79.65 21.51
N ASP A 1139 46.06 80.63 21.08
CA ASP A 1139 46.98 80.46 19.97
C ASP A 1139 48.40 80.40 20.50
N PRO A 1140 49.10 79.27 20.39
CA PRO A 1140 50.43 79.16 21.01
C PRO A 1140 51.47 80.09 20.43
N LEU A 1141 51.28 80.57 19.20
CA LEU A 1141 52.27 81.44 18.57
C LEU A 1141 52.25 82.86 19.15
N GLN A 1142 51.12 83.31 19.67
CA GLN A 1142 51.02 84.66 20.19
C GLN A 1142 51.95 84.93 21.37
N PRO A 1143 52.00 84.09 22.42
CA PRO A 1143 52.95 84.38 23.50
C PRO A 1143 54.41 84.34 23.06
N GLU A 1144 54.75 83.44 22.13
CA GLU A 1144 56.12 83.38 21.64
C GLU A 1144 56.48 84.63 20.86
N LEU A 1145 55.57 85.13 20.03
CA LEU A 1145 55.85 86.32 19.26
C LEU A 1145 55.80 87.60 20.09
N ASP A 1146 55.03 87.61 21.18
CA ASP A 1146 54.95 88.79 22.02
C ASP A 1146 56.26 89.04 22.76
N SER A 1147 56.85 87.99 23.32
CA SER A 1147 58.09 88.11 24.07
C SER A 1147 59.29 88.21 23.14
N ALA B 27 -35.55 29.72 -37.52
CA ALA B 27 -34.43 30.58 -37.21
C ALA B 27 -33.60 30.02 -36.05
N TYR B 28 -32.47 30.64 -35.77
CA TYR B 28 -31.58 30.23 -34.68
C TYR B 28 -31.53 31.34 -33.63
N THR B 29 -31.02 30.98 -32.46
CA THR B 29 -30.97 31.91 -31.33
C THR B 29 -29.79 31.57 -30.43
N ASN B 30 -29.37 32.56 -29.65
CA ASN B 30 -28.29 32.40 -28.69
C ASN B 30 -28.84 31.85 -27.37
N SER B 31 -28.24 30.75 -26.89
CA SER B 31 -28.70 30.14 -25.65
C SER B 31 -28.36 30.97 -24.43
N PHE B 32 -27.36 31.86 -24.53
CA PHE B 32 -26.90 32.65 -23.39
C PHE B 32 -26.53 31.77 -22.21
N THR B 33 -27.19 31.97 -21.07
CA THR B 33 -26.85 31.26 -19.83
C THR B 33 -28.03 30.49 -19.26
N ARG B 34 -28.98 30.08 -20.10
CA ARG B 34 -30.12 29.32 -19.61
C ARG B 34 -29.80 27.83 -19.59
N GLY B 35 -30.55 27.10 -18.78
CA GLY B 35 -30.42 25.66 -18.71
C GLY B 35 -29.55 25.17 -17.56
N VAL B 36 -29.75 25.73 -16.37
CA VAL B 36 -28.99 25.37 -15.19
C VAL B 36 -29.96 24.95 -14.10
N TYR B 37 -29.71 23.78 -13.51
CA TYR B 37 -30.59 23.20 -12.51
C TYR B 37 -29.76 22.68 -11.34
N TYR B 38 -30.40 22.56 -10.19
CA TYR B 38 -29.74 21.99 -9.03
C TYR B 38 -29.38 20.54 -9.31
N PRO B 39 -28.13 20.12 -9.10
CA PRO B 39 -27.73 18.78 -9.51
C PRO B 39 -28.06 17.68 -8.50
N ASP B 40 -28.17 18.00 -7.22
CA ASP B 40 -28.43 16.98 -6.21
C ASP B 40 -29.28 17.61 -5.10
N LYS B 41 -29.57 16.82 -4.08
CA LYS B 41 -30.45 17.22 -2.99
C LYS B 41 -29.70 17.71 -1.76
N VAL B 42 -28.39 17.86 -1.86
CA VAL B 42 -27.55 18.22 -0.71
C VAL B 42 -27.47 19.74 -0.63
N PHE B 43 -27.57 20.27 0.59
CA PHE B 43 -27.54 21.71 0.77
C PHE B 43 -26.11 22.22 0.87
N ARG B 44 -25.80 23.28 0.13
CA ARG B 44 -24.53 23.96 0.19
C ARG B 44 -24.77 25.46 0.15
N SER B 45 -23.86 26.22 0.75
CA SER B 45 -24.02 27.66 0.80
C SER B 45 -22.66 28.34 0.72
N SER B 46 -22.61 29.43 -0.03
CA SER B 46 -21.39 30.23 -0.23
C SER B 46 -20.21 29.34 -0.57
N VAL B 47 -20.40 28.47 -1.56
CA VAL B 47 -19.38 27.51 -1.95
C VAL B 47 -19.33 27.44 -3.47
N LEU B 48 -18.12 27.41 -4.03
CA LEU B 48 -17.92 27.18 -5.46
C LEU B 48 -17.69 25.69 -5.65
N HIS B 49 -18.70 25.01 -6.18
CA HIS B 49 -18.68 23.56 -6.32
C HIS B 49 -18.56 23.18 -7.78
N SER B 50 -17.65 22.28 -8.09
CA SER B 50 -17.40 21.84 -9.46
C SER B 50 -17.96 20.43 -9.64
N THR B 51 -18.74 20.24 -10.70
CA THR B 51 -19.33 18.94 -10.98
C THR B 51 -19.58 18.79 -12.47
N GLN B 52 -19.54 17.54 -12.94
CA GLN B 52 -19.82 17.22 -14.33
C GLN B 52 -21.23 16.64 -14.42
N ASP B 53 -22.06 17.26 -15.26
CA ASP B 53 -23.44 16.82 -15.42
C ASP B 53 -23.95 17.29 -16.77
N LEU B 54 -25.00 16.62 -17.24
CA LEU B 54 -25.62 16.98 -18.50
C LEU B 54 -26.28 18.35 -18.36
N PHE B 55 -25.77 19.34 -19.08
CA PHE B 55 -26.25 20.71 -19.01
C PHE B 55 -26.43 21.25 -20.42
N LEU B 56 -27.02 22.43 -20.50
CA LEU B 56 -27.11 23.14 -21.77
C LEU B 56 -25.84 23.93 -22.00
N PRO B 57 -25.04 23.59 -23.00
CA PRO B 57 -23.81 24.36 -23.26
C PRO B 57 -24.12 25.82 -23.53
N PHE B 58 -23.29 26.69 -22.99
CA PHE B 58 -23.53 28.12 -23.09
C PHE B 58 -23.35 28.61 -24.53
N PHE B 59 -24.19 29.59 -24.90
CA PHE B 59 -24.12 30.21 -26.22
C PHE B 59 -24.26 29.19 -27.35
N SER B 60 -25.18 28.25 -27.18
CA SER B 60 -25.46 27.26 -28.20
C SER B 60 -26.60 27.74 -29.10
N ASN B 61 -27.01 26.88 -30.03
CA ASN B 61 -28.06 27.19 -30.98
C ASN B 61 -29.33 26.39 -30.66
N VAL B 62 -30.46 27.09 -30.62
CA VAL B 62 -31.76 26.48 -30.38
C VAL B 62 -32.66 26.76 -31.57
N THR B 63 -33.54 25.82 -31.88
CA THR B 63 -34.42 25.96 -33.03
C THR B 63 -35.59 26.88 -32.69
N TRP B 64 -35.82 27.87 -33.56
CA TRP B 64 -36.92 28.82 -33.40
C TRP B 64 -38.08 28.37 -34.28
N PHE B 65 -39.17 27.95 -33.65
CA PHE B 65 -40.34 27.47 -34.36
C PHE B 65 -41.45 28.51 -34.30
N HIS B 66 -42.17 28.65 -35.42
CA HIS B 66 -43.25 29.60 -35.56
C HIS B 66 -44.59 28.89 -35.38
N ALA B 67 -45.64 29.69 -35.19
CA ALA B 67 -47.00 29.19 -34.97
C ALA B 67 -48.00 29.98 -35.80
N ILE B 68 -47.67 30.21 -37.08
CA ILE B 68 -48.53 30.97 -37.98
C ILE B 68 -48.89 30.12 -39.18
N HIS B 69 -50.09 30.35 -39.71
CA HIS B 69 -50.61 29.64 -40.89
C HIS B 69 -50.58 28.13 -40.69
N ASP B 80 -46.88 22.49 -37.79
CA ASP B 80 -45.44 22.51 -37.54
C ASP B 80 -45.07 21.61 -36.37
N ASN B 81 -45.42 20.33 -36.47
CA ASN B 81 -45.15 19.34 -35.43
C ASN B 81 -44.38 18.17 -36.02
N PRO B 82 -43.09 18.33 -36.25
CA PRO B 82 -42.27 17.26 -36.82
C PRO B 82 -41.84 16.28 -35.73
N VAL B 83 -40.95 15.37 -36.13
CA VAL B 83 -40.41 14.35 -35.25
C VAL B 83 -38.93 14.67 -35.02
N LEU B 84 -38.57 14.93 -33.76
CA LEU B 84 -37.21 15.35 -33.41
C LEU B 84 -36.51 14.28 -32.60
N PRO B 85 -35.27 13.93 -32.93
CA PRO B 85 -34.53 12.96 -32.11
C PRO B 85 -34.26 13.50 -30.71
N PHE B 86 -34.16 12.56 -29.75
CA PHE B 86 -33.98 12.91 -28.35
C PHE B 86 -32.52 13.05 -27.94
N ASN B 87 -31.63 12.30 -28.57
CA ASN B 87 -30.18 12.34 -28.29
C ASN B 87 -29.97 12.02 -26.82
N ASP B 88 -29.44 12.93 -26.00
CA ASP B 88 -29.10 12.64 -24.62
C ASP B 88 -29.86 13.52 -23.63
N GLY B 89 -31.10 13.89 -23.94
CA GLY B 89 -31.88 14.76 -23.07
C GLY B 89 -32.30 16.01 -23.81
N VAL B 90 -33.29 16.74 -23.30
CA VAL B 90 -33.81 17.89 -24.02
C VAL B 90 -34.15 19.01 -23.04
N TYR B 91 -33.61 20.21 -23.29
CA TYR B 91 -34.08 21.42 -22.65
C TYR B 91 -35.22 21.99 -23.48
N PHE B 92 -36.34 22.27 -22.83
CA PHE B 92 -37.54 22.75 -23.48
C PHE B 92 -37.88 24.11 -22.89
N ALA B 93 -38.45 24.99 -23.70
CA ALA B 93 -38.82 26.29 -23.19
C ALA B 93 -40.02 26.81 -23.94
N SER B 94 -40.84 27.62 -23.27
CA SER B 94 -41.96 28.26 -23.93
C SER B 94 -42.20 29.62 -23.30
N THR B 95 -42.80 30.51 -24.07
CA THR B 95 -43.36 31.75 -23.55
C THR B 95 -44.82 31.79 -23.95
N GLU B 96 -45.68 32.08 -22.99
CA GLU B 96 -47.10 31.81 -23.16
C GLU B 96 -47.94 33.05 -22.91
N LYS B 97 -49.02 33.15 -23.69
CA LYS B 97 -50.02 34.19 -23.52
C LYS B 97 -51.45 33.68 -23.58
N SER B 98 -51.70 32.47 -24.11
CA SER B 98 -53.06 31.96 -24.21
C SER B 98 -53.16 30.47 -23.89
N ASN B 99 -52.11 29.87 -23.33
CA ASN B 99 -52.10 28.47 -22.92
C ASN B 99 -52.44 27.54 -24.09
N ILE B 100 -51.80 27.79 -25.23
CA ILE B 100 -52.00 26.92 -26.40
C ILE B 100 -51.40 25.55 -26.15
N ILE B 101 -50.18 25.51 -25.63
CA ILE B 101 -49.51 24.24 -25.35
C ILE B 101 -50.15 23.60 -24.12
N ARG B 102 -50.55 22.34 -24.25
CA ARG B 102 -51.25 21.65 -23.17
C ARG B 102 -50.71 20.27 -22.85
N GLY B 103 -49.85 19.69 -23.66
CA GLY B 103 -49.41 18.33 -23.38
C GLY B 103 -48.17 17.94 -24.15
N TRP B 104 -47.56 16.86 -23.69
CA TRP B 104 -46.33 16.33 -24.27
C TRP B 104 -46.47 14.82 -24.48
N ILE B 105 -45.88 14.32 -25.56
CA ILE B 105 -45.80 12.88 -25.81
C ILE B 105 -44.35 12.54 -26.14
N PHE B 106 -43.87 11.42 -25.59
CA PHE B 106 -42.50 10.96 -25.79
C PHE B 106 -42.51 9.46 -26.04
N GLY B 107 -41.54 8.99 -26.83
CA GLY B 107 -41.41 7.57 -27.06
C GLY B 107 -40.41 7.21 -28.14
N THR B 108 -40.67 6.12 -28.85
CA THR B 108 -39.81 5.66 -29.94
C THR B 108 -40.53 5.47 -31.26
N THR B 109 -41.77 4.95 -31.23
CA THR B 109 -42.54 4.74 -32.45
C THR B 109 -43.86 5.46 -32.48
N LEU B 110 -44.53 5.64 -31.33
CA LEU B 110 -45.73 6.47 -31.22
C LEU B 110 -46.86 5.97 -32.11
N ASP B 111 -47.02 4.65 -32.19
CA ASP B 111 -48.10 4.05 -32.98
C ASP B 111 -48.74 2.90 -32.23
N SER B 112 -48.88 3.06 -30.90
CA SER B 112 -49.46 2.06 -30.00
C SER B 112 -48.70 0.74 -29.99
N LYS B 113 -47.47 0.72 -30.54
CA LYS B 113 -46.65 -0.49 -30.52
C LYS B 113 -45.77 -0.57 -29.28
N THR B 114 -45.32 0.58 -28.77
CA THR B 114 -44.49 0.63 -27.57
C THR B 114 -45.06 1.67 -26.62
N GLN B 115 -44.68 1.55 -25.35
CA GLN B 115 -45.16 2.48 -24.33
C GLN B 115 -44.61 3.88 -24.58
N SER B 116 -45.49 4.87 -24.48
CA SER B 116 -45.13 6.26 -24.74
C SER B 116 -45.60 7.12 -23.58
N LEU B 117 -44.71 7.93 -23.04
CA LEU B 117 -45.07 8.81 -21.93
C LEU B 117 -45.94 9.94 -22.44
N LEU B 118 -47.06 10.17 -21.77
CA LEU B 118 -48.04 11.15 -22.22
C LEU B 118 -48.47 11.99 -21.03
N ILE B 119 -48.22 13.29 -21.10
CA ILE B 119 -48.46 14.22 -19.99
C ILE B 119 -49.47 15.26 -20.46
N VAL B 120 -50.57 15.41 -19.71
CA VAL B 120 -51.58 16.42 -20.01
C VAL B 120 -51.94 17.15 -18.73
N ASN B 121 -51.90 18.48 -18.77
CA ASN B 121 -52.43 19.32 -17.71
C ASN B 121 -53.66 20.05 -18.27
N ASN B 122 -54.83 19.70 -17.75
CA ASN B 122 -56.09 20.31 -18.16
C ASN B 122 -56.61 21.15 -16.99
N ALA B 123 -56.66 22.47 -17.19
CA ALA B 123 -57.10 23.41 -16.17
C ALA B 123 -56.26 23.26 -14.90
N THR B 124 -56.82 22.64 -13.87
CA THR B 124 -56.14 22.45 -12.60
C THR B 124 -55.87 20.98 -12.29
N ASN B 125 -55.83 20.13 -13.32
CA ASN B 125 -55.63 18.70 -13.16
C ASN B 125 -54.43 18.26 -13.99
N VAL B 126 -53.65 17.33 -13.44
CA VAL B 126 -52.45 16.82 -14.09
C VAL B 126 -52.56 15.31 -14.22
N VAL B 127 -52.31 14.79 -15.42
CA VAL B 127 -52.42 13.38 -15.73
C VAL B 127 -51.14 12.92 -16.42
N ILE B 128 -50.53 11.86 -15.88
CA ILE B 128 -49.37 11.22 -16.46
C ILE B 128 -49.78 9.80 -16.83
N LYS B 129 -49.51 9.39 -18.07
CA LYS B 129 -49.95 8.09 -18.53
C LYS B 129 -48.85 7.40 -19.32
N VAL B 130 -48.71 6.09 -19.10
CA VAL B 130 -47.70 5.28 -19.77
C VAL B 130 -48.40 4.15 -20.53
N CYS B 131 -49.73 4.23 -20.62
CA CYS B 131 -50.48 3.23 -21.36
C CYS B 131 -50.24 3.37 -22.85
N GLU B 132 -50.39 2.25 -23.57
CA GLU B 132 -50.13 2.21 -25.01
C GLU B 132 -51.35 2.72 -25.77
N PHE B 133 -51.49 4.05 -25.76
CA PHE B 133 -52.56 4.71 -26.48
C PHE B 133 -52.38 4.53 -27.99
N GLN B 134 -53.51 4.43 -28.69
CA GLN B 134 -53.49 4.41 -30.16
C GLN B 134 -53.66 5.85 -30.62
N PHE B 135 -52.52 6.50 -30.87
CA PHE B 135 -52.54 7.91 -31.25
C PHE B 135 -53.26 8.09 -32.59
N CYS B 136 -53.88 9.25 -32.75
CA CYS B 136 -54.49 9.59 -34.03
C CYS B 136 -53.41 9.83 -35.08
N ASN B 137 -53.85 9.88 -36.34
CA ASN B 137 -52.91 10.07 -37.44
C ASN B 137 -52.16 11.39 -37.31
N ASP B 138 -52.89 12.46 -36.98
CA ASP B 138 -52.30 13.78 -36.76
C ASP B 138 -52.84 14.31 -35.44
N PRO B 139 -52.20 13.97 -34.32
CA PRO B 139 -52.69 14.41 -33.01
C PRO B 139 -52.71 15.93 -32.91
N PHE B 140 -53.76 16.45 -32.27
CA PHE B 140 -53.93 17.88 -32.07
C PHE B 140 -55.07 18.08 -31.08
N LEU B 141 -55.07 19.23 -30.43
CA LEU B 141 -56.12 19.61 -29.49
C LEU B 141 -56.85 20.84 -30.01
N GLY B 142 -58.19 20.78 -29.99
CA GLY B 142 -58.99 21.87 -30.51
C GLY B 142 -59.20 22.99 -29.51
N VAL B 143 -59.80 24.08 -30.01
CA VAL B 143 -60.11 25.23 -29.18
C VAL B 143 -61.60 25.57 -29.31
N ASN B 165 -52.68 -2.74 -23.04
CA ASN B 165 -51.43 -3.07 -22.35
C ASN B 165 -50.87 -1.86 -21.62
N CYS B 166 -51.54 -1.46 -20.55
CA CYS B 166 -51.14 -0.31 -19.74
C CYS B 166 -50.59 -0.78 -18.40
N THR B 167 -49.46 -0.19 -17.99
CA THR B 167 -48.79 -0.58 -16.76
C THR B 167 -48.59 0.57 -15.77
N PHE B 168 -49.06 1.77 -16.08
CA PHE B 168 -48.84 2.92 -15.20
C PHE B 168 -49.77 4.06 -15.57
N GLU B 169 -50.54 4.55 -14.60
CA GLU B 169 -51.32 5.77 -14.73
C GLU B 169 -51.28 6.52 -13.40
N TYR B 170 -51.05 7.83 -13.46
CA TYR B 170 -50.96 8.63 -12.26
C TYR B 170 -51.71 9.93 -12.44
N VAL B 171 -52.47 10.33 -11.43
CA VAL B 171 -53.24 11.56 -11.43
C VAL B 171 -52.96 12.31 -10.14
N SER B 172 -52.65 13.59 -10.25
CA SER B 172 -52.36 14.42 -9.07
C SER B 172 -53.62 15.12 -8.58
N PHE B 186 -45.06 38.78 -25.39
CA PHE B 186 -45.11 37.67 -24.45
C PHE B 186 -44.73 38.15 -23.04
N LYS B 187 -45.42 37.64 -22.03
CA LYS B 187 -45.28 38.13 -20.67
C LYS B 187 -44.92 37.09 -19.63
N ASN B 188 -44.96 35.79 -19.97
CA ASN B 188 -44.56 34.76 -19.02
C ASN B 188 -43.71 33.72 -19.73
N LEU B 189 -42.58 33.38 -19.12
CA LEU B 189 -41.62 32.43 -19.68
C LEU B 189 -41.50 31.24 -18.75
N ARG B 190 -41.69 30.04 -19.29
CA ARG B 190 -41.67 28.81 -18.50
C ARG B 190 -40.68 27.85 -19.15
N GLU B 191 -39.72 27.39 -18.36
CA GLU B 191 -38.63 26.55 -18.84
C GLU B 191 -38.69 25.17 -18.20
N PHE B 192 -38.32 24.15 -18.99
CA PHE B 192 -38.27 22.77 -18.55
C PHE B 192 -36.94 22.15 -18.96
N VAL B 193 -36.53 21.14 -18.21
CA VAL B 193 -35.45 20.23 -18.59
C VAL B 193 -35.95 18.82 -18.42
N PHE B 194 -35.77 17.99 -19.45
CA PHE B 194 -36.22 16.61 -19.47
C PHE B 194 -35.01 15.70 -19.65
N LYS B 195 -34.85 14.73 -18.75
CA LYS B 195 -33.74 13.79 -18.87
C LYS B 195 -34.15 12.43 -18.31
N ASN B 196 -33.45 11.40 -18.74
CA ASN B 196 -33.61 10.04 -18.22
C ASN B 196 -32.26 9.54 -17.73
N ILE B 197 -32.20 9.17 -16.45
CA ILE B 197 -30.97 8.70 -15.82
C ILE B 197 -31.32 7.45 -15.00
N ASP B 198 -30.81 6.30 -15.45
CA ASP B 198 -30.99 5.02 -14.74
C ASP B 198 -32.46 4.73 -14.47
N GLY B 199 -33.28 4.86 -15.52
CA GLY B 199 -34.69 4.61 -15.40
C GLY B 199 -35.46 5.68 -14.66
N TYR B 200 -34.80 6.74 -14.22
CA TYR B 200 -35.45 7.85 -13.54
C TYR B 200 -35.68 8.97 -14.55
N PHE B 201 -36.94 9.28 -14.81
CA PHE B 201 -37.33 10.40 -15.65
C PHE B 201 -37.38 11.64 -14.77
N LYS B 202 -36.46 12.57 -15.01
CA LYS B 202 -36.37 13.80 -14.24
C LYS B 202 -36.85 14.97 -15.09
N ILE B 203 -37.79 15.73 -14.52
CA ILE B 203 -38.38 16.89 -15.16
C ILE B 203 -38.21 18.07 -14.22
N TYR B 204 -37.52 19.12 -14.69
CA TYR B 204 -37.36 20.35 -13.93
C TYR B 204 -38.11 21.46 -14.66
N SER B 205 -38.70 22.38 -13.89
CA SER B 205 -39.45 23.45 -14.52
C SER B 205 -39.43 24.69 -13.64
N LYS B 206 -39.63 25.83 -14.28
CA LYS B 206 -39.79 27.10 -13.56
C LYS B 206 -40.53 28.10 -14.44
N HIS B 207 -41.49 28.79 -13.83
CA HIS B 207 -42.25 29.84 -14.51
C HIS B 207 -41.83 31.19 -13.93
N THR B 208 -41.64 32.17 -14.81
CA THR B 208 -41.18 33.49 -14.40
C THR B 208 -41.89 34.56 -15.20
N PRO B 209 -42.06 35.75 -14.62
CA PRO B 209 -42.58 36.88 -15.39
C PRO B 209 -41.46 37.64 -16.10
N ILE B 210 -41.68 37.91 -17.39
CA ILE B 210 -40.72 38.63 -18.20
C ILE B 210 -41.46 39.75 -18.92
N ASN B 211 -40.69 40.76 -19.36
CA ASN B 211 -41.22 41.84 -20.19
C ASN B 211 -40.29 41.96 -21.40
N LEU B 212 -40.56 41.14 -22.42
CA LEU B 212 -39.79 41.15 -23.66
C LEU B 212 -40.48 40.23 -24.66
N VAL B 213 -40.70 40.72 -25.89
CA VAL B 213 -41.40 39.95 -26.90
C VAL B 213 -40.48 39.47 -28.02
N ARG B 214 -39.37 40.17 -28.28
CA ARG B 214 -38.53 39.84 -29.42
C ARG B 214 -37.85 38.49 -29.24
N ASP B 215 -37.22 38.28 -28.09
CA ASP B 215 -36.39 37.09 -27.91
C ASP B 215 -36.26 36.79 -26.42
N LEU B 216 -35.39 35.83 -26.13
CA LEU B 216 -35.16 35.39 -24.76
C LEU B 216 -34.47 36.49 -23.96
N PRO B 217 -34.96 36.84 -22.78
CA PRO B 217 -34.27 37.86 -21.97
C PRO B 217 -32.96 37.34 -21.42
N GLN B 218 -31.96 38.22 -21.38
CA GLN B 218 -30.64 37.87 -20.88
C GLN B 218 -30.61 37.91 -19.36
N GLY B 219 -30.01 36.89 -18.77
CA GLY B 219 -29.92 36.80 -17.33
C GLY B 219 -29.71 35.36 -16.90
N PHE B 220 -29.87 35.13 -15.60
CA PHE B 220 -29.69 33.82 -15.00
C PHE B 220 -30.83 33.50 -14.06
N SER B 221 -31.33 32.27 -14.13
CA SER B 221 -32.39 31.81 -13.24
C SER B 221 -32.18 30.32 -12.97
N ALA B 222 -32.22 29.96 -11.69
CA ALA B 222 -32.02 28.57 -11.30
C ALA B 222 -33.27 27.75 -11.57
N LEU B 223 -33.07 26.47 -11.85
CA LEU B 223 -34.16 25.55 -12.13
C LEU B 223 -34.31 24.59 -10.95
N GLU B 224 -35.53 24.49 -10.43
CA GLU B 224 -35.76 23.62 -9.29
C GLU B 224 -36.53 22.36 -9.69
N PRO B 225 -36.31 21.26 -8.99
CA PRO B 225 -37.04 20.02 -9.31
C PRO B 225 -38.38 19.93 -8.61
N LEU B 226 -39.34 19.33 -9.31
CA LEU B 226 -40.68 19.08 -8.78
C LEU B 226 -41.03 17.61 -8.75
N VAL B 227 -40.86 16.89 -9.86
CA VAL B 227 -41.33 15.52 -9.98
C VAL B 227 -40.21 14.65 -10.54
N ASP B 228 -40.14 13.42 -10.04
CA ASP B 228 -39.28 12.37 -10.58
C ASP B 228 -40.14 11.12 -10.75
N LEU B 229 -40.03 10.47 -11.91
CA LEU B 229 -40.88 9.33 -12.23
C LEU B 229 -40.04 8.12 -12.57
N PRO B 230 -40.22 6.99 -11.90
CA PRO B 230 -39.42 5.78 -12.21
C PRO B 230 -40.06 4.94 -13.33
N ILE B 231 -40.18 5.54 -14.50
CA ILE B 231 -40.89 4.87 -15.59
C ILE B 231 -39.98 3.88 -16.30
N GLY B 232 -38.91 4.35 -16.92
CA GLY B 232 -38.01 3.47 -17.64
C GLY B 232 -38.33 3.29 -19.11
N ILE B 233 -38.50 4.38 -19.85
CA ILE B 233 -38.78 4.34 -21.28
C ILE B 233 -37.56 4.83 -22.03
N ASN B 234 -37.15 4.07 -23.05
CA ASN B 234 -36.07 4.50 -23.94
C ASN B 234 -36.66 5.46 -24.97
N ILE B 235 -36.59 6.76 -24.68
CA ILE B 235 -37.19 7.78 -25.54
C ILE B 235 -36.15 8.25 -26.54
N THR B 236 -36.49 8.15 -27.82
CA THR B 236 -35.66 8.69 -28.89
C THR B 236 -36.36 9.74 -29.74
N ARG B 237 -37.69 9.80 -29.71
CA ARG B 237 -38.46 10.80 -30.44
C ARG B 237 -39.53 11.37 -29.51
N PHE B 238 -40.01 12.57 -29.84
CA PHE B 238 -41.02 13.21 -29.01
C PHE B 238 -41.93 14.07 -29.89
N GLN B 239 -42.86 14.76 -29.22
CA GLN B 239 -43.74 15.72 -29.86
C GLN B 239 -44.47 16.50 -28.78
N THR B 240 -44.77 17.75 -29.07
CA THR B 240 -45.59 18.58 -28.21
C THR B 240 -47.04 18.54 -28.69
N LEU B 241 -47.92 19.22 -27.97
CA LEU B 241 -49.33 19.29 -28.37
C LEU B 241 -49.71 20.76 -28.54
N LEU B 242 -49.88 21.17 -29.79
CA LEU B 242 -50.30 22.52 -30.14
C LEU B 242 -51.80 22.55 -30.36
N ALA B 243 -52.41 23.66 -29.97
CA ALA B 243 -53.86 23.85 -30.13
C ALA B 243 -54.12 24.51 -31.48
N LEU B 244 -54.87 23.83 -32.34
CA LEU B 244 -55.14 24.30 -33.69
C LEU B 244 -56.62 24.55 -33.89
N HIS B 245 -56.94 25.60 -34.62
CA HIS B 245 -58.33 25.96 -34.91
C HIS B 245 -58.82 25.22 -36.15
N ALA B 263 -47.41 32.04 -29.13
CA ALA B 263 -46.94 31.11 -28.11
C ALA B 263 -45.79 30.25 -28.64
N ALA B 264 -44.70 30.91 -29.01
CA ALA B 264 -43.56 30.19 -29.56
C ALA B 264 -42.85 29.39 -28.47
N TYR B 265 -41.99 28.49 -28.89
CA TYR B 265 -41.25 27.63 -27.97
C TYR B 265 -39.87 27.37 -28.55
N TYR B 266 -38.98 26.86 -27.69
CA TYR B 266 -37.60 26.64 -28.05
C TYR B 266 -37.16 25.26 -27.57
N VAL B 267 -36.29 24.63 -28.35
CA VAL B 267 -35.77 23.30 -28.05
C VAL B 267 -34.25 23.35 -28.11
N GLY B 268 -33.60 22.97 -27.01
CA GLY B 268 -32.15 22.87 -26.98
C GLY B 268 -31.73 21.49 -26.49
N TYR B 269 -30.47 21.15 -26.76
CA TYR B 269 -29.96 19.81 -26.51
C TYR B 269 -28.86 19.85 -25.46
N LEU B 270 -28.86 18.85 -24.58
CA LEU B 270 -27.93 18.78 -23.46
C LEU B 270 -26.67 18.02 -23.83
N GLN B 271 -25.60 18.34 -23.13
CA GLN B 271 -24.29 17.73 -23.34
C GLN B 271 -23.61 17.54 -21.99
N PRO B 272 -22.67 16.60 -21.90
CA PRO B 272 -21.90 16.40 -20.65
C PRO B 272 -20.77 17.41 -20.43
N ARG B 273 -21.13 18.56 -19.88
CA ARG B 273 -20.18 19.64 -19.63
C ARG B 273 -19.97 19.87 -18.14
N THR B 274 -18.72 20.05 -17.74
CA THR B 274 -18.38 20.37 -16.36
C THR B 274 -18.78 21.81 -16.06
N PHE B 275 -19.33 22.03 -14.86
CA PHE B 275 -19.79 23.34 -14.44
C PHE B 275 -19.30 23.64 -13.03
N LEU B 276 -19.03 24.91 -12.79
CA LEU B 276 -18.63 25.42 -11.48
C LEU B 276 -19.71 26.38 -11.00
N LEU B 277 -20.51 25.93 -10.03
CA LEU B 277 -21.66 26.69 -9.55
C LEU B 277 -21.31 27.41 -8.26
N LYS B 278 -21.82 28.64 -8.12
CA LYS B 278 -21.57 29.47 -6.96
C LYS B 278 -22.82 29.50 -6.08
N TYR B 279 -22.83 28.69 -5.03
CA TYR B 279 -23.92 28.70 -4.08
C TYR B 279 -23.77 29.88 -3.13
N ASN B 280 -24.77 30.75 -3.10
CA ASN B 280 -24.73 31.93 -2.26
C ASN B 280 -25.05 31.55 -0.82
N GLU B 281 -25.30 32.55 0.03
CA GLU B 281 -25.54 32.29 1.45
C GLU B 281 -26.89 31.63 1.70
N ASN B 282 -27.82 31.70 0.76
CA ASN B 282 -29.14 31.11 0.93
C ASN B 282 -29.31 29.80 0.15
N GLY B 283 -28.23 29.24 -0.38
CA GLY B 283 -28.30 27.97 -1.07
C GLY B 283 -28.78 28.03 -2.50
N THR B 284 -28.91 29.22 -3.07
CA THR B 284 -29.40 29.39 -4.43
C THR B 284 -28.23 29.68 -5.37
N ILE B 285 -28.12 28.90 -6.43
CA ILE B 285 -27.04 29.08 -7.39
C ILE B 285 -27.32 30.32 -8.22
N THR B 286 -26.51 31.37 -8.02
CA THR B 286 -26.68 32.63 -8.72
C THR B 286 -25.75 32.79 -9.91
N ASP B 287 -24.69 31.98 -10.01
CA ASP B 287 -23.76 32.12 -11.11
C ASP B 287 -23.08 30.79 -11.39
N ALA B 288 -22.67 30.62 -12.64
CA ALA B 288 -21.95 29.43 -13.09
C ALA B 288 -21.17 29.80 -14.33
N VAL B 289 -20.12 29.03 -14.60
CA VAL B 289 -19.25 29.25 -15.75
C VAL B 289 -19.15 27.97 -16.56
N ASP B 290 -19.20 28.11 -17.88
CA ASP B 290 -19.03 26.97 -18.78
C ASP B 290 -17.56 26.62 -18.83
N CYS B 291 -17.19 25.49 -18.22
CA CYS B 291 -15.77 25.20 -17.96
C CYS B 291 -14.96 24.98 -19.23
N ALA B 292 -15.59 24.65 -20.35
CA ALA B 292 -14.87 24.37 -21.58
C ALA B 292 -15.21 25.31 -22.72
N LEU B 293 -15.82 26.46 -22.41
CA LEU B 293 -16.24 27.37 -23.46
C LEU B 293 -15.06 28.07 -24.12
N ASP B 294 -14.12 28.56 -23.33
CA ASP B 294 -13.02 29.37 -23.84
C ASP B 294 -11.88 29.30 -22.83
N PRO B 295 -10.65 29.66 -23.24
CA PRO B 295 -9.51 29.55 -22.32
C PRO B 295 -9.66 30.32 -21.03
N LEU B 296 -10.34 31.47 -21.05
CA LEU B 296 -10.54 32.22 -19.82
C LEU B 296 -11.33 31.41 -18.81
N SER B 297 -12.38 30.72 -19.28
CA SER B 297 -13.14 29.86 -18.38
C SER B 297 -12.31 28.68 -17.90
N GLU B 298 -11.40 28.18 -18.73
CA GLU B 298 -10.49 27.12 -18.29
C GLU B 298 -9.61 27.60 -17.14
N THR B 299 -9.08 28.82 -17.26
CA THR B 299 -8.28 29.38 -16.17
C THR B 299 -9.13 29.55 -14.92
N LYS B 300 -10.37 30.01 -15.08
CA LYS B 300 -11.27 30.17 -13.93
C LYS B 300 -11.50 28.84 -13.24
N CYS B 301 -11.69 27.78 -14.02
CA CYS B 301 -11.86 26.44 -13.44
C CYS B 301 -10.61 26.00 -12.71
N THR B 302 -9.43 26.22 -13.30
CA THR B 302 -8.19 25.78 -12.67
C THR B 302 -7.97 26.49 -11.34
N LEU B 303 -8.20 27.80 -11.30
CA LEU B 303 -7.98 28.55 -10.07
C LEU B 303 -9.15 28.45 -9.08
N LYS B 304 -10.27 27.85 -9.49
CA LYS B 304 -11.44 27.68 -8.62
C LYS B 304 -11.92 29.03 -8.07
N SER B 305 -12.04 30.01 -8.95
CA SER B 305 -12.51 31.34 -8.53
C SER B 305 -13.08 32.06 -9.75
N PHE B 306 -13.85 33.12 -9.45
CA PHE B 306 -14.47 33.95 -10.47
C PHE B 306 -13.62 35.14 -10.87
N THR B 307 -12.49 35.36 -10.21
CA THR B 307 -11.61 36.47 -10.52
C THR B 307 -10.20 35.95 -10.67
N VAL B 308 -9.54 36.32 -11.77
CA VAL B 308 -8.19 35.88 -12.06
C VAL B 308 -7.28 37.11 -12.03
N GLU B 309 -6.23 37.04 -11.22
CA GLU B 309 -5.30 38.15 -11.09
C GLU B 309 -4.35 38.20 -12.30
N LYS B 310 -3.71 39.34 -12.46
CA LYS B 310 -2.79 39.54 -13.57
C LYS B 310 -1.62 38.57 -13.48
N GLY B 311 -1.30 37.92 -14.60
CA GLY B 311 -0.21 36.98 -14.64
C GLY B 311 -0.45 35.95 -15.72
N ILE B 312 0.43 34.94 -15.74
CA ILE B 312 0.36 33.85 -16.70
C ILE B 312 0.17 32.55 -15.94
N TYR B 313 -0.80 31.75 -16.36
CA TYR B 313 -1.19 30.54 -15.64
C TYR B 313 -1.12 29.34 -16.57
N GLN B 314 -0.90 28.16 -15.98
CA GLN B 314 -0.93 26.89 -16.69
C GLN B 314 -2.24 26.20 -16.38
N THR B 315 -2.98 25.81 -17.43
CA THR B 315 -4.33 25.31 -17.23
C THR B 315 -4.58 23.91 -17.75
N SER B 316 -3.90 23.47 -18.81
CA SER B 316 -4.18 22.16 -19.39
C SER B 316 -3.01 21.75 -20.28
N ASN B 317 -3.18 20.62 -20.97
CA ASN B 317 -2.16 20.10 -21.87
C ASN B 317 -2.80 19.76 -23.21
N PHE B 318 -2.15 20.20 -24.29
CA PHE B 318 -2.59 19.89 -25.64
C PHE B 318 -1.92 18.61 -26.11
N ARG B 319 -2.69 17.72 -26.72
CA ARG B 319 -2.18 16.46 -27.25
C ARG B 319 -2.92 16.12 -28.54
N VAL B 320 -2.17 15.73 -29.57
CA VAL B 320 -2.77 15.38 -30.84
C VAL B 320 -3.40 14.01 -30.75
N GLN B 321 -4.63 13.88 -31.26
CA GLN B 321 -5.29 12.59 -31.18
C GLN B 321 -5.02 11.76 -32.44
N PRO B 322 -4.94 10.44 -32.30
CA PRO B 322 -4.72 9.59 -33.47
C PRO B 322 -5.88 9.64 -34.45
N THR B 323 -5.58 9.41 -35.72
CA THR B 323 -6.57 9.51 -36.78
C THR B 323 -7.10 8.15 -37.24
N GLU B 324 -6.26 7.11 -37.27
CA GLU B 324 -6.71 5.82 -37.78
C GLU B 324 -5.91 4.70 -37.14
N SER B 325 -6.45 3.48 -37.25
CA SER B 325 -5.87 2.29 -36.66
C SER B 325 -5.27 1.39 -37.74
N ILE B 326 -4.09 0.84 -37.44
CA ILE B 326 -3.35 -0.01 -38.37
C ILE B 326 -3.03 -1.32 -37.66
N VAL B 327 -3.59 -2.42 -38.14
CA VAL B 327 -3.38 -3.74 -37.57
C VAL B 327 -2.61 -4.59 -38.58
N ARG B 328 -1.51 -5.18 -38.14
CA ARG B 328 -0.68 -6.00 -39.01
C ARG B 328 -0.42 -7.36 -38.38
N PHE B 329 -0.68 -8.42 -39.13
CA PHE B 329 -0.47 -9.80 -38.73
C PHE B 329 0.17 -10.56 -39.87
N PRO B 330 0.84 -11.68 -39.57
CA PRO B 330 1.40 -12.50 -40.65
C PRO B 330 0.31 -13.07 -41.54
N ASN B 331 0.68 -13.32 -42.80
CA ASN B 331 -0.28 -13.79 -43.81
C ASN B 331 -0.21 -15.31 -43.93
N ILE B 332 -0.82 -15.98 -42.96
CA ILE B 332 -0.92 -17.43 -42.94
C ILE B 332 -2.38 -17.84 -42.98
N THR B 333 -2.64 -19.04 -43.50
CA THR B 333 -4.00 -19.53 -43.68
C THR B 333 -4.26 -20.91 -43.10
N ASN B 334 -3.24 -21.65 -42.70
CA ASN B 334 -3.45 -23.01 -42.21
C ASN B 334 -4.22 -23.00 -40.90
N LEU B 335 -5.15 -23.94 -40.76
CA LEU B 335 -5.98 -24.03 -39.56
C LEU B 335 -5.34 -24.96 -38.53
N CYS B 336 -5.31 -24.52 -37.29
CA CYS B 336 -4.72 -25.30 -36.22
C CYS B 336 -5.56 -26.53 -35.94
N PRO B 337 -4.96 -27.71 -35.75
CA PRO B 337 -5.72 -28.94 -35.53
C PRO B 337 -6.14 -29.12 -34.07
N PHE B 338 -7.04 -28.25 -33.61
CA PHE B 338 -7.56 -28.37 -32.26
C PHE B 338 -8.44 -29.61 -32.12
N GLY B 339 -9.24 -29.90 -33.15
CA GLY B 339 -10.10 -31.07 -33.11
C GLY B 339 -9.35 -32.39 -33.14
N GLU B 340 -8.09 -32.37 -33.59
CA GLU B 340 -7.28 -33.58 -33.58
C GLU B 340 -7.05 -34.07 -32.15
N VAL B 341 -6.83 -33.14 -31.23
CA VAL B 341 -6.61 -33.51 -29.82
C VAL B 341 -7.89 -33.44 -29.00
N PHE B 342 -8.85 -32.58 -29.37
CA PHE B 342 -10.00 -32.35 -28.46
C PHE B 342 -11.06 -33.44 -28.68
N ASN B 343 -10.98 -34.14 -29.80
CA ASN B 343 -11.83 -35.34 -30.03
C ASN B 343 -11.13 -36.58 -29.43
N ALA B 344 -10.69 -37.49 -30.30
CA ALA B 344 -9.82 -38.63 -29.91
C ALA B 344 -10.62 -39.68 -29.11
N THR B 345 -10.60 -40.92 -29.59
CA THR B 345 -11.32 -42.03 -28.99
C THR B 345 -10.80 -42.33 -27.59
N ARG B 346 -9.49 -42.46 -27.43
CA ARG B 346 -8.91 -42.78 -26.14
C ARG B 346 -7.78 -41.81 -25.83
N PHE B 347 -7.72 -41.37 -24.57
CA PHE B 347 -6.69 -40.47 -24.11
C PHE B 347 -5.55 -41.25 -23.46
N ALA B 348 -4.39 -40.61 -23.37
CA ALA B 348 -3.25 -41.24 -22.73
C ALA B 348 -3.46 -41.31 -21.22
N SER B 349 -2.74 -42.23 -20.59
CA SER B 349 -2.82 -42.41 -19.15
C SER B 349 -2.24 -41.19 -18.43
N VAL B 350 -2.68 -40.99 -17.19
CA VAL B 350 -2.29 -39.79 -16.45
C VAL B 350 -0.80 -39.78 -16.17
N TYR B 351 -0.19 -40.96 -15.98
CA TYR B 351 1.23 -41.02 -15.66
C TYR B 351 2.12 -41.01 -16.89
N ALA B 352 1.56 -41.12 -18.10
CA ALA B 352 2.33 -41.08 -19.33
C ALA B 352 1.64 -40.16 -20.35
N TRP B 353 1.25 -38.97 -19.88
CA TRP B 353 0.51 -38.04 -20.71
C TRP B 353 1.34 -37.60 -21.91
N ASN B 354 0.71 -37.57 -23.08
CA ASN B 354 1.38 -37.11 -24.28
C ASN B 354 1.43 -35.59 -24.32
N ARG B 355 2.23 -35.06 -25.24
CA ARG B 355 2.37 -33.63 -25.42
C ARG B 355 2.30 -33.31 -26.91
N LYS B 356 1.44 -32.38 -27.28
CA LYS B 356 1.19 -32.02 -28.66
C LYS B 356 1.67 -30.60 -28.92
N ARG B 357 2.29 -30.40 -30.09
CA ARG B 357 2.85 -29.12 -30.49
C ARG B 357 1.89 -28.43 -31.45
N ILE B 358 1.63 -27.15 -31.21
CA ILE B 358 0.82 -26.34 -32.12
C ILE B 358 1.63 -25.10 -32.48
N SER B 359 1.94 -24.96 -33.77
CA SER B 359 2.66 -23.83 -34.32
C SER B 359 2.38 -23.77 -35.81
N ASN B 360 2.61 -22.57 -36.38
CA ASN B 360 2.46 -22.32 -37.81
C ASN B 360 1.03 -22.57 -38.29
N CYS B 361 0.10 -21.86 -37.66
CA CYS B 361 -1.31 -21.93 -38.05
C CYS B 361 -2.05 -20.78 -37.39
N VAL B 362 -3.30 -20.59 -37.82
CA VAL B 362 -4.20 -19.60 -37.23
C VAL B 362 -5.29 -20.35 -36.47
N ALA B 363 -5.51 -19.95 -35.22
CA ALA B 363 -6.44 -20.63 -34.33
C ALA B 363 -7.59 -19.72 -33.97
N ASP B 364 -8.77 -20.32 -33.80
CA ASP B 364 -9.99 -19.60 -33.43
C ASP B 364 -10.46 -20.15 -32.09
N TYR B 365 -10.05 -19.50 -31.01
CA TYR B 365 -10.47 -19.90 -29.67
C TYR B 365 -11.93 -19.58 -29.39
N SER B 366 -12.57 -18.76 -30.23
CA SER B 366 -13.98 -18.45 -30.02
C SER B 366 -14.85 -19.69 -30.18
N VAL B 367 -14.57 -20.51 -31.20
CA VAL B 367 -15.37 -21.71 -31.42
C VAL B 367 -15.20 -22.69 -30.28
N LEU B 368 -14.04 -22.68 -29.62
CA LEU B 368 -13.83 -23.56 -28.48
C LEU B 368 -14.51 -23.01 -27.23
N TYR B 369 -14.47 -21.70 -27.02
CA TYR B 369 -15.04 -21.11 -25.82
C TYR B 369 -16.57 -21.21 -25.84
N ASN B 370 -17.19 -20.96 -26.99
CA ASN B 370 -18.64 -20.91 -27.06
C ASN B 370 -19.29 -22.26 -26.77
N SER B 371 -18.57 -23.36 -26.96
CA SER B 371 -19.14 -24.67 -26.69
C SER B 371 -19.46 -24.81 -25.21
N ALA B 372 -20.65 -25.35 -24.92
CA ALA B 372 -21.12 -25.50 -23.55
C ALA B 372 -20.87 -26.89 -22.99
N SER B 373 -20.22 -27.78 -23.75
CA SER B 373 -19.96 -29.12 -23.27
C SER B 373 -19.04 -29.12 -22.06
N PHE B 374 -18.03 -28.25 -22.07
CA PHE B 374 -17.06 -28.23 -20.99
C PHE B 374 -17.71 -27.83 -19.67
N SER B 375 -17.31 -28.50 -18.59
CA SER B 375 -17.82 -28.20 -17.26
C SER B 375 -16.88 -27.33 -16.45
N THR B 376 -15.57 -27.54 -16.55
CA THR B 376 -14.58 -26.72 -15.88
C THR B 376 -13.69 -26.07 -16.92
N PHE B 377 -13.55 -24.74 -16.85
CA PHE B 377 -12.79 -23.99 -17.85
C PHE B 377 -12.17 -22.80 -17.11
N LYS B 378 -10.92 -22.97 -16.69
CA LYS B 378 -10.23 -21.96 -15.89
C LYS B 378 -8.95 -21.52 -16.58
N CYS B 379 -8.82 -20.22 -16.81
CA CYS B 379 -7.66 -19.66 -17.47
C CYS B 379 -6.89 -18.77 -16.51
N TYR B 380 -5.60 -19.03 -16.37
CA TYR B 380 -4.72 -18.28 -15.48
C TYR B 380 -3.82 -17.39 -16.31
N GLY B 381 -3.87 -16.08 -16.03
CA GLY B 381 -3.03 -15.11 -16.68
C GLY B 381 -3.64 -14.44 -17.90
N VAL B 382 -4.62 -15.07 -18.54
CA VAL B 382 -5.26 -14.51 -19.73
C VAL B 382 -6.77 -14.67 -19.59
N SER B 383 -7.51 -13.64 -19.94
CA SER B 383 -8.96 -13.73 -19.95
C SER B 383 -9.43 -14.51 -21.17
N PRO B 384 -10.30 -15.51 -21.00
CA PRO B 384 -10.66 -16.37 -22.15
C PRO B 384 -11.31 -15.62 -23.30
N THR B 385 -12.10 -14.59 -23.00
CA THR B 385 -12.80 -13.87 -24.07
C THR B 385 -11.89 -12.98 -24.89
N LYS B 386 -10.65 -12.76 -24.45
CA LYS B 386 -9.71 -11.91 -25.16
C LYS B 386 -8.62 -12.70 -25.88
N LEU B 387 -8.72 -14.04 -25.90
CA LEU B 387 -7.75 -14.86 -26.59
C LEU B 387 -7.82 -14.70 -28.11
N ASN B 388 -8.91 -14.14 -28.62
CA ASN B 388 -9.12 -14.05 -30.06
C ASN B 388 -8.28 -12.98 -30.72
N ASP B 389 -7.62 -12.12 -29.95
CA ASP B 389 -6.84 -11.01 -30.49
C ASP B 389 -5.33 -11.21 -30.34
N LEU B 390 -4.88 -11.82 -29.25
CA LEU B 390 -3.46 -12.01 -29.02
C LEU B 390 -2.87 -13.00 -30.01
N CYS B 391 -1.57 -12.87 -30.26
CA CYS B 391 -0.83 -13.81 -31.07
C CYS B 391 0.34 -14.36 -30.25
N PHE B 392 0.42 -15.68 -30.19
CA PHE B 392 1.45 -16.37 -29.41
C PHE B 392 2.47 -17.01 -30.33
N THR B 393 3.54 -17.52 -29.72
CA THR B 393 4.65 -18.11 -30.46
C THR B 393 4.69 -19.62 -30.41
N ASN B 394 3.95 -20.25 -29.50
CA ASN B 394 4.02 -21.70 -29.32
C ASN B 394 2.82 -22.12 -28.47
N VAL B 395 2.23 -23.26 -28.81
CA VAL B 395 1.16 -23.82 -27.99
C VAL B 395 1.49 -25.26 -27.62
N TYR B 396 1.42 -25.57 -26.33
CA TYR B 396 1.60 -26.93 -25.83
C TYR B 396 0.23 -27.45 -25.41
N ALA B 397 -0.11 -28.66 -25.85
CA ALA B 397 -1.37 -29.30 -25.47
C ALA B 397 -1.07 -30.58 -24.72
N ASP B 398 -1.71 -30.76 -23.57
CA ASP B 398 -1.57 -31.96 -22.77
C ASP B 398 -2.94 -32.56 -22.51
N SER B 399 -3.04 -33.88 -22.56
CA SER B 399 -4.33 -34.54 -22.43
C SER B 399 -4.22 -35.78 -21.56
N PHE B 400 -5.20 -35.96 -20.67
CA PHE B 400 -5.26 -37.18 -19.86
C PHE B 400 -6.67 -37.33 -19.29
N VAL B 401 -6.85 -38.35 -18.46
CA VAL B 401 -8.12 -38.65 -17.83
C VAL B 401 -7.89 -38.97 -16.36
N ILE B 402 -8.72 -38.40 -15.49
CA ILE B 402 -8.59 -38.54 -14.04
C ILE B 402 -9.97 -38.82 -13.45
N ARG B 403 -10.01 -38.87 -12.12
CA ARG B 403 -11.29 -39.02 -11.41
C ARG B 403 -12.03 -37.69 -11.35
N GLY B 404 -13.36 -37.77 -11.37
CA GLY B 404 -14.16 -36.56 -11.35
C GLY B 404 -14.00 -35.75 -10.08
N ASP B 405 -13.94 -36.43 -8.94
CA ASP B 405 -13.81 -35.71 -7.68
C ASP B 405 -12.40 -35.17 -7.47
N GLU B 406 -11.41 -35.77 -8.13
CA GLU B 406 -10.01 -35.40 -7.95
C GLU B 406 -9.51 -34.48 -9.06
N VAL B 407 -10.39 -33.65 -9.62
CA VAL B 407 -9.99 -32.75 -10.70
C VAL B 407 -9.39 -31.45 -10.17
N ARG B 408 -9.59 -31.16 -8.88
CA ARG B 408 -9.20 -29.86 -8.34
C ARG B 408 -7.69 -29.71 -8.19
N GLN B 409 -6.93 -30.79 -8.20
CA GLN B 409 -5.47 -30.67 -8.06
C GLN B 409 -4.79 -30.20 -9.33
N ILE B 410 -5.50 -30.09 -10.45
CA ILE B 410 -4.93 -29.56 -11.68
C ILE B 410 -5.08 -28.04 -11.59
N ALA B 411 -4.13 -27.42 -10.91
CA ALA B 411 -4.13 -25.99 -10.64
C ALA B 411 -2.78 -25.62 -10.04
N PRO B 412 -2.34 -24.37 -10.19
CA PRO B 412 -1.04 -23.99 -9.62
C PRO B 412 -1.04 -24.10 -8.10
N GLY B 413 0.09 -24.55 -7.57
CA GLY B 413 0.28 -24.63 -6.13
C GLY B 413 -0.69 -25.55 -5.40
N GLN B 414 -0.89 -26.76 -5.92
CA GLN B 414 -1.79 -27.72 -5.30
C GLN B 414 -1.01 -28.93 -4.81
N THR B 415 -1.58 -29.61 -3.82
CA THR B 415 -0.98 -30.79 -3.23
C THR B 415 -2.01 -31.89 -3.10
N GLY B 416 -1.55 -33.13 -3.24
CA GLY B 416 -2.43 -34.28 -3.18
C GLY B 416 -1.76 -35.54 -3.68
N LYS B 417 -2.43 -36.29 -4.54
CA LYS B 417 -1.88 -37.51 -5.13
C LYS B 417 -1.40 -37.29 -6.56
N ILE B 418 -2.29 -36.84 -7.44
CA ILE B 418 -1.91 -36.62 -8.83
C ILE B 418 -0.96 -35.43 -8.95
N ALA B 419 -1.27 -34.33 -8.26
CA ALA B 419 -0.44 -33.15 -8.36
C ALA B 419 0.96 -33.38 -7.80
N ASP B 420 1.05 -34.09 -6.68
CA ASP B 420 2.34 -34.28 -6.02
C ASP B 420 3.18 -35.40 -6.63
N TYR B 421 2.55 -36.37 -7.29
CA TYR B 421 3.27 -37.54 -7.77
C TYR B 421 3.13 -37.81 -9.26
N ASN B 422 2.20 -37.18 -9.95
CA ASN B 422 1.99 -37.55 -11.35
C ASN B 422 2.04 -36.37 -12.31
N TYR B 423 1.48 -35.23 -11.94
CA TYR B 423 1.43 -34.07 -12.84
C TYR B 423 1.39 -32.81 -11.99
N LYS B 424 2.52 -32.12 -11.90
CA LYS B 424 2.64 -30.90 -11.11
C LYS B 424 2.69 -29.69 -12.03
N LEU B 425 1.80 -28.73 -11.79
CA LEU B 425 1.78 -27.52 -12.60
C LEU B 425 2.77 -26.50 -12.03
N PRO B 426 3.44 -25.73 -12.88
CA PRO B 426 4.35 -24.69 -12.38
C PRO B 426 3.59 -23.61 -11.64
N ASP B 427 4.27 -22.99 -10.67
CA ASP B 427 3.62 -21.99 -9.83
C ASP B 427 3.30 -20.71 -10.60
N ASP B 428 4.04 -20.42 -11.66
CA ASP B 428 3.81 -19.23 -12.48
C ASP B 428 3.08 -19.56 -13.78
N PHE B 429 2.12 -20.47 -13.70
CA PHE B 429 1.41 -20.93 -14.89
C PHE B 429 0.68 -19.78 -15.57
N THR B 430 0.73 -19.75 -16.90
CA THR B 430 0.00 -18.79 -17.73
C THR B 430 -0.62 -19.56 -18.89
N GLY B 431 -1.83 -20.06 -18.68
CA GLY B 431 -2.49 -20.87 -19.68
C GLY B 431 -3.95 -21.14 -19.39
N CYS B 432 -4.48 -22.26 -19.85
CA CYS B 432 -5.88 -22.61 -19.60
C CYS B 432 -6.01 -24.09 -19.33
N VAL B 433 -7.02 -24.44 -18.54
CA VAL B 433 -7.32 -25.82 -18.17
C VAL B 433 -8.78 -26.08 -18.46
N ILE B 434 -9.05 -27.15 -19.20
CA ILE B 434 -10.40 -27.55 -19.58
C ILE B 434 -10.63 -28.97 -19.09
N ALA B 435 -11.77 -29.22 -18.47
CA ALA B 435 -12.08 -30.54 -17.95
C ALA B 435 -13.56 -30.78 -18.11
N TRP B 436 -13.92 -31.92 -18.71
CA TRP B 436 -15.32 -32.24 -18.94
C TRP B 436 -15.58 -33.71 -18.66
N ASN B 437 -16.85 -33.99 -18.34
CA ASN B 437 -17.26 -35.34 -18.00
C ASN B 437 -17.14 -36.26 -19.21
N SER B 438 -16.60 -37.45 -18.98
CA SER B 438 -16.40 -38.44 -20.04
C SER B 438 -16.81 -39.82 -19.56
N ASN B 439 -17.95 -39.89 -18.86
CA ASN B 439 -18.41 -41.17 -18.33
C ASN B 439 -18.87 -42.10 -19.44
N ASN B 440 -19.49 -41.55 -20.49
CA ASN B 440 -20.06 -42.36 -21.56
C ASN B 440 -19.06 -42.69 -22.66
N LEU B 441 -17.78 -42.43 -22.44
CA LEU B 441 -16.76 -42.72 -23.44
C LEU B 441 -15.60 -43.56 -22.94
N ASP B 442 -15.28 -43.49 -21.64
CA ASP B 442 -14.13 -44.21 -21.10
C ASP B 442 -14.47 -45.28 -20.06
N SER B 443 -15.64 -45.20 -19.43
CA SER B 443 -16.04 -46.20 -18.45
C SER B 443 -16.78 -47.34 -19.13
N LYS B 444 -16.72 -48.51 -18.51
CA LYS B 444 -17.34 -49.70 -19.05
C LYS B 444 -17.96 -50.51 -17.92
N VAL B 445 -19.05 -51.22 -18.23
CA VAL B 445 -19.68 -52.08 -17.26
C VAL B 445 -18.76 -53.25 -16.93
N GLY B 446 -18.68 -53.58 -15.64
CA GLY B 446 -17.81 -54.65 -15.20
C GLY B 446 -16.38 -54.26 -14.93
N GLY B 447 -16.02 -53.00 -15.17
CA GLY B 447 -14.68 -52.53 -14.90
C GLY B 447 -13.81 -52.40 -16.12
N ASN B 448 -13.18 -51.23 -16.30
CA ASN B 448 -12.23 -50.99 -17.37
C ASN B 448 -10.86 -50.70 -16.75
N TYR B 449 -9.85 -51.42 -17.22
CA TYR B 449 -8.52 -51.37 -16.64
C TYR B 449 -7.48 -50.88 -17.64
N ASN B 450 -7.89 -50.06 -18.61
CA ASN B 450 -6.95 -49.50 -19.57
C ASN B 450 -6.21 -48.29 -19.03
N TYR B 451 -6.66 -47.71 -17.93
CA TYR B 451 -6.04 -46.53 -17.35
C TYR B 451 -5.37 -46.88 -16.03
N LEU B 452 -4.14 -46.40 -15.85
CA LEU B 452 -3.38 -46.65 -14.64
C LEU B 452 -2.87 -45.35 -14.07
N TYR B 453 -2.66 -45.34 -12.76
CA TYR B 453 -2.07 -44.20 -12.07
C TYR B 453 -1.12 -44.70 -11.00
N ARG B 454 -0.17 -43.86 -10.63
CA ARG B 454 0.91 -44.24 -9.73
C ARG B 454 0.50 -44.07 -8.28
N LEU B 455 1.09 -44.89 -7.40
CA LEU B 455 0.86 -44.80 -5.97
C LEU B 455 2.10 -44.39 -5.20
N PHE B 456 3.24 -45.03 -5.46
CA PHE B 456 4.41 -44.92 -4.62
C PHE B 456 5.56 -44.28 -5.38
N ARG B 457 6.23 -43.32 -4.74
CA ARG B 457 7.48 -42.77 -5.23
C ARG B 457 8.29 -42.29 -4.03
N LYS B 458 9.62 -42.37 -4.17
CA LYS B 458 10.49 -42.01 -3.06
C LYS B 458 10.56 -40.51 -2.84
N SER B 459 10.36 -39.72 -3.90
CA SER B 459 10.49 -38.27 -3.82
C SER B 459 9.39 -37.61 -4.62
N ASN B 460 9.22 -36.31 -4.39
CA ASN B 460 8.22 -35.54 -5.10
C ASN B 460 8.62 -35.37 -6.56
N LEU B 461 7.79 -34.64 -7.30
CA LEU B 461 7.93 -34.53 -8.75
C LEU B 461 8.05 -33.06 -9.13
N LYS B 462 9.06 -32.73 -9.95
CA LYS B 462 9.27 -31.37 -10.40
C LYS B 462 8.21 -30.97 -11.43
N PRO B 463 7.90 -29.68 -11.55
CA PRO B 463 6.87 -29.25 -12.49
C PRO B 463 7.22 -29.60 -13.93
N PHE B 464 6.19 -30.00 -14.68
CA PHE B 464 6.30 -30.32 -16.11
C PHE B 464 7.36 -31.40 -16.37
N GLU B 465 7.28 -32.49 -15.61
CA GLU B 465 8.14 -33.65 -15.83
C GLU B 465 7.29 -34.90 -15.85
N ARG B 466 7.46 -35.71 -16.88
CA ARG B 466 6.73 -36.97 -17.04
C ARG B 466 7.70 -38.13 -16.84
N ASP B 467 7.33 -39.05 -15.95
CA ASP B 467 8.16 -40.19 -15.61
C ASP B 467 7.42 -41.48 -15.95
N ILE B 468 8.08 -42.36 -16.70
CA ILE B 468 7.50 -43.64 -17.08
C ILE B 468 8.32 -44.76 -16.47
N SER B 469 8.93 -44.49 -15.33
CA SER B 469 9.76 -45.50 -14.67
C SER B 469 8.90 -46.67 -14.20
N THR B 470 9.42 -47.87 -14.42
CA THR B 470 8.73 -49.10 -14.03
C THR B 470 9.46 -49.86 -12.92
N GLU B 471 10.50 -49.28 -12.33
CA GLU B 471 11.24 -49.96 -11.28
C GLU B 471 10.33 -50.22 -10.07
N ILE B 472 10.54 -51.37 -9.44
CA ILE B 472 9.71 -51.76 -8.30
C ILE B 472 10.05 -50.88 -7.10
N TYR B 473 9.01 -50.37 -6.45
CA TYR B 473 9.20 -49.50 -5.29
C TYR B 473 9.73 -50.30 -4.10
N GLN B 474 10.61 -49.68 -3.33
CA GLN B 474 11.24 -50.32 -2.18
C GLN B 474 10.73 -49.63 -0.92
N ALA B 475 9.70 -50.20 -0.30
CA ALA B 475 9.12 -49.64 0.91
C ALA B 475 9.77 -50.17 2.18
N GLY B 476 10.73 -51.08 2.06
CA GLY B 476 11.37 -51.67 3.22
C GLY B 476 12.88 -51.65 3.09
N SER B 477 13.53 -51.93 4.22
CA SER B 477 14.99 -51.96 4.26
C SER B 477 15.55 -53.08 3.38
N THR B 478 14.89 -54.23 3.38
CA THR B 478 15.38 -55.35 2.58
C THR B 478 15.29 -55.03 1.10
N PRO B 479 16.27 -55.44 0.31
CA PRO B 479 16.19 -55.24 -1.14
C PRO B 479 15.01 -56.01 -1.73
N CYS B 480 14.36 -55.39 -2.71
CA CYS B 480 13.20 -56.03 -3.35
C CYS B 480 13.60 -57.12 -4.33
N ASN B 481 14.75 -56.96 -5.00
CA ASN B 481 15.26 -57.93 -5.98
C ASN B 481 14.27 -58.15 -7.12
N GLY B 482 13.43 -57.15 -7.39
CA GLY B 482 12.46 -57.26 -8.46
C GLY B 482 11.43 -58.35 -8.23
N VAL B 483 11.07 -58.61 -6.99
CA VAL B 483 10.09 -59.63 -6.64
C VAL B 483 9.01 -59.00 -5.78
N GLU B 484 7.75 -59.20 -6.17
CA GLU B 484 6.64 -58.69 -5.37
C GLU B 484 6.60 -59.38 -4.02
N GLY B 485 6.20 -58.63 -2.99
CA GLY B 485 6.11 -59.18 -1.65
C GLY B 485 6.07 -58.14 -0.56
N PHE B 486 6.73 -58.41 0.55
CA PHE B 486 6.70 -57.52 1.71
C PHE B 486 7.41 -56.21 1.38
N ASN B 487 6.68 -55.10 1.51
CA ASN B 487 7.20 -53.76 1.25
C ASN B 487 7.76 -53.61 -0.16
N CYS B 488 7.27 -54.42 -1.10
CA CYS B 488 7.64 -54.34 -2.51
C CYS B 488 6.35 -54.53 -3.32
N TYR B 489 5.70 -53.41 -3.64
CA TYR B 489 4.44 -53.42 -4.36
C TYR B 489 4.62 -52.85 -5.76
N PHE B 490 3.66 -53.17 -6.62
CA PHE B 490 3.64 -52.60 -7.96
C PHE B 490 3.22 -51.14 -7.89
N PRO B 491 4.00 -50.20 -8.41
CA PRO B 491 3.70 -48.78 -8.21
C PRO B 491 2.51 -48.26 -9.00
N LEU B 492 1.96 -49.05 -9.93
CA LEU B 492 0.86 -48.60 -10.77
C LEU B 492 -0.39 -49.43 -10.45
N GLN B 493 -1.55 -48.78 -10.51
CA GLN B 493 -2.81 -49.50 -10.33
C GLN B 493 -3.89 -48.85 -11.17
N SER B 494 -4.92 -49.63 -11.48
CA SER B 494 -6.00 -49.21 -12.36
C SER B 494 -7.11 -48.53 -11.56
N TYR B 495 -7.78 -47.57 -12.21
CA TYR B 495 -8.91 -46.89 -11.59
C TYR B 495 -10.12 -47.80 -11.51
N GLY B 496 -10.41 -48.53 -12.58
CA GLY B 496 -11.59 -49.37 -12.62
C GLY B 496 -12.88 -48.57 -12.71
N PHE B 497 -13.07 -47.88 -13.84
CA PHE B 497 -14.26 -47.07 -14.02
C PHE B 497 -15.47 -47.95 -14.33
N GLN B 498 -16.62 -47.55 -13.79
CA GLN B 498 -17.90 -48.21 -14.04
C GLN B 498 -18.95 -47.13 -14.27
N PRO B 499 -20.05 -47.47 -14.95
CA PRO B 499 -21.08 -46.44 -15.22
C PRO B 499 -22.03 -46.21 -14.06
N THR B 500 -22.10 -47.11 -13.09
CA THR B 500 -23.14 -47.03 -12.06
C THR B 500 -22.73 -46.30 -10.79
N ASN B 501 -21.45 -45.96 -10.64
CA ASN B 501 -21.01 -45.30 -9.42
C ASN B 501 -21.43 -43.83 -9.41
N GLY B 502 -21.12 -43.17 -8.29
CA GLY B 502 -21.53 -41.81 -8.08
C GLY B 502 -20.70 -40.82 -8.87
N VAL B 503 -20.96 -39.54 -8.60
CA VAL B 503 -20.28 -38.46 -9.32
C VAL B 503 -18.79 -38.45 -9.00
N GLY B 504 -18.43 -38.80 -7.77
CA GLY B 504 -17.06 -38.70 -7.32
C GLY B 504 -16.15 -39.78 -7.86
N TYR B 505 -16.64 -40.60 -8.77
CA TYR B 505 -15.85 -41.68 -9.34
C TYR B 505 -15.89 -41.75 -10.86
N GLN B 506 -16.72 -40.96 -11.53
CA GLN B 506 -16.78 -41.00 -12.98
C GLN B 506 -15.49 -40.43 -13.58
N PRO B 507 -15.00 -40.99 -14.67
CA PRO B 507 -13.81 -40.44 -15.32
C PRO B 507 -14.10 -39.06 -15.93
N TYR B 508 -13.07 -38.23 -15.92
CA TYR B 508 -13.13 -36.89 -16.48
C TYR B 508 -11.94 -36.68 -17.40
N ARG B 509 -12.18 -36.06 -18.56
CA ARG B 509 -11.14 -35.79 -19.53
C ARG B 509 -10.62 -34.37 -19.32
N VAL B 510 -9.30 -34.23 -19.23
CA VAL B 510 -8.65 -32.97 -18.93
C VAL B 510 -7.66 -32.66 -20.04
N VAL B 511 -7.76 -31.43 -20.57
CA VAL B 511 -6.83 -30.91 -21.57
C VAL B 511 -6.28 -29.59 -21.05
N VAL B 512 -4.96 -29.46 -21.03
CA VAL B 512 -4.28 -28.27 -20.55
C VAL B 512 -3.57 -27.62 -21.74
N LEU B 513 -3.87 -26.35 -21.98
CA LEU B 513 -3.19 -25.56 -22.99
C LEU B 513 -2.23 -24.61 -22.31
N SER B 514 -0.98 -24.60 -22.76
CA SER B 514 0.02 -23.71 -22.20
C SER B 514 0.68 -22.90 -23.31
N PHE B 515 0.73 -21.59 -23.12
CA PHE B 515 1.40 -20.67 -24.04
C PHE B 515 2.69 -20.20 -23.40
N GLU B 516 3.74 -20.09 -24.22
CA GLU B 516 5.01 -19.52 -23.77
C GLU B 516 5.07 -18.06 -24.20
N LEU B 517 5.25 -17.18 -23.22
CA LEU B 517 5.18 -15.74 -23.43
C LEU B 517 6.58 -15.21 -23.74
N LEU B 518 6.76 -13.89 -23.61
CA LEU B 518 8.00 -13.15 -23.84
C LEU B 518 8.16 -12.84 -25.31
N HIS B 519 8.76 -11.71 -25.62
CA HIS B 519 8.80 -11.21 -27.01
C HIS B 519 9.70 -12.09 -27.85
N ALA B 520 9.12 -12.70 -28.89
CA ALA B 520 9.82 -13.60 -29.80
C ALA B 520 9.04 -13.65 -31.10
N PRO B 521 9.65 -14.13 -32.18
CA PRO B 521 8.89 -14.29 -33.43
C PRO B 521 7.66 -15.16 -33.22
N ALA B 522 6.51 -14.65 -33.65
CA ALA B 522 5.24 -15.28 -33.39
C ALA B 522 4.76 -16.07 -34.60
N THR B 523 4.10 -17.20 -34.34
CA THR B 523 3.66 -18.08 -35.40
C THR B 523 2.22 -18.58 -35.24
N VAL B 524 1.56 -18.34 -34.11
CA VAL B 524 0.18 -18.73 -33.89
C VAL B 524 -0.60 -17.45 -33.60
N CYS B 525 -1.20 -16.87 -34.63
CA CYS B 525 -1.96 -15.64 -34.51
C CYS B 525 -3.45 -15.92 -34.63
N GLY B 526 -4.25 -15.00 -34.09
CA GLY B 526 -5.69 -15.11 -34.16
C GLY B 526 -6.22 -14.71 -35.51
N PRO B 527 -7.52 -14.91 -35.70
CA PRO B 527 -8.18 -14.60 -36.99
C PRO B 527 -8.62 -13.14 -37.11
N LYS B 528 -7.65 -12.26 -37.38
CA LYS B 528 -7.92 -10.85 -37.60
C LYS B 528 -7.22 -10.42 -38.88
N LYS B 529 -7.97 -9.74 -39.75
CA LYS B 529 -7.46 -9.34 -41.05
C LYS B 529 -6.54 -8.13 -40.92
N SER B 530 -5.47 -8.12 -41.71
CA SER B 530 -4.53 -7.02 -41.70
C SER B 530 -4.95 -5.92 -42.67
N THR B 531 -4.48 -4.71 -42.40
CA THR B 531 -4.79 -3.54 -43.22
C THR B 531 -3.51 -2.90 -43.72
N ASN B 532 -3.67 -2.03 -44.71
CA ASN B 532 -2.54 -1.29 -45.27
C ASN B 532 -1.97 -0.34 -44.24
N LEU B 533 -0.68 -0.06 -44.36
CA LEU B 533 0.04 0.79 -43.40
C LEU B 533 0.19 2.20 -43.97
N VAL B 534 0.19 3.19 -43.07
CA VAL B 534 0.31 4.59 -43.43
C VAL B 534 1.45 5.20 -42.64
N LYS B 535 2.30 5.96 -43.33
CA LYS B 535 3.49 6.55 -42.74
C LYS B 535 3.33 8.05 -42.59
N ASN B 536 4.11 8.61 -41.65
CA ASN B 536 4.16 10.06 -41.41
C ASN B 536 2.80 10.62 -41.02
N LYS B 537 2.08 9.89 -40.17
CA LYS B 537 0.79 10.35 -39.65
C LYS B 537 0.52 9.63 -38.33
N CYS B 538 -0.08 10.35 -37.38
CA CYS B 538 -0.32 9.80 -36.06
C CYS B 538 -1.45 8.78 -36.11
N VAL B 539 -1.11 7.51 -35.86
CA VAL B 539 -2.04 6.40 -35.92
C VAL B 539 -1.84 5.55 -34.68
N ASN B 540 -2.83 4.71 -34.38
CA ASN B 540 -2.65 3.68 -33.35
C ASN B 540 -2.47 2.33 -34.04
N PHE B 541 -1.39 1.64 -33.67
CA PHE B 541 -0.92 0.45 -34.36
C PHE B 541 -1.01 -0.77 -33.47
N ASN B 542 -1.11 -1.93 -34.13
CA ASN B 542 -1.18 -3.24 -33.48
C ASN B 542 -0.32 -4.18 -34.30
N PHE B 543 0.92 -4.41 -33.83
CA PHE B 543 1.85 -5.32 -34.48
C PHE B 543 1.93 -6.61 -33.65
N ASN B 544 1.33 -7.68 -34.15
CA ASN B 544 1.39 -8.99 -33.50
C ASN B 544 0.93 -8.91 -32.04
N GLY B 545 -0.14 -8.15 -31.80
CA GLY B 545 -0.68 -8.00 -30.48
C GLY B 545 -0.06 -6.89 -29.66
N LEU B 546 1.10 -6.38 -30.07
CA LEU B 546 1.72 -5.24 -29.41
C LEU B 546 1.01 -3.98 -29.86
N THR B 547 0.31 -3.32 -28.94
CA THR B 547 -0.48 -2.14 -29.24
C THR B 547 0.30 -0.88 -28.88
N GLY B 548 -0.01 0.20 -29.60
CA GLY B 548 0.62 1.46 -29.29
C GLY B 548 0.03 2.57 -30.12
N THR B 549 0.54 3.78 -29.88
CA THR B 549 0.13 4.97 -30.62
C THR B 549 1.36 5.76 -31.00
N GLY B 550 1.31 6.43 -32.15
CA GLY B 550 2.43 7.24 -32.56
C GLY B 550 2.48 7.36 -34.08
N VAL B 551 3.63 7.82 -34.56
CA VAL B 551 3.88 7.99 -35.98
C VAL B 551 5.02 7.06 -36.37
N LEU B 552 4.86 6.37 -37.49
CA LEU B 552 5.85 5.43 -38.00
C LEU B 552 6.66 6.12 -39.07
N THR B 553 7.98 6.13 -38.91
CA THR B 553 8.87 6.82 -39.84
C THR B 553 9.97 5.87 -40.30
N GLU B 554 10.57 6.23 -41.43
CA GLU B 554 11.71 5.48 -41.95
C GLU B 554 12.90 5.61 -41.02
N SER B 555 13.74 4.58 -41.01
CA SER B 555 14.85 4.51 -40.09
C SER B 555 16.11 4.04 -40.81
N ASN B 556 17.25 4.47 -40.27
CA ASN B 556 18.56 4.00 -40.71
C ASN B 556 19.15 3.00 -39.72
N LYS B 557 18.32 2.44 -38.84
CA LYS B 557 18.76 1.53 -37.80
C LYS B 557 18.91 0.13 -38.39
N LYS B 558 20.11 -0.42 -38.32
CA LYS B 558 20.45 -1.68 -38.98
C LYS B 558 20.24 -2.82 -38.01
N PHE B 559 19.04 -3.40 -38.03
CA PHE B 559 18.75 -4.57 -37.22
C PHE B 559 19.44 -5.80 -37.78
N LEU B 560 19.82 -6.70 -36.89
CA LEU B 560 20.35 -7.99 -37.32
C LEU B 560 19.21 -8.86 -37.86
N PRO B 561 19.52 -9.82 -38.73
CA PRO B 561 18.44 -10.63 -39.34
C PRO B 561 17.56 -11.32 -38.32
N PHE B 562 18.13 -11.77 -37.20
CA PHE B 562 17.36 -12.41 -36.14
C PHE B 562 16.74 -11.41 -35.18
N GLN B 563 16.98 -10.13 -35.36
CA GLN B 563 16.78 -9.13 -34.33
C GLN B 563 15.51 -8.33 -34.65
N GLN B 564 14.57 -8.32 -33.71
CA GLN B 564 13.20 -7.89 -33.99
C GLN B 564 12.80 -6.57 -33.34
N PHE B 565 12.92 -6.44 -32.03
CA PHE B 565 12.39 -5.29 -31.31
C PHE B 565 13.52 -4.44 -30.75
N GLY B 566 13.24 -3.15 -30.59
CA GLY B 566 14.18 -2.23 -29.98
C GLY B 566 13.54 -1.51 -28.81
N ARG B 567 14.34 -1.31 -27.76
CA ARG B 567 13.84 -0.68 -26.54
C ARG B 567 14.74 0.47 -26.13
N ASP B 568 14.14 1.45 -25.46
CA ASP B 568 14.84 2.60 -24.92
C ASP B 568 15.15 2.35 -23.44
N ILE B 569 15.58 3.41 -22.75
CA ILE B 569 15.91 3.29 -21.33
C ILE B 569 14.67 2.91 -20.53
N ALA B 570 13.53 3.50 -20.86
CA ALA B 570 12.29 3.29 -20.12
C ALA B 570 11.56 2.01 -20.55
N ASP B 571 12.25 1.11 -21.25
CA ASP B 571 11.74 -0.23 -21.57
C ASP B 571 10.64 -0.18 -22.64
N THR B 572 10.24 1.02 -23.05
CA THR B 572 9.22 1.15 -24.09
C THR B 572 9.80 0.83 -25.46
N THR B 573 8.90 0.52 -26.40
CA THR B 573 9.30 0.15 -27.75
C THR B 573 9.75 1.37 -28.54
N ASP B 574 10.74 1.18 -29.40
CA ASP B 574 11.29 2.26 -30.22
C ASP B 574 11.25 1.95 -31.71
N ALA B 575 11.56 0.72 -32.12
CA ALA B 575 11.56 0.38 -33.52
C ALA B 575 11.00 -1.03 -33.70
N VAL B 576 10.22 -1.22 -34.75
CA VAL B 576 9.59 -2.51 -35.01
C VAL B 576 9.86 -2.92 -36.46
N ARG B 577 9.60 -4.19 -36.75
CA ARG B 577 9.73 -4.74 -38.08
C ARG B 577 8.40 -5.33 -38.52
N ASP B 578 7.95 -4.94 -39.71
CA ASP B 578 6.65 -5.39 -40.19
C ASP B 578 6.67 -6.89 -40.48
N PRO B 579 5.70 -7.66 -39.97
CA PRO B 579 5.74 -9.11 -40.18
C PRO B 579 5.66 -9.53 -41.64
N GLN B 580 4.90 -8.80 -42.47
CA GLN B 580 4.73 -9.18 -43.86
C GLN B 580 5.90 -8.77 -44.73
N THR B 581 6.39 -7.55 -44.58
CA THR B 581 7.52 -7.03 -45.34
C THR B 581 8.64 -6.66 -44.38
N LEU B 582 9.84 -7.18 -44.63
CA LEU B 582 10.94 -7.04 -43.69
C LEU B 582 11.56 -5.65 -43.79
N GLU B 583 10.79 -4.67 -43.33
CA GLU B 583 11.26 -3.30 -43.22
C GLU B 583 11.24 -2.88 -41.76
N ILE B 584 12.01 -1.84 -41.43
CA ILE B 584 12.19 -1.37 -40.07
C ILE B 584 11.60 0.02 -39.95
N LEU B 585 10.69 0.21 -38.98
CA LEU B 585 9.99 1.46 -38.79
C LEU B 585 10.23 1.97 -37.38
N ASP B 586 10.59 3.24 -37.26
CA ASP B 586 10.73 3.89 -35.97
C ASP B 586 9.39 4.45 -35.50
N ILE B 587 9.17 4.39 -34.19
CA ILE B 587 7.93 4.86 -33.58
C ILE B 587 8.24 6.13 -32.82
N THR B 588 7.57 7.23 -33.17
CA THR B 588 7.73 8.49 -32.47
C THR B 588 6.40 8.92 -31.89
N PRO B 589 6.33 9.24 -30.60
CA PRO B 589 5.05 9.65 -30.01
C PRO B 589 4.56 10.97 -30.61
N CYS B 590 3.25 11.13 -30.61
CA CYS B 590 2.64 12.33 -31.17
C CYS B 590 3.02 13.56 -30.36
N SER B 591 3.04 14.71 -31.04
CA SER B 591 3.41 15.95 -30.38
C SER B 591 2.43 16.29 -29.27
N PHE B 592 2.96 16.87 -28.20
CA PHE B 592 2.17 17.21 -27.03
C PHE B 592 2.87 18.35 -26.30
N GLY B 593 2.14 18.97 -25.37
CA GLY B 593 2.75 20.00 -24.54
C GLY B 593 1.76 20.79 -23.71
N GLY B 594 2.23 21.34 -22.60
CA GLY B 594 1.35 22.15 -21.78
C GLY B 594 0.94 23.43 -22.49
N VAL B 595 -0.22 23.95 -22.10
CA VAL B 595 -0.76 25.17 -22.67
C VAL B 595 -0.90 26.19 -21.54
N SER B 596 -0.72 27.46 -21.86
CA SER B 596 -0.76 28.52 -20.87
C SER B 596 -1.62 29.66 -21.37
N VAL B 597 -2.26 30.36 -20.43
CA VAL B 597 -3.18 31.45 -20.75
C VAL B 597 -2.58 32.73 -20.18
N ILE B 598 -2.29 33.69 -21.06
CA ILE B 598 -1.79 35.00 -20.67
C ILE B 598 -2.97 35.95 -20.60
N THR B 599 -3.23 36.51 -19.42
CA THR B 599 -4.42 37.31 -19.22
C THR B 599 -4.16 38.50 -18.31
N PRO B 600 -4.63 39.68 -18.68
CA PRO B 600 -4.75 40.77 -17.71
C PRO B 600 -5.91 40.47 -16.76
N GLY B 601 -5.94 41.22 -15.65
CA GLY B 601 -6.98 40.99 -14.66
C GLY B 601 -8.36 41.22 -15.21
N THR B 602 -9.32 40.43 -14.73
CA THR B 602 -10.71 40.59 -15.15
C THR B 602 -11.26 41.96 -14.75
N ASN B 603 -10.63 42.63 -13.79
CA ASN B 603 -11.00 43.99 -13.45
C ASN B 603 -10.79 44.94 -14.63
N THR B 604 -9.93 44.58 -15.58
CA THR B 604 -9.65 45.41 -16.74
C THR B 604 -10.35 44.94 -18.01
N SER B 605 -10.17 43.68 -18.40
CA SER B 605 -10.74 43.18 -19.64
C SER B 605 -10.83 41.66 -19.58
N ASN B 606 -11.52 41.09 -20.56
CA ASN B 606 -11.69 39.65 -20.69
C ASN B 606 -10.91 39.07 -21.85
N GLN B 607 -10.04 39.85 -22.50
CA GLN B 607 -9.29 39.38 -23.64
C GLN B 607 -8.03 38.67 -23.16
N VAL B 608 -7.76 37.48 -23.73
CA VAL B 608 -6.64 36.65 -23.31
C VAL B 608 -5.87 36.17 -24.54
N ALA B 609 -4.69 35.64 -24.30
CA ALA B 609 -3.86 35.03 -25.33
C ALA B 609 -3.46 33.63 -24.87
N VAL B 610 -3.11 32.78 -25.82
CA VAL B 610 -2.82 31.38 -25.55
C VAL B 610 -1.42 31.05 -26.06
N LEU B 611 -0.63 30.39 -25.21
CA LEU B 611 0.74 30.00 -25.52
C LEU B 611 0.84 28.49 -25.50
N TYR B 612 1.36 27.91 -26.58
CA TYR B 612 1.58 26.47 -26.69
C TYR B 612 3.06 26.21 -26.46
N GLN B 613 3.37 25.43 -25.43
CA GLN B 613 4.75 25.31 -24.97
C GLN B 613 5.54 24.33 -25.83
N ASP B 614 6.71 24.79 -26.30
CA ASP B 614 7.75 23.93 -26.85
C ASP B 614 7.22 23.06 -28.01
N VAL B 615 6.46 23.67 -28.90
CA VAL B 615 5.97 22.97 -30.08
C VAL B 615 6.11 23.89 -31.30
N ASN B 616 6.75 23.37 -32.36
CA ASN B 616 6.74 24.07 -33.64
C ASN B 616 5.34 24.03 -34.21
N CYS B 617 4.67 25.18 -34.24
CA CYS B 617 3.24 25.22 -34.50
C CYS B 617 2.95 25.33 -36.00
N THR B 618 3.38 24.31 -36.73
CA THR B 618 2.91 24.07 -38.07
C THR B 618 1.70 23.14 -38.09
N GLU B 619 1.69 22.16 -37.19
CA GLU B 619 0.60 21.19 -37.15
C GLU B 619 -0.71 21.82 -36.69
N VAL B 620 -0.65 22.79 -35.78
CA VAL B 620 -1.87 23.42 -35.30
C VAL B 620 -2.21 24.62 -36.17
N ASN B 641 -2.03 35.88 -37.42
CA ASN B 641 -1.74 36.55 -36.17
C ASN B 641 -1.05 35.62 -35.19
N VAL B 642 0.13 35.12 -35.56
CA VAL B 642 0.91 34.21 -34.74
C VAL B 642 2.35 34.70 -34.73
N PHE B 643 2.97 34.67 -33.55
CA PHE B 643 4.35 35.13 -33.37
C PHE B 643 5.16 33.98 -32.79
N GLN B 644 6.16 33.52 -33.53
CA GLN B 644 6.97 32.37 -33.14
C GLN B 644 8.16 32.84 -32.32
N THR B 645 8.19 32.47 -31.04
CA THR B 645 9.30 32.68 -30.13
C THR B 645 9.84 31.33 -29.67
N ARG B 646 10.92 31.38 -28.89
CA ARG B 646 11.62 30.16 -28.50
C ARG B 646 10.76 29.20 -27.69
N ALA B 647 9.66 29.66 -27.10
CA ALA B 647 8.78 28.81 -26.31
C ALA B 647 7.53 28.40 -27.06
N GLY B 648 7.49 28.56 -28.37
CA GLY B 648 6.29 28.31 -29.15
C GLY B 648 5.80 29.60 -29.77
N CYS B 649 4.63 29.53 -30.38
CA CYS B 649 4.06 30.72 -31.02
C CYS B 649 2.90 31.23 -30.19
N LEU B 650 2.98 32.50 -29.82
CA LEU B 650 1.86 33.21 -29.22
C LEU B 650 0.81 33.49 -30.28
N ILE B 651 -0.45 33.30 -29.92
CA ILE B 651 -1.57 33.64 -30.78
C ILE B 651 -2.44 34.67 -30.05
N GLY B 652 -2.95 35.64 -30.79
CA GLY B 652 -3.79 36.68 -30.24
C GLY B 652 -3.06 37.91 -29.75
N ALA B 653 -1.73 37.92 -29.80
CA ALA B 653 -0.94 39.06 -29.37
C ALA B 653 -0.12 39.60 -30.54
N GLU B 654 -0.18 40.91 -30.74
CA GLU B 654 0.50 41.53 -31.86
C GLU B 654 1.94 41.88 -31.50
N HIS B 655 2.86 41.57 -32.40
CA HIS B 655 4.27 41.89 -32.18
C HIS B 655 4.52 43.37 -32.33
N VAL B 656 5.37 43.92 -31.47
CA VAL B 656 5.72 45.33 -31.48
C VAL B 656 7.23 45.48 -31.50
N ASN B 657 7.74 46.35 -32.37
CA ASN B 657 9.19 46.52 -32.48
C ASN B 657 9.77 47.23 -31.27
N ASN B 658 9.05 48.18 -30.70
CA ASN B 658 9.57 48.95 -29.57
C ASN B 658 9.76 48.05 -28.35
N SER B 659 10.70 48.44 -27.49
CA SER B 659 11.02 47.70 -26.28
C SER B 659 10.63 48.51 -25.05
N TYR B 660 9.94 47.87 -24.12
CA TYR B 660 9.47 48.53 -22.91
C TYR B 660 9.92 47.76 -21.68
N GLU B 661 9.43 48.16 -20.50
CA GLU B 661 9.70 47.42 -19.29
C GLU B 661 8.97 46.07 -19.33
N CYS B 662 9.55 45.06 -18.69
CA CYS B 662 9.02 43.72 -18.79
C CYS B 662 7.83 43.54 -17.85
N ASP B 663 6.65 43.38 -18.43
CA ASP B 663 5.43 42.97 -17.75
C ASP B 663 5.41 41.46 -17.66
N ILE B 664 4.23 40.86 -17.50
CA ILE B 664 4.05 39.42 -17.40
C ILE B 664 5.05 38.68 -18.28
N PRO B 665 5.93 37.86 -17.72
CA PRO B 665 7.00 37.26 -18.52
C PRO B 665 6.53 36.02 -19.27
N ILE B 666 6.97 35.91 -20.51
CA ILE B 666 6.68 34.73 -21.32
C ILE B 666 7.91 33.83 -21.33
N GLY B 667 9.04 34.36 -21.74
CA GLY B 667 10.28 33.59 -21.71
C GLY B 667 11.19 33.93 -22.86
N ALA B 668 12.44 33.50 -22.73
CA ALA B 668 13.47 33.71 -23.74
C ALA B 668 13.61 35.19 -24.09
N GLY B 669 13.46 36.06 -23.09
CA GLY B 669 13.55 37.48 -23.30
C GLY B 669 12.30 38.15 -23.82
N ILE B 670 11.17 37.45 -23.86
CA ILE B 670 9.92 37.98 -24.39
C ILE B 670 8.94 38.15 -23.25
N CYS B 671 8.34 39.35 -23.17
CA CYS B 671 7.29 39.65 -22.20
C CYS B 671 6.09 40.26 -22.93
N ALA B 672 4.91 40.08 -22.35
CA ALA B 672 3.67 40.58 -22.92
C ALA B 672 2.96 41.50 -21.94
N SER B 673 2.15 42.41 -22.48
CA SER B 673 1.47 43.41 -21.66
C SER B 673 0.20 43.88 -22.35
N TYR B 674 -0.67 44.49 -21.56
CA TYR B 674 -1.94 45.04 -22.05
C TYR B 674 -1.75 46.53 -22.30
N GLN B 675 -1.98 46.95 -23.55
CA GLN B 675 -1.69 48.32 -23.94
C GLN B 675 -2.52 48.67 -25.17
N THR B 676 -2.63 49.97 -25.44
CA THR B 676 -3.38 50.46 -26.58
C THR B 676 -2.65 50.17 -27.89
N SER B 689 -9.18 49.11 -29.82
CA SER B 689 -7.81 49.54 -30.05
C SER B 689 -6.85 48.83 -29.11
N GLN B 690 -7.25 48.68 -27.84
CA GLN B 690 -6.42 48.00 -26.86
C GLN B 690 -6.26 46.53 -27.20
N SER B 691 -5.05 46.02 -27.03
CA SER B 691 -4.77 44.62 -27.36
C SER B 691 -3.51 44.19 -26.61
N ILE B 692 -3.33 42.87 -26.55
CA ILE B 692 -2.16 42.29 -25.91
C ILE B 692 -0.97 42.41 -26.87
N ILE B 693 0.16 42.88 -26.35
CA ILE B 693 1.35 43.07 -27.16
C ILE B 693 2.51 42.29 -26.55
N ALA B 694 3.39 41.78 -27.42
CA ALA B 694 4.54 41.00 -27.01
C ALA B 694 5.80 41.66 -27.55
N TYR B 695 6.84 41.70 -26.73
CA TYR B 695 8.05 42.41 -27.11
C TYR B 695 9.23 41.86 -26.33
N THR B 696 10.43 42.14 -26.85
CA THR B 696 11.65 41.81 -26.13
C THR B 696 11.90 42.82 -25.02
N MET B 697 12.17 42.33 -23.82
CA MET B 697 12.31 43.20 -22.67
C MET B 697 13.52 44.10 -22.79
N SER B 698 13.41 45.30 -22.24
CA SER B 698 14.48 46.28 -22.23
C SER B 698 15.20 46.27 -20.88
N LEU B 699 16.52 46.24 -20.92
CA LEU B 699 17.33 46.15 -19.71
C LEU B 699 17.50 47.49 -19.00
N GLY B 700 17.02 48.58 -19.58
CA GLY B 700 17.11 49.89 -18.98
C GLY B 700 17.61 50.93 -19.96
N ALA B 701 17.58 52.18 -19.49
CA ALA B 701 18.01 53.29 -20.31
C ALA B 701 19.51 53.23 -20.57
N GLU B 702 19.92 53.65 -21.76
CA GLU B 702 21.32 53.72 -22.12
C GLU B 702 21.90 55.05 -21.65
N ASN B 703 23.07 54.99 -21.02
CA ASN B 703 23.67 56.18 -20.42
C ASN B 703 25.19 56.07 -20.55
N SER B 704 25.74 56.73 -21.56
CA SER B 704 27.19 56.82 -21.67
C SER B 704 27.74 57.80 -20.65
N VAL B 705 28.98 57.57 -20.24
CA VAL B 705 29.65 58.41 -19.25
C VAL B 705 30.86 59.07 -19.91
N ALA B 706 31.02 60.36 -19.67
CA ALA B 706 32.08 61.14 -20.31
C ALA B 706 33.38 60.98 -19.54
N TYR B 707 34.03 59.84 -19.80
CA TYR B 707 35.31 59.55 -19.15
C TYR B 707 36.42 60.40 -19.73
N SER B 708 37.41 60.69 -18.89
CA SER B 708 38.62 61.37 -19.31
C SER B 708 39.71 61.03 -18.31
N ASN B 709 40.93 61.44 -18.63
CA ASN B 709 42.07 61.14 -17.76
C ASN B 709 42.45 62.28 -16.82
N ASN B 710 41.78 63.44 -16.91
CA ASN B 710 42.09 64.54 -16.01
C ASN B 710 40.82 65.30 -15.62
N SER B 711 39.70 64.60 -15.52
CA SER B 711 38.43 65.23 -15.16
C SER B 711 37.74 64.44 -14.04
N ILE B 712 37.19 65.16 -13.07
CA ILE B 712 36.45 64.56 -11.97
C ILE B 712 35.15 65.31 -11.78
N ALA B 713 34.07 64.56 -11.49
CA ALA B 713 32.76 65.14 -11.22
C ALA B 713 32.51 65.10 -9.72
N ILE B 714 32.22 66.26 -9.14
CA ILE B 714 32.02 66.40 -7.70
C ILE B 714 30.62 66.96 -7.47
N PRO B 715 29.85 66.43 -6.53
CA PRO B 715 28.52 66.98 -6.26
C PRO B 715 28.59 68.28 -5.47
N THR B 716 27.47 69.02 -5.53
CA THR B 716 27.31 70.28 -4.84
C THR B 716 26.06 70.35 -3.96
N ASN B 717 25.17 69.37 -4.04
CA ASN B 717 23.96 69.38 -3.22
C ASN B 717 23.55 67.93 -2.96
N PHE B 718 22.71 67.76 -1.94
CA PHE B 718 22.37 66.43 -1.45
C PHE B 718 20.89 66.35 -1.14
N THR B 719 20.38 65.12 -1.11
CA THR B 719 19.01 64.86 -0.70
C THR B 719 18.98 63.71 0.30
N ILE B 720 18.02 63.78 1.21
CA ILE B 720 17.78 62.75 2.21
C ILE B 720 16.53 61.98 1.80
N SER B 721 16.64 60.66 1.75
CA SER B 721 15.54 59.81 1.31
C SER B 721 15.28 58.74 2.35
N VAL B 722 14.05 58.20 2.33
CA VAL B 722 13.66 57.11 3.21
C VAL B 722 13.10 55.98 2.37
N THR B 723 13.49 54.75 2.70
CA THR B 723 13.02 53.57 2.00
C THR B 723 12.50 52.56 3.01
N THR B 724 11.73 51.59 2.52
CA THR B 724 11.12 50.57 3.37
C THR B 724 11.61 49.20 2.97
N GLU B 725 11.81 48.35 3.98
CA GLU B 725 12.11 46.94 3.77
C GLU B 725 11.19 46.12 4.66
N ILE B 726 10.56 45.09 4.09
CA ILE B 726 9.54 44.31 4.77
C ILE B 726 10.02 42.88 4.90
N LEU B 727 10.01 42.34 6.12
CA LEU B 727 10.55 41.01 6.36
C LEU B 727 9.60 40.18 7.21
N PRO B 728 9.23 38.98 6.77
CA PRO B 728 8.47 38.07 7.63
C PRO B 728 9.32 37.56 8.76
N VAL B 729 8.67 37.24 9.88
CA VAL B 729 9.37 36.73 11.06
C VAL B 729 8.77 35.42 11.52
N SER B 730 7.44 35.37 11.65
CA SER B 730 6.77 34.22 12.23
C SER B 730 5.66 33.74 11.32
N MET B 731 5.18 32.53 11.59
CA MET B 731 4.05 31.94 10.90
C MET B 731 3.09 31.38 11.94
N THR B 732 1.88 31.06 11.50
CA THR B 732 0.84 30.60 12.42
C THR B 732 1.23 29.27 13.05
N LYS B 733 0.95 29.12 14.34
CA LYS B 733 1.31 27.92 15.09
C LYS B 733 0.15 26.92 14.99
N THR B 734 0.20 26.09 13.95
CA THR B 734 -0.84 25.11 13.71
C THR B 734 -0.48 23.78 14.36
N SER B 735 -1.45 23.17 15.04
CA SER B 735 -1.27 21.85 15.63
C SER B 735 -2.36 20.92 15.12
N VAL B 736 -2.01 19.66 14.92
CA VAL B 736 -2.92 18.65 14.38
C VAL B 736 -2.82 17.40 15.24
N ASP B 737 -3.97 16.87 15.63
CA ASP B 737 -4.03 15.60 16.34
C ASP B 737 -4.25 14.49 15.32
N CYS B 738 -3.27 13.60 15.18
CA CYS B 738 -3.28 12.65 14.07
C CYS B 738 -4.44 11.66 14.18
N THR B 739 -4.62 11.05 15.35
CA THR B 739 -5.60 9.97 15.45
C THR B 739 -7.03 10.47 15.28
N MET B 740 -7.35 11.64 15.86
CA MET B 740 -8.69 12.19 15.68
C MET B 740 -8.91 12.65 14.24
N TYR B 741 -7.87 13.17 13.59
CA TYR B 741 -8.00 13.53 12.19
C TYR B 741 -8.29 12.30 11.35
N ILE B 742 -7.57 11.21 11.59
CA ILE B 742 -7.74 10.03 10.76
C ILE B 742 -9.11 9.41 11.00
N CYS B 743 -9.35 8.91 12.21
CA CYS B 743 -10.60 8.21 12.49
C CYS B 743 -11.12 8.51 13.88
N GLY B 744 -11.27 9.80 14.20
CA GLY B 744 -11.86 10.24 15.46
C GLY B 744 -13.07 9.45 15.90
N ASP B 745 -13.22 9.31 17.22
CA ASP B 745 -14.30 8.57 17.92
C ASP B 745 -14.76 7.34 17.14
N SER B 746 -13.81 6.44 16.88
CA SER B 746 -14.10 5.14 16.29
C SER B 746 -13.09 4.13 16.84
N THR B 747 -13.59 3.13 17.58
CA THR B 747 -12.70 2.24 18.30
C THR B 747 -12.01 1.23 17.39
N GLU B 748 -12.73 0.69 16.41
CA GLU B 748 -12.15 -0.33 15.54
C GLU B 748 -10.95 0.24 14.78
N CYS B 749 -11.10 1.45 14.24
CA CYS B 749 -9.99 2.07 13.54
C CYS B 749 -8.85 2.43 14.47
N SER B 750 -9.14 2.82 15.71
CA SER B 750 -8.06 3.08 16.65
C SER B 750 -7.24 1.81 16.89
N ASN B 751 -7.93 0.68 17.08
CA ASN B 751 -7.23 -0.57 17.26
C ASN B 751 -6.41 -0.94 16.03
N LEU B 752 -6.95 -0.72 14.83
CA LEU B 752 -6.19 -1.01 13.63
C LEU B 752 -4.97 -0.11 13.49
N LEU B 753 -5.13 1.18 13.79
CA LEU B 753 -4.04 2.13 13.68
C LEU B 753 -2.97 1.91 14.74
N LEU B 754 -3.32 1.22 15.83
CA LEU B 754 -2.30 0.92 16.84
C LEU B 754 -1.20 0.01 16.33
N GLN B 755 -1.38 -0.62 15.16
CA GLN B 755 -0.40 -1.55 14.61
C GLN B 755 0.70 -0.87 13.83
N TYR B 756 0.62 0.42 13.58
CA TYR B 756 1.61 1.10 12.74
C TYR B 756 2.77 1.69 13.53
N GLY B 757 2.72 1.68 14.85
CA GLY B 757 3.86 2.13 15.63
C GLY B 757 3.75 3.59 16.04
N SER B 758 4.82 4.34 15.81
CA SER B 758 4.94 5.72 16.28
C SER B 758 4.68 6.74 15.19
N PHE B 759 3.95 6.35 14.14
CA PHE B 759 3.67 7.25 13.03
C PHE B 759 2.83 8.45 13.46
N CYS B 760 2.18 8.38 14.61
CA CYS B 760 1.39 9.47 15.14
C CYS B 760 2.22 10.38 16.05
N THR B 761 2.95 9.79 16.98
CA THR B 761 3.74 10.59 17.91
C THR B 761 4.88 11.32 17.20
N GLN B 762 5.40 10.75 16.10
CA GLN B 762 6.43 11.47 15.37
C GLN B 762 5.89 12.77 14.77
N LEU B 763 4.71 12.71 14.16
CA LEU B 763 4.12 13.92 13.58
C LEU B 763 3.78 14.93 14.68
N ASN B 764 3.25 14.47 15.80
CA ASN B 764 2.96 15.39 16.89
C ASN B 764 4.24 16.07 17.37
N ARG B 765 5.33 15.32 17.50
CA ARG B 765 6.59 15.89 17.94
C ARG B 765 7.11 16.93 16.96
N ALA B 766 7.03 16.63 15.66
CA ALA B 766 7.52 17.58 14.66
C ALA B 766 6.72 18.88 14.70
N LEU B 767 5.39 18.77 14.79
CA LEU B 767 4.58 19.99 14.83
C LEU B 767 4.84 20.79 16.09
N THR B 768 5.03 20.12 17.23
CA THR B 768 5.37 20.83 18.46
C THR B 768 6.71 21.56 18.32
N GLY B 769 7.69 20.91 17.68
CA GLY B 769 8.97 21.57 17.48
C GLY B 769 8.85 22.83 16.65
N ILE B 770 8.07 22.76 15.56
CA ILE B 770 7.86 23.95 14.74
C ILE B 770 7.18 25.05 15.57
N ALA B 771 6.17 24.67 16.35
CA ALA B 771 5.44 25.66 17.14
C ALA B 771 6.35 26.37 18.13
N VAL B 772 7.25 25.64 18.77
CA VAL B 772 8.18 26.28 19.71
C VAL B 772 9.16 27.18 18.97
N GLU B 773 9.68 26.70 17.83
CA GLU B 773 10.67 27.49 17.09
C GLU B 773 10.09 28.81 16.60
N GLN B 774 8.78 28.87 16.31
CA GLN B 774 8.19 30.15 15.92
C GLN B 774 8.34 31.21 17.00
N ASP B 775 7.98 30.86 18.24
CA ASP B 775 8.11 31.81 19.34
C ASP B 775 9.57 32.15 19.59
N LYS B 776 10.46 31.18 19.43
CA LYS B 776 11.88 31.50 19.56
C LYS B 776 12.32 32.53 18.53
N ASN B 777 11.84 32.40 17.28
CA ASN B 777 12.16 33.38 16.24
C ASN B 777 11.70 34.77 16.64
N THR B 778 10.43 34.89 17.07
CA THR B 778 9.92 36.20 17.42
C THR B 778 10.71 36.83 18.55
N GLN B 779 10.97 36.06 19.61
CA GLN B 779 11.70 36.59 20.76
C GLN B 779 13.10 37.01 20.37
N GLU B 780 13.76 36.21 19.53
CA GLU B 780 15.12 36.55 19.11
C GLU B 780 15.16 37.81 18.26
N VAL B 781 14.17 38.02 17.39
CA VAL B 781 14.18 39.19 16.53
C VAL B 781 13.91 40.46 17.33
N PHE B 782 12.89 40.45 18.21
CA PHE B 782 12.45 41.72 18.77
C PHE B 782 13.12 42.06 20.10
N ALA B 783 13.27 41.10 21.01
CA ALA B 783 13.73 41.36 22.37
C ALA B 783 15.24 41.49 22.41
N GLN B 784 15.71 42.62 21.91
CA GLN B 784 17.13 42.90 21.80
C GLN B 784 17.63 43.86 22.87
N VAL B 785 16.70 44.53 23.55
CA VAL B 785 16.97 45.60 24.50
C VAL B 785 16.69 45.12 25.92
N LYS B 786 17.57 45.50 26.84
CA LYS B 786 17.50 45.00 28.22
C LYS B 786 16.48 45.74 29.08
N GLN B 787 16.13 46.97 28.73
CA GLN B 787 15.23 47.78 29.54
C GLN B 787 14.21 48.44 28.64
N ILE B 788 13.22 49.08 29.26
CA ILE B 788 12.17 49.79 28.52
C ILE B 788 12.39 51.27 28.73
N TYR B 789 12.68 51.98 27.65
CA TYR B 789 12.88 53.42 27.69
C TYR B 789 11.58 54.15 27.39
N LYS B 790 11.57 55.45 27.66
CA LYS B 790 10.41 56.28 27.36
C LYS B 790 10.87 57.64 26.89
N THR B 791 10.24 58.13 25.83
CA THR B 791 10.59 59.43 25.27
C THR B 791 10.17 60.56 26.22
N PRO B 792 10.90 61.68 26.21
CA PRO B 792 10.53 62.78 27.08
C PRO B 792 9.18 63.34 26.68
N PRO B 793 8.43 63.91 27.64
CA PRO B 793 7.11 64.47 27.31
C PRO B 793 7.15 65.59 26.30
N ILE B 794 8.21 66.41 26.29
CA ILE B 794 8.31 67.55 25.38
C ILE B 794 9.12 67.15 24.15
N LYS B 795 8.60 67.49 22.98
CA LYS B 795 9.22 67.11 21.71
C LYS B 795 10.02 68.29 21.13
N ASP B 796 11.13 68.59 21.80
CA ASP B 796 12.06 69.62 21.32
C ASP B 796 13.28 68.91 20.73
N PHE B 797 13.17 68.52 19.47
CA PHE B 797 14.21 67.76 18.79
C PHE B 797 14.89 68.56 17.68
N GLY B 798 14.99 69.88 17.86
CA GLY B 798 15.70 70.70 16.91
C GLY B 798 15.06 70.83 15.55
N GLY B 799 13.74 70.66 15.47
CA GLY B 799 13.01 70.80 14.23
C GLY B 799 12.61 69.50 13.57
N PHE B 800 13.21 68.39 13.96
CA PHE B 800 12.81 67.08 13.42
C PHE B 800 11.48 66.67 14.03
N ASN B 801 10.56 66.23 13.19
CA ASN B 801 9.22 65.85 13.63
C ASN B 801 9.06 64.34 13.53
N PHE B 802 8.88 63.67 14.66
CA PHE B 802 8.74 62.22 14.72
C PHE B 802 7.31 61.79 15.04
N SER B 803 6.33 62.66 14.82
CA SER B 803 4.97 62.36 15.26
C SER B 803 4.35 61.19 14.50
N GLN B 804 4.92 60.83 13.35
CA GLN B 804 4.37 59.76 12.53
C GLN B 804 4.87 58.37 12.91
N ILE B 805 5.80 58.26 13.86
CA ILE B 805 6.32 56.95 14.24
C ILE B 805 6.18 56.72 15.74
N LEU B 806 6.14 57.80 16.52
CA LEU B 806 6.00 57.66 17.96
C LEU B 806 4.59 57.22 18.31
N PRO B 807 4.40 56.59 19.47
CA PRO B 807 3.06 56.12 19.86
C PRO B 807 2.08 57.27 20.02
N ASP B 808 0.82 56.98 19.71
CA ASP B 808 -0.25 57.95 19.85
C ASP B 808 -1.08 57.59 21.08
N PRO B 809 -1.03 58.38 22.16
CA PRO B 809 -1.78 58.01 23.36
C PRO B 809 -3.29 58.02 23.20
N SER B 810 -3.82 58.73 22.20
CA SER B 810 -5.26 58.86 22.05
C SER B 810 -5.93 57.60 21.52
N LYS B 811 -5.19 56.73 20.86
CA LYS B 811 -5.77 55.49 20.36
C LYS B 811 -6.08 54.55 21.51
N PRO B 812 -7.06 53.65 21.33
CA PRO B 812 -7.31 52.64 22.38
C PRO B 812 -6.09 51.78 22.67
N SER B 813 -5.32 51.44 21.64
CA SER B 813 -4.07 50.71 21.78
C SER B 813 -2.92 51.63 21.42
N LYS B 814 -1.88 51.65 22.25
CA LYS B 814 -0.80 52.61 22.07
C LYS B 814 0.07 52.23 20.87
N ARG B 815 -0.47 52.37 19.68
CA ARG B 815 0.23 52.10 18.43
C ARG B 815 0.57 53.43 17.74
N SER B 816 1.14 53.33 16.56
CA SER B 816 1.56 54.49 15.78
C SER B 816 0.76 54.57 14.50
N PRO B 817 0.61 55.77 13.92
CA PRO B 817 -0.19 55.89 12.69
C PRO B 817 0.29 55.01 11.55
N ILE B 818 1.60 54.86 11.37
CA ILE B 818 2.09 53.95 10.33
C ILE B 818 1.79 52.51 10.71
N GLU B 819 1.92 52.17 11.99
CA GLU B 819 1.56 50.83 12.43
C GLU B 819 0.07 50.56 12.23
N ASP B 820 -0.78 51.56 12.51
CA ASP B 820 -2.20 51.41 12.25
C ASP B 820 -2.48 51.22 10.77
N LEU B 821 -1.78 51.98 9.91
CA LEU B 821 -1.95 51.82 8.47
C LEU B 821 -1.54 50.41 8.02
N LEU B 822 -0.44 49.89 8.57
CA LEU B 822 0.00 48.56 8.21
C LEU B 822 -0.96 47.48 8.72
N PHE B 823 -1.59 47.72 9.87
CA PHE B 823 -2.46 46.69 10.46
C PHE B 823 -3.77 46.53 9.71
N ASN B 824 -4.17 47.51 8.91
CA ASN B 824 -5.43 47.46 8.17
C ASN B 824 -5.25 47.06 6.71
N LYS B 825 -4.06 46.62 6.31
CA LYS B 825 -3.82 46.19 4.95
C LYS B 825 -3.63 44.69 4.80
N VAL B 826 -3.47 43.96 5.89
CA VAL B 826 -3.28 42.52 5.85
C VAL B 826 -4.51 41.86 6.46
N THR B 827 -5.12 40.96 5.70
CA THR B 827 -6.33 40.25 6.15
C THR B 827 -5.99 38.81 6.53
N LYS B 854 -11.12 22.41 10.86
CA LYS B 854 -12.08 23.10 11.72
C LYS B 854 -12.30 22.32 13.01
N PHE B 855 -13.14 21.30 12.94
CA PHE B 855 -13.46 20.45 14.08
C PHE B 855 -12.99 19.02 13.85
N ASN B 856 -11.98 18.84 13.01
CA ASN B 856 -11.45 17.53 12.68
C ASN B 856 -10.12 17.26 13.34
N GLY B 857 -9.80 17.97 14.42
CA GLY B 857 -8.53 17.81 15.10
C GLY B 857 -7.49 18.85 14.75
N LEU B 858 -7.85 19.90 14.02
CA LEU B 858 -6.92 20.96 13.66
C LEU B 858 -7.16 22.16 14.58
N THR B 859 -6.10 22.65 15.21
CA THR B 859 -6.21 23.76 16.14
C THR B 859 -5.08 24.74 15.89
N VAL B 860 -5.28 25.97 16.37
CA VAL B 860 -4.28 27.03 16.26
C VAL B 860 -3.98 27.54 17.67
N LEU B 861 -2.72 27.65 17.97
CA LEU B 861 -2.32 28.11 19.29
C LEU B 861 -2.00 29.59 19.27
N PRO B 862 -2.20 30.30 20.38
CA PRO B 862 -1.90 31.74 20.40
C PRO B 862 -0.42 31.99 20.60
N PRO B 863 0.12 33.05 20.00
CA PRO B 863 1.53 33.37 20.19
C PRO B 863 1.82 33.78 21.63
N LEU B 864 3.06 33.53 22.06
CA LEU B 864 3.44 33.86 23.43
C LEU B 864 3.40 35.36 23.67
N LEU B 865 3.90 36.16 22.73
CA LEU B 865 3.94 37.61 22.89
C LEU B 865 2.73 38.24 22.21
N THR B 866 1.95 38.99 22.97
CA THR B 866 0.82 39.70 22.40
C THR B 866 1.29 40.90 21.59
N ASP B 867 0.39 41.40 20.74
CA ASP B 867 0.75 42.53 19.89
C ASP B 867 1.07 43.78 20.71
N GLU B 868 0.44 43.93 21.87
CA GLU B 868 0.74 45.09 22.71
C GLU B 868 2.19 45.05 23.20
N MET B 869 2.67 43.86 23.57
CA MET B 869 4.07 43.74 23.98
C MET B 869 5.02 44.03 22.83
N ILE B 870 4.68 43.59 21.62
CA ILE B 870 5.51 43.91 20.46
C ILE B 870 5.58 45.41 20.25
N ALA B 871 4.43 46.10 20.37
CA ALA B 871 4.42 47.54 20.23
C ALA B 871 5.26 48.21 21.32
N GLN B 872 5.19 47.68 22.54
CA GLN B 872 6.02 48.22 23.63
C GLN B 872 7.50 48.07 23.32
N TYR B 873 7.89 46.90 22.80
CA TYR B 873 9.30 46.68 22.47
C TYR B 873 9.77 47.65 21.39
N THR B 874 8.97 47.81 20.33
CA THR B 874 9.38 48.71 19.26
C THR B 874 9.43 50.15 19.74
N SER B 875 8.49 50.56 20.59
CA SER B 875 8.53 51.90 21.15
C SER B 875 9.77 52.11 22.00
N ALA B 876 10.15 51.09 22.79
CA ALA B 876 11.36 51.22 23.60
C ALA B 876 12.59 51.38 22.72
N LEU B 877 12.71 50.56 21.68
CA LEU B 877 13.86 50.67 20.77
C LEU B 877 13.90 52.05 20.12
N LEU B 878 12.75 52.54 19.66
CA LEU B 878 12.71 53.82 18.96
C LEU B 878 13.05 54.97 19.89
N ALA B 879 12.52 54.96 21.11
CA ALA B 879 12.85 56.00 22.07
C ALA B 879 14.33 55.98 22.43
N GLY B 880 14.89 54.78 22.59
CA GLY B 880 16.31 54.69 22.88
C GLY B 880 17.17 55.24 21.75
N THR B 881 16.83 54.89 20.50
CA THR B 881 17.64 55.37 19.38
C THR B 881 17.43 56.85 19.11
N ILE B 882 16.30 57.43 19.53
CA ILE B 882 16.13 58.87 19.42
C ILE B 882 16.93 59.60 20.49
N THR B 883 16.88 59.11 21.73
CA THR B 883 17.45 59.87 22.83
C THR B 883 18.96 59.67 22.93
N SER B 884 19.46 58.45 22.77
CA SER B 884 20.84 58.13 23.11
C SER B 884 21.71 57.78 21.91
N GLY B 885 21.14 57.50 20.75
CA GLY B 885 21.93 57.12 19.60
C GLY B 885 22.30 55.65 19.59
N TRP B 886 23.57 55.34 19.34
CA TRP B 886 24.04 53.97 19.34
C TRP B 886 24.60 53.53 20.68
N THR B 887 24.62 54.41 21.68
CA THR B 887 25.31 54.09 22.93
C THR B 887 24.57 53.02 23.71
N PHE B 888 23.24 53.01 23.67
CA PHE B 888 22.49 52.06 24.48
C PHE B 888 22.64 50.63 24.00
N GLY B 889 23.20 50.41 22.81
CA GLY B 889 23.45 49.05 22.35
C GLY B 889 24.74 48.45 22.85
N ALA B 890 25.62 49.26 23.43
CA ALA B 890 26.90 48.80 23.97
C ALA B 890 26.89 48.65 25.48
N GLY B 891 26.58 49.72 26.21
CA GLY B 891 26.55 49.68 27.65
C GLY B 891 25.38 50.47 28.21
N PRO B 892 25.65 51.34 29.18
CA PRO B 892 24.60 52.21 29.71
C PRO B 892 24.21 53.28 28.72
N ALA B 893 22.94 53.68 28.78
CA ALA B 893 22.43 54.69 27.86
C ALA B 893 22.90 56.07 28.28
N LEU B 894 23.41 56.83 27.33
CA LEU B 894 23.89 58.19 27.56
C LEU B 894 23.13 59.15 26.65
N GLN B 895 22.59 60.22 27.24
CA GLN B 895 21.82 61.17 26.45
C GLN B 895 22.74 62.07 25.64
N ILE B 896 22.20 62.61 24.54
CA ILE B 896 22.94 63.48 23.64
C ILE B 896 21.93 64.21 22.75
N PRO B 897 22.09 65.51 22.51
CA PRO B 897 21.14 66.23 21.66
C PRO B 897 21.10 65.65 20.25
N PHE B 898 19.91 65.66 19.65
CA PHE B 898 19.73 65.04 18.34
C PHE B 898 20.58 65.66 17.23
N PRO B 899 20.68 66.98 17.08
CA PRO B 899 21.54 67.51 16.01
C PRO B 899 22.99 67.07 16.13
N MET B 900 23.53 66.91 17.34
CA MET B 900 24.89 66.41 17.46
C MET B 900 24.98 64.95 17.06
N GLN B 901 23.94 64.17 17.34
CA GLN B 901 23.93 62.80 16.84
C GLN B 901 23.94 62.77 15.32
N MET B 902 23.16 63.65 14.69
CA MET B 902 23.20 63.74 13.24
C MET B 902 24.57 64.19 12.75
N ALA B 903 25.24 65.05 13.50
CA ALA B 903 26.60 65.44 13.14
C ALA B 903 27.55 64.24 13.18
N TYR B 904 27.42 63.39 14.20
CA TYR B 904 28.21 62.17 14.24
C TYR B 904 27.94 61.30 13.02
N ARG B 905 26.66 61.11 12.69
CA ARG B 905 26.31 60.26 11.57
C ARG B 905 26.84 60.82 10.26
N PHE B 906 26.82 62.14 10.10
CA PHE B 906 27.39 62.77 8.91
C PHE B 906 28.90 62.58 8.86
N ASN B 907 29.57 62.74 10.00
CA ASN B 907 31.02 62.51 10.04
C ASN B 907 31.36 61.06 9.71
N GLY B 908 30.45 60.14 9.98
CA GLY B 908 30.72 58.74 9.73
C GLY B 908 30.88 58.38 8.26
N ILE B 909 30.41 59.23 7.36
CA ILE B 909 30.45 58.91 5.93
C ILE B 909 31.32 59.90 5.16
N GLY B 910 32.29 60.52 5.82
CA GLY B 910 33.24 61.37 5.13
C GLY B 910 32.76 62.77 4.81
N VAL B 911 31.74 63.26 5.51
CA VAL B 911 31.25 64.62 5.33
C VAL B 911 31.40 65.35 6.65
N THR B 912 32.05 66.52 6.61
CA THR B 912 32.31 67.28 7.82
C THR B 912 31.01 67.77 8.46
N GLN B 913 31.01 67.85 9.79
CA GLN B 913 29.79 68.17 10.53
C GLN B 913 29.31 69.59 10.25
N ASN B 914 30.20 70.49 9.86
CA ASN B 914 29.78 71.86 9.57
C ASN B 914 28.76 71.89 8.44
N VAL B 915 28.84 70.94 7.50
CA VAL B 915 27.86 70.87 6.42
C VAL B 915 26.46 70.72 6.99
N LEU B 916 26.30 69.84 7.98
CA LEU B 916 25.01 69.73 8.66
C LEU B 916 24.67 71.01 9.41
N TYR B 917 25.66 71.59 10.09
CA TYR B 917 25.35 72.72 10.98
C TYR B 917 24.88 73.95 10.21
N GLU B 918 25.40 74.18 9.00
CA GLU B 918 24.89 75.30 8.22
C GLU B 918 23.50 75.02 7.64
N ASN B 919 23.19 73.75 7.38
CA ASN B 919 22.00 73.38 6.64
C ASN B 919 21.01 72.58 7.48
N GLN B 920 20.76 73.01 8.71
CA GLN B 920 19.88 72.26 9.60
C GLN B 920 18.44 72.33 9.12
N LYS B 921 17.96 73.53 8.77
CA LYS B 921 16.57 73.72 8.40
C LYS B 921 16.20 72.92 7.16
N LEU B 922 17.07 72.96 6.14
CA LEU B 922 16.80 72.24 4.90
C LEU B 922 16.70 70.74 5.16
N ILE B 923 17.61 70.20 5.97
CA ILE B 923 17.60 68.77 6.24
C ILE B 923 16.36 68.38 7.03
N ALA B 924 15.96 69.22 8.00
CA ALA B 924 14.74 68.92 8.75
C ALA B 924 13.52 68.91 7.83
N ASN B 925 13.42 69.89 6.92
CA ASN B 925 12.29 69.93 6.00
C ASN B 925 12.27 68.72 5.09
N GLN B 926 13.44 68.32 4.59
CA GLN B 926 13.51 67.14 3.72
C GLN B 926 13.12 65.88 4.47
N PHE B 927 13.55 65.75 5.72
CA PHE B 927 13.18 64.59 6.52
C PHE B 927 11.66 64.52 6.69
N ASN B 928 11.04 65.65 7.06
CA ASN B 928 9.60 65.65 7.27
C ASN B 928 8.84 65.34 5.98
N SER B 929 9.27 65.92 4.86
CA SER B 929 8.60 65.65 3.60
C SER B 929 8.74 64.18 3.20
N ALA B 930 9.91 63.59 3.43
CA ALA B 930 10.10 62.17 3.13
C ALA B 930 9.17 61.31 3.96
N ILE B 931 9.03 61.63 5.26
CA ILE B 931 8.13 60.86 6.11
C ILE B 931 6.70 60.95 5.62
N GLY B 932 6.26 62.16 5.28
CA GLY B 932 4.91 62.31 4.75
C GLY B 932 4.71 61.53 3.46
N LYS B 933 5.70 61.56 2.57
CA LYS B 933 5.58 60.85 1.31
C LYS B 933 5.49 59.35 1.50
N ILE B 934 6.29 58.79 2.42
CA ILE B 934 6.22 57.34 2.61
C ILE B 934 4.88 56.97 3.24
N GLN B 935 4.37 57.80 4.15
CA GLN B 935 3.04 57.53 4.70
C GLN B 935 1.99 57.48 3.60
N ASP B 936 2.01 58.47 2.70
CA ASP B 936 1.04 58.50 1.61
C ASP B 936 1.21 57.28 0.69
N SER B 937 2.46 56.94 0.36
CA SER B 937 2.71 55.80 -0.52
C SER B 937 2.19 54.51 0.07
N LEU B 938 2.40 54.30 1.37
CA LEU B 938 1.84 53.11 2.01
C LEU B 938 0.31 53.18 2.05
N SER B 939 -0.26 54.37 2.20
CA SER B 939 -1.71 54.49 2.29
C SER B 939 -2.41 54.31 0.96
N SER B 940 -1.72 54.50 -0.17
CA SER B 940 -2.37 54.47 -1.47
C SER B 940 -2.10 53.22 -2.30
N THR B 941 -1.05 52.47 -2.00
CA THR B 941 -0.72 51.29 -2.78
C THR B 941 -0.97 50.03 -1.97
N PRO B 942 -1.85 49.13 -2.40
CA PRO B 942 -2.16 47.94 -1.59
C PRO B 942 -1.20 46.78 -1.76
N SER B 943 -0.44 46.72 -2.85
CA SER B 943 0.43 45.58 -3.10
C SER B 943 1.74 45.64 -2.34
N ALA B 944 2.04 46.77 -1.67
CA ALA B 944 3.34 46.95 -1.04
C ALA B 944 3.62 45.89 0.02
N LEU B 945 2.58 45.40 0.70
CA LEU B 945 2.74 44.40 1.74
C LEU B 945 2.68 42.98 1.21
N GLY B 946 2.88 42.79 -0.11
CA GLY B 946 2.71 41.46 -0.68
C GLY B 946 3.58 40.41 -0.01
N LYS B 947 4.84 40.75 0.28
CA LYS B 947 5.76 39.79 0.88
C LYS B 947 5.20 39.20 2.17
N LEU B 948 4.39 39.95 2.91
CA LEU B 948 3.74 39.37 4.06
C LEU B 948 2.53 38.54 3.65
N GLN B 949 1.64 39.13 2.85
CA GLN B 949 0.36 38.51 2.57
C GLN B 949 0.54 37.12 1.98
N ASP B 950 1.46 36.98 1.03
CA ASP B 950 1.69 35.69 0.38
C ASP B 950 1.88 34.58 1.41
N VAL B 951 2.70 34.84 2.43
CA VAL B 951 2.98 33.80 3.42
C VAL B 951 1.67 33.28 4.00
N VAL B 952 0.82 34.20 4.46
CA VAL B 952 -0.45 33.79 5.05
C VAL B 952 -1.22 32.92 4.08
N ASN B 953 -1.34 33.39 2.83
CA ASN B 953 -2.10 32.63 1.84
C ASN B 953 -1.60 31.20 1.79
N GLN B 954 -0.28 31.02 1.67
CA GLN B 954 0.24 29.67 1.52
C GLN B 954 -0.23 28.78 2.65
N ASN B 955 -0.08 29.25 3.90
CA ASN B 955 -0.51 28.44 5.02
C ASN B 955 -1.96 28.04 4.87
N ALA B 956 -2.83 29.00 4.62
CA ALA B 956 -4.25 28.70 4.47
C ALA B 956 -4.44 27.63 3.42
N GLN B 957 -3.82 27.82 2.26
CA GLN B 957 -4.00 26.86 1.17
C GLN B 957 -3.69 25.46 1.64
N ALA B 958 -2.55 25.28 2.31
CA ALA B 958 -2.16 23.96 2.77
C ALA B 958 -3.28 23.34 3.58
N LEU B 959 -3.76 24.06 4.60
CA LEU B 959 -4.79 23.50 5.45
C LEU B 959 -6.00 23.09 4.63
N ASN B 960 -6.44 23.97 3.72
CA ASN B 960 -7.61 23.64 2.92
C ASN B 960 -7.43 22.31 2.21
N THR B 961 -6.29 22.14 1.54
CA THR B 961 -6.08 20.90 0.82
C THR B 961 -6.17 19.71 1.76
N LEU B 962 -5.53 19.81 2.93
CA LEU B 962 -5.58 18.71 3.88
C LEU B 962 -7.02 18.34 4.20
N VAL B 963 -7.85 19.36 4.47
CA VAL B 963 -9.23 19.08 4.83
C VAL B 963 -9.95 18.39 3.68
N LYS B 964 -9.70 18.85 2.44
CA LYS B 964 -10.36 18.22 1.31
C LYS B 964 -9.95 16.78 1.14
N GLN B 965 -8.78 16.39 1.65
CA GLN B 965 -8.37 15.00 1.54
C GLN B 965 -9.27 14.08 2.33
N LEU B 966 -10.10 14.61 3.23
CA LEU B 966 -11.06 13.77 3.93
C LEU B 966 -12.20 13.33 3.02
N SER B 967 -12.35 13.95 1.85
CA SER B 967 -13.46 13.62 0.95
C SER B 967 -13.10 12.57 -0.09
N SER B 968 -11.85 12.12 -0.14
CA SER B 968 -11.44 11.18 -1.17
C SER B 968 -11.78 9.75 -0.76
N ASN B 969 -11.72 8.86 -1.75
CA ASN B 969 -12.08 7.45 -1.56
C ASN B 969 -10.88 6.56 -1.26
N PHE B 970 -9.76 6.78 -1.96
CA PHE B 970 -8.55 5.97 -1.84
C PHE B 970 -8.78 4.51 -2.19
N GLY B 971 -9.87 4.21 -2.89
CA GLY B 971 -10.19 2.85 -3.29
C GLY B 971 -11.27 2.18 -2.48
N ALA B 972 -11.66 2.75 -1.34
CA ALA B 972 -12.73 2.16 -0.54
C ALA B 972 -14.07 2.37 -1.23
N ILE B 973 -15.12 1.81 -0.63
CA ILE B 973 -16.45 1.94 -1.22
C ILE B 973 -17.08 3.27 -0.87
N SER B 974 -16.65 3.91 0.21
CA SER B 974 -17.21 5.20 0.60
C SER B 974 -16.16 5.96 1.38
N SER B 975 -16.32 7.30 1.40
CA SER B 975 -15.34 8.19 2.02
C SER B 975 -15.66 8.50 3.47
N VAL B 976 -16.79 8.06 4.00
CA VAL B 976 -17.19 8.36 5.37
C VAL B 976 -17.12 7.08 6.18
N LEU B 977 -16.52 7.16 7.37
CA LEU B 977 -16.22 5.97 8.15
C LEU B 977 -17.47 5.40 8.83
N ASN B 978 -18.35 6.27 9.32
CA ASN B 978 -19.51 5.77 10.06
C ASN B 978 -20.44 4.97 9.16
N ASP B 979 -20.62 5.40 7.92
CA ASP B 979 -21.48 4.67 6.99
C ASP B 979 -20.89 3.30 6.68
N ILE B 980 -19.60 3.26 6.33
CA ILE B 980 -19.00 1.99 5.94
C ILE B 980 -18.92 1.04 7.13
N LEU B 981 -18.83 1.58 8.35
CA LEU B 981 -18.86 0.73 9.53
C LEU B 981 -20.27 0.28 9.88
N SER B 982 -21.29 0.86 9.26
CA SER B 982 -22.68 0.54 9.54
C SER B 982 -23.30 -0.39 8.51
N ARG B 983 -22.50 -0.93 7.59
CA ARG B 983 -23.01 -1.82 6.56
C ARG B 983 -22.27 -3.15 6.49
N LEU B 984 -20.97 -3.17 6.72
CA LEU B 984 -20.16 -4.37 6.51
C LEU B 984 -19.84 -5.05 7.82
N ASP B 985 -19.60 -6.35 7.75
CA ASP B 985 -19.11 -7.13 8.87
C ASP B 985 -17.65 -6.82 9.13
N PRO B 986 -17.15 -7.13 10.33
CA PRO B 986 -15.76 -6.79 10.68
C PRO B 986 -14.74 -7.35 9.70
N PRO B 987 -14.88 -8.60 9.21
CA PRO B 987 -13.83 -9.16 8.35
C PRO B 987 -13.56 -8.38 7.07
N GLU B 988 -14.50 -7.57 6.59
CA GLU B 988 -14.26 -6.74 5.41
C GLU B 988 -14.19 -5.25 5.73
N ALA B 989 -14.94 -4.79 6.73
CA ALA B 989 -14.76 -3.44 7.23
C ALA B 989 -13.32 -3.21 7.65
N GLU B 990 -12.64 -4.25 8.14
CA GLU B 990 -11.23 -4.11 8.49
C GLU B 990 -10.39 -3.76 7.27
N VAL B 991 -10.63 -4.45 6.14
CA VAL B 991 -9.85 -4.17 4.93
C VAL B 991 -10.11 -2.75 4.45
N GLN B 992 -11.40 -2.35 4.41
CA GLN B 992 -11.73 -1.03 3.93
C GLN B 992 -11.12 0.06 4.82
N ILE B 993 -11.21 -0.12 6.14
CA ILE B 993 -10.63 0.85 7.06
C ILE B 993 -9.12 0.89 6.91
N ASP B 994 -8.50 -0.25 6.63
CA ASP B 994 -7.06 -0.25 6.39
C ASP B 994 -6.70 0.60 5.18
N ARG B 995 -7.48 0.48 4.11
CA ARG B 995 -7.21 1.30 2.93
C ARG B 995 -7.35 2.79 3.24
N LEU B 996 -8.41 3.17 3.96
CA LEU B 996 -8.59 4.57 4.30
C LEU B 996 -7.46 5.08 5.20
N ILE B 997 -7.03 4.26 6.15
CA ILE B 997 -5.94 4.64 7.04
C ILE B 997 -4.67 4.89 6.25
N THR B 998 -4.35 4.01 5.29
CA THR B 998 -3.15 4.20 4.49
C THR B 998 -3.21 5.53 3.73
N GLY B 999 -4.34 5.80 3.08
CA GLY B 999 -4.44 7.04 2.33
C GLY B 999 -4.28 8.27 3.20
N ARG B 1000 -5.00 8.32 4.32
CA ARG B 1000 -4.94 9.50 5.17
C ARG B 1000 -3.57 9.67 5.82
N LEU B 1001 -2.91 8.57 6.18
CA LEU B 1001 -1.58 8.66 6.75
C LEU B 1001 -0.59 9.24 5.73
N GLN B 1002 -0.68 8.80 4.48
CA GLN B 1002 0.20 9.36 3.46
C GLN B 1002 -0.03 10.86 3.28
N SER B 1003 -1.31 11.27 3.28
CA SER B 1003 -1.60 12.70 3.15
C SER B 1003 -1.02 13.50 4.31
N LEU B 1004 -1.16 12.99 5.54
CA LEU B 1004 -0.62 13.70 6.70
C LEU B 1004 0.88 13.82 6.63
N GLN B 1005 1.57 12.76 6.21
CA GLN B 1005 3.02 12.83 6.08
C GLN B 1005 3.44 13.90 5.07
N THR B 1006 2.76 13.95 3.93
CA THR B 1006 3.09 14.98 2.94
C THR B 1006 2.93 16.37 3.53
N TYR B 1007 1.82 16.61 4.24
CA TYR B 1007 1.59 17.93 4.82
C TYR B 1007 2.69 18.28 5.82
N VAL B 1008 3.09 17.33 6.66
CA VAL B 1008 4.11 17.62 7.66
C VAL B 1008 5.44 17.96 7.00
N THR B 1009 5.82 17.22 5.96
CA THR B 1009 7.08 17.52 5.29
C THR B 1009 7.07 18.91 4.67
N GLN B 1010 5.99 19.28 4.01
CA GLN B 1010 5.92 20.63 3.43
C GLN B 1010 6.02 21.69 4.51
N GLN B 1011 5.35 21.48 5.64
CA GLN B 1011 5.41 22.46 6.73
C GLN B 1011 6.83 22.58 7.27
N LEU B 1012 7.56 21.47 7.38
CA LEU B 1012 8.94 21.55 7.87
C LEU B 1012 9.79 22.39 6.95
N ILE B 1013 9.68 22.17 5.64
CA ILE B 1013 10.51 22.95 4.72
C ILE B 1013 10.16 24.45 4.80
N ARG B 1014 8.87 24.76 4.82
CA ARG B 1014 8.47 26.17 4.89
C ARG B 1014 8.95 26.82 6.18
N ALA B 1015 8.91 26.07 7.29
CA ALA B 1015 9.39 26.61 8.56
C ALA B 1015 10.88 26.90 8.50
N ALA B 1016 11.65 26.03 7.84
CA ALA B 1016 13.08 26.31 7.69
C ALA B 1016 13.31 27.60 6.93
N GLU B 1017 12.56 27.81 5.85
CA GLU B 1017 12.69 29.06 5.08
C GLU B 1017 12.36 30.28 5.95
N ILE B 1018 11.27 30.20 6.71
CA ILE B 1018 10.88 31.34 7.54
C ILE B 1018 11.93 31.61 8.61
N ARG B 1019 12.53 30.56 9.16
CA ARG B 1019 13.59 30.75 10.15
C ARG B 1019 14.79 31.44 9.55
N ALA B 1020 15.15 31.10 8.31
CA ALA B 1020 16.23 31.82 7.65
C ALA B 1020 15.91 33.30 7.51
N SER B 1021 14.69 33.62 7.10
CA SER B 1021 14.29 35.02 6.97
C SER B 1021 14.34 35.74 8.33
N ALA B 1022 13.91 35.06 9.39
CA ALA B 1022 13.93 35.66 10.72
C ALA B 1022 15.35 35.94 11.17
N ASN B 1023 16.28 35.03 10.88
CA ASN B 1023 17.68 35.28 11.23
C ASN B 1023 18.22 36.48 10.48
N LEU B 1024 17.90 36.61 9.19
CA LEU B 1024 18.34 37.79 8.45
C LEU B 1024 17.77 39.07 9.07
N ALA B 1025 16.49 39.04 9.44
CA ALA B 1025 15.88 40.23 10.04
C ALA B 1025 16.54 40.58 11.37
N ALA B 1026 16.87 39.57 12.18
CA ALA B 1026 17.53 39.83 13.45
C ALA B 1026 18.90 40.46 13.24
N THR B 1027 19.66 39.95 12.27
CA THR B 1027 20.96 40.54 11.97
C THR B 1027 20.82 41.97 11.50
N LYS B 1028 19.82 42.25 10.65
CA LYS B 1028 19.60 43.61 10.18
C LYS B 1028 19.25 44.54 11.33
N MET B 1029 18.39 44.09 12.24
CA MET B 1029 18.03 44.91 13.39
C MET B 1029 19.24 45.19 14.27
N SER B 1030 20.07 44.18 14.50
CA SER B 1030 21.24 44.38 15.36
C SER B 1030 22.25 45.34 14.73
N GLU B 1031 22.53 45.17 13.44
CA GLU B 1031 23.64 45.90 12.83
C GLU B 1031 23.23 47.20 12.16
N CYS B 1032 21.94 47.49 12.02
CA CYS B 1032 21.51 48.67 11.29
C CYS B 1032 20.73 49.67 12.12
N VAL B 1033 20.03 49.25 13.16
CA VAL B 1033 19.30 50.15 14.03
C VAL B 1033 20.14 50.59 15.22
N LEU B 1034 20.75 49.62 15.91
CA LEU B 1034 21.55 49.90 17.10
C LEU B 1034 22.88 50.56 16.79
N GLY B 1035 23.26 50.67 15.53
CA GLY B 1035 24.51 51.31 15.14
C GLY B 1035 24.40 51.88 13.75
N GLN B 1036 25.55 52.10 13.11
CA GLN B 1036 25.63 52.59 11.75
C GLN B 1036 26.43 51.59 10.93
N SER B 1037 25.92 51.24 9.75
CA SER B 1037 26.50 50.17 8.94
C SER B 1037 27.23 50.75 7.75
N LYS B 1038 28.44 50.25 7.50
CA LYS B 1038 29.24 50.65 6.35
C LYS B 1038 29.16 49.67 5.20
N ARG B 1039 28.34 48.63 5.32
CA ARG B 1039 28.18 47.66 4.23
C ARG B 1039 27.29 48.26 3.15
N VAL B 1040 27.76 48.20 1.90
CA VAL B 1040 27.06 48.86 0.81
C VAL B 1040 25.78 48.10 0.48
N ASP B 1041 24.68 48.83 0.34
CA ASP B 1041 23.38 48.33 -0.07
C ASP B 1041 22.79 47.30 0.89
N PHE B 1042 23.41 47.13 2.07
CA PHE B 1042 22.79 46.28 3.08
C PHE B 1042 21.64 46.99 3.78
N CYS B 1043 21.71 48.31 3.88
CA CYS B 1043 20.68 49.09 4.56
C CYS B 1043 20.09 50.15 3.64
N GLY B 1044 19.73 49.75 2.43
CA GLY B 1044 19.11 50.68 1.48
C GLY B 1044 20.13 51.36 0.61
N LYS B 1045 19.70 51.69 -0.61
CA LYS B 1045 20.60 52.33 -1.57
C LYS B 1045 21.01 53.70 -1.06
N GLY B 1046 22.30 54.00 -1.18
CA GLY B 1046 22.89 55.23 -0.69
C GLY B 1046 23.72 54.99 0.56
N TYR B 1047 24.24 56.08 1.10
CA TYR B 1047 25.00 56.03 2.33
C TYR B 1047 24.04 56.02 3.52
N HIS B 1048 24.24 55.07 4.42
CA HIS B 1048 23.30 54.86 5.51
C HIS B 1048 23.49 55.88 6.62
N LEU B 1049 22.38 56.35 7.18
CA LEU B 1049 22.40 57.25 8.33
C LEU B 1049 21.79 56.61 9.57
N MET B 1050 20.53 56.16 9.50
CA MET B 1050 19.89 55.54 10.65
C MET B 1050 18.58 54.90 10.20
N SER B 1051 18.09 53.99 11.02
CA SER B 1051 16.91 53.22 10.68
C SER B 1051 15.90 53.24 11.82
N PHE B 1052 14.64 53.02 11.47
CA PHE B 1052 13.56 52.95 12.44
C PHE B 1052 12.77 51.66 12.24
N PRO B 1053 12.52 50.89 13.29
CA PRO B 1053 11.70 49.69 13.14
C PRO B 1053 10.23 49.96 13.43
N GLN B 1054 9.38 49.17 12.77
CA GLN B 1054 7.95 49.19 13.00
C GLN B 1054 7.43 47.76 12.92
N SER B 1055 6.44 47.44 13.74
CA SER B 1055 5.89 46.10 13.73
C SER B 1055 4.82 45.97 12.66
N ALA B 1056 4.50 44.71 12.33
CA ALA B 1056 3.41 44.41 11.41
C ALA B 1056 2.99 42.97 11.66
N PRO B 1057 1.77 42.61 11.26
CA PRO B 1057 1.29 41.25 11.54
C PRO B 1057 2.24 40.20 10.98
N HIS B 1058 2.88 39.46 11.89
CA HIS B 1058 3.84 38.41 11.55
C HIS B 1058 5.00 38.97 10.72
N GLY B 1059 5.50 40.14 11.07
CA GLY B 1059 6.63 40.67 10.34
C GLY B 1059 7.08 42.02 10.87
N VAL B 1060 8.17 42.50 10.29
CA VAL B 1060 8.76 43.77 10.69
C VAL B 1060 9.01 44.61 9.46
N VAL B 1061 9.01 45.93 9.64
CA VAL B 1061 9.20 46.89 8.56
C VAL B 1061 10.26 47.89 9.00
N PHE B 1062 11.32 48.02 8.23
CA PHE B 1062 12.40 48.95 8.51
C PHE B 1062 12.26 50.16 7.61
N LEU B 1063 12.40 51.35 8.20
CA LEU B 1063 12.51 52.61 7.46
C LEU B 1063 13.97 53.03 7.52
N HIS B 1064 14.67 52.91 6.40
CA HIS B 1064 16.07 53.31 6.31
C HIS B 1064 16.16 54.74 5.81
N VAL B 1065 17.05 55.53 6.41
CA VAL B 1065 17.28 56.91 6.01
C VAL B 1065 18.65 56.99 5.36
N THR B 1066 18.70 57.47 4.12
CA THR B 1066 19.92 57.48 3.34
C THR B 1066 20.19 58.87 2.77
N TYR B 1067 21.45 59.11 2.46
CA TYR B 1067 21.94 60.38 1.96
C TYR B 1067 22.50 60.18 0.57
N VAL B 1068 21.99 60.91 -0.42
CA VAL B 1068 22.44 60.71 -1.79
C VAL B 1068 22.75 62.04 -2.47
N PRO B 1069 23.84 62.14 -3.24
CA PRO B 1069 24.14 63.39 -3.95
C PRO B 1069 23.11 63.66 -5.04
N ALA B 1070 22.94 64.94 -5.37
CA ALA B 1070 21.92 65.36 -6.32
C ALA B 1070 22.49 65.99 -7.58
N GLN B 1071 23.26 67.07 -7.46
CA GLN B 1071 23.74 67.81 -8.62
C GLN B 1071 25.26 67.76 -8.62
N GLU B 1072 25.86 67.69 -9.81
CA GLU B 1072 27.30 67.52 -9.90
C GLU B 1072 27.88 68.48 -10.94
N LYS B 1073 29.16 68.79 -10.77
CA LYS B 1073 29.89 69.62 -11.70
C LYS B 1073 31.24 68.97 -11.99
N ASN B 1074 31.72 69.16 -13.22
CA ASN B 1074 32.96 68.54 -13.66
C ASN B 1074 34.10 69.56 -13.60
N PHE B 1075 35.26 69.10 -13.14
CA PHE B 1075 36.43 69.95 -12.96
C PHE B 1075 37.67 69.22 -13.46
N THR B 1076 38.73 70.00 -13.70
CA THR B 1076 40.03 69.47 -14.08
C THR B 1076 40.86 69.22 -12.83
N THR B 1077 41.48 68.05 -12.74
CA THR B 1077 42.18 67.60 -11.55
C THR B 1077 43.67 67.43 -11.85
N ALA B 1078 44.42 67.12 -10.78
CA ALA B 1078 45.85 66.85 -10.85
C ALA B 1078 46.28 66.14 -9.59
N PRO B 1079 47.20 65.17 -9.66
CA PRO B 1079 47.55 64.39 -8.47
C PRO B 1079 48.44 65.12 -7.47
N ALA B 1080 49.26 66.08 -7.89
CA ALA B 1080 50.17 66.75 -6.97
C ALA B 1080 50.63 68.06 -7.58
N ILE B 1081 51.38 68.84 -6.81
CA ILE B 1081 51.89 70.14 -7.25
C ILE B 1081 53.34 70.28 -6.83
N CYS B 1082 54.19 70.76 -7.74
CA CYS B 1082 55.55 71.17 -7.40
C CYS B 1082 55.54 72.60 -6.88
N HIS B 1083 56.27 72.84 -5.79
CA HIS B 1083 56.45 74.19 -5.28
C HIS B 1083 57.90 74.63 -5.36
N ASP B 1084 58.82 73.87 -4.76
CA ASP B 1084 60.26 74.15 -4.86
C ASP B 1084 61.02 72.87 -5.22
N GLY B 1085 60.42 72.05 -6.07
CA GLY B 1085 60.94 70.73 -6.37
C GLY B 1085 60.30 69.62 -5.56
N LYS B 1086 59.57 69.98 -4.50
CA LYS B 1086 58.88 69.01 -3.68
C LYS B 1086 57.46 68.79 -4.19
N ALA B 1087 56.94 67.59 -3.97
CA ALA B 1087 55.59 67.23 -4.38
C ALA B 1087 54.69 67.21 -3.16
N HIS B 1088 53.58 67.93 -3.23
CA HIS B 1088 52.62 68.01 -2.14
C HIS B 1088 51.42 67.13 -2.45
N PHE B 1089 50.90 66.47 -1.41
CA PHE B 1089 49.74 65.60 -1.55
C PHE B 1089 48.71 65.97 -0.49
N PRO B 1090 47.42 65.77 -0.79
CA PRO B 1090 46.39 66.19 0.16
C PRO B 1090 46.25 65.20 1.31
N ARG B 1091 46.08 65.75 2.52
CA ARG B 1091 45.77 64.89 3.66
C ARG B 1091 44.39 64.26 3.49
N GLU B 1092 43.38 65.07 3.19
CA GLU B 1092 42.04 64.60 2.90
C GLU B 1092 41.49 65.43 1.75
N GLY B 1093 40.69 64.80 0.91
CA GLY B 1093 40.13 65.50 -0.22
C GLY B 1093 41.05 65.46 -1.43
N VAL B 1094 40.63 66.16 -2.48
CA VAL B 1094 41.30 66.11 -3.77
C VAL B 1094 41.51 67.54 -4.27
N PHE B 1095 42.48 67.68 -5.19
CA PHE B 1095 42.73 68.95 -5.84
C PHE B 1095 41.75 69.16 -6.98
N VAL B 1096 41.28 70.40 -7.13
CA VAL B 1096 40.26 70.74 -8.12
C VAL B 1096 40.60 72.09 -8.72
N SER B 1097 40.44 72.21 -10.03
CA SER B 1097 40.67 73.46 -10.74
C SER B 1097 39.38 73.90 -11.41
N ASN B 1098 39.08 75.18 -11.29
CA ASN B 1098 37.95 75.78 -12.00
C ASN B 1098 38.36 76.42 -13.31
N GLY B 1099 39.61 76.23 -13.74
CA GLY B 1099 40.12 76.78 -14.97
C GLY B 1099 41.15 77.88 -14.79
N THR B 1100 41.17 78.54 -13.64
CA THR B 1100 42.13 79.61 -13.40
C THR B 1100 42.94 79.37 -12.14
N HIS B 1101 42.33 78.74 -11.14
CA HIS B 1101 42.98 78.55 -9.85
C HIS B 1101 42.73 77.14 -9.34
N TRP B 1102 43.50 76.75 -8.34
CA TRP B 1102 43.43 75.41 -7.77
C TRP B 1102 43.02 75.49 -6.29
N PHE B 1103 42.15 74.58 -5.88
CA PHE B 1103 41.71 74.46 -4.50
C PHE B 1103 41.72 72.99 -4.09
N VAL B 1104 41.41 72.73 -2.82
CA VAL B 1104 41.23 71.37 -2.32
C VAL B 1104 39.80 71.26 -1.82
N THR B 1105 39.26 70.04 -1.90
CA THR B 1105 37.88 69.81 -1.51
C THR B 1105 37.72 68.45 -0.85
N GLN B 1106 36.61 68.31 -0.11
CA GLN B 1106 36.20 66.98 0.32
C GLN B 1106 35.70 66.17 -0.87
N ARG B 1107 35.67 64.86 -0.69
CA ARG B 1107 35.39 63.97 -1.81
C ARG B 1107 33.90 63.82 -2.10
N ASN B 1108 33.02 64.27 -1.21
CA ASN B 1108 31.58 64.07 -1.37
C ASN B 1108 30.78 65.37 -1.30
N PHE B 1109 31.44 66.52 -1.30
CA PHE B 1109 30.73 67.80 -1.23
C PHE B 1109 31.63 68.94 -1.66
N TYR B 1110 31.20 69.72 -2.63
CA TYR B 1110 32.05 70.79 -3.15
C TYR B 1110 32.14 71.94 -2.15
N GLU B 1111 33.36 72.21 -1.68
CA GLU B 1111 33.61 73.31 -0.76
C GLU B 1111 35.08 73.72 -0.87
N PRO B 1112 35.42 74.57 -1.84
CA PRO B 1112 36.84 74.86 -2.09
C PRO B 1112 37.50 75.63 -0.95
N GLN B 1113 38.78 75.35 -0.76
CA GLN B 1113 39.61 76.06 0.20
C GLN B 1113 40.97 76.33 -0.41
N ILE B 1114 41.62 77.38 0.06
CA ILE B 1114 42.93 77.76 -0.46
C ILE B 1114 43.97 76.71 -0.06
N ILE B 1115 44.84 76.35 -1.00
CA ILE B 1115 45.88 75.37 -0.72
C ILE B 1115 46.87 75.95 0.28
N THR B 1116 47.15 75.21 1.34
CA THR B 1116 48.00 75.67 2.42
C THR B 1116 48.86 74.51 2.89
N THR B 1117 50.05 74.85 3.42
CA THR B 1117 50.95 73.83 3.95
C THR B 1117 50.26 72.97 4.99
N ASP B 1118 49.29 73.53 5.72
CA ASP B 1118 48.49 72.75 6.64
C ASP B 1118 47.75 71.65 5.89
N ASN B 1119 47.17 71.98 4.74
CA ASN B 1119 46.33 71.03 4.01
C ASN B 1119 47.12 69.89 3.40
N THR B 1120 48.35 70.14 2.95
CA THR B 1120 49.11 69.16 2.19
C THR B 1120 50.34 68.70 2.97
N PHE B 1121 50.88 67.57 2.55
CA PHE B 1121 52.12 67.05 3.13
C PHE B 1121 53.09 66.71 2.01
N VAL B 1122 54.38 66.70 2.37
CA VAL B 1122 55.47 66.60 1.41
C VAL B 1122 56.07 65.21 1.48
N SER B 1123 56.34 64.62 0.31
CA SER B 1123 56.97 63.31 0.25
C SER B 1123 57.72 63.20 -1.07
N GLY B 1124 59.05 63.28 -1.01
CA GLY B 1124 59.87 63.11 -2.19
C GLY B 1124 59.95 64.37 -3.06
N ASN B 1125 60.50 64.17 -4.26
CA ASN B 1125 60.61 65.23 -5.26
C ASN B 1125 59.71 64.87 -6.44
N CYS B 1126 59.43 65.86 -7.28
CA CYS B 1126 58.42 65.72 -8.32
C CYS B 1126 59.02 65.53 -9.71
N ASP B 1127 60.11 64.79 -9.83
CA ASP B 1127 60.62 64.35 -11.12
C ASP B 1127 60.16 62.95 -11.50
N VAL B 1128 59.34 62.31 -10.68
CA VAL B 1128 58.93 60.93 -10.89
C VAL B 1128 57.42 60.80 -11.06
N VAL B 1129 56.64 61.53 -10.28
CA VAL B 1129 55.18 61.39 -10.30
C VAL B 1129 54.65 61.90 -11.64
N ILE B 1130 53.74 61.13 -12.24
CA ILE B 1130 53.22 61.43 -13.57
C ILE B 1130 51.97 62.29 -13.45
N GLY B 1131 51.93 63.38 -14.21
CA GLY B 1131 50.77 64.24 -14.26
C GLY B 1131 50.76 65.40 -13.30
N ILE B 1132 51.90 65.75 -12.72
CA ILE B 1132 51.96 66.81 -11.71
C ILE B 1132 52.07 68.16 -12.41
N VAL B 1133 51.37 69.16 -11.87
CA VAL B 1133 51.36 70.51 -12.42
C VAL B 1133 52.05 71.46 -11.46
N ASN B 1134 52.33 72.66 -11.95
CA ASN B 1134 53.05 73.66 -11.16
C ASN B 1134 52.09 74.71 -10.61
N ASN B 1135 52.29 75.06 -9.35
CA ASN B 1135 51.52 76.11 -8.68
C ASN B 1135 52.29 76.52 -7.43
N THR B 1136 51.64 77.31 -6.57
CA THR B 1136 52.27 77.80 -5.34
C THR B 1136 51.41 77.42 -4.15
N VAL B 1137 52.07 77.14 -3.03
CA VAL B 1137 51.40 76.80 -1.77
C VAL B 1137 51.67 77.93 -0.79
N TYR B 1138 50.65 78.29 -0.02
CA TYR B 1138 50.71 79.43 0.89
C TYR B 1138 51.12 78.96 2.27
N ASP B 1139 52.15 79.60 2.83
CA ASP B 1139 52.62 79.29 4.18
C ASP B 1139 52.24 80.44 5.12
N PRO B 1140 51.37 80.20 6.11
CA PRO B 1140 50.90 81.31 6.95
C PRO B 1140 51.99 81.97 7.78
N LEU B 1141 53.09 81.28 8.07
CA LEU B 1141 54.13 81.84 8.93
C LEU B 1141 54.96 82.90 8.22
N GLN B 1142 55.06 82.81 6.90
CA GLN B 1142 55.91 83.76 6.16
C GLN B 1142 55.42 85.20 6.27
N PRO B 1143 54.14 85.53 6.01
CA PRO B 1143 53.73 86.94 6.18
C PRO B 1143 53.87 87.43 7.61
N GLU B 1144 53.60 86.57 8.60
CA GLU B 1144 53.71 86.98 9.99
C GLU B 1144 55.16 87.30 10.34
N LEU B 1145 56.10 86.48 9.89
CA LEU B 1145 57.50 86.72 10.23
C LEU B 1145 58.17 87.76 9.33
N ASP B 1146 57.54 88.09 8.20
CA ASP B 1146 58.10 89.13 7.34
C ASP B 1146 57.89 90.52 7.94
N SER B 1147 56.70 90.76 8.50
CA SER B 1147 56.37 92.07 9.06
C SER B 1147 56.92 92.22 10.47
N ALA C 27 46.01 -30.89 -20.70
CA ALA C 27 46.62 -29.57 -20.82
C ALA C 27 45.60 -28.47 -20.52
N TYR C 28 46.05 -27.43 -19.81
CA TYR C 28 45.21 -26.31 -19.42
C TYR C 28 45.60 -25.08 -20.22
N THR C 29 44.63 -24.20 -20.44
CA THR C 29 44.90 -22.95 -21.14
C THR C 29 44.04 -21.83 -20.58
N ASN C 30 44.43 -20.60 -20.88
CA ASN C 30 43.73 -19.42 -20.36
C ASN C 30 42.47 -19.14 -21.16
N SER C 31 41.35 -18.98 -20.46
CA SER C 31 40.10 -18.67 -21.15
C SER C 31 40.09 -17.24 -21.68
N PHE C 32 40.92 -16.36 -21.13
CA PHE C 32 40.92 -14.95 -21.48
C PHE C 32 39.53 -14.35 -21.37
N THR C 33 39.00 -13.84 -22.48
CA THR C 33 37.70 -13.16 -22.48
C THR C 33 36.78 -13.74 -23.55
N ARG C 34 36.92 -15.01 -23.87
CA ARG C 34 36.05 -15.65 -24.85
C ARG C 34 34.77 -16.13 -24.18
N GLY C 35 33.74 -16.32 -25.01
CA GLY C 35 32.47 -16.85 -24.54
C GLY C 35 31.40 -15.83 -24.27
N VAL C 36 31.24 -14.82 -25.13
CA VAL C 36 30.24 -13.77 -24.97
C VAL C 36 29.25 -13.85 -26.12
N TYR C 37 27.97 -13.89 -25.79
CA TYR C 37 26.91 -14.04 -26.78
C TYR C 37 25.78 -13.07 -26.47
N TYR C 38 25.01 -12.72 -27.49
CA TYR C 38 23.85 -11.88 -27.30
C TYR C 38 22.83 -12.61 -26.42
N PRO C 39 22.33 -11.98 -25.36
CA PRO C 39 21.40 -12.68 -24.46
C PRO C 39 19.98 -12.76 -25.01
N ASP C 40 19.59 -11.87 -25.92
CA ASP C 40 18.25 -11.90 -26.49
C ASP C 40 18.27 -11.15 -27.81
N LYS C 41 17.10 -11.05 -28.43
CA LYS C 41 16.95 -10.46 -29.76
C LYS C 41 16.43 -9.03 -29.71
N VAL C 42 16.40 -8.41 -28.54
CA VAL C 42 15.92 -7.05 -28.39
C VAL C 42 17.04 -6.08 -28.72
N PHE C 43 16.74 -5.05 -29.49
CA PHE C 43 17.76 -4.14 -29.96
C PHE C 43 18.13 -3.11 -28.89
N ARG C 44 19.43 -2.92 -28.68
CA ARG C 44 19.95 -1.90 -27.79
C ARG C 44 21.16 -1.26 -28.46
N SER C 45 21.39 0.02 -28.18
CA SER C 45 22.49 0.73 -28.81
C SER C 45 23.08 1.74 -27.83
N SER C 46 24.40 1.74 -27.73
CA SER C 46 25.14 2.67 -26.87
C SER C 46 24.60 2.65 -25.44
N VAL C 47 24.44 1.43 -24.91
CA VAL C 47 23.83 1.25 -23.59
C VAL C 47 24.66 0.25 -22.81
N LEU C 48 24.90 0.56 -21.54
CA LEU C 48 25.55 -0.37 -20.62
C LEU C 48 24.46 -1.14 -19.89
N HIS C 49 24.28 -2.40 -20.25
CA HIS C 49 23.20 -3.23 -19.74
C HIS C 49 23.76 -4.31 -18.82
N SER C 50 23.15 -4.45 -17.65
CA SER C 50 23.58 -5.45 -16.67
C SER C 50 22.58 -6.59 -16.64
N THR C 51 23.08 -7.82 -16.74
CA THR C 51 22.20 -8.98 -16.71
C THR C 51 22.92 -10.18 -16.13
N GLN C 52 22.17 -11.08 -15.51
CA GLN C 52 22.69 -12.32 -14.95
C GLN C 52 22.35 -13.45 -15.92
N ASP C 53 23.38 -14.07 -16.48
CA ASP C 53 23.18 -15.14 -17.44
C ASP C 53 24.37 -16.08 -17.38
N LEU C 54 24.15 -17.31 -17.83
CA LEU C 54 25.20 -18.32 -17.87
C LEU C 54 26.25 -17.90 -18.88
N PHE C 55 27.45 -17.63 -18.42
CA PHE C 55 28.55 -17.18 -19.27
C PHE C 55 29.80 -17.95 -18.90
N LEU C 56 30.83 -17.80 -19.73
CA LEU C 56 32.14 -18.36 -19.42
C LEU C 56 32.89 -17.36 -18.55
N PRO C 57 33.21 -17.72 -17.31
CA PRO C 57 33.93 -16.78 -16.43
C PRO C 57 35.26 -16.38 -17.04
N PHE C 58 35.60 -15.10 -16.87
CA PHE C 58 36.81 -14.57 -17.49
C PHE C 58 38.05 -15.11 -16.82
N PHE C 59 39.10 -15.31 -17.62
CA PHE C 59 40.41 -15.76 -17.13
C PHE C 59 40.31 -17.06 -16.34
N SER C 60 39.48 -17.99 -16.84
CA SER C 60 39.36 -19.31 -16.23
C SER C 60 40.26 -20.29 -16.97
N ASN C 61 40.25 -21.54 -16.51
CA ASN C 61 41.04 -22.60 -17.12
C ASN C 61 40.17 -23.41 -18.07
N VAL C 62 40.54 -23.44 -19.34
CA VAL C 62 39.85 -24.20 -20.37
C VAL C 62 40.69 -25.44 -20.67
N THR C 63 40.01 -26.58 -20.86
CA THR C 63 40.69 -27.85 -21.05
C THR C 63 41.08 -28.02 -22.51
N TRP C 64 42.35 -28.34 -22.73
CA TRP C 64 42.92 -28.53 -24.06
C TRP C 64 43.06 -30.03 -24.31
N PHE C 65 42.51 -30.49 -25.42
CA PHE C 65 42.61 -31.89 -25.82
C PHE C 65 43.33 -32.00 -27.16
N HIS C 66 44.13 -33.06 -27.29
CA HIS C 66 44.91 -33.32 -28.48
C HIS C 66 44.25 -34.41 -29.31
N ALA C 67 44.73 -34.55 -30.55
CA ALA C 67 44.22 -35.54 -31.49
C ALA C 67 45.37 -36.25 -32.19
N ILE C 68 46.37 -36.67 -31.41
CA ILE C 68 47.53 -37.38 -31.94
C ILE C 68 47.68 -38.70 -31.21
N HIS C 69 48.06 -39.73 -31.96
CA HIS C 69 48.27 -41.08 -31.44
C HIS C 69 47.03 -41.61 -30.72
N ASP C 80 42.06 -39.59 -28.14
CA ASP C 80 41.62 -38.81 -26.99
C ASP C 80 40.15 -38.43 -27.13
N ASN C 81 39.25 -39.38 -26.91
CA ASN C 81 37.81 -39.17 -26.98
C ASN C 81 37.15 -39.76 -25.75
N PRO C 82 37.32 -39.14 -24.59
CA PRO C 82 36.69 -39.63 -23.36
C PRO C 82 35.24 -39.18 -23.28
N VAL C 83 34.62 -39.47 -22.14
CA VAL C 83 33.26 -39.03 -21.85
C VAL C 83 33.33 -37.89 -20.85
N LEU C 84 32.91 -36.69 -21.29
CA LEU C 84 33.00 -35.48 -20.50
C LEU C 84 31.63 -35.04 -20.01
N PRO C 85 31.48 -34.73 -18.73
CA PRO C 85 30.18 -34.24 -18.24
C PRO C 85 29.80 -32.92 -18.90
N PHE C 86 28.49 -32.75 -19.11
CA PHE C 86 27.95 -31.55 -19.72
C PHE C 86 27.74 -30.42 -18.71
N ASN C 87 27.54 -30.77 -17.44
CA ASN C 87 27.31 -29.81 -16.37
C ASN C 87 26.16 -28.88 -16.69
N ASP C 88 26.40 -27.57 -16.65
CA ASP C 88 25.36 -26.56 -16.86
C ASP C 88 25.46 -25.91 -18.24
N GLY C 89 26.20 -26.51 -19.15
CA GLY C 89 26.43 -25.94 -20.46
C GLY C 89 27.89 -26.09 -20.83
N VAL C 90 28.18 -26.00 -22.12
CA VAL C 90 29.53 -26.24 -22.63
C VAL C 90 29.91 -25.19 -23.65
N TYR C 91 31.07 -24.57 -23.46
CA TYR C 91 31.69 -23.74 -24.48
C TYR C 91 32.70 -24.61 -25.24
N PHE C 92 32.57 -24.64 -26.56
CA PHE C 92 33.36 -25.52 -27.42
C PHE C 92 34.14 -24.64 -28.39
N ALA C 93 35.41 -24.96 -28.60
CA ALA C 93 36.20 -24.16 -29.53
C ALA C 93 37.10 -25.06 -30.34
N SER C 94 37.39 -24.65 -31.57
CA SER C 94 38.29 -25.45 -32.41
C SER C 94 38.96 -24.56 -33.45
N THR C 95 40.11 -25.02 -33.91
CA THR C 95 40.75 -24.52 -35.11
C THR C 95 40.93 -25.69 -36.06
N GLU C 96 40.69 -25.44 -37.35
CA GLU C 96 40.61 -26.53 -38.30
C GLU C 96 41.42 -26.21 -39.56
N LYS C 97 41.92 -27.26 -40.19
CA LYS C 97 42.57 -27.16 -41.49
C LYS C 97 42.13 -28.24 -42.46
N SER C 98 41.45 -29.30 -42.00
CA SER C 98 41.02 -30.37 -42.89
C SER C 98 39.61 -30.88 -42.58
N ASN C 99 38.85 -30.17 -41.76
CA ASN C 99 37.46 -30.52 -41.44
C ASN C 99 37.37 -31.94 -40.87
N ILE C 100 38.26 -32.25 -39.93
CA ILE C 100 38.23 -33.56 -39.30
C ILE C 100 37.00 -33.71 -38.41
N ILE C 101 36.71 -32.70 -37.59
CA ILE C 101 35.53 -32.75 -36.74
C ILE C 101 34.29 -32.62 -37.61
N ARG C 102 33.36 -33.56 -37.46
CA ARG C 102 32.19 -33.60 -38.32
C ARG C 102 30.87 -33.79 -37.59
N GLY C 103 30.88 -34.14 -36.31
CA GLY C 103 29.61 -34.41 -35.65
C GLY C 103 29.72 -34.34 -34.15
N TRP C 104 28.55 -34.16 -33.53
CA TRP C 104 28.42 -34.07 -32.08
C TRP C 104 27.35 -35.04 -31.61
N ILE C 105 27.63 -35.73 -30.51
CA ILE C 105 26.69 -36.68 -29.91
C ILE C 105 26.52 -36.32 -28.44
N PHE C 106 25.28 -36.05 -28.03
CA PHE C 106 24.97 -35.66 -26.66
C PHE C 106 23.93 -36.60 -26.08
N GLY C 107 24.10 -36.97 -24.82
CA GLY C 107 23.15 -37.89 -24.20
C GLY C 107 23.40 -38.03 -22.72
N THR C 108 22.85 -39.10 -22.15
CA THR C 108 23.01 -39.46 -20.75
C THR C 108 23.53 -40.87 -20.53
N THR C 109 23.04 -41.84 -21.30
CA THR C 109 23.48 -43.22 -21.17
C THR C 109 24.22 -43.74 -22.39
N LEU C 110 23.89 -43.25 -23.58
CA LEU C 110 24.67 -43.50 -24.79
C LEU C 110 24.73 -45.00 -25.12
N ASP C 111 23.59 -45.68 -24.97
CA ASP C 111 23.52 -47.10 -25.29
C ASP C 111 22.20 -47.44 -25.99
N SER C 112 21.67 -46.51 -26.78
CA SER C 112 20.40 -46.65 -27.50
C SER C 112 19.21 -46.85 -26.57
N LYS C 113 19.36 -46.55 -25.28
CA LYS C 113 18.26 -46.66 -24.34
C LYS C 113 17.49 -45.35 -24.19
N THR C 114 18.15 -44.21 -24.41
CA THR C 114 17.52 -42.90 -24.31
C THR C 114 17.85 -42.10 -25.56
N GLN C 115 17.05 -41.05 -25.79
CA GLN C 115 17.25 -40.21 -26.96
C GLN C 115 18.53 -39.40 -26.81
N SER C 116 19.39 -39.44 -27.83
CA SER C 116 20.64 -38.73 -27.84
C SER C 116 20.71 -37.86 -29.08
N LEU C 117 21.00 -36.58 -28.89
CA LEU C 117 21.00 -35.65 -30.01
C LEU C 117 22.28 -35.83 -30.81
N LEU C 118 22.13 -36.05 -32.12
CA LEU C 118 23.24 -36.31 -33.03
C LEU C 118 23.19 -35.27 -34.14
N ILE C 119 24.25 -34.46 -34.24
CA ILE C 119 24.34 -33.41 -35.25
C ILE C 119 25.48 -33.79 -36.19
N VAL C 120 25.16 -33.97 -37.48
CA VAL C 120 26.15 -34.36 -38.48
C VAL C 120 26.01 -33.46 -39.69
N ASN C 121 27.13 -32.88 -40.13
CA ASN C 121 27.17 -32.09 -41.35
C ASN C 121 28.13 -32.74 -42.33
N ASN C 122 27.62 -33.04 -43.52
CA ASN C 122 28.42 -33.63 -44.60
C ASN C 122 28.43 -32.68 -45.78
N ALA C 123 29.62 -32.19 -46.13
CA ALA C 123 29.80 -31.26 -47.24
C ALA C 123 28.94 -30.01 -47.06
N THR C 124 27.82 -29.96 -47.79
CA THR C 124 26.91 -28.81 -47.74
C THR C 124 25.53 -29.19 -47.21
N ASN C 125 25.44 -30.26 -46.43
CA ASN C 125 24.17 -30.74 -45.90
C ASN C 125 24.29 -30.90 -44.38
N VAL C 126 23.22 -30.54 -43.67
CA VAL C 126 23.19 -30.59 -42.21
C VAL C 126 22.02 -31.46 -41.78
N VAL C 127 22.27 -32.37 -40.84
CA VAL C 127 21.27 -33.31 -40.35
C VAL C 127 21.29 -33.28 -38.83
N ILE C 128 20.12 -33.15 -38.22
CA ILE C 128 19.94 -33.22 -36.78
C ILE C 128 18.98 -34.36 -36.48
N LYS C 129 19.41 -35.28 -35.63
CA LYS C 129 18.68 -36.52 -35.42
C LYS C 129 18.53 -36.75 -33.92
N VAL C 130 17.35 -37.23 -33.51
CA VAL C 130 17.02 -37.31 -32.09
C VAL C 130 16.54 -38.74 -31.80
N CYS C 131 16.64 -39.61 -32.80
CA CYS C 131 16.22 -40.99 -32.62
C CYS C 131 17.25 -41.74 -31.78
N GLU C 132 16.84 -42.90 -31.26
CA GLU C 132 17.69 -43.71 -30.39
C GLU C 132 18.58 -44.63 -31.25
N PHE C 133 19.60 -44.02 -31.83
CA PHE C 133 20.57 -44.76 -32.63
C PHE C 133 21.33 -45.76 -31.75
N GLN C 134 21.62 -46.92 -32.33
CA GLN C 134 22.43 -47.93 -31.66
C GLN C 134 23.88 -47.67 -32.05
N PHE C 135 24.58 -46.90 -31.23
CA PHE C 135 25.97 -46.56 -31.53
C PHE C 135 26.85 -47.80 -31.47
N CYS C 136 27.95 -47.75 -32.21
CA CYS C 136 28.94 -48.81 -32.15
C CYS C 136 29.65 -48.79 -30.79
N ASN C 137 30.41 -49.84 -30.53
CA ASN C 137 31.12 -49.94 -29.25
C ASN C 137 32.10 -48.80 -29.07
N ASP C 138 32.86 -48.46 -30.11
CA ASP C 138 33.80 -47.35 -30.09
C ASP C 138 33.53 -46.50 -31.32
N PRO C 139 32.59 -45.56 -31.24
CA PRO C 139 32.26 -44.73 -32.40
C PRO C 139 33.46 -43.94 -32.89
N PHE C 140 33.61 -43.87 -34.21
CA PHE C 140 34.66 -43.10 -34.85
C PHE C 140 34.37 -43.04 -36.34
N LEU C 141 34.97 -42.06 -37.01
CA LEU C 141 34.77 -41.84 -38.43
C LEU C 141 36.07 -42.09 -39.18
N GLY C 142 35.96 -42.74 -40.34
CA GLY C 142 37.12 -43.03 -41.15
C GLY C 142 37.46 -41.92 -42.13
N VAL C 143 38.60 -42.06 -42.78
CA VAL C 143 39.06 -41.10 -43.78
C VAL C 143 39.39 -41.82 -45.08
N ASN C 165 11.98 -45.50 -32.35
CA ASN C 165 11.43 -44.56 -31.39
C ASN C 165 11.92 -43.15 -31.67
N CYS C 166 11.38 -42.54 -32.71
CA CYS C 166 11.77 -41.21 -33.14
C CYS C 166 10.75 -40.17 -32.72
N THR C 167 11.24 -39.01 -32.26
CA THR C 167 10.38 -37.89 -31.91
C THR C 167 10.79 -36.59 -32.59
N PHE C 168 11.89 -36.58 -33.35
CA PHE C 168 12.37 -35.36 -33.99
C PHE C 168 13.41 -35.74 -35.02
N GLU C 169 13.27 -35.21 -36.23
CA GLU C 169 14.30 -35.32 -37.26
C GLU C 169 14.27 -34.05 -38.09
N TYR C 170 15.44 -33.48 -38.36
CA TYR C 170 15.52 -32.23 -39.10
C TYR C 170 16.61 -32.31 -40.15
N VAL C 171 16.28 -31.95 -41.39
CA VAL C 171 17.23 -31.87 -42.48
C VAL C 171 17.06 -30.52 -43.17
N SER C 172 18.15 -29.80 -43.34
CA SER C 172 18.12 -28.48 -43.96
C SER C 172 18.30 -28.57 -45.46
N PHE C 186 46.93 -21.94 -39.30
CA PHE C 186 45.50 -22.15 -39.47
C PHE C 186 44.85 -20.95 -40.13
N LYS C 187 43.66 -21.16 -40.70
CA LYS C 187 42.94 -20.10 -41.40
C LYS C 187 41.58 -19.79 -40.79
N ASN C 188 41.15 -20.50 -39.76
CA ASN C 188 39.81 -20.29 -39.21
C ASN C 188 39.76 -20.80 -37.78
N LEU C 189 39.20 -19.99 -36.89
CA LEU C 189 38.88 -20.39 -35.52
C LEU C 189 37.37 -20.31 -35.35
N ARG C 190 36.77 -21.41 -34.91
CA ARG C 190 35.32 -21.50 -34.82
C ARG C 190 34.92 -21.88 -33.40
N GLU C 191 33.95 -21.14 -32.86
CA GLU C 191 33.51 -21.30 -31.48
C GLU C 191 32.01 -21.57 -31.44
N PHE C 192 31.61 -22.38 -30.46
CA PHE C 192 30.22 -22.71 -30.21
C PHE C 192 29.92 -22.58 -28.72
N VAL C 193 28.66 -22.33 -28.41
CA VAL C 193 28.14 -22.39 -27.05
C VAL C 193 26.88 -23.24 -27.09
N PHE C 194 26.86 -24.29 -26.27
CA PHE C 194 25.71 -25.19 -26.15
C PHE C 194 25.12 -25.05 -24.76
N LYS C 195 23.81 -24.82 -24.68
CA LYS C 195 23.16 -24.75 -23.38
C LYS C 195 21.77 -25.35 -23.46
N ASN C 196 21.30 -25.88 -22.33
CA ASN C 196 19.94 -26.39 -22.18
C ASN C 196 19.27 -25.62 -21.06
N ILE C 197 18.18 -24.92 -21.38
CA ILE C 197 17.43 -24.12 -20.43
C ILE C 197 15.96 -24.52 -20.52
N ASP C 198 15.42 -25.09 -19.44
CA ASP C 198 14.03 -25.51 -19.37
C ASP C 198 13.68 -26.49 -20.50
N GLY C 199 14.64 -27.34 -20.86
CA GLY C 199 14.42 -28.27 -21.94
C GLY C 199 14.56 -27.70 -23.32
N TYR C 200 15.02 -26.47 -23.46
CA TYR C 200 15.27 -25.86 -24.76
C TYR C 200 16.78 -25.84 -25.01
N PHE C 201 17.18 -26.35 -26.16
CA PHE C 201 18.58 -26.51 -26.54
C PHE C 201 18.97 -25.33 -27.43
N LYS C 202 19.78 -24.43 -26.89
CA LYS C 202 20.24 -23.26 -27.60
C LYS C 202 21.70 -23.45 -28.02
N ILE C 203 21.97 -23.24 -29.31
CA ILE C 203 23.32 -23.39 -29.85
C ILE C 203 23.70 -22.08 -30.54
N TYR C 204 24.80 -21.48 -30.12
CA TYR C 204 25.37 -20.30 -30.76
C TYR C 204 26.70 -20.67 -31.39
N SER C 205 27.03 -20.03 -32.51
CA SER C 205 28.28 -20.34 -33.18
C SER C 205 28.80 -19.12 -33.91
N LYS C 206 30.12 -19.11 -34.12
CA LYS C 206 30.75 -18.07 -34.92
C LYS C 206 32.15 -18.52 -35.33
N HIS C 207 32.46 -18.31 -36.61
CA HIS C 207 33.77 -18.62 -37.17
C HIS C 207 34.44 -17.35 -37.66
N THR C 208 35.72 -17.20 -37.38
CA THR C 208 36.45 -16.00 -37.78
C THR C 208 37.85 -16.38 -38.24
N PRO C 209 38.40 -15.63 -39.20
CA PRO C 209 39.78 -15.89 -39.64
C PRO C 209 40.79 -15.39 -38.62
N ILE C 210 41.68 -16.28 -38.19
CA ILE C 210 42.74 -15.95 -37.25
C ILE C 210 44.07 -16.43 -37.81
N ASN C 211 45.15 -15.86 -37.29
CA ASN C 211 46.51 -16.29 -37.63
C ASN C 211 47.27 -16.49 -36.32
N LEU C 212 47.14 -17.68 -35.74
CA LEU C 212 47.80 -18.03 -34.48
C LEU C 212 47.64 -19.51 -34.22
N VAL C 213 48.70 -20.17 -33.75
CA VAL C 213 48.67 -21.61 -33.52
C VAL C 213 48.90 -21.96 -32.05
N ARG C 214 49.58 -21.12 -31.28
CA ARG C 214 49.93 -21.49 -29.91
C ARG C 214 48.69 -21.61 -29.02
N ASP C 215 47.83 -20.60 -29.04
CA ASP C 215 46.69 -20.57 -28.13
C ASP C 215 45.60 -19.69 -28.74
N LEU C 216 44.54 -19.48 -27.98
CA LEU C 216 43.44 -18.64 -28.44
C LEU C 216 43.92 -17.19 -28.56
N PRO C 217 43.49 -16.48 -29.60
CA PRO C 217 43.88 -15.06 -29.72
C PRO C 217 43.05 -14.19 -28.78
N GLN C 218 43.74 -13.25 -28.13
CA GLN C 218 43.10 -12.35 -27.18
C GLN C 218 42.30 -11.30 -27.93
N GLY C 219 41.02 -11.16 -27.56
CA GLY C 219 40.16 -10.21 -28.22
C GLY C 219 38.72 -10.39 -27.79
N PHE C 220 37.84 -9.71 -28.52
CA PHE C 220 36.41 -9.70 -28.24
C PHE C 220 35.65 -10.10 -29.50
N SER C 221 34.73 -11.04 -29.36
CA SER C 221 33.92 -11.49 -30.48
C SER C 221 32.56 -11.91 -29.98
N ALA C 222 31.53 -11.17 -30.35
CA ALA C 222 30.17 -11.49 -29.96
C ALA C 222 29.67 -12.71 -30.73
N LEU C 223 28.88 -13.54 -30.06
CA LEU C 223 28.35 -14.75 -30.66
C LEU C 223 26.89 -14.55 -31.04
N GLU C 224 26.56 -14.82 -32.30
CA GLU C 224 25.19 -14.65 -32.77
C GLU C 224 24.39 -15.92 -32.55
N PRO C 225 23.07 -15.80 -32.38
CA PRO C 225 22.23 -16.99 -32.22
C PRO C 225 21.73 -17.53 -33.55
N LEU C 226 21.80 -18.86 -33.69
CA LEU C 226 21.35 -19.53 -34.90
C LEU C 226 20.20 -20.49 -34.66
N VAL C 227 20.34 -21.43 -33.74
CA VAL C 227 19.41 -22.55 -33.63
C VAL C 227 18.95 -22.74 -32.20
N ASP C 228 17.64 -22.93 -32.04
CA ASP C 228 17.01 -23.40 -30.82
C ASP C 228 16.18 -24.63 -31.15
N LEU C 229 16.21 -25.61 -30.26
CA LEU C 229 15.50 -26.86 -30.46
C LEU C 229 14.71 -27.23 -29.22
N PRO C 230 13.41 -27.50 -29.32
CA PRO C 230 12.61 -27.92 -28.17
C PRO C 230 12.67 -29.44 -27.93
N ILE C 231 13.87 -30.00 -27.93
CA ILE C 231 14.01 -31.45 -27.81
C ILE C 231 13.62 -31.92 -26.41
N GLY C 232 13.94 -31.14 -25.39
CA GLY C 232 13.64 -31.54 -24.02
C GLY C 232 14.42 -32.75 -23.55
N ILE C 233 15.73 -32.78 -23.82
CA ILE C 233 16.59 -33.90 -23.44
C ILE C 233 17.44 -33.48 -22.25
N ASN C 234 17.47 -34.31 -21.21
CA ASN C 234 18.35 -34.08 -20.06
C ASN C 234 19.73 -34.62 -20.41
N ILE C 235 20.61 -33.74 -20.86
CA ILE C 235 21.95 -34.12 -21.30
C ILE C 235 22.92 -33.90 -20.16
N THR C 236 23.65 -34.96 -19.79
CA THR C 236 24.71 -34.87 -18.81
C THR C 236 26.07 -35.27 -19.34
N ARG C 237 26.14 -35.99 -20.46
CA ARG C 237 27.41 -36.39 -21.05
C ARG C 237 27.38 -36.09 -22.54
N PHE C 238 28.57 -35.90 -23.11
CA PHE C 238 28.65 -35.52 -24.51
C PHE C 238 29.99 -35.99 -25.08
N GLN C 239 30.07 -35.97 -26.41
CA GLN C 239 31.25 -36.43 -27.11
C GLN C 239 31.25 -35.83 -28.52
N THR C 240 32.44 -35.62 -29.06
CA THR C 240 32.61 -35.15 -30.42
C THR C 240 32.89 -36.33 -31.33
N LEU C 241 33.06 -36.05 -32.63
CA LEU C 241 33.42 -37.08 -33.59
C LEU C 241 34.73 -36.70 -34.26
N LEU C 242 35.80 -37.43 -33.94
CA LEU C 242 37.11 -37.25 -34.55
C LEU C 242 37.31 -38.31 -35.63
N ALA C 243 37.85 -37.89 -36.77
CA ALA C 243 38.12 -38.79 -37.87
C ALA C 243 39.47 -39.46 -37.66
N LEU C 244 39.48 -40.79 -37.63
CA LEU C 244 40.69 -41.55 -37.36
C LEU C 244 41.05 -42.41 -38.57
N HIS C 245 42.35 -42.49 -38.85
CA HIS C 245 42.85 -43.29 -39.96
C HIS C 245 42.92 -44.76 -39.57
N ALA C 263 44.34 -30.08 -35.57
CA ALA C 263 42.97 -29.64 -35.38
C ALA C 263 42.51 -29.84 -33.93
N ALA C 264 43.26 -29.26 -33.00
CA ALA C 264 42.93 -29.40 -31.59
C ALA C 264 41.65 -28.62 -31.26
N TYR C 265 41.04 -29.00 -30.14
CA TYR C 265 39.82 -28.35 -29.68
C TYR C 265 39.91 -28.12 -28.18
N TYR C 266 39.11 -27.18 -27.69
CA TYR C 266 39.12 -26.80 -26.29
C TYR C 266 37.70 -26.81 -25.74
N VAL C 267 37.57 -27.20 -24.47
CA VAL C 267 36.28 -27.32 -23.82
C VAL C 267 36.29 -26.53 -22.51
N GLY C 268 35.25 -25.71 -22.32
CA GLY C 268 35.08 -24.97 -21.08
C GLY C 268 33.65 -25.05 -20.61
N TYR C 269 33.43 -24.56 -19.38
CA TYR C 269 32.14 -24.73 -18.71
C TYR C 269 31.59 -23.39 -18.25
N LEU C 270 30.27 -23.27 -18.28
CA LEU C 270 29.58 -22.02 -17.98
C LEU C 270 29.17 -21.96 -16.51
N GLN C 271 28.99 -20.74 -16.03
CA GLN C 271 28.61 -20.47 -14.65
C GLN C 271 27.60 -19.33 -14.63
N PRO C 272 26.77 -19.24 -13.59
CA PRO C 272 25.82 -18.12 -13.46
C PRO C 272 26.45 -16.85 -12.92
N ARG C 273 27.09 -16.09 -13.79
CA ARG C 273 27.79 -14.87 -13.42
C ARG C 273 27.12 -13.65 -14.03
N THR C 274 27.00 -12.59 -13.22
CA THR C 274 26.42 -11.34 -13.68
C THR C 274 27.42 -10.59 -14.55
N PHE C 275 26.97 -10.10 -15.70
CA PHE C 275 27.83 -9.41 -16.65
C PHE C 275 27.25 -8.05 -16.98
N LEU C 276 28.14 -7.11 -17.30
CA LEU C 276 27.74 -5.79 -17.79
C LEU C 276 28.31 -5.63 -19.19
N LEU C 277 27.42 -5.42 -20.16
CA LEU C 277 27.78 -5.40 -21.57
C LEU C 277 27.54 -4.01 -22.16
N LYS C 278 28.43 -3.60 -23.06
CA LYS C 278 28.39 -2.28 -23.67
C LYS C 278 27.93 -2.42 -25.11
N TYR C 279 26.65 -2.15 -25.36
CA TYR C 279 26.14 -2.13 -26.72
C TYR C 279 26.55 -0.85 -27.40
N ASN C 280 27.27 -0.95 -28.51
CA ASN C 280 27.75 0.22 -29.24
C ASN C 280 26.59 0.80 -30.06
N GLU C 281 26.91 1.74 -30.95
CA GLU C 281 25.88 2.40 -31.73
C GLU C 281 25.27 1.50 -32.80
N ASN C 282 25.92 0.39 -33.13
CA ASN C 282 25.42 -0.53 -34.14
C ASN C 282 24.84 -1.81 -33.54
N GLY C 283 24.65 -1.85 -32.23
CA GLY C 283 24.07 -3.01 -31.57
C GLY C 283 25.02 -4.17 -31.38
N THR C 284 26.32 -3.97 -31.53
CA THR C 284 27.30 -5.04 -31.43
C THR C 284 27.98 -4.98 -30.07
N ILE C 285 28.00 -6.11 -29.37
CA ILE C 285 28.64 -6.19 -28.06
C ILE C 285 30.16 -6.14 -28.28
N THR C 286 30.76 -5.00 -27.98
CA THR C 286 32.20 -4.83 -28.12
C THR C 286 32.95 -4.87 -26.80
N ASP C 287 32.24 -4.80 -25.68
CA ASP C 287 32.90 -4.75 -24.38
C ASP C 287 32.01 -5.43 -23.33
N ALA C 288 32.65 -6.13 -22.40
CA ALA C 288 31.92 -6.81 -21.34
C ALA C 288 32.81 -6.89 -20.12
N VAL C 289 32.20 -6.81 -18.94
CA VAL C 289 32.90 -6.90 -17.68
C VAL C 289 32.17 -7.84 -16.74
N ASP C 290 32.93 -8.68 -16.04
CA ASP C 290 32.39 -9.59 -15.04
C ASP C 290 32.37 -8.88 -13.70
N CYS C 291 31.22 -8.94 -13.02
CA CYS C 291 31.05 -8.18 -11.78
C CYS C 291 31.66 -8.85 -10.56
N ALA C 292 32.17 -10.08 -10.69
CA ALA C 292 32.69 -10.80 -9.53
C ALA C 292 34.12 -11.26 -9.70
N LEU C 293 34.82 -10.80 -10.74
CA LEU C 293 36.19 -11.26 -10.97
C LEU C 293 37.15 -10.71 -9.91
N ASP C 294 37.08 -9.41 -9.64
CA ASP C 294 38.01 -8.75 -8.73
C ASP C 294 37.36 -7.44 -8.27
N PRO C 295 37.86 -6.85 -7.18
CA PRO C 295 37.21 -5.63 -6.66
C PRO C 295 37.12 -4.49 -7.64
N LEU C 296 38.11 -4.31 -8.51
CA LEU C 296 38.04 -3.23 -9.49
C LEU C 296 36.86 -3.42 -10.42
N SER C 297 36.63 -4.64 -10.89
CA SER C 297 35.47 -4.91 -11.73
C SER C 297 34.17 -4.73 -10.96
N GLU C 298 34.18 -5.05 -9.66
CA GLU C 298 33.00 -4.81 -8.84
C GLU C 298 32.66 -3.33 -8.78
N THR C 299 33.68 -2.48 -8.60
CA THR C 299 33.45 -1.04 -8.61
C THR C 299 32.94 -0.58 -9.98
N LYS C 300 33.53 -1.11 -11.05
CA LYS C 300 33.06 -0.76 -12.38
C LYS C 300 31.59 -1.11 -12.56
N CYS C 301 31.18 -2.27 -12.06
CA CYS C 301 29.78 -2.67 -12.17
C CYS C 301 28.87 -1.78 -11.34
N THR C 302 29.28 -1.45 -10.11
CA THR C 302 28.41 -0.67 -9.26
C THR C 302 28.33 0.80 -9.68
N LEU C 303 29.30 1.29 -10.45
CA LEU C 303 29.20 2.65 -10.97
C LEU C 303 28.62 2.72 -12.37
N LYS C 304 28.35 1.57 -13.00
CA LYS C 304 27.77 1.52 -14.34
C LYS C 304 28.60 2.31 -15.35
N SER C 305 29.92 2.11 -15.30
CA SER C 305 30.81 2.77 -16.24
C SER C 305 32.11 1.98 -16.36
N PHE C 306 32.85 2.26 -17.43
CA PHE C 306 34.13 1.63 -17.69
C PHE C 306 35.32 2.44 -17.20
N THR C 307 35.08 3.62 -16.64
CA THR C 307 36.15 4.45 -16.10
C THR C 307 35.75 4.91 -14.71
N VAL C 308 36.62 4.67 -13.73
CA VAL C 308 36.37 5.04 -12.35
C VAL C 308 37.32 6.17 -11.98
N GLU C 309 36.76 7.29 -11.54
CA GLU C 309 37.55 8.43 -11.14
C GLU C 309 38.23 8.18 -9.80
N LYS C 310 39.30 8.93 -9.55
CA LYS C 310 40.08 8.75 -8.34
C LYS C 310 39.25 9.05 -7.09
N GLY C 311 39.34 8.17 -6.11
CA GLY C 311 38.58 8.31 -4.89
C GLY C 311 38.35 6.95 -4.25
N ILE C 312 37.57 6.96 -3.18
CA ILE C 312 37.23 5.76 -2.42
C ILE C 312 35.73 5.53 -2.56
N TYR C 313 35.35 4.31 -2.91
CA TYR C 313 33.97 3.97 -3.19
C TYR C 313 33.52 2.79 -2.32
N GLN C 314 32.24 2.75 -2.03
CA GLN C 314 31.62 1.64 -1.31
C GLN C 314 30.87 0.78 -2.32
N THR C 315 31.18 -0.52 -2.35
CA THR C 315 30.68 -1.38 -3.42
C THR C 315 29.88 -2.57 -2.95
N SER C 316 30.12 -3.10 -1.75
CA SER C 316 29.44 -4.31 -1.32
C SER C 316 29.58 -4.47 0.19
N ASN C 317 29.06 -5.58 0.71
CA ASN C 317 29.10 -5.89 2.12
C ASN C 317 29.61 -7.30 2.32
N PHE C 318 30.55 -7.47 3.24
CA PHE C 318 31.11 -8.77 3.56
C PHE C 318 30.40 -9.33 4.79
N ARG C 319 29.99 -10.59 4.70
CA ARG C 319 29.29 -11.26 5.79
C ARG C 319 29.78 -12.69 5.90
N VAL C 320 30.04 -13.14 7.13
CA VAL C 320 30.51 -14.49 7.35
C VAL C 320 29.34 -15.46 7.20
N GLN C 321 29.56 -16.53 6.46
CA GLN C 321 28.49 -17.50 6.27
C GLN C 321 28.54 -18.60 7.33
N PRO C 322 27.38 -19.11 7.75
CA PRO C 322 27.37 -20.18 8.73
C PRO C 322 27.98 -21.45 8.17
N THR C 323 28.56 -22.25 9.06
CA THR C 323 29.28 -23.46 8.68
C THR C 323 28.46 -24.73 8.86
N GLU C 324 27.58 -24.80 9.85
CA GLU C 324 26.85 -26.02 10.14
C GLU C 324 25.50 -25.67 10.74
N SER C 325 24.71 -26.71 11.02
CA SER C 325 23.37 -26.58 11.55
C SER C 325 23.25 -27.33 12.88
N ILE C 326 22.49 -26.76 13.81
CA ILE C 326 22.27 -27.33 15.13
C ILE C 326 20.77 -27.42 15.38
N VAL C 327 20.30 -28.60 15.78
CA VAL C 327 18.90 -28.84 16.10
C VAL C 327 18.82 -29.47 17.48
N ARG C 328 18.04 -28.87 18.37
CA ARG C 328 17.88 -29.37 19.72
C ARG C 328 16.40 -29.45 20.07
N PHE C 329 15.96 -30.62 20.53
CA PHE C 329 14.60 -30.89 20.94
C PHE C 329 14.62 -31.65 22.25
N PRO C 330 13.53 -31.61 23.02
CA PRO C 330 13.47 -32.40 24.24
C PRO C 330 13.56 -33.89 23.96
N ASN C 331 14.14 -34.62 24.91
CA ASN C 331 14.39 -36.06 24.75
C ASN C 331 13.20 -36.86 25.29
N ILE C 332 12.10 -36.81 24.55
CA ILE C 332 10.89 -37.54 24.88
C ILE C 332 10.64 -38.59 23.80
N THR C 333 9.95 -39.67 24.20
CA THR C 333 9.70 -40.79 23.30
C THR C 333 8.26 -41.27 23.26
N ASN C 334 7.39 -40.78 24.15
CA ASN C 334 6.02 -41.27 24.18
C ASN C 334 5.26 -40.89 22.93
N LEU C 335 4.40 -41.78 22.46
CA LEU C 335 3.63 -41.57 21.24
C LEU C 335 2.29 -40.91 21.57
N CYS C 336 1.94 -39.89 20.81
CA CYS C 336 0.68 -39.19 21.03
C CYS C 336 -0.48 -40.08 20.62
N PRO C 337 -1.55 -40.16 21.41
CA PRO C 337 -2.69 -41.04 21.09
C PRO C 337 -3.67 -40.39 20.11
N PHE C 338 -3.21 -40.18 18.87
CA PHE C 338 -4.09 -39.63 17.85
C PHE C 338 -5.16 -40.63 17.45
N GLY C 339 -4.80 -41.91 17.36
CA GLY C 339 -5.77 -42.94 17.00
C GLY C 339 -6.84 -43.15 18.04
N GLU C 340 -6.60 -42.73 19.28
CA GLU C 340 -7.62 -42.84 20.32
C GLU C 340 -8.84 -42.01 19.97
N VAL C 341 -8.63 -40.82 19.41
CA VAL C 341 -9.73 -39.92 19.09
C VAL C 341 -10.12 -40.07 17.62
N PHE C 342 -9.20 -40.56 16.79
CA PHE C 342 -9.51 -40.72 15.37
C PHE C 342 -10.11 -42.08 15.04
N ASN C 343 -9.98 -43.06 15.92
CA ASN C 343 -10.56 -44.38 15.74
C ASN C 343 -11.40 -44.68 16.97
N ALA C 344 -12.65 -44.24 16.95
CA ALA C 344 -13.57 -44.45 18.06
C ALA C 344 -14.89 -45.00 17.53
N THR C 345 -15.54 -45.82 18.36
CA THR C 345 -16.77 -46.47 17.92
C THR C 345 -17.89 -45.46 17.69
N ARG C 346 -18.11 -44.56 18.64
CA ARG C 346 -19.16 -43.57 18.53
C ARG C 346 -18.64 -42.20 18.95
N PHE C 347 -19.09 -41.17 18.25
CA PHE C 347 -18.69 -39.80 18.53
C PHE C 347 -19.74 -39.12 19.40
N ALA C 348 -19.30 -38.05 20.07
CA ALA C 348 -20.20 -37.28 20.92
C ALA C 348 -21.14 -36.43 20.06
N SER C 349 -22.27 -36.06 20.66
CA SER C 349 -23.23 -35.21 19.97
C SER C 349 -22.66 -33.82 19.75
N VAL C 350 -23.21 -33.12 18.75
CA VAL C 350 -22.67 -31.83 18.35
C VAL C 350 -22.85 -30.81 19.46
N TYR C 351 -23.96 -30.86 20.17
CA TYR C 351 -24.24 -29.88 21.21
C TYR C 351 -23.54 -30.17 22.53
N ALA C 352 -22.91 -31.34 22.67
CA ALA C 352 -22.18 -31.69 23.88
C ALA C 352 -20.83 -32.31 23.49
N TRP C 353 -20.14 -31.65 22.57
CA TRP C 353 -18.86 -32.15 22.06
C TRP C 353 -17.83 -32.25 23.18
N ASN C 354 -17.10 -33.35 23.20
CA ASN C 354 -16.05 -33.53 24.18
C ASN C 354 -14.78 -32.78 23.76
N ARG C 355 -13.82 -32.71 24.68
CA ARG C 355 -12.57 -32.03 24.43
C ARG C 355 -11.43 -32.87 24.98
N LYS C 356 -10.41 -33.10 24.16
CA LYS C 356 -9.30 -33.98 24.51
C LYS C 356 -8.01 -33.17 24.56
N ARG C 357 -7.20 -33.46 25.57
CA ARG C 357 -5.90 -32.81 25.78
C ARG C 357 -4.80 -33.69 25.25
N ILE C 358 -3.86 -33.08 24.51
CA ILE C 358 -2.68 -33.78 24.02
C ILE C 358 -1.45 -33.00 24.48
N SER C 359 -0.61 -33.66 25.27
CA SER C 359 0.62 -33.08 25.79
C SER C 359 1.55 -34.21 26.22
N ASN C 360 2.84 -33.88 26.30
CA ASN C 360 3.88 -34.80 26.78
C ASN C 360 3.98 -36.04 25.87
N CYS C 361 4.21 -35.79 24.59
CA CYS C 361 4.41 -36.86 23.61
C CYS C 361 4.97 -36.25 22.34
N VAL C 362 5.41 -37.12 21.43
CA VAL C 362 5.89 -36.73 20.11
C VAL C 362 4.86 -37.19 19.08
N ALA C 363 4.44 -36.27 18.22
CA ALA C 363 3.38 -36.52 17.27
C ALA C 363 3.93 -36.48 15.84
N ASP C 364 3.38 -37.33 14.99
CA ASP C 364 3.77 -37.41 13.58
C ASP C 364 2.55 -37.05 12.74
N TYR C 365 2.45 -35.78 12.35
CA TYR C 365 1.34 -35.33 11.52
C TYR C 365 1.45 -35.80 10.08
N SER C 366 2.61 -36.31 9.66
CA SER C 366 2.74 -36.79 8.29
C SER C 366 1.85 -38.01 8.04
N VAL C 367 1.80 -38.93 8.99
CA VAL C 367 0.99 -40.13 8.82
C VAL C 367 -0.49 -39.77 8.77
N LEU C 368 -0.88 -38.68 9.43
CA LEU C 368 -2.26 -38.24 9.38
C LEU C 368 -2.56 -37.52 8.07
N TYR C 369 -1.61 -36.72 7.58
CA TYR C 369 -1.86 -35.95 6.36
C TYR C 369 -1.89 -36.84 5.13
N ASN C 370 -1.00 -37.84 5.05
CA ASN C 370 -0.89 -38.64 3.85
C ASN C 370 -2.12 -39.49 3.58
N SER C 371 -2.93 -39.77 4.60
CA SER C 371 -4.13 -40.57 4.39
C SER C 371 -5.09 -39.84 3.47
N ALA C 372 -5.67 -40.56 2.53
CA ALA C 372 -6.59 -40.00 1.54
C ALA C 372 -8.04 -40.16 1.92
N SER C 373 -8.34 -40.73 3.09
CA SER C 373 -9.72 -40.93 3.50
C SER C 373 -10.43 -39.60 3.70
N PHE C 374 -9.74 -38.61 4.28
CA PHE C 374 -10.38 -37.34 4.60
C PHE C 374 -10.80 -36.62 3.33
N SER C 375 -12.01 -36.06 3.35
CA SER C 375 -12.53 -35.29 2.22
C SER C 375 -12.29 -33.80 2.36
N THR C 376 -12.42 -33.25 3.57
CA THR C 376 -12.15 -31.84 3.81
C THR C 376 -11.03 -31.73 4.82
N PHE C 377 -10.00 -30.96 4.48
CA PHE C 377 -8.81 -30.82 5.32
C PHE C 377 -8.29 -29.39 5.14
N LYS C 378 -8.70 -28.49 6.03
CA LYS C 378 -8.36 -27.08 5.90
C LYS C 378 -7.62 -26.61 7.14
N CYS C 379 -6.43 -26.05 6.95
CA CYS C 379 -5.61 -25.55 8.05
C CYS C 379 -5.47 -24.04 7.93
N TYR C 380 -5.79 -23.35 9.02
CA TYR C 380 -5.71 -21.89 9.09
C TYR C 380 -4.52 -21.51 9.95
N GLY C 381 -3.61 -20.72 9.37
CA GLY C 381 -2.45 -20.22 10.07
C GLY C 381 -1.19 -21.03 9.91
N VAL C 382 -1.30 -22.33 9.61
CA VAL C 382 -0.15 -23.20 9.44
C VAL C 382 -0.34 -24.03 8.18
N SER C 383 0.72 -24.19 7.41
CA SER C 383 0.66 -25.06 6.23
C SER C 383 0.77 -26.51 6.66
N PRO C 384 -0.18 -27.37 6.26
CA PRO C 384 -0.17 -28.76 6.76
C PRO C 384 1.07 -29.55 6.39
N THR C 385 1.68 -29.25 5.23
CA THR C 385 2.75 -30.10 4.73
C THR C 385 4.00 -30.08 5.60
N LYS C 386 4.17 -29.06 6.45
CA LYS C 386 5.36 -28.96 7.28
C LYS C 386 5.01 -28.74 8.75
N LEU C 387 3.90 -29.33 9.21
CA LEU C 387 3.65 -29.44 10.64
C LEU C 387 4.65 -30.35 11.33
N ASN C 388 5.39 -31.14 10.55
CA ASN C 388 6.32 -32.12 11.08
C ASN C 388 7.55 -31.48 11.73
N ASP C 389 7.76 -30.18 11.54
CA ASP C 389 8.96 -29.51 12.04
C ASP C 389 8.70 -28.68 13.28
N LEU C 390 7.54 -28.03 13.38
CA LEU C 390 7.24 -27.16 14.50
C LEU C 390 7.02 -27.95 15.78
N CYS C 391 7.18 -27.29 16.91
CA CYS C 391 6.88 -27.86 18.22
C CYS C 391 5.93 -26.92 18.95
N PHE C 392 4.85 -27.47 19.48
CA PHE C 392 3.81 -26.70 20.16
C PHE C 392 3.78 -27.01 21.65
N THR C 393 3.00 -26.23 22.38
CA THR C 393 2.93 -26.37 23.83
C THR C 393 1.78 -27.25 24.31
N ASN C 394 0.65 -27.24 23.62
CA ASN C 394 -0.49 -28.09 23.97
C ASN C 394 -1.39 -28.22 22.76
N VAL C 395 -2.13 -29.34 22.70
CA VAL C 395 -3.02 -29.59 21.58
C VAL C 395 -4.41 -29.87 22.10
N TYR C 396 -5.42 -29.21 21.54
CA TYR C 396 -6.80 -29.44 21.87
C TYR C 396 -7.47 -30.16 20.72
N ALA C 397 -8.20 -31.24 21.02
CA ALA C 397 -8.90 -32.01 20.01
C ALA C 397 -10.40 -32.01 20.31
N ASP C 398 -11.21 -31.71 19.29
CA ASP C 398 -12.65 -31.72 19.44
C ASP C 398 -13.26 -32.59 18.35
N SER C 399 -14.29 -33.35 18.71
CA SER C 399 -14.87 -34.31 17.78
C SER C 399 -16.39 -34.29 17.85
N PHE C 400 -17.05 -34.32 16.70
CA PHE C 400 -18.49 -34.43 16.65
C PHE C 400 -18.93 -34.91 15.27
N VAL C 401 -20.23 -34.98 15.06
CA VAL C 401 -20.82 -35.42 13.80
C VAL C 401 -21.94 -34.47 13.42
N ILE C 402 -21.96 -34.07 12.15
CA ILE C 402 -22.92 -33.08 11.64
C ILE C 402 -23.48 -33.59 10.32
N ARG C 403 -24.29 -32.75 9.68
CA ARG C 403 -24.81 -33.06 8.34
C ARG C 403 -23.77 -32.73 7.28
N GLY C 404 -23.80 -33.52 6.19
CA GLY C 404 -22.83 -33.34 5.14
C GLY C 404 -22.93 -32.00 4.44
N ASP C 405 -24.15 -31.48 4.28
CA ASP C 405 -24.32 -30.22 3.58
C ASP C 405 -23.80 -29.04 4.39
N GLU C 406 -23.84 -29.13 5.72
CA GLU C 406 -23.47 -28.03 6.59
C GLU C 406 -22.05 -28.16 7.13
N VAL C 407 -21.19 -28.89 6.43
CA VAL C 407 -19.80 -29.00 6.86
C VAL C 407 -19.07 -27.67 6.69
N ARG C 408 -19.59 -26.78 5.84
CA ARG C 408 -18.93 -25.51 5.60
C ARG C 408 -19.01 -24.59 6.82
N GLN C 409 -20.01 -24.77 7.67
CA GLN C 409 -20.23 -23.87 8.80
C GLN C 409 -19.12 -23.95 9.84
N ILE C 410 -18.28 -24.98 9.80
CA ILE C 410 -17.16 -25.08 10.75
C ILE C 410 -15.99 -24.34 10.10
N ALA C 411 -15.98 -23.03 10.28
CA ALA C 411 -14.95 -22.16 9.74
C ALA C 411 -15.03 -20.84 10.46
N PRO C 412 -13.91 -20.10 10.54
CA PRO C 412 -13.95 -18.81 11.24
C PRO C 412 -14.89 -17.83 10.58
N GLY C 413 -15.60 -17.05 11.41
CA GLY C 413 -16.48 -16.01 10.93
C GLY C 413 -17.62 -16.50 10.06
N GLN C 414 -18.31 -17.55 10.48
CA GLN C 414 -19.41 -18.11 9.73
C GLN C 414 -20.72 -17.97 10.51
N THR C 415 -21.82 -17.97 9.77
CA THR C 415 -23.14 -17.86 10.37
C THR C 415 -24.06 -18.91 9.76
N GLY C 416 -25.00 -19.39 10.57
CA GLY C 416 -25.92 -20.42 10.15
C GLY C 416 -26.71 -20.97 11.32
N LYS C 417 -26.79 -22.30 11.44
CA LYS C 417 -27.49 -22.94 12.55
C LYS C 417 -26.52 -23.55 13.56
N ILE C 418 -25.64 -24.44 13.11
CA ILE C 418 -24.69 -25.07 14.01
C ILE C 418 -23.63 -24.07 14.46
N ALA C 419 -23.10 -23.28 13.52
CA ALA C 419 -22.07 -22.31 13.87
C ALA C 419 -22.60 -21.23 14.80
N ASP C 420 -23.82 -20.76 14.56
CA ASP C 420 -24.37 -19.66 15.36
C ASP C 420 -24.83 -20.11 16.74
N TYR C 421 -25.34 -21.33 16.86
CA TYR C 421 -25.98 -21.78 18.09
C TYR C 421 -25.32 -22.95 18.78
N ASN C 422 -24.42 -23.67 18.13
CA ASN C 422 -23.91 -24.89 18.73
C ASN C 422 -22.40 -24.93 18.86
N TYR C 423 -21.66 -24.46 17.85
CA TYR C 423 -20.21 -24.52 17.89
C TYR C 423 -19.67 -23.36 17.05
N LYS C 424 -19.18 -22.32 17.72
CA LYS C 424 -18.66 -21.13 17.06
C LYS C 424 -17.14 -21.11 17.17
N LEU C 425 -16.47 -20.97 16.03
CA LEU C 425 -15.02 -20.90 16.01
C LEU C 425 -14.56 -19.46 16.24
N PRO C 426 -13.45 -19.27 16.95
CA PRO C 426 -12.92 -17.90 17.14
C PRO C 426 -12.48 -17.29 15.83
N ASP C 427 -12.57 -15.97 15.74
CA ASP C 427 -12.27 -15.28 14.49
C ASP C 427 -10.78 -15.33 14.16
N ASP C 428 -9.92 -15.46 15.17
CA ASP C 428 -8.47 -15.53 14.98
C ASP C 428 -7.97 -16.96 15.11
N PHE C 429 -8.73 -17.91 14.59
CA PHE C 429 -8.39 -19.32 14.74
C PHE C 429 -7.05 -19.63 14.08
N THR C 430 -6.26 -20.48 14.73
CA THR C 430 -4.99 -20.96 14.20
C THR C 430 -4.91 -22.46 14.48
N GLY C 431 -5.41 -23.25 13.53
CA GLY C 431 -5.48 -24.69 13.73
C GLY C 431 -5.81 -25.45 12.46
N CYS C 432 -6.44 -26.62 12.60
CA CYS C 432 -6.81 -27.42 11.44
C CYS C 432 -8.18 -28.05 11.67
N VAL C 433 -8.89 -28.26 10.57
CA VAL C 433 -10.23 -28.86 10.57
C VAL C 433 -10.22 -30.02 9.58
N ILE C 434 -10.65 -31.19 10.05
CA ILE C 434 -10.70 -32.40 9.25
C ILE C 434 -12.14 -32.91 9.27
N ALA C 435 -12.66 -33.29 8.12
CA ALA C 435 -14.04 -33.76 8.03
C ALA C 435 -14.13 -34.83 6.96
N TRP C 436 -14.71 -35.97 7.31
CA TRP C 436 -14.81 -37.06 6.35
C TRP C 436 -16.16 -37.74 6.46
N ASN C 437 -16.55 -38.39 5.36
CA ASN C 437 -17.84 -39.05 5.28
C ASN C 437 -17.90 -40.23 6.25
N SER C 438 -19.01 -40.34 6.96
CA SER C 438 -19.22 -41.43 7.93
C SER C 438 -20.62 -41.98 7.81
N ASN C 439 -21.10 -42.16 6.58
CA ASN C 439 -22.44 -42.66 6.36
C ASN C 439 -22.58 -44.11 6.83
N ASN C 440 -21.53 -44.91 6.65
CA ASN C 440 -21.60 -46.34 6.92
C ASN C 440 -21.16 -46.70 8.34
N LEU C 441 -20.98 -45.71 9.21
CA LEU C 441 -20.61 -45.97 10.60
C LEU C 441 -21.59 -45.41 11.61
N ASP C 442 -22.33 -44.35 11.28
CA ASP C 442 -23.25 -43.72 12.21
C ASP C 442 -24.71 -43.77 11.77
N SER C 443 -24.98 -44.02 10.50
CA SER C 443 -26.35 -44.10 10.01
C SER C 443 -26.87 -45.53 10.08
N LYS C 444 -28.18 -45.67 10.18
CA LYS C 444 -28.83 -46.96 10.30
C LYS C 444 -30.11 -46.96 9.49
N VAL C 445 -30.44 -48.13 8.94
CA VAL C 445 -31.69 -48.28 8.21
C VAL C 445 -32.86 -48.14 9.17
N GLY C 446 -33.90 -47.44 8.74
CA GLY C 446 -35.07 -47.21 9.57
C GLY C 446 -34.98 -46.00 10.47
N GLY C 447 -33.84 -45.31 10.51
CA GLY C 447 -33.70 -44.13 11.32
C GLY C 447 -32.91 -44.35 12.60
N ASN C 448 -31.89 -43.52 12.82
CA ASN C 448 -31.10 -43.55 14.04
C ASN C 448 -31.25 -42.22 14.75
N TYR C 449 -31.59 -42.27 16.03
CA TYR C 449 -31.90 -41.07 16.82
C TYR C 449 -30.95 -40.92 18.00
N ASN C 450 -29.70 -41.39 17.85
CA ASN C 450 -28.71 -41.24 18.91
C ASN C 450 -28.03 -39.88 18.92
N TYR C 451 -28.20 -39.09 17.86
CA TYR C 451 -27.55 -37.78 17.77
C TYR C 451 -28.60 -36.69 17.82
N LEU C 452 -28.32 -35.64 18.58
CA LEU C 452 -29.23 -34.53 18.78
C LEU C 452 -28.51 -33.21 18.51
N TYR C 453 -29.31 -32.22 18.14
CA TYR C 453 -28.81 -30.87 17.89
C TYR C 453 -29.81 -29.86 18.38
N ARG C 454 -29.30 -28.68 18.77
CA ARG C 454 -30.14 -27.63 19.32
C ARG C 454 -30.75 -26.79 18.20
N LEU C 455 -31.93 -26.23 18.49
CA LEU C 455 -32.62 -25.38 17.53
C LEU C 455 -32.94 -24.00 18.07
N PHE C 456 -33.32 -23.90 19.34
CA PHE C 456 -33.85 -22.67 19.91
C PHE C 456 -32.90 -22.16 21.00
N ARG C 457 -32.52 -20.90 20.90
CA ARG C 457 -31.79 -20.23 21.96
C ARG C 457 -32.09 -18.74 21.89
N LYS C 458 -32.09 -18.08 23.06
CA LYS C 458 -32.44 -16.67 23.11
C LYS C 458 -31.32 -15.79 22.57
N SER C 459 -30.07 -16.19 22.74
CA SER C 459 -28.93 -15.38 22.35
C SER C 459 -27.90 -16.22 21.62
N ASN C 460 -26.98 -15.54 20.96
CA ASN C 460 -25.91 -16.23 20.24
C ASN C 460 -24.94 -16.88 21.23
N LEU C 461 -23.93 -17.54 20.68
CA LEU C 461 -23.02 -18.37 21.48
C LEU C 461 -21.61 -17.85 21.31
N LYS C 462 -20.93 -17.61 22.43
CA LYS C 462 -19.55 -17.12 22.37
C LYS C 462 -18.60 -18.21 21.88
N PRO C 463 -17.49 -17.82 21.25
CA PRO C 463 -16.58 -18.82 20.71
C PRO C 463 -16.02 -19.76 21.78
N PHE C 464 -15.92 -21.05 21.42
CA PHE C 464 -15.33 -22.08 22.27
C PHE C 464 -16.04 -22.19 23.61
N GLU C 465 -17.36 -22.25 23.57
CA GLU C 465 -18.18 -22.48 24.75
C GLU C 465 -19.18 -23.57 24.48
N ARG C 466 -19.24 -24.56 25.37
CA ARG C 466 -20.15 -25.69 25.23
C ARG C 466 -21.22 -25.61 26.31
N ASP C 467 -22.48 -25.72 25.91
CA ASP C 467 -23.61 -25.62 26.81
C ASP C 467 -24.43 -26.91 26.74
N ILE C 468 -24.75 -27.46 27.91
CA ILE C 468 -25.56 -28.68 27.99
C ILE C 468 -26.87 -28.33 28.70
N SER C 469 -27.31 -27.09 28.57
CA SER C 469 -28.53 -26.66 29.22
C SER C 469 -29.73 -27.41 28.65
N THR C 470 -30.59 -27.88 29.55
CA THR C 470 -31.79 -28.62 29.17
C THR C 470 -33.08 -27.87 29.53
N GLU C 471 -32.99 -26.62 29.97
CA GLU C 471 -34.17 -25.87 30.35
C GLU C 471 -35.09 -25.68 29.14
N ILE C 472 -36.39 -25.70 29.40
CA ILE C 472 -37.36 -25.54 28.31
C ILE C 472 -37.29 -24.12 27.75
N TYR C 473 -37.62 -23.99 26.47
CA TYR C 473 -37.55 -22.70 25.81
C TYR C 473 -38.80 -21.88 26.09
N GLN C 474 -38.61 -20.60 26.38
CA GLN C 474 -39.69 -19.69 26.71
C GLN C 474 -39.90 -18.74 25.54
N ALA C 475 -40.82 -19.09 24.65
CA ALA C 475 -41.12 -18.24 23.50
C ALA C 475 -42.26 -17.26 23.77
N GLY C 476 -42.88 -17.33 24.96
CA GLY C 476 -43.96 -16.43 25.29
C GLY C 476 -43.77 -15.85 26.69
N SER C 477 -44.54 -14.80 26.97
CA SER C 477 -44.46 -14.15 28.27
C SER C 477 -44.96 -15.06 29.38
N THR C 478 -45.88 -15.96 29.08
CA THR C 478 -46.37 -16.88 30.09
C THR C 478 -45.25 -17.84 30.51
N PRO C 479 -45.14 -18.14 31.81
CA PRO C 479 -44.16 -19.15 32.24
C PRO C 479 -44.52 -20.51 31.68
N CYS C 480 -43.50 -21.22 31.18
CA CYS C 480 -43.73 -22.53 30.60
C CYS C 480 -43.97 -23.59 31.66
N ASN C 481 -43.38 -23.44 32.84
CA ASN C 481 -43.54 -24.38 33.96
C ASN C 481 -43.09 -25.79 33.57
N GLY C 482 -42.17 -25.89 32.62
CA GLY C 482 -41.68 -27.18 32.18
C GLY C 482 -42.75 -28.05 31.56
N VAL C 483 -43.70 -27.44 30.84
CA VAL C 483 -44.78 -28.16 30.19
C VAL C 483 -44.75 -27.83 28.71
N GLU C 484 -44.70 -28.87 27.88
CA GLU C 484 -44.71 -28.66 26.42
C GLU C 484 -46.07 -28.10 25.99
N GLY C 485 -46.04 -27.32 24.93
CA GLY C 485 -47.25 -26.75 24.39
C GLY C 485 -46.95 -25.47 23.63
N PHE C 486 -47.86 -24.49 23.76
CA PHE C 486 -47.76 -23.25 23.01
C PHE C 486 -46.57 -22.44 23.50
N ASN C 487 -45.69 -22.06 22.55
CA ASN C 487 -44.50 -21.26 22.83
C ASN C 487 -43.57 -21.92 23.85
N CYS C 488 -43.66 -23.24 24.01
CA CYS C 488 -42.79 -24.00 24.91
C CYS C 488 -42.39 -25.28 24.17
N TYR C 489 -41.24 -25.24 23.49
CA TYR C 489 -40.77 -26.34 22.66
C TYR C 489 -39.56 -27.00 23.28
N PHE C 490 -39.31 -28.24 22.87
CA PHE C 490 -38.12 -28.95 23.27
C PHE C 490 -36.94 -28.48 22.43
N PRO C 491 -35.85 -27.99 23.05
CA PRO C 491 -34.77 -27.37 22.28
C PRO C 491 -33.84 -28.35 21.58
N LEU C 492 -34.04 -29.66 21.69
CA LEU C 492 -33.17 -30.65 21.09
C LEU C 492 -33.96 -31.55 20.15
N GLN C 493 -33.43 -31.75 18.93
CA GLN C 493 -34.07 -32.62 17.95
C GLN C 493 -33.05 -33.61 17.41
N SER C 494 -33.56 -34.72 16.88
CA SER C 494 -32.72 -35.76 16.31
C SER C 494 -32.56 -35.56 14.82
N TYR C 495 -31.35 -35.81 14.32
CA TYR C 495 -31.09 -35.70 12.90
C TYR C 495 -31.87 -36.74 12.11
N GLY C 496 -31.88 -37.99 12.58
CA GLY C 496 -32.53 -39.06 11.86
C GLY C 496 -31.81 -39.43 10.58
N PHE C 497 -30.60 -39.97 10.70
CA PHE C 497 -29.83 -40.36 9.53
C PHE C 497 -30.36 -41.64 8.92
N GLN C 498 -30.32 -41.72 7.59
CA GLN C 498 -30.69 -42.90 6.85
C GLN C 498 -29.64 -43.20 5.79
N PRO C 499 -29.49 -44.47 5.39
CA PRO C 499 -28.46 -44.80 4.39
C PRO C 499 -28.86 -44.46 2.97
N THR C 500 -30.12 -44.09 2.71
CA THR C 500 -30.62 -43.96 1.36
C THR C 500 -30.81 -42.51 0.90
N ASN C 501 -30.55 -41.52 1.75
CA ASN C 501 -30.74 -40.15 1.33
C ASN C 501 -29.61 -39.71 0.39
N GLY C 502 -29.71 -38.46 -0.05
CA GLY C 502 -28.72 -37.89 -0.95
C GLY C 502 -27.44 -37.53 -0.23
N VAL C 503 -26.53 -36.89 -1.00
CA VAL C 503 -25.23 -36.51 -0.46
C VAL C 503 -25.38 -35.49 0.65
N GLY C 504 -26.35 -34.57 0.52
CA GLY C 504 -26.52 -33.50 1.48
C GLY C 504 -27.13 -33.88 2.81
N TYR C 505 -27.44 -35.15 3.03
CA TYR C 505 -28.03 -35.59 4.28
C TYR C 505 -27.24 -36.66 5.01
N GLN C 506 -26.18 -37.21 4.42
CA GLN C 506 -25.39 -38.22 5.11
C GLN C 506 -24.61 -37.59 6.25
N PRO C 507 -24.44 -38.30 7.36
CA PRO C 507 -23.63 -37.76 8.46
C PRO C 507 -22.17 -37.66 8.09
N TYR C 508 -21.50 -36.66 8.66
CA TYR C 508 -20.08 -36.42 8.45
C TYR C 508 -19.40 -36.28 9.81
N ARG C 509 -18.22 -36.88 9.94
CA ARG C 509 -17.45 -36.81 11.18
C ARG C 509 -16.44 -35.67 11.06
N VAL C 510 -16.42 -34.80 12.07
CA VAL C 510 -15.57 -33.61 12.07
C VAL C 510 -14.69 -33.64 13.31
N VAL C 511 -13.39 -33.43 13.10
CA VAL C 511 -12.41 -33.32 14.16
C VAL C 511 -11.63 -32.02 13.97
N VAL C 512 -11.55 -31.22 15.02
CA VAL C 512 -10.89 -29.93 14.99
C VAL C 512 -9.69 -29.99 15.92
N LEU C 513 -8.51 -29.68 15.40
CA LEU C 513 -7.28 -29.59 16.17
C LEU C 513 -6.93 -28.12 16.35
N SER C 514 -6.65 -27.71 17.58
CA SER C 514 -6.26 -26.34 17.86
C SER C 514 -4.96 -26.32 18.65
N PHE C 515 -3.99 -25.53 18.16
CA PHE C 515 -2.72 -25.33 18.83
C PHE C 515 -2.74 -23.93 19.44
N GLU C 516 -2.87 -23.86 20.76
CA GLU C 516 -2.89 -22.59 21.48
C GLU C 516 -1.45 -22.34 21.94
N LEU C 517 -0.66 -21.73 21.06
CA LEU C 517 0.75 -21.52 21.34
C LEU C 517 0.92 -20.48 22.45
N LEU C 518 1.85 -20.76 23.37
CA LEU C 518 2.22 -19.82 24.41
C LEU C 518 3.71 -19.98 24.67
N HIS C 519 4.37 -18.86 24.97
CA HIS C 519 5.81 -18.89 25.26
C HIS C 519 5.99 -19.60 26.59
N ALA C 520 6.32 -20.88 26.52
CA ALA C 520 6.38 -21.73 27.70
C ALA C 520 7.19 -22.97 27.33
N PRO C 521 7.62 -23.76 28.30
CA PRO C 521 8.27 -25.04 27.98
C PRO C 521 7.39 -25.89 27.09
N ALA C 522 7.89 -26.17 25.89
CA ALA C 522 7.13 -26.93 24.89
C ALA C 522 7.19 -28.41 25.22
N THR C 523 6.08 -29.11 24.96
CA THR C 523 5.98 -30.51 25.31
C THR C 523 5.46 -31.41 24.19
N VAL C 524 5.01 -30.85 23.07
CA VAL C 524 4.56 -31.64 21.92
C VAL C 524 5.43 -31.23 20.75
N CYS C 525 6.53 -31.95 20.54
CA CYS C 525 7.47 -31.69 19.46
C CYS C 525 7.36 -32.75 18.38
N GLY C 526 7.81 -32.40 17.19
CA GLY C 526 7.84 -33.33 16.08
C GLY C 526 9.00 -34.29 16.18
N PRO C 527 8.97 -35.31 15.33
CA PRO C 527 10.02 -36.34 15.33
C PRO C 527 11.27 -35.96 14.53
N LYS C 528 12.13 -35.16 15.14
CA LYS C 528 13.41 -34.78 14.56
C LYS C 528 14.52 -35.04 15.59
N LYS C 529 15.57 -35.73 15.15
CA LYS C 529 16.65 -36.09 16.06
C LYS C 529 17.49 -34.88 16.42
N SER C 530 17.99 -34.87 17.64
CA SER C 530 18.82 -33.78 18.14
C SER C 530 20.26 -33.95 17.67
N THR C 531 21.03 -32.87 17.79
CA THR C 531 22.42 -32.84 17.38
C THR C 531 23.27 -32.20 18.48
N ASN C 532 24.52 -32.65 18.58
CA ASN C 532 25.43 -32.08 19.55
C ASN C 532 25.68 -30.61 19.24
N LEU C 533 25.84 -29.81 20.30
CA LEU C 533 25.95 -28.36 20.17
C LEU C 533 27.42 -27.94 20.12
N VAL C 534 27.68 -26.86 19.37
CA VAL C 534 29.02 -26.34 19.17
C VAL C 534 29.02 -24.86 19.54
N LYS C 535 30.04 -24.44 20.27
CA LYS C 535 30.14 -23.08 20.78
C LYS C 535 31.29 -22.32 20.10
N ASN C 536 31.21 -20.99 20.19
CA ASN C 536 32.25 -20.10 19.68
C ASN C 536 32.47 -20.26 18.19
N LYS C 537 31.37 -20.33 17.43
CA LYS C 537 31.44 -20.37 15.97
C LYS C 537 30.05 -20.09 15.42
N CYS C 538 29.98 -19.24 14.38
CA CYS C 538 28.69 -18.84 13.82
C CYS C 538 28.06 -20.04 13.13
N VAL C 539 26.94 -20.52 13.68
CA VAL C 539 26.25 -21.70 13.19
C VAL C 539 24.77 -21.36 12.99
N ASN C 540 24.05 -22.32 12.40
CA ASN C 540 22.62 -22.19 12.12
C ASN C 540 21.87 -22.99 13.18
N PHE C 541 21.31 -22.31 14.16
CA PHE C 541 20.67 -22.97 15.29
C PHE C 541 19.16 -23.03 15.13
N ASN C 542 18.56 -24.02 15.79
CA ASN C 542 17.12 -24.26 15.75
C ASN C 542 16.73 -24.81 17.12
N PHE C 543 16.22 -23.93 17.99
CA PHE C 543 15.79 -24.31 19.33
C PHE C 543 14.27 -24.37 19.36
N ASN C 544 13.72 -25.58 19.45
CA ASN C 544 12.26 -25.78 19.56
C ASN C 544 11.50 -25.05 18.47
N GLY C 545 12.01 -25.12 17.24
CA GLY C 545 11.38 -24.49 16.11
C GLY C 545 11.77 -23.04 15.90
N LEU C 546 12.39 -22.40 16.88
CA LEU C 546 12.89 -21.04 16.71
C LEU C 546 14.23 -21.12 15.97
N THR C 547 14.25 -20.63 14.75
CA THR C 547 15.42 -20.72 13.88
C THR C 547 16.23 -19.44 13.94
N GLY C 548 17.52 -19.57 13.64
CA GLY C 548 18.35 -18.38 13.55
C GLY C 548 19.78 -18.75 13.21
N THR C 549 20.60 -17.71 13.04
CA THR C 549 22.02 -17.86 12.79
C THR C 549 22.79 -17.01 13.78
N GLY C 550 23.94 -17.50 14.22
CA GLY C 550 24.77 -16.74 15.13
C GLY C 550 25.73 -17.64 15.88
N VAL C 551 26.53 -17.00 16.72
CA VAL C 551 27.48 -17.69 17.59
C VAL C 551 26.89 -17.78 18.98
N LEU C 552 26.98 -18.98 19.56
CA LEU C 552 26.46 -19.25 20.90
C LEU C 552 27.62 -19.18 21.88
N THR C 553 27.49 -18.31 22.88
CA THR C 553 28.56 -18.11 23.85
C THR C 553 28.01 -18.26 25.26
N GLU C 554 28.94 -18.45 26.21
CA GLU C 554 28.56 -18.54 27.61
C GLU C 554 28.04 -17.20 28.11
N SER C 555 27.15 -17.26 29.08
CA SER C 555 26.44 -16.08 29.57
C SER C 555 26.49 -16.01 31.09
N ASN C 556 26.55 -14.79 31.60
CA ASN C 556 26.42 -14.51 33.03
C ASN C 556 25.01 -14.05 33.38
N LYS C 557 24.07 -14.19 32.46
CA LYS C 557 22.70 -13.74 32.67
C LYS C 557 22.00 -14.70 33.62
N LYS C 558 21.46 -14.17 34.72
CA LYS C 558 20.83 -14.99 35.75
C LYS C 558 19.34 -15.14 35.43
N PHE C 559 19.05 -16.12 34.57
CA PHE C 559 17.68 -16.43 34.22
C PHE C 559 16.95 -17.02 35.42
N LEU C 560 15.70 -16.61 35.61
CA LEU C 560 14.88 -17.21 36.65
C LEU C 560 14.49 -18.64 36.24
N PRO C 561 14.28 -19.52 37.22
CA PRO C 561 13.99 -20.92 36.89
C PRO C 561 12.78 -21.11 35.99
N PHE C 562 11.77 -20.26 36.13
CA PHE C 562 10.57 -20.32 35.31
C PHE C 562 10.68 -19.50 34.03
N GLN C 563 11.85 -18.91 33.77
CA GLN C 563 11.99 -17.84 32.79
C GLN C 563 12.85 -18.36 31.64
N GLN C 564 12.33 -18.26 30.41
CA GLN C 564 12.85 -19.04 29.30
C GLN C 564 13.60 -18.22 28.24
N PHE C 565 12.98 -17.19 27.68
CA PHE C 565 13.57 -16.45 26.57
C PHE C 565 13.90 -15.02 27.00
N GLY C 566 14.85 -14.42 26.30
CA GLY C 566 15.20 -13.02 26.51
C GLY C 566 15.19 -12.27 25.20
N ARG C 567 14.67 -11.05 25.23
CA ARG C 567 14.54 -10.23 24.03
C ARG C 567 15.19 -8.87 24.26
N ASP C 568 15.64 -8.27 23.16
CA ASP C 568 16.22 -6.94 23.17
C ASP C 568 15.17 -5.92 22.77
N ILE C 569 15.61 -4.68 22.52
CA ILE C 569 14.68 -3.61 22.15
C ILE C 569 13.98 -3.93 20.85
N ALA C 570 14.72 -4.43 19.86
CA ALA C 570 14.18 -4.71 18.53
C ALA C 570 13.37 -5.99 18.47
N ASP C 571 12.98 -6.55 19.62
CA ASP C 571 12.18 -7.77 19.68
C ASP C 571 12.86 -8.95 19.01
N THR C 572 14.17 -9.07 19.16
CA THR C 572 14.92 -10.21 18.69
C THR C 572 15.49 -11.00 19.87
N THR C 573 15.67 -12.30 19.65
CA THR C 573 16.15 -13.18 20.72
C THR C 573 17.59 -12.84 21.08
N ASP C 574 17.89 -12.89 22.37
CA ASP C 574 19.23 -12.59 22.88
C ASP C 574 19.85 -13.75 23.63
N ALA C 575 19.09 -14.45 24.47
CA ALA C 575 19.60 -15.58 25.23
C ALA C 575 18.55 -16.69 25.25
N VAL C 576 19.01 -17.93 25.13
CA VAL C 576 18.12 -19.08 25.10
C VAL C 576 18.58 -20.10 26.13
N ARG C 577 17.64 -20.98 26.52
CA ARG C 577 17.91 -22.04 27.46
C ARG C 577 17.78 -23.38 26.75
N ASP C 578 18.82 -24.20 26.83
CA ASP C 578 18.83 -25.47 26.11
C ASP C 578 17.79 -26.41 26.71
N PRO C 579 16.95 -27.03 25.87
CA PRO C 579 15.87 -27.88 26.42
C PRO C 579 16.39 -29.09 27.18
N GLN C 580 17.51 -29.68 26.78
CA GLN C 580 18.01 -30.89 27.43
C GLN C 580 18.81 -30.58 28.69
N THR C 581 19.72 -29.60 28.63
CA THR C 581 20.54 -29.20 29.76
C THR C 581 20.23 -27.76 30.12
N LEU C 582 19.92 -27.51 31.38
CA LEU C 582 19.43 -26.20 31.82
C LEU C 582 20.60 -25.23 31.94
N GLU C 583 20.98 -24.67 30.79
CA GLU C 583 22.01 -23.64 30.72
C GLU C 583 21.50 -22.50 29.86
N ILE C 584 22.05 -21.31 30.09
CA ILE C 584 21.66 -20.11 29.37
C ILE C 584 22.80 -19.70 28.45
N LEU C 585 22.51 -19.60 27.15
CA LEU C 585 23.50 -19.31 26.15
C LEU C 585 23.12 -18.02 25.43
N ASP C 586 24.10 -17.13 25.26
CA ASP C 586 23.89 -15.90 24.53
C ASP C 586 24.09 -16.10 23.04
N ILE C 587 23.30 -15.38 22.25
CA ILE C 587 23.34 -15.47 20.79
C ILE C 587 23.87 -14.14 20.26
N THR C 588 24.92 -14.20 19.46
CA THR C 588 25.47 -13.00 18.86
C THR C 588 25.60 -13.19 17.34
N PRO C 589 25.08 -12.28 16.53
CA PRO C 589 25.31 -12.41 15.08
C PRO C 589 26.78 -12.36 14.76
N CYS C 590 27.21 -13.20 13.83
CA CYS C 590 28.62 -13.24 13.47
C CYS C 590 29.00 -11.98 12.68
N SER C 591 30.31 -11.72 12.65
CA SER C 591 30.81 -10.42 12.21
C SER C 591 30.45 -10.15 10.75
N PHE C 592 30.26 -8.86 10.44
CA PHE C 592 29.91 -8.42 9.10
C PHE C 592 30.31 -6.96 8.98
N GLY C 593 30.25 -6.44 7.76
CA GLY C 593 30.48 -5.03 7.55
C GLY C 593 30.65 -4.63 6.09
N GLY C 594 30.47 -3.35 5.81
CA GLY C 594 30.68 -2.88 4.45
C GLY C 594 32.13 -2.94 4.03
N VAL C 595 32.34 -3.02 2.72
CA VAL C 595 33.68 -3.08 2.14
C VAL C 595 33.84 -1.89 1.21
N SER C 596 35.07 -1.41 1.07
CA SER C 596 35.36 -0.25 0.26
C SER C 596 36.58 -0.52 -0.60
N VAL C 597 36.60 0.09 -1.78
CA VAL C 597 37.68 -0.09 -2.75
C VAL C 597 38.38 1.25 -2.93
N ILE C 598 39.66 1.29 -2.62
CA ILE C 598 40.48 2.49 -2.81
C ILE C 598 41.25 2.32 -4.10
N THR C 599 41.03 3.23 -5.05
CA THR C 599 41.59 3.10 -6.37
C THR C 599 42.03 4.44 -6.95
N PRO C 600 43.24 4.52 -7.50
CA PRO C 600 43.56 5.64 -8.40
C PRO C 600 42.80 5.47 -9.71
N GLY C 601 42.76 6.56 -10.48
CA GLY C 601 42.01 6.53 -11.72
C GLY C 601 42.56 5.51 -12.70
N THR C 602 41.65 4.91 -13.49
CA THR C 602 42.08 3.96 -14.51
C THR C 602 42.96 4.59 -15.56
N ASN C 603 42.94 5.93 -15.65
CA ASN C 603 43.86 6.63 -16.55
C ASN C 603 45.32 6.43 -16.13
N THR C 604 45.56 6.00 -14.90
CA THR C 604 46.91 5.80 -14.39
C THR C 604 47.28 4.34 -14.21
N SER C 605 46.47 3.57 -13.49
CA SER C 605 46.79 2.17 -13.21
C SER C 605 45.53 1.43 -12.84
N ASN C 606 45.65 0.10 -12.78
CA ASN C 606 44.55 -0.78 -12.40
C ASN C 606 44.73 -1.41 -11.03
N GLN C 607 45.73 -0.98 -10.27
CA GLN C 607 46.00 -1.54 -8.95
C GLN C 607 45.11 -0.87 -7.91
N VAL C 608 44.48 -1.67 -7.06
CA VAL C 608 43.52 -1.17 -6.08
C VAL C 608 43.83 -1.80 -4.72
N ALA C 609 43.22 -1.23 -3.68
CA ALA C 609 43.29 -1.76 -2.33
C ALA C 609 41.89 -1.91 -1.77
N VAL C 610 41.75 -2.78 -0.77
CA VAL C 610 40.44 -3.12 -0.21
C VAL C 610 40.45 -2.83 1.28
N LEU C 611 39.42 -2.14 1.75
CA LEU C 611 39.27 -1.78 3.16
C LEU C 611 38.01 -2.44 3.71
N TYR C 612 38.17 -3.18 4.80
CA TYR C 612 37.04 -3.84 5.48
C TYR C 612 36.65 -2.98 6.68
N GLN C 613 35.46 -2.41 6.63
CA GLN C 613 35.08 -1.39 7.61
C GLN C 613 34.69 -2.02 8.95
N ASP C 614 35.23 -1.45 10.02
CA ASP C 614 34.82 -1.76 11.39
C ASP C 614 34.87 -3.26 11.69
N VAL C 615 35.91 -3.94 11.22
CA VAL C 615 36.08 -5.37 11.47
C VAL C 615 37.48 -5.59 12.00
N ASN C 616 37.59 -6.18 13.19
CA ASN C 616 38.88 -6.65 13.64
C ASN C 616 39.33 -7.77 12.72
N CYS C 617 40.50 -7.60 12.12
CA CYS C 617 40.97 -8.50 11.08
C CYS C 617 41.96 -9.52 11.61
N THR C 618 41.41 -10.37 12.49
CA THR C 618 41.99 -11.66 12.90
C THR C 618 41.22 -12.82 12.31
N GLU C 619 39.91 -12.66 12.12
CA GLU C 619 39.07 -13.69 11.51
C GLU C 619 39.20 -13.73 9.99
N VAL C 620 39.41 -12.59 9.33
CA VAL C 620 39.48 -12.58 7.87
C VAL C 620 40.87 -13.00 7.41
N ASN C 641 51.06 -8.31 4.64
CA ASN C 641 50.90 -6.97 4.09
C ASN C 641 49.53 -6.39 4.44
N VAL C 642 49.28 -6.25 5.74
CA VAL C 642 48.03 -5.71 6.25
C VAL C 642 48.35 -4.65 7.31
N PHE C 643 47.57 -3.57 7.33
CA PHE C 643 47.80 -2.47 8.26
C PHE C 643 46.49 -2.13 8.96
N GLN C 644 46.45 -2.34 10.28
CA GLN C 644 45.22 -2.13 11.03
C GLN C 644 45.12 -0.69 11.53
N THR C 645 44.10 0.02 11.07
CA THR C 645 43.70 1.33 11.54
C THR C 645 42.31 1.23 12.16
N ARG C 646 41.81 2.36 12.65
CA ARG C 646 40.55 2.38 13.36
C ARG C 646 39.37 1.97 12.48
N ALA C 647 39.52 2.01 11.16
CA ALA C 647 38.44 1.61 10.26
C ALA C 647 38.56 0.16 9.80
N GLY C 648 39.49 -0.62 10.36
CA GLY C 648 39.77 -1.95 9.90
C GLY C 648 41.19 -1.99 9.41
N CYS C 649 41.60 -3.10 8.78
CA CYS C 649 42.95 -3.18 8.25
C CYS C 649 42.90 -3.02 6.74
N LEU C 650 43.63 -2.04 6.24
CA LEU C 650 43.82 -1.88 4.81
C LEU C 650 44.81 -2.94 4.34
N ILE C 651 44.48 -3.60 3.23
CA ILE C 651 45.34 -4.62 2.63
C ILE C 651 45.74 -4.13 1.25
N GLY C 652 46.95 -4.51 0.83
CA GLY C 652 47.46 -4.11 -0.46
C GLY C 652 48.19 -2.79 -0.48
N ALA C 653 48.22 -2.06 0.63
CA ALA C 653 48.88 -0.77 0.71
C ALA C 653 50.00 -0.82 1.74
N GLU C 654 51.18 -0.38 1.34
CA GLU C 654 52.35 -0.42 2.22
C GLU C 654 52.38 0.79 3.14
N HIS C 655 52.62 0.54 4.42
CA HIS C 655 52.72 1.63 5.39
C HIS C 655 54.00 2.41 5.19
N VAL C 656 53.92 3.73 5.36
CA VAL C 656 55.06 4.63 5.21
C VAL C 656 55.15 5.53 6.43
N ASN C 657 56.36 5.68 6.98
CA ASN C 657 56.54 6.50 8.17
C ASN C 657 56.40 7.98 7.86
N ASN C 658 56.83 8.42 6.67
CA ASN C 658 56.77 9.83 6.33
C ASN C 658 55.34 10.31 6.23
N SER C 659 55.15 11.62 6.41
CA SER C 659 53.85 12.25 6.33
C SER C 659 53.83 13.28 5.20
N TYR C 660 52.73 13.28 4.44
CA TYR C 660 52.55 14.19 3.32
C TYR C 660 51.14 14.78 3.39
N GLU C 661 50.82 15.65 2.43
CA GLU C 661 49.45 16.11 2.28
C GLU C 661 48.60 14.98 1.72
N CYS C 662 47.61 14.54 2.49
CA CYS C 662 46.91 13.31 2.17
C CYS C 662 45.85 13.55 1.10
N ASP C 663 45.66 12.54 0.25
CA ASP C 663 44.95 12.67 -1.01
C ASP C 663 43.60 11.99 -1.03
N ILE C 664 43.54 10.70 -0.72
CA ILE C 664 42.28 9.97 -0.64
C ILE C 664 42.01 9.68 0.84
N PRO C 665 41.02 10.32 1.45
CA PRO C 665 40.80 10.15 2.89
C PRO C 665 40.24 8.77 3.20
N ILE C 666 40.89 8.07 4.13
CA ILE C 666 40.41 6.77 4.58
C ILE C 666 39.66 6.96 5.90
N GLY C 667 40.32 7.52 6.89
CA GLY C 667 39.65 7.82 8.14
C GLY C 667 40.59 7.77 9.31
N ALA C 668 40.15 8.37 10.42
CA ALA C 668 40.90 8.41 11.67
C ALA C 668 42.30 9.00 11.46
N GLY C 669 42.41 9.97 10.57
CA GLY C 669 43.68 10.60 10.29
C GLY C 669 44.56 9.88 9.30
N ILE C 670 44.06 8.81 8.67
CA ILE C 670 44.84 8.00 7.74
C ILE C 670 44.31 8.25 6.33
N CYS C 671 45.21 8.51 5.39
CA CYS C 671 44.88 8.64 3.98
C CYS C 671 45.91 7.90 3.13
N ALA C 672 45.51 7.54 1.92
CA ALA C 672 46.34 6.75 1.02
C ALA C 672 46.48 7.46 -0.33
N SER C 673 47.57 7.14 -1.03
CA SER C 673 47.84 7.75 -2.32
C SER C 673 48.78 6.86 -3.12
N TYR C 674 48.82 7.11 -4.43
CA TYR C 674 49.61 6.32 -5.38
C TYR C 674 50.97 6.96 -5.56
N GLN C 675 52.03 6.23 -5.22
CA GLN C 675 53.37 6.80 -5.24
C GLN C 675 54.39 5.68 -5.31
N THR C 676 55.62 6.03 -5.69
CA THR C 676 56.72 5.06 -5.74
C THR C 676 57.07 4.58 -4.34
N SER C 689 57.52 -0.85 -8.96
CA SER C 689 57.98 0.04 -7.90
C SER C 689 56.83 0.88 -7.35
N GLN C 690 56.01 1.42 -8.24
CA GLN C 690 54.89 2.25 -7.84
C GLN C 690 53.82 1.41 -7.15
N SER C 691 53.21 1.97 -6.12
CA SER C 691 52.21 1.23 -5.35
C SER C 691 51.39 2.21 -4.51
N ILE C 692 50.41 1.66 -3.80
CA ILE C 692 49.54 2.43 -2.93
C ILE C 692 50.16 2.49 -1.54
N ILE C 693 50.24 3.69 -0.98
CA ILE C 693 50.84 3.90 0.34
C ILE C 693 49.85 4.60 1.23
N ALA C 694 49.86 4.26 2.51
CA ALA C 694 48.96 4.82 3.51
C ALA C 694 49.77 5.48 4.61
N TYR C 695 49.31 6.63 5.07
CA TYR C 695 50.05 7.40 6.05
C TYR C 695 49.10 8.30 6.83
N THR C 696 49.58 8.79 7.97
CA THR C 696 48.86 9.79 8.74
C THR C 696 49.05 11.16 8.10
N MET C 697 47.95 11.88 7.91
CA MET C 697 48.00 13.15 7.20
C MET C 697 48.78 14.18 8.00
N SER C 698 49.41 15.11 7.27
CA SER C 698 50.19 16.17 7.86
C SER C 698 49.40 17.48 7.81
N LEU C 699 49.37 18.19 8.93
CA LEU C 699 48.59 19.40 9.06
C LEU C 699 49.28 20.63 8.48
N GLY C 700 50.52 20.50 8.01
CA GLY C 700 51.24 21.60 7.41
C GLY C 700 52.64 21.73 7.98
N ALA C 701 53.39 22.64 7.35
CA ALA C 701 54.77 22.88 7.75
C ALA C 701 54.82 23.53 9.13
N GLU C 702 55.89 23.24 9.86
CA GLU C 702 56.14 23.84 11.16
C GLU C 702 56.88 25.16 10.97
N ASN C 703 56.44 26.18 11.71
CA ASN C 703 57.03 27.51 11.56
C ASN C 703 56.85 28.26 12.89
N SER C 704 57.96 28.41 13.62
CA SER C 704 57.93 29.18 14.85
C SER C 704 58.21 30.65 14.55
N VAL C 705 57.66 31.53 15.40
CA VAL C 705 57.80 32.97 15.25
C VAL C 705 58.76 33.45 16.34
N ALA C 706 59.79 34.18 15.92
CA ALA C 706 60.81 34.69 16.84
C ALA C 706 60.21 35.85 17.64
N TYR C 707 59.43 35.51 18.64
CA TYR C 707 58.77 36.52 19.47
C TYR C 707 59.77 37.17 20.41
N SER C 708 59.49 38.42 20.75
CA SER C 708 60.27 39.16 21.73
C SER C 708 59.38 40.28 22.26
N ASN C 709 59.84 40.91 23.35
CA ASN C 709 59.08 41.98 23.98
C ASN C 709 59.45 43.37 23.47
N ASN C 710 60.47 43.49 22.62
CA ASN C 710 60.82 44.79 22.08
C ASN C 710 61.25 44.73 20.62
N SER C 711 60.70 43.80 19.84
CA SER C 711 61.04 43.65 18.44
C SER C 711 59.79 43.62 17.59
N ILE C 712 59.82 44.33 16.46
CA ILE C 712 58.67 44.43 15.57
C ILE C 712 59.14 44.22 14.13
N ALA C 713 58.39 43.46 13.36
CA ALA C 713 58.71 43.17 11.97
C ALA C 713 57.80 43.99 11.05
N ILE C 714 58.40 44.73 10.14
CA ILE C 714 57.69 45.64 9.24
C ILE C 714 58.06 45.28 7.81
N PRO C 715 57.10 45.21 6.89
CA PRO C 715 57.44 44.90 5.50
C PRO C 715 58.03 46.09 4.76
N THR C 716 58.70 45.79 3.65
CA THR C 716 59.34 46.77 2.80
C THR C 716 58.91 46.71 1.34
N ASN C 717 58.22 45.65 0.93
CA ASN C 717 57.76 45.53 -0.45
C ASN C 717 56.45 44.78 -0.46
N PHE C 718 55.70 44.92 -1.56
CA PHE C 718 54.35 44.40 -1.64
C PHE C 718 54.16 43.67 -2.96
N THR C 719 53.04 42.97 -3.07
CA THR C 719 52.64 42.30 -4.29
C THR C 719 51.13 42.38 -4.46
N ILE C 720 50.69 42.33 -5.70
CA ILE C 720 49.28 42.39 -6.05
C ILE C 720 48.90 41.03 -6.63
N SER C 721 47.89 40.40 -6.07
CA SER C 721 47.47 39.08 -6.52
C SER C 721 46.00 39.11 -6.89
N VAL C 722 45.59 38.14 -7.71
CA VAL C 722 44.20 37.99 -8.10
C VAL C 722 43.78 36.54 -7.89
N THR C 723 42.60 36.35 -7.32
CA THR C 723 42.08 35.03 -7.03
C THR C 723 40.69 34.89 -7.61
N THR C 724 40.28 33.64 -7.84
CA THR C 724 38.99 33.34 -8.45
C THR C 724 38.09 32.65 -7.43
N GLU C 725 36.82 33.07 -7.39
CA GLU C 725 35.82 32.39 -6.58
C GLU C 725 34.61 32.09 -7.45
N ILE C 726 34.13 30.86 -7.40
CA ILE C 726 33.10 30.37 -8.32
C ILE C 726 31.86 29.99 -7.52
N LEU C 727 30.70 30.52 -7.92
CA LEU C 727 29.48 30.32 -7.15
C LEU C 727 28.32 29.93 -8.06
N PRO C 728 27.59 28.86 -7.76
CA PRO C 728 26.35 28.57 -8.48
C PRO C 728 25.27 29.58 -8.15
N VAL C 729 24.36 29.79 -9.09
CA VAL C 729 23.27 30.73 -8.90
C VAL C 729 21.92 30.08 -9.14
N SER C 730 21.79 29.36 -10.25
CA SER C 730 20.48 28.80 -10.63
C SER C 730 20.67 27.39 -11.17
N MET C 731 19.56 26.66 -11.25
CA MET C 731 19.53 25.31 -11.74
C MET C 731 18.51 25.20 -12.88
N THR C 732 18.49 24.03 -13.53
CA THR C 732 17.60 23.84 -14.67
C THR C 732 16.14 23.82 -14.23
N LYS C 733 15.28 24.41 -15.06
CA LYS C 733 13.85 24.49 -14.77
C LYS C 733 13.15 23.27 -15.36
N THR C 734 12.97 22.26 -14.54
CA THR C 734 12.36 21.02 -14.99
C THR C 734 10.89 20.97 -14.59
N SER C 735 10.03 20.56 -15.53
CA SER C 735 8.61 20.41 -15.28
C SER C 735 8.18 19.00 -15.63
N VAL C 736 7.27 18.45 -14.83
CA VAL C 736 6.79 17.08 -14.98
C VAL C 736 5.28 17.08 -14.90
N ASP C 737 4.63 16.30 -15.76
CA ASP C 737 3.19 16.12 -15.74
C ASP C 737 2.89 14.78 -15.10
N CYS C 738 2.05 14.78 -14.05
CA CYS C 738 1.83 13.58 -13.27
C CYS C 738 1.17 12.48 -14.10
N THR C 739 -0.05 12.71 -14.56
CA THR C 739 -0.85 11.63 -15.14
C THR C 739 -0.22 11.09 -16.41
N MET C 740 0.30 11.97 -17.26
CA MET C 740 0.97 11.50 -18.47
C MET C 740 2.20 10.68 -18.14
N TYR C 741 2.91 11.03 -17.07
CA TYR C 741 4.07 10.24 -16.67
C TYR C 741 3.65 8.86 -16.18
N ILE C 742 2.69 8.81 -15.26
CA ILE C 742 2.42 7.53 -14.61
C ILE C 742 1.66 6.59 -15.54
N CYS C 743 0.58 7.05 -16.15
CA CYS C 743 -0.19 6.17 -17.04
C CYS C 743 -0.76 6.93 -18.24
N GLY C 744 0.08 7.71 -18.92
CA GLY C 744 -0.35 8.48 -20.07
C GLY C 744 -1.23 7.74 -21.07
N ASP C 745 -2.11 8.49 -21.73
CA ASP C 745 -3.08 8.01 -22.71
C ASP C 745 -3.71 6.67 -22.36
N SER C 746 -4.32 6.58 -21.18
CA SER C 746 -5.09 5.40 -20.79
C SER C 746 -6.27 5.88 -19.94
N THR C 747 -7.49 5.61 -20.42
CA THR C 747 -8.68 6.16 -19.77
C THR C 747 -8.99 5.45 -18.47
N GLU C 748 -8.85 4.13 -18.44
CA GLU C 748 -9.15 3.38 -17.22
C GLU C 748 -8.25 3.81 -16.07
N CYS C 749 -6.95 3.99 -16.35
CA CYS C 749 -6.05 4.44 -15.30
C CYS C 749 -6.35 5.86 -14.86
N SER C 750 -6.76 6.72 -15.78
CA SER C 750 -7.14 8.07 -15.39
C SER C 750 -8.34 8.05 -14.45
N ASN C 751 -9.33 7.22 -14.76
CA ASN C 751 -10.49 7.09 -13.87
C ASN C 751 -10.07 6.55 -12.51
N LEU C 752 -9.17 5.57 -12.47
CA LEU C 752 -8.69 5.06 -11.18
C LEU C 752 -7.91 6.14 -10.42
N LEU C 753 -7.11 6.93 -11.13
CA LEU C 753 -6.31 7.96 -10.49
C LEU C 753 -7.18 9.07 -9.90
N LEU C 754 -8.34 9.34 -10.51
CA LEU C 754 -9.22 10.39 -10.00
C LEU C 754 -9.67 10.13 -8.56
N GLN C 755 -9.37 8.97 -7.99
CA GLN C 755 -9.79 8.64 -6.63
C GLN C 755 -8.80 9.09 -5.56
N TYR C 756 -7.64 9.59 -5.94
CA TYR C 756 -6.62 9.95 -4.96
C TYR C 756 -6.64 11.43 -4.57
N GLY C 757 -7.33 12.27 -5.33
CA GLY C 757 -7.51 13.66 -4.93
C GLY C 757 -6.51 14.59 -5.58
N SER C 758 -5.86 15.42 -4.77
CA SER C 758 -5.03 16.52 -5.25
C SER C 758 -3.55 16.15 -5.34
N PHE C 759 -3.24 14.84 -5.38
CA PHE C 759 -1.85 14.40 -5.40
C PHE C 759 -1.12 14.84 -6.66
N CYS C 760 -1.84 15.23 -7.70
CA CYS C 760 -1.22 15.73 -8.92
C CYS C 760 -1.03 17.24 -8.90
N THR C 761 -2.09 17.98 -8.56
CA THR C 761 -1.99 19.42 -8.56
C THR C 761 -1.01 19.92 -7.51
N GLN C 762 -0.85 19.18 -6.40
CA GLN C 762 0.14 19.59 -5.42
C GLN C 762 1.55 19.53 -6.00
N LEU C 763 1.89 18.44 -6.68
CA LEU C 763 3.22 18.31 -7.27
C LEU C 763 3.43 19.34 -8.36
N ASN C 764 2.42 19.57 -9.20
CA ASN C 764 2.58 20.58 -10.25
C ASN C 764 2.81 21.95 -9.64
N ARG C 765 2.09 22.29 -8.56
CA ARG C 765 2.28 23.58 -7.92
C ARG C 765 3.69 23.70 -7.34
N ALA C 766 4.18 22.64 -6.70
CA ALA C 766 5.53 22.70 -6.13
C ALA C 766 6.58 22.91 -7.21
N LEU C 767 6.47 22.17 -8.32
CA LEU C 767 7.45 22.32 -9.39
C LEU C 767 7.38 23.71 -10.02
N THR C 768 6.17 24.25 -10.19
CA THR C 768 6.04 25.61 -10.70
C THR C 768 6.69 26.62 -9.76
N GLY C 769 6.51 26.43 -8.45
CA GLY C 769 7.14 27.33 -7.49
C GLY C 769 8.65 27.32 -7.61
N ILE C 770 9.23 26.12 -7.73
CA ILE C 770 10.68 26.03 -7.91
C ILE C 770 11.12 26.73 -9.20
N ALA C 771 10.36 26.51 -10.28
CA ALA C 771 10.72 27.10 -11.56
C ALA C 771 10.70 28.62 -11.51
N VAL C 772 9.72 29.20 -10.81
CA VAL C 772 9.69 30.65 -10.69
C VAL C 772 10.84 31.15 -9.81
N GLU C 773 11.11 30.45 -8.71
CA GLU C 773 12.17 30.88 -7.80
C GLU C 773 13.53 30.88 -8.47
N GLN C 774 13.77 30.01 -9.45
CA GLN C 774 15.04 30.04 -10.17
C GLN C 774 15.26 31.38 -10.88
N ASP C 775 14.25 31.84 -11.62
CA ASP C 775 14.37 33.12 -12.31
C ASP C 775 14.47 34.26 -11.32
N LYS C 776 13.78 34.15 -10.18
CA LYS C 776 13.94 35.17 -9.14
C LYS C 776 15.39 35.24 -8.66
N ASN C 777 16.02 34.09 -8.47
CA ASN C 777 17.43 34.06 -8.05
C ASN C 777 18.32 34.75 -9.06
N THR C 778 18.15 34.41 -10.34
CA THR C 778 19.01 35.03 -11.35
C THR C 778 18.82 36.54 -11.41
N GLN C 779 17.56 36.99 -11.38
CA GLN C 779 17.29 38.43 -11.42
C GLN C 779 17.88 39.13 -10.21
N GLU C 780 17.77 38.52 -9.03
CA GLU C 780 18.31 39.13 -7.82
C GLU C 780 19.81 39.24 -7.87
N VAL C 781 20.50 38.22 -8.37
CA VAL C 781 21.96 38.24 -8.38
C VAL C 781 22.47 39.25 -9.40
N PHE C 782 21.93 39.25 -10.61
CA PHE C 782 22.57 40.03 -11.66
C PHE C 782 22.00 41.44 -11.83
N ALA C 783 20.68 41.60 -11.78
CA ALA C 783 20.04 42.88 -12.07
C ALA C 783 20.21 43.86 -10.90
N GLN C 784 21.45 44.27 -10.70
CA GLN C 784 21.81 45.18 -9.61
C GLN C 784 22.01 46.62 -10.05
N VAL C 785 22.06 46.87 -11.35
CA VAL C 785 22.37 48.20 -11.87
C VAL C 785 21.15 48.74 -12.59
N LYS C 786 20.89 50.04 -12.40
CA LYS C 786 19.70 50.67 -12.95
C LYS C 786 19.84 51.06 -14.42
N GLN C 787 21.06 51.23 -14.91
CA GLN C 787 21.29 51.68 -16.27
C GLN C 787 22.40 50.85 -16.90
N ILE C 788 22.53 50.97 -18.22
CA ILE C 788 23.54 50.24 -18.97
C ILE C 788 24.63 51.23 -19.37
N TYR C 789 25.80 51.09 -18.76
CA TYR C 789 26.94 51.94 -19.08
C TYR C 789 27.73 51.35 -20.24
N LYS C 790 28.67 52.13 -20.76
CA LYS C 790 29.54 51.65 -21.82
C LYS C 790 30.92 52.29 -21.68
N THR C 791 31.95 51.49 -21.88
CA THR C 791 33.31 51.97 -21.75
C THR C 791 33.68 52.89 -22.91
N PRO C 792 34.57 53.85 -22.68
CA PRO C 792 34.98 54.72 -23.78
C PRO C 792 35.72 53.93 -24.85
N PRO C 793 35.66 54.38 -26.11
CA PRO C 793 36.34 53.63 -27.18
C PRO C 793 37.85 53.58 -27.03
N ILE C 794 38.47 54.54 -26.36
CA ILE C 794 39.93 54.59 -26.24
C ILE C 794 40.33 54.10 -24.85
N LYS C 795 41.31 53.20 -24.82
CA LYS C 795 41.74 52.56 -23.57
C LYS C 795 43.00 53.22 -23.03
N ASP C 796 42.84 54.46 -22.57
CA ASP C 796 43.92 55.20 -21.91
C ASP C 796 43.69 55.16 -20.41
N PHE C 797 44.04 54.03 -19.79
CA PHE C 797 43.80 53.80 -18.37
C PHE C 797 45.09 53.83 -17.55
N GLY C 798 46.04 54.66 -17.95
CA GLY C 798 47.25 54.83 -17.16
C GLY C 798 48.16 53.63 -17.10
N GLY C 799 48.10 52.75 -18.10
CA GLY C 799 48.95 51.59 -18.16
C GLY C 799 48.28 50.28 -17.80
N PHE C 800 47.14 50.33 -17.13
CA PHE C 800 46.40 49.12 -16.79
C PHE C 800 45.74 48.56 -18.04
N ASN C 801 45.93 47.26 -18.29
CA ASN C 801 45.41 46.62 -19.49
C ASN C 801 44.25 45.72 -19.11
N PHE C 802 43.04 46.12 -19.52
CA PHE C 802 41.82 45.38 -19.22
C PHE C 802 41.31 44.60 -20.43
N SER C 803 42.13 44.41 -21.45
CA SER C 803 41.64 43.81 -22.70
C SER C 803 41.19 42.37 -22.52
N GLN C 804 41.58 41.71 -21.42
CA GLN C 804 41.24 40.31 -21.22
C GLN C 804 39.93 40.13 -20.46
N ILE C 805 39.25 41.21 -20.08
CA ILE C 805 37.94 41.09 -19.45
C ILE C 805 36.87 41.91 -20.13
N LEU C 806 37.21 42.96 -20.87
CA LEU C 806 36.20 43.73 -21.59
C LEU C 806 35.67 42.93 -22.78
N PRO C 807 34.47 43.25 -23.26
CA PRO C 807 33.89 42.50 -24.38
C PRO C 807 34.75 42.61 -25.63
N ASP C 808 34.75 41.51 -26.41
CA ASP C 808 35.47 41.47 -27.68
C ASP C 808 34.47 41.59 -28.82
N PRO C 809 34.47 42.70 -29.57
CA PRO C 809 33.45 42.87 -30.62
C PRO C 809 33.57 41.89 -31.77
N SER C 810 34.73 41.25 -31.96
CA SER C 810 34.94 40.38 -33.11
C SER C 810 34.26 39.02 -32.97
N LYS C 811 33.89 38.62 -31.77
CA LYS C 811 33.24 37.33 -31.57
C LYS C 811 31.80 37.39 -32.07
N PRO C 812 31.22 36.24 -32.45
CA PRO C 812 29.80 36.22 -32.79
C PRO C 812 28.90 36.67 -31.66
N SER C 813 29.25 36.35 -30.43
CA SER C 813 28.55 36.83 -29.24
C SER C 813 29.52 37.67 -28.42
N LYS C 814 29.05 38.82 -27.95
CA LYS C 814 29.94 39.76 -27.28
C LYS C 814 30.33 39.27 -25.89
N ARG C 815 31.20 38.27 -25.84
CA ARG C 815 31.71 37.72 -24.58
C ARG C 815 33.21 37.89 -24.51
N SER C 816 33.70 38.09 -23.29
CA SER C 816 35.12 38.26 -23.06
C SER C 816 35.85 36.94 -23.21
N PRO C 817 37.15 36.97 -23.49
CA PRO C 817 37.90 35.71 -23.65
C PRO C 817 37.85 34.80 -22.43
N ILE C 818 37.88 35.36 -21.23
CA ILE C 818 37.75 34.52 -20.03
C ILE C 818 36.38 33.88 -19.98
N GLU C 819 35.34 34.64 -20.35
CA GLU C 819 34.00 34.04 -20.45
C GLU C 819 33.96 32.96 -21.52
N ASP C 820 34.71 33.13 -22.60
CA ASP C 820 34.77 32.09 -23.62
C ASP C 820 35.42 30.82 -23.08
N LEU C 821 36.52 30.96 -22.32
CA LEU C 821 37.12 29.77 -21.71
C LEU C 821 36.17 29.11 -20.74
N LEU C 822 35.44 29.89 -19.94
CA LEU C 822 34.50 29.32 -19.00
C LEU C 822 33.35 28.62 -19.69
N PHE C 823 32.91 29.13 -20.84
CA PHE C 823 31.76 28.53 -21.53
C PHE C 823 32.11 27.25 -22.27
N ASN C 824 33.39 27.00 -22.54
CA ASN C 824 33.81 25.80 -23.25
C ASN C 824 34.33 24.72 -22.32
N LYS C 825 34.09 24.85 -21.02
CA LYS C 825 34.53 23.85 -20.05
C LYS C 825 33.39 23.10 -19.37
N VAL C 826 32.17 23.62 -19.45
CA VAL C 826 31.01 22.98 -18.83
C VAL C 826 30.14 22.39 -19.93
N THR C 827 29.86 21.09 -19.83
CA THR C 827 29.06 20.40 -20.83
C THR C 827 27.63 20.17 -20.33
N LYS C 854 12.19 11.92 -21.11
CA LYS C 854 12.30 12.23 -22.54
C LYS C 854 10.95 12.64 -23.11
N PHE C 855 10.15 11.65 -23.49
CA PHE C 855 8.83 11.88 -24.07
C PHE C 855 7.74 11.32 -23.17
N ASN C 856 8.02 11.21 -21.88
CA ASN C 856 7.07 10.67 -20.91
C ASN C 856 6.47 11.76 -20.02
N GLY C 857 6.39 12.98 -20.54
CA GLY C 857 5.88 14.09 -19.77
C GLY C 857 6.91 14.94 -19.07
N LEU C 858 8.20 14.75 -19.37
CA LEU C 858 9.27 15.52 -18.75
C LEU C 858 9.70 16.60 -19.73
N THR C 859 9.64 17.86 -19.29
CA THR C 859 10.00 18.98 -20.14
C THR C 859 10.97 19.89 -19.39
N VAL C 860 11.72 20.67 -20.17
CA VAL C 860 12.64 21.68 -19.64
C VAL C 860 12.23 23.03 -20.20
N LEU C 861 12.12 24.00 -19.34
CA LEU C 861 11.69 25.32 -19.79
C LEU C 861 12.88 26.23 -19.99
N PRO C 862 12.80 27.19 -20.91
CA PRO C 862 13.92 28.10 -21.14
C PRO C 862 13.98 29.18 -20.07
N PRO C 863 15.17 29.61 -19.68
CA PRO C 863 15.26 30.69 -18.69
C PRO C 863 14.76 32.00 -19.25
N LEU C 864 14.26 32.85 -18.35
CA LEU C 864 13.73 34.15 -18.77
C LEU C 864 14.82 35.03 -19.38
N LEU C 865 16.00 35.05 -18.79
CA LEU C 865 17.09 35.90 -19.25
C LEU C 865 18.03 35.08 -20.14
N THR C 866 18.20 35.53 -21.37
CA THR C 866 19.12 34.86 -22.28
C THR C 866 20.56 35.20 -21.90
N ASP C 867 21.50 34.45 -22.49
CA ASP C 867 22.90 34.66 -22.18
C ASP C 867 23.40 36.02 -22.63
N GLU C 868 22.84 36.55 -23.72
CA GLU C 868 23.24 37.88 -24.18
C GLU C 868 22.89 38.93 -23.15
N MET C 869 21.71 38.83 -22.52
CA MET C 869 21.33 39.78 -21.49
C MET C 869 22.26 39.69 -20.28
N ILE C 870 22.64 38.47 -19.90
CA ILE C 870 23.57 38.30 -18.79
C ILE C 870 24.91 38.96 -19.11
N ALA C 871 25.41 38.73 -20.32
CA ALA C 871 26.68 39.34 -20.71
C ALA C 871 26.56 40.86 -20.73
N GLN C 872 25.42 41.38 -21.19
CA GLN C 872 25.21 42.82 -21.19
C GLN C 872 25.23 43.38 -19.77
N TYR C 873 24.57 42.70 -18.84
CA TYR C 873 24.56 43.15 -17.45
C TYR C 873 25.97 43.18 -16.87
N THR C 874 26.73 42.10 -17.10
CA THR C 874 28.09 42.06 -16.55
C THR C 874 28.97 43.13 -17.18
N SER C 875 28.83 43.37 -18.48
CA SER C 875 29.60 44.43 -19.12
C SER C 875 29.24 45.79 -18.56
N ALA C 876 27.96 46.03 -18.29
CA ALA C 876 27.56 47.30 -17.70
C ALA C 876 28.16 47.47 -16.32
N LEU C 877 28.10 46.43 -15.49
CA LEU C 877 28.70 46.51 -14.16
C LEU C 877 30.19 46.79 -14.24
N LEU C 878 30.88 46.11 -15.14
CA LEU C 878 32.33 46.27 -15.25
C LEU C 878 32.68 47.67 -15.75
N ALA C 879 31.95 48.19 -16.73
CA ALA C 879 32.23 49.53 -17.22
C ALA C 879 31.98 50.57 -16.12
N GLY C 880 30.92 50.40 -15.35
CA GLY C 880 30.68 51.30 -14.23
C GLY C 880 31.80 51.26 -13.21
N THR C 881 32.24 50.05 -12.84
CA THR C 881 33.27 49.93 -11.81
C THR C 881 34.64 50.36 -12.31
N ILE C 882 34.87 50.40 -13.61
CA ILE C 882 36.15 50.88 -14.11
C ILE C 882 36.14 52.39 -14.36
N THR C 883 34.99 52.96 -14.69
CA THR C 883 34.97 54.40 -14.96
C THR C 883 34.71 55.22 -13.69
N SER C 884 33.70 54.85 -12.91
CA SER C 884 33.23 55.70 -11.82
C SER C 884 33.63 55.22 -10.44
N GLY C 885 34.09 53.97 -10.30
CA GLY C 885 34.44 53.46 -8.99
C GLY C 885 33.25 52.94 -8.21
N TRP C 886 33.14 53.33 -6.94
CA TRP C 886 32.00 52.93 -6.13
C TRP C 886 30.85 53.92 -6.17
N THR C 887 31.00 55.02 -6.89
CA THR C 887 30.00 56.09 -6.83
C THR C 887 28.68 55.68 -7.47
N PHE C 888 28.73 54.89 -8.54
CA PHE C 888 27.50 54.53 -9.24
C PHE C 888 26.61 53.61 -8.43
N GLY C 889 27.11 53.02 -7.34
CA GLY C 889 26.29 52.19 -6.48
C GLY C 889 25.46 52.96 -5.48
N ALA C 890 25.75 54.25 -5.28
CA ALA C 890 25.03 55.09 -4.34
C ALA C 890 24.03 56.01 -5.03
N GLY C 891 24.49 56.84 -5.96
CA GLY C 891 23.62 57.77 -6.65
C GLY C 891 23.96 57.86 -8.13
N PRO C 892 24.10 59.08 -8.63
CA PRO C 892 24.52 59.26 -10.03
C PRO C 892 25.98 58.92 -10.21
N ALA C 893 26.30 58.42 -11.40
CA ALA C 893 27.67 58.02 -11.70
C ALA C 893 28.53 59.24 -11.98
N LEU C 894 29.68 59.31 -11.31
CA LEU C 894 30.63 60.41 -11.48
C LEU C 894 31.96 59.84 -11.96
N GLN C 895 32.48 60.42 -13.03
CA GLN C 895 33.73 59.91 -13.60
C GLN C 895 34.92 60.32 -12.76
N ILE C 896 35.99 59.53 -12.85
CA ILE C 896 37.23 59.79 -12.11
C ILE C 896 38.34 58.97 -12.74
N PRO C 897 39.52 59.54 -12.97
CA PRO C 897 40.61 58.79 -13.59
C PRO C 897 41.01 57.58 -12.75
N PHE C 898 41.41 56.52 -13.44
CA PHE C 898 41.70 55.26 -12.74
C PHE C 898 42.84 55.35 -11.73
N PRO C 899 43.99 55.98 -12.02
CA PRO C 899 45.03 56.04 -10.99
C PRO C 899 44.60 56.70 -9.69
N MET C 900 43.77 57.75 -9.75
CA MET C 900 43.30 58.33 -8.50
C MET C 900 42.32 57.42 -7.77
N GLN C 901 41.53 56.63 -8.51
CA GLN C 901 40.69 55.64 -7.86
C GLN C 901 41.55 54.61 -7.14
N MET C 902 42.63 54.16 -7.77
CA MET C 902 43.55 53.25 -7.09
C MET C 902 44.18 53.91 -5.88
N ALA C 903 44.48 55.21 -5.95
CA ALA C 903 45.02 55.91 -4.80
C ALA C 903 44.03 55.91 -3.64
N TYR C 904 42.75 56.14 -3.94
CA TYR C 904 41.74 56.09 -2.88
C TYR C 904 41.64 54.69 -2.28
N ARG C 905 41.65 53.66 -3.13
CA ARG C 905 41.56 52.29 -2.62
C ARG C 905 42.76 51.96 -1.75
N PHE C 906 43.96 52.42 -2.13
CA PHE C 906 45.14 52.22 -1.31
C PHE C 906 45.02 52.95 0.02
N ASN C 907 44.53 54.20 0.00
CA ASN C 907 44.35 54.94 1.24
C ASN C 907 43.33 54.27 2.14
N GLY C 908 42.40 53.50 1.57
CA GLY C 908 41.39 52.85 2.37
C GLY C 908 41.91 51.77 3.30
N ILE C 909 43.13 51.28 3.08
CA ILE C 909 43.67 50.19 3.88
C ILE C 909 44.92 50.60 4.64
N GLY C 910 45.07 51.88 4.95
CA GLY C 910 46.17 52.33 5.78
C GLY C 910 47.49 52.55 5.09
N VAL C 911 47.50 52.67 3.77
CA VAL C 911 48.72 52.94 3.01
C VAL C 911 48.54 54.26 2.28
N THR C 912 49.48 55.18 2.45
CA THR C 912 49.37 56.50 1.87
C THR C 912 49.42 56.43 0.36
N GLN C 913 48.71 57.35 -0.30
CA GLN C 913 48.57 57.32 -1.75
C GLN C 913 49.89 57.57 -2.47
N ASN C 914 50.83 58.26 -1.82
CA ASN C 914 52.12 58.51 -2.46
C ASN C 914 52.83 57.19 -2.77
N VAL C 915 52.58 56.15 -1.97
CA VAL C 915 53.17 54.84 -2.25
C VAL C 915 52.75 54.35 -3.63
N LEU C 916 51.46 54.49 -3.96
CA LEU C 916 51.02 54.15 -5.30
C LEU C 916 51.64 55.08 -6.33
N TYR C 917 51.69 56.38 -6.03
CA TYR C 917 52.11 57.33 -7.06
C TYR C 917 53.57 57.14 -7.46
N GLU C 918 54.43 56.72 -6.53
CA GLU C 918 55.81 56.47 -6.90
C GLU C 918 55.95 55.17 -7.71
N ASN C 919 55.09 54.20 -7.46
CA ASN C 919 55.24 52.85 -8.00
C ASN C 919 54.12 52.47 -8.95
N GLN C 920 53.75 53.37 -9.85
CA GLN C 920 52.64 53.10 -10.76
C GLN C 920 53.00 52.01 -11.77
N LYS C 921 54.18 52.11 -12.38
CA LYS C 921 54.57 51.18 -13.43
C LYS C 921 54.66 49.74 -12.91
N LEU C 922 55.28 49.57 -11.74
CA LEU C 922 55.44 48.24 -11.18
C LEU C 922 54.10 47.61 -10.88
N ILE C 923 53.17 48.39 -10.32
CA ILE C 923 51.85 47.87 -9.99
C ILE C 923 51.08 47.50 -11.26
N ALA C 924 51.19 48.32 -12.30
CA ALA C 924 50.54 47.98 -13.56
C ALA C 924 51.08 46.67 -14.12
N ASN C 925 52.40 46.50 -14.10
CA ASN C 925 52.99 45.27 -14.62
C ASN C 925 52.54 44.06 -13.81
N GLN C 926 52.49 44.18 -12.48
CA GLN C 926 52.06 43.07 -11.66
C GLN C 926 50.60 42.73 -11.93
N PHE C 927 49.75 43.75 -12.10
CA PHE C 927 48.35 43.50 -12.42
C PHE C 927 48.21 42.73 -13.72
N ASN C 928 48.93 43.17 -14.76
CA ASN C 928 48.83 42.50 -16.05
C ASN C 928 49.33 41.05 -15.97
N SER C 929 50.45 40.83 -15.29
CA SER C 929 50.97 39.48 -15.16
C SER C 929 50.02 38.58 -14.39
N ALA C 930 49.37 39.11 -13.34
CA ALA C 930 48.40 38.32 -12.60
C ALA C 930 47.21 37.94 -13.47
N ILE C 931 46.72 38.89 -14.28
CA ILE C 931 45.61 38.58 -15.18
C ILE C 931 46.00 37.47 -16.15
N GLY C 932 47.20 37.58 -16.73
CA GLY C 932 47.65 36.54 -17.65
C GLY C 932 47.77 35.17 -16.98
N LYS C 933 48.29 35.15 -15.76
CA LYS C 933 48.42 33.88 -15.04
C LYS C 933 47.05 33.27 -14.77
N ILE C 934 46.06 34.10 -14.42
CA ILE C 934 44.71 33.57 -14.22
C ILE C 934 44.17 32.98 -15.51
N GLN C 935 44.40 33.67 -16.63
CA GLN C 935 43.96 33.13 -17.92
C GLN C 935 44.57 31.76 -18.17
N ASP C 936 45.88 31.63 -17.97
CA ASP C 936 46.54 30.35 -18.22
C ASP C 936 46.04 29.26 -17.27
N SER C 937 45.86 29.60 -15.99
CA SER C 937 45.39 28.62 -15.01
C SER C 937 44.00 28.11 -15.37
N LEU C 938 43.10 29.01 -15.78
CA LEU C 938 41.79 28.56 -16.22
C LEU C 938 41.88 27.74 -17.50
N SER C 939 42.81 28.08 -18.39
CA SER C 939 42.89 27.38 -19.67
C SER C 939 43.54 26.01 -19.57
N SER C 940 44.30 25.73 -18.51
CA SER C 940 45.05 24.48 -18.43
C SER C 940 44.52 23.48 -17.42
N THR C 941 43.73 23.90 -16.42
CA THR C 941 43.23 22.97 -15.40
C THR C 941 41.73 22.78 -15.57
N PRO C 942 41.27 21.55 -15.84
CA PRO C 942 39.83 21.35 -16.08
C PRO C 942 38.99 21.21 -14.83
N SER C 943 39.57 20.83 -13.69
CA SER C 943 38.78 20.60 -12.49
C SER C 943 38.37 21.88 -11.77
N ALA C 944 38.90 23.04 -12.19
CA ALA C 944 38.68 24.28 -11.45
C ALA C 944 37.20 24.65 -11.38
N LEU C 945 36.40 24.22 -12.36
CA LEU C 945 34.98 24.55 -12.39
C LEU C 945 34.12 23.47 -11.78
N GLY C 946 34.70 22.58 -10.98
CA GLY C 946 33.94 21.46 -10.45
C GLY C 946 32.68 21.88 -9.73
N LYS C 947 32.76 22.97 -8.96
CA LYS C 947 31.61 23.42 -8.17
C LYS C 947 30.37 23.63 -9.04
N LEU C 948 30.54 24.04 -10.29
CA LEU C 948 29.39 24.11 -11.18
C LEU C 948 29.03 22.74 -11.73
N GLN C 949 30.03 22.03 -12.26
CA GLN C 949 29.75 20.80 -13.00
C GLN C 949 28.98 19.82 -12.13
N ASP C 950 29.41 19.64 -10.89
CA ASP C 950 28.74 18.71 -9.98
C ASP C 950 27.24 18.96 -9.95
N VAL C 951 26.85 20.23 -9.80
CA VAL C 951 25.42 20.54 -9.72
C VAL C 951 24.69 19.94 -10.91
N VAL C 952 25.19 20.22 -12.12
CA VAL C 952 24.52 19.71 -13.31
C VAL C 952 24.40 18.20 -13.23
N ASN C 953 25.51 17.53 -12.91
CA ASN C 953 25.49 16.07 -12.84
C ASN C 953 24.36 15.61 -11.95
N GLN C 954 24.26 16.18 -10.74
CA GLN C 954 23.26 15.72 -9.80
C GLN C 954 21.88 15.76 -10.44
N ASN C 955 21.52 16.91 -11.03
CA ASN C 955 20.21 17.02 -11.63
C ASN C 955 19.99 15.90 -12.65
N ALA C 956 20.93 15.75 -13.57
CA ALA C 956 20.80 14.70 -14.58
C ALA C 956 20.58 13.36 -13.92
N GLN C 957 21.41 13.03 -12.94
CA GLN C 957 21.29 11.73 -12.29
C GLN C 957 19.88 11.52 -11.79
N ALA C 958 19.34 12.50 -11.07
CA ALA C 958 18.00 12.36 -10.53
C ALA C 958 17.02 12.00 -11.63
N LEU C 959 17.02 12.78 -12.70
CA LEU C 959 16.08 12.54 -13.78
C LEU C 959 16.22 11.13 -14.31
N ASN C 960 17.47 10.70 -14.55
CA ASN C 960 17.69 9.37 -15.09
C ASN C 960 17.01 8.33 -14.21
N THR C 961 17.24 8.40 -12.90
CA THR C 961 16.66 7.41 -12.01
C THR C 961 15.15 7.39 -12.17
N LEU C 962 14.53 8.57 -12.19
CA LEU C 962 13.08 8.63 -12.32
C LEU C 962 12.63 7.87 -13.56
N VAL C 963 13.30 8.10 -14.68
CA VAL C 963 12.89 7.42 -15.91
C VAL C 963 13.04 5.92 -15.76
N LYS C 964 14.15 5.46 -15.17
CA LYS C 964 14.34 4.04 -15.00
C LYS C 964 13.27 3.43 -14.11
N GLN C 965 12.65 4.23 -13.24
CA GLN C 965 11.60 3.69 -12.39
C GLN C 965 10.37 3.28 -13.17
N LEU C 966 10.26 3.68 -14.44
CA LEU C 966 9.17 3.18 -15.26
C LEU C 966 9.33 1.72 -15.62
N SER C 967 10.52 1.15 -15.43
CA SER C 967 10.80 -0.22 -15.84
C SER C 967 10.56 -1.24 -14.73
N SER C 968 10.20 -0.80 -13.53
CA SER C 968 10.03 -1.72 -12.42
C SER C 968 8.64 -2.36 -12.45
N ASN C 969 8.46 -3.38 -11.62
CA ASN C 969 7.22 -4.15 -11.57
C ASN C 969 6.30 -3.72 -10.43
N PHE C 970 6.86 -3.44 -9.25
CA PHE C 970 6.10 -3.07 -8.06
C PHE C 970 5.13 -4.15 -7.63
N GLY C 971 5.30 -5.39 -8.10
CA GLY C 971 4.44 -6.50 -7.75
C GLY C 971 3.45 -6.90 -8.82
N ALA C 972 3.25 -6.08 -9.85
CA ALA C 972 2.32 -6.43 -10.91
C ALA C 972 2.91 -7.55 -11.77
N ILE C 973 2.11 -8.00 -12.74
CA ILE C 973 2.57 -9.09 -13.59
C ILE C 973 3.51 -8.58 -14.68
N SER C 974 3.42 -7.31 -15.04
CA SER C 974 4.28 -6.76 -16.08
C SER C 974 4.41 -5.26 -15.87
N SER C 975 5.48 -4.69 -16.42
CA SER C 975 5.80 -3.28 -16.25
C SER C 975 5.18 -2.39 -17.32
N VAL C 976 4.53 -2.96 -18.32
CA VAL C 976 3.92 -2.19 -19.40
C VAL C 976 2.41 -2.15 -19.18
N LEU C 977 1.84 -0.96 -19.22
CA LEU C 977 0.42 -0.82 -18.93
C LEU C 977 -0.45 -1.43 -20.03
N ASN C 978 -0.07 -1.22 -21.29
CA ASN C 978 -0.90 -1.70 -22.39
C ASN C 978 -0.98 -3.21 -22.41
N ASP C 979 0.12 -3.89 -22.10
CA ASP C 979 0.11 -5.36 -22.07
C ASP C 979 -0.86 -5.87 -21.00
N ILE C 980 -0.86 -5.26 -19.82
CA ILE C 980 -1.80 -5.65 -18.78
C ILE C 980 -3.23 -5.37 -19.25
N LEU C 981 -3.45 -4.21 -19.87
CA LEU C 981 -4.79 -3.85 -20.28
C LEU C 981 -5.26 -4.63 -21.50
N SER C 982 -4.36 -5.33 -22.19
CA SER C 982 -4.70 -6.11 -23.37
C SER C 982 -4.75 -7.60 -23.12
N ARG C 983 -4.71 -8.03 -21.86
CA ARG C 983 -4.69 -9.45 -21.54
C ARG C 983 -5.73 -9.81 -20.48
N LEU C 984 -6.04 -8.87 -19.60
CA LEU C 984 -6.88 -9.14 -18.44
C LEU C 984 -8.22 -8.44 -18.55
N ASP C 985 -9.20 -9.01 -17.86
CA ASP C 985 -10.51 -8.40 -17.71
C ASP C 985 -10.44 -7.22 -16.73
N PRO C 986 -11.42 -6.32 -16.77
CA PRO C 986 -11.40 -5.14 -15.88
C PRO C 986 -11.27 -5.50 -14.40
N PRO C 987 -11.96 -6.53 -13.90
CA PRO C 987 -11.90 -6.78 -12.45
C PRO C 987 -10.51 -7.09 -11.89
N GLU C 988 -9.57 -7.54 -12.72
CA GLU C 988 -8.20 -7.78 -12.27
C GLU C 988 -7.21 -6.78 -12.84
N ALA C 989 -7.45 -6.30 -14.06
CA ALA C 989 -6.67 -5.18 -14.58
C ALA C 989 -6.75 -3.99 -13.64
N GLU C 990 -7.89 -3.81 -12.96
CA GLU C 990 -7.99 -2.73 -11.99
C GLU C 990 -6.99 -2.91 -10.85
N VAL C 991 -6.86 -4.13 -10.34
CA VAL C 991 -5.91 -4.38 -9.25
C VAL C 991 -4.48 -4.12 -9.71
N GLN C 992 -4.13 -4.64 -10.90
CA GLN C 992 -2.77 -4.46 -11.40
C GLN C 992 -2.46 -2.99 -11.61
N ILE C 993 -3.39 -2.25 -12.21
CA ILE C 993 -3.18 -0.83 -12.44
C ILE C 993 -3.09 -0.08 -11.12
N ASP C 994 -3.85 -0.50 -10.11
CA ASP C 994 -3.74 0.13 -8.80
C ASP C 994 -2.34 -0.05 -8.23
N ARG C 995 -1.78 -1.24 -8.35
CA ARG C 995 -0.42 -1.47 -7.85
C ARG C 995 0.59 -0.58 -8.56
N LEU C 996 0.50 -0.52 -9.89
CA LEU C 996 1.43 0.33 -10.64
C LEU C 996 1.28 1.80 -10.25
N ILE C 997 0.03 2.25 -10.07
CA ILE C 997 -0.21 3.64 -9.70
C ILE C 997 0.44 3.95 -8.36
N THR C 998 0.27 3.05 -7.39
CA THR C 998 0.87 3.28 -6.08
C THR C 998 2.39 3.41 -6.18
N GLY C 999 3.02 2.48 -6.91
CA GLY C 999 4.47 2.54 -7.03
C GLY C 999 4.96 3.83 -7.69
N ARG C 1000 4.35 4.20 -8.81
CA ARG C 1000 4.82 5.38 -9.53
C ARG C 1000 4.53 6.65 -8.75
N LEU C 1001 3.41 6.71 -8.03
CA LEU C 1001 3.12 7.87 -7.20
C LEU C 1001 4.16 8.04 -6.11
N GLN C 1002 4.55 6.94 -5.46
CA GLN C 1002 5.59 7.02 -4.43
C GLN C 1002 6.90 7.52 -5.03
N SER C 1003 7.26 7.03 -6.22
CA SER C 1003 8.48 7.50 -6.86
C SER C 1003 8.44 8.99 -7.14
N LEU C 1004 7.31 9.49 -7.66
CA LEU C 1004 7.19 10.91 -7.93
C LEU C 1004 7.32 11.74 -6.67
N GLN C 1005 6.71 11.30 -5.57
CA GLN C 1005 6.82 12.04 -4.32
C GLN C 1005 8.26 12.13 -3.86
N THR C 1006 9.00 11.02 -3.94
CA THR C 1006 10.40 11.05 -3.52
C THR C 1006 11.18 12.05 -4.37
N TYR C 1007 10.97 12.02 -5.69
CA TYR C 1007 11.70 12.94 -6.56
C TYR C 1007 11.39 14.40 -6.23
N VAL C 1008 10.12 14.71 -6.00
CA VAL C 1008 9.75 16.09 -5.71
C VAL C 1008 10.37 16.56 -4.40
N THR C 1009 10.38 15.72 -3.36
CA THR C 1009 10.98 16.12 -2.10
C THR C 1009 12.47 16.40 -2.26
N GLN C 1010 13.18 15.52 -2.97
CA GLN C 1010 14.61 15.75 -3.19
C GLN C 1010 14.84 17.06 -3.93
N GLN C 1011 14.03 17.34 -4.95
CA GLN C 1011 14.19 18.57 -5.71
C GLN C 1011 13.95 19.79 -4.83
N LEU C 1012 12.96 19.72 -3.95
CA LEU C 1012 12.70 20.87 -3.07
C LEU C 1012 13.89 21.16 -2.17
N ILE C 1013 14.48 20.11 -1.58
CA ILE C 1013 15.64 20.35 -0.71
C ILE C 1013 16.81 20.94 -1.50
N ARG C 1014 17.09 20.38 -2.67
CA ARG C 1014 18.20 20.89 -3.47
C ARG C 1014 17.96 22.34 -3.90
N ALA C 1015 16.71 22.69 -4.22
CA ALA C 1015 16.40 24.06 -4.59
C ALA C 1015 16.62 25.01 -3.42
N ALA C 1016 16.28 24.58 -2.21
CA ALA C 1016 16.55 25.42 -1.04
C ALA C 1016 18.05 25.69 -0.90
N GLU C 1017 18.87 24.64 -1.08
CA GLU C 1017 20.31 24.83 -0.98
C GLU C 1017 20.81 25.81 -2.04
N ILE C 1018 20.35 25.67 -3.28
CA ILE C 1018 20.81 26.55 -4.35
C ILE C 1018 20.38 27.98 -4.09
N ARG C 1019 19.18 28.17 -3.52
CA ARG C 1019 18.73 29.52 -3.20
C ARG C 1019 19.61 30.16 -2.13
N ALA C 1020 20.02 29.38 -1.13
CA ALA C 1020 20.95 29.91 -0.14
C ALA C 1020 22.26 30.35 -0.79
N SER C 1021 22.80 29.53 -1.69
CA SER C 1021 24.04 29.91 -2.37
C SER C 1021 23.86 31.17 -3.21
N ALA C 1022 22.70 31.28 -3.88
CA ALA C 1022 22.45 32.47 -4.70
C ALA C 1022 22.35 33.72 -3.84
N ASN C 1023 21.74 33.62 -2.66
CA ASN C 1023 21.71 34.76 -1.75
C ASN C 1023 23.11 35.18 -1.32
N LEU C 1024 23.96 34.20 -1.01
CA LEU C 1024 25.34 34.53 -0.67
C LEU C 1024 26.04 35.24 -1.83
N ALA C 1025 25.84 34.75 -3.05
CA ALA C 1025 26.48 35.39 -4.21
C ALA C 1025 25.97 36.81 -4.41
N ALA C 1026 24.67 37.03 -4.22
CA ALA C 1026 24.12 38.37 -4.36
C ALA C 1026 24.70 39.32 -3.31
N THR C 1027 24.85 38.85 -2.08
CA THR C 1027 25.47 39.69 -1.05
C THR C 1027 26.91 40.01 -1.41
N LYS C 1028 27.65 39.01 -1.90
CA LYS C 1028 29.04 39.25 -2.29
C LYS C 1028 29.12 40.29 -3.41
N MET C 1029 28.24 40.18 -4.41
CA MET C 1029 28.24 41.16 -5.49
C MET C 1029 27.90 42.55 -4.97
N SER C 1030 26.92 42.66 -4.08
CA SER C 1030 26.54 43.98 -3.57
C SER C 1030 27.67 44.62 -2.78
N GLU C 1031 28.36 43.84 -1.93
CA GLU C 1031 29.28 44.42 -0.98
C GLU C 1031 30.74 44.37 -1.41
N CYS C 1032 31.07 43.71 -2.51
CA CYS C 1032 32.47 43.52 -2.88
C CYS C 1032 32.91 44.23 -4.14
N VAL C 1033 32.08 44.28 -5.19
CA VAL C 1033 32.42 44.98 -6.42
C VAL C 1033 31.88 46.40 -6.43
N LEU C 1034 30.69 46.62 -5.89
CA LEU C 1034 30.11 47.97 -5.86
C LEU C 1034 30.77 48.87 -4.82
N GLY C 1035 31.61 48.33 -3.96
CA GLY C 1035 32.30 49.11 -2.95
C GLY C 1035 33.59 48.43 -2.57
N GLN C 1036 34.09 48.74 -1.37
CA GLN C 1036 35.28 48.12 -0.82
C GLN C 1036 34.95 47.54 0.54
N SER C 1037 35.36 46.30 0.78
CA SER C 1037 34.95 45.55 1.96
C SER C 1037 36.10 45.47 2.96
N LYS C 1038 35.79 45.73 4.23
CA LYS C 1038 36.77 45.62 5.30
C LYS C 1038 36.65 44.32 6.08
N ARG C 1039 35.76 43.43 5.68
CA ARG C 1039 35.63 42.14 6.36
C ARG C 1039 36.77 41.23 5.94
N VAL C 1040 37.42 40.62 6.92
CA VAL C 1040 38.62 39.82 6.65
C VAL C 1040 38.22 38.51 5.99
N ASP C 1041 38.93 38.16 4.92
CA ASP C 1041 38.78 36.88 4.21
C ASP C 1041 37.38 36.69 3.64
N PHE C 1042 36.59 37.76 3.52
CA PHE C 1042 35.32 37.66 2.82
C PHE C 1042 35.48 37.84 1.33
N CYS C 1043 36.46 38.63 0.91
CA CYS C 1043 36.69 38.89 -0.50
C CYS C 1043 38.11 38.48 -0.91
N GLY C 1044 38.51 37.28 -0.52
CA GLY C 1044 39.82 36.77 -0.89
C GLY C 1044 40.87 37.08 0.16
N LYS C 1045 41.86 36.19 0.25
CA LYS C 1045 42.90 36.35 1.25
C LYS C 1045 43.73 37.60 0.97
N GLY C 1046 44.00 38.36 2.02
CA GLY C 1046 44.71 39.62 1.92
C GLY C 1046 43.77 40.80 2.08
N TYR C 1047 44.34 41.99 1.90
CA TYR C 1047 43.58 43.22 1.95
C TYR C 1047 42.92 43.46 0.61
N HIS C 1048 41.60 43.72 0.64
CA HIS C 1048 40.82 43.80 -0.58
C HIS C 1048 41.00 45.15 -1.26
N LEU C 1049 41.07 45.13 -2.59
CA LEU C 1049 41.12 46.35 -3.38
C LEU C 1049 39.89 46.51 -4.27
N MET C 1050 39.59 45.53 -5.13
CA MET C 1050 38.41 45.59 -5.97
C MET C 1050 38.19 44.23 -6.61
N SER C 1051 36.98 44.02 -7.12
CA SER C 1051 36.61 42.75 -7.72
C SER C 1051 36.01 42.98 -9.10
N PHE C 1052 36.05 41.94 -9.92
CA PHE C 1052 35.46 41.97 -11.24
C PHE C 1052 34.56 40.76 -11.42
N PRO C 1053 33.33 40.93 -11.89
CA PRO C 1053 32.46 39.76 -12.11
C PRO C 1053 32.53 39.23 -13.52
N GLN C 1054 32.31 37.93 -13.69
CA GLN C 1054 32.20 37.30 -14.99
C GLN C 1054 31.10 36.25 -14.94
N SER C 1055 30.35 36.13 -16.02
CA SER C 1055 29.28 35.15 -16.06
C SER C 1055 29.82 33.76 -16.38
N ALA C 1056 29.02 32.75 -16.10
CA ALA C 1056 29.35 31.38 -16.46
C ALA C 1056 28.06 30.58 -16.48
N PRO C 1057 28.03 29.45 -17.19
CA PRO C 1057 26.78 28.68 -17.28
C PRO C 1057 26.20 28.34 -15.92
N HIS C 1058 25.06 28.93 -15.60
CA HIS C 1058 24.38 28.74 -14.32
C HIS C 1058 25.28 29.11 -13.14
N GLY C 1059 26.01 30.22 -13.26
CA GLY C 1059 26.84 30.64 -12.14
C GLY C 1059 27.62 31.89 -12.44
N VAL C 1060 28.34 32.34 -11.42
CA VAL C 1060 29.12 33.57 -11.52
C VAL C 1060 30.54 33.29 -11.01
N VAL C 1061 31.50 34.07 -11.51
CA VAL C 1061 32.90 33.94 -11.14
C VAL C 1061 33.43 35.32 -10.80
N PHE C 1062 33.97 35.46 -9.59
CA PHE C 1062 34.54 36.72 -9.14
C PHE C 1062 36.05 36.65 -9.20
N LEU C 1063 36.67 37.70 -9.72
CA LEU C 1063 38.12 37.89 -9.66
C LEU C 1063 38.40 38.96 -8.62
N HIS C 1064 38.95 38.55 -7.48
CA HIS C 1064 39.27 39.47 -6.40
C HIS C 1064 40.73 39.90 -6.51
N VAL C 1065 40.99 41.20 -6.34
CA VAL C 1065 42.34 41.75 -6.39
C VAL C 1065 42.74 42.11 -4.97
N THR C 1066 43.87 41.60 -4.52
CA THR C 1066 44.30 41.74 -3.13
C THR C 1066 45.75 42.20 -3.07
N TYR C 1067 46.08 42.84 -1.96
CA TYR C 1067 47.39 43.43 -1.69
C TYR C 1067 48.05 42.65 -0.57
N VAL C 1068 49.25 42.12 -0.81
CA VAL C 1068 49.90 41.25 0.16
C VAL C 1068 51.34 41.69 0.41
N PRO C 1069 51.76 41.85 1.66
CA PRO C 1069 53.16 42.16 1.93
C PRO C 1069 54.08 41.02 1.52
N ALA C 1070 55.29 41.37 1.12
CA ALA C 1070 56.21 40.38 0.54
C ALA C 1070 57.45 40.15 1.39
N GLN C 1071 58.26 41.19 1.64
CA GLN C 1071 59.52 41.05 2.34
C GLN C 1071 59.44 41.87 3.62
N GLU C 1072 60.08 41.38 4.69
CA GLU C 1072 59.97 42.05 5.98
C GLU C 1072 61.34 42.14 6.65
N LYS C 1073 61.48 43.13 7.51
CA LYS C 1073 62.68 43.31 8.31
C LYS C 1073 62.29 43.57 9.75
N ASN C 1074 63.13 43.11 10.68
CA ASN C 1074 62.87 43.25 12.11
C ASN C 1074 63.66 44.41 12.69
N PHE C 1075 63.03 45.14 13.60
CA PHE C 1075 63.60 46.33 14.21
C PHE C 1075 63.31 46.33 15.70
N THR C 1076 64.02 47.19 16.42
CA THR C 1076 63.80 47.40 17.85
C THR C 1076 62.89 48.61 18.05
N THR C 1077 61.87 48.44 18.89
CA THR C 1077 60.82 49.43 19.04
C THR C 1077 60.72 49.91 20.48
N ALA C 1078 59.87 50.93 20.68
CA ALA C 1078 59.62 51.50 21.98
C ALA C 1078 58.29 52.24 21.93
N PRO C 1079 57.52 52.28 23.02
CA PRO C 1079 56.20 52.90 22.97
C PRO C 1079 56.19 54.41 23.03
N ALA C 1080 57.21 55.06 23.60
CA ALA C 1080 57.19 56.51 23.74
C ALA C 1080 58.61 57.01 23.98
N ILE C 1081 58.77 58.33 23.98
CA ILE C 1081 60.05 58.99 24.20
C ILE C 1081 59.87 60.16 25.15
N CYS C 1082 60.76 60.28 26.14
CA CYS C 1082 60.85 61.48 26.94
C CYS C 1082 61.71 62.51 26.24
N HIS C 1083 61.26 63.77 26.27
CA HIS C 1083 62.05 64.87 25.75
C HIS C 1083 62.46 65.85 26.84
N ASP C 1084 61.50 66.40 27.57
CA ASP C 1084 61.76 67.29 28.71
C ASP C 1084 60.94 66.86 29.92
N GLY C 1085 60.75 65.54 30.09
CA GLY C 1085 59.86 65.01 31.08
C GLY C 1085 58.49 64.63 30.54
N LYS C 1086 58.14 65.11 29.36
CA LYS C 1086 56.87 64.77 28.73
C LYS C 1086 57.03 63.52 27.87
N ALA C 1087 55.94 62.78 27.73
CA ALA C 1087 55.93 61.56 26.92
C ALA C 1087 55.22 61.84 25.61
N HIS C 1088 55.89 61.53 24.50
CA HIS C 1088 55.33 61.72 23.17
C HIS C 1088 54.82 60.39 22.62
N PHE C 1089 53.70 60.45 21.92
CA PHE C 1089 53.10 59.27 21.32
C PHE C 1089 52.84 59.52 19.84
N PRO C 1090 52.90 58.48 19.00
CA PRO C 1090 52.73 58.69 17.57
C PRO C 1090 51.28 58.94 17.20
N ARG C 1091 51.04 59.94 16.35
CA ARG C 1091 49.70 60.17 15.87
C ARG C 1091 49.25 59.05 14.93
N GLU C 1092 50.10 58.69 13.97
CA GLU C 1092 49.89 57.53 13.12
C GLU C 1092 51.22 56.86 12.90
N GLY C 1093 51.23 55.53 12.95
CA GLY C 1093 52.47 54.80 12.78
C GLY C 1093 53.10 54.42 14.11
N VAL C 1094 54.30 53.86 14.00
CA VAL C 1094 55.01 53.31 15.14
C VAL C 1094 56.45 53.79 15.12
N PHE C 1095 57.06 53.82 16.30
CA PHE C 1095 58.47 54.16 16.42
C PHE C 1095 59.33 52.95 16.08
N VAL C 1096 60.42 53.20 15.34
CA VAL C 1096 61.29 52.12 14.86
C VAL C 1096 62.72 52.60 14.93
N SER C 1097 63.61 51.74 15.44
CA SER C 1097 65.03 52.04 15.54
C SER C 1097 65.82 51.06 14.69
N ASN C 1098 66.79 51.59 13.94
CA ASN C 1098 67.70 50.75 13.17
C ASN C 1098 68.97 50.42 13.94
N GLY C 1099 69.05 50.82 15.22
CA GLY C 1099 70.20 50.56 16.06
C GLY C 1099 70.98 51.80 16.45
N THR C 1100 70.83 52.89 15.70
CA THR C 1100 71.55 54.12 16.02
C THR C 1100 70.60 55.30 16.16
N HIS C 1101 69.49 55.29 15.43
CA HIS C 1101 68.57 56.41 15.41
C HIS C 1101 67.13 55.89 15.42
N TRP C 1102 66.20 56.79 15.69
CA TRP C 1102 64.79 56.47 15.81
C TRP C 1102 63.98 57.24 14.77
N PHE C 1103 63.01 56.56 14.16
CA PHE C 1103 62.14 57.16 13.16
C PHE C 1103 60.70 56.72 13.41
N VAL C 1104 59.79 57.27 12.60
CA VAL C 1104 58.37 56.95 12.65
C VAL C 1104 57.96 56.38 11.31
N THR C 1105 57.17 55.31 11.33
CA THR C 1105 56.78 54.64 10.09
C THR C 1105 55.30 54.33 10.10
N GLN C 1106 54.75 54.11 8.90
CA GLN C 1106 53.42 53.54 8.77
C GLN C 1106 53.46 52.06 9.18
N ARG C 1107 52.28 51.52 9.45
CA ARG C 1107 52.21 50.17 10.00
C ARG C 1107 52.25 49.08 8.94
N ASN C 1108 52.14 49.42 7.66
CA ASN C 1108 52.09 48.43 6.60
C ASN C 1108 53.11 48.66 5.48
N PHE C 1109 54.05 49.58 5.67
CA PHE C 1109 55.06 49.86 4.66
C PHE C 1109 56.21 50.64 5.27
N TYR C 1110 57.44 50.16 5.10
CA TYR C 1110 58.58 50.80 5.73
C TYR C 1110 58.93 52.07 4.98
N GLU C 1111 58.83 53.22 5.65
CA GLU C 1111 59.19 54.51 5.09
C GLU C 1111 59.56 55.46 6.22
N PRO C 1112 60.80 55.43 6.69
CA PRO C 1112 61.16 56.20 7.89
C PRO C 1112 61.10 57.69 7.66
N GLN C 1113 60.75 58.42 8.72
CA GLN C 1113 60.72 59.87 8.74
C GLN C 1113 61.29 60.36 10.06
N ILE C 1114 61.85 61.58 10.04
CA ILE C 1114 62.44 62.15 11.24
C ILE C 1114 61.33 62.48 12.24
N ILE C 1115 61.58 62.18 13.51
CA ILE C 1115 60.60 62.46 14.56
C ILE C 1115 60.47 63.97 14.73
N THR C 1116 59.24 64.46 14.65
CA THR C 1116 58.96 65.89 14.72
C THR C 1116 57.72 66.11 15.57
N THR C 1117 57.63 67.29 16.18
CA THR C 1117 56.48 67.62 17.01
C THR C 1117 55.19 67.52 16.21
N ASP C 1118 55.25 67.72 14.89
CA ASP C 1118 54.07 67.53 14.06
C ASP C 1118 53.64 66.06 14.04
N ASN C 1119 54.59 65.13 14.13
CA ASN C 1119 54.27 63.71 14.07
C ASN C 1119 53.72 63.15 15.37
N THR C 1120 54.15 63.66 16.52
CA THR C 1120 53.78 63.09 17.81
C THR C 1120 52.95 64.08 18.61
N PHE C 1121 52.25 63.56 19.61
CA PHE C 1121 51.47 64.40 20.51
C PHE C 1121 51.81 64.06 21.96
N VAL C 1122 51.60 65.04 22.84
CA VAL C 1122 52.06 64.99 24.22
C VAL C 1122 50.89 64.65 25.12
N SER C 1123 51.12 63.74 26.07
CA SER C 1123 50.08 63.37 27.03
C SER C 1123 50.76 62.89 28.31
N GLY C 1124 50.78 63.74 29.33
CA GLY C 1124 51.31 63.35 30.63
C GLY C 1124 52.83 63.40 30.70
N ASN C 1125 53.35 62.80 31.76
CA ASN C 1125 54.79 62.70 31.99
C ASN C 1125 55.19 61.23 31.96
N CYS C 1126 56.48 60.98 31.81
CA CYS C 1126 56.97 59.62 31.58
C CYS C 1126 57.56 58.98 32.82
N ASP C 1127 56.97 59.23 33.99
CA ASP C 1127 57.33 58.49 35.19
C ASP C 1127 56.42 57.31 35.44
N VAL C 1128 55.46 57.04 34.54
CA VAL C 1128 54.46 56.00 34.74
C VAL C 1128 54.49 54.96 33.63
N VAL C 1129 54.61 55.39 32.38
CA VAL C 1129 54.56 54.47 31.24
C VAL C 1129 55.79 53.56 31.28
N ILE C 1130 55.61 52.31 30.82
CA ILE C 1130 56.62 51.27 30.95
C ILE C 1130 57.30 51.05 29.60
N GLY C 1131 58.62 51.04 29.60
CA GLY C 1131 59.37 50.76 28.39
C GLY C 1131 59.77 51.96 27.57
N ILE C 1132 59.71 53.16 28.13
CA ILE C 1132 59.97 54.37 27.36
C ILE C 1132 61.46 54.66 27.35
N VAL C 1133 61.98 55.09 26.21
CA VAL C 1133 63.39 55.37 26.02
C VAL C 1133 63.59 56.88 25.90
N ASN C 1134 64.85 57.30 25.89
CA ASN C 1134 65.22 58.71 25.85
C ASN C 1134 65.73 59.08 24.47
N ASN C 1135 65.26 60.21 23.95
CA ASN C 1135 65.71 60.75 22.67
C ASN C 1135 65.28 62.21 22.60
N THR C 1136 65.47 62.82 21.44
CA THR C 1136 65.11 64.22 21.23
C THR C 1136 64.14 64.34 20.07
N VAL C 1137 63.22 65.30 20.19
CA VAL C 1137 62.23 65.58 19.15
C VAL C 1137 62.57 66.92 18.52
N TYR C 1138 62.49 67.00 17.20
CA TYR C 1138 62.87 68.19 16.45
C TYR C 1138 61.66 69.10 16.31
N ASP C 1139 61.84 70.38 16.63
CA ASP C 1139 60.78 71.38 16.52
C ASP C 1139 61.10 72.31 15.36
N PRO C 1140 60.28 72.35 14.31
CA PRO C 1140 60.62 73.19 13.15
C PRO C 1140 60.69 74.68 13.46
N LEU C 1141 59.98 75.15 14.48
CA LEU C 1141 59.92 76.58 14.74
C LEU C 1141 61.20 77.11 15.38
N GLN C 1142 61.94 76.26 16.09
CA GLN C 1142 63.13 76.73 16.79
C GLN C 1142 64.21 77.26 15.86
N PRO C 1143 64.64 76.54 14.81
CA PRO C 1143 65.67 77.13 13.93
C PRO C 1143 65.19 78.38 13.20
N GLU C 1144 63.91 78.41 12.82
CA GLU C 1144 63.39 79.58 12.14
C GLU C 1144 63.39 80.80 13.05
N LEU C 1145 63.02 80.62 14.31
CA LEU C 1145 63.02 81.73 15.26
C LEU C 1145 64.43 82.12 15.70
N ASP C 1146 65.38 81.18 15.68
CA ASP C 1146 66.75 81.51 16.06
C ASP C 1146 67.38 82.47 15.06
N SER C 1147 67.21 82.21 13.77
CA SER C 1147 67.80 83.05 12.72
C SER C 1147 66.84 84.17 12.34
N GLN D 22 -54.23 -48.15 -6.29
CA GLN D 22 -54.87 -48.66 -5.09
C GLN D 22 -54.05 -48.34 -3.85
N LEU D 23 -54.65 -47.60 -2.92
CA LEU D 23 -53.99 -47.20 -1.68
C LEU D 23 -54.80 -47.76 -0.51
N VAL D 24 -54.12 -48.44 0.40
CA VAL D 24 -54.78 -49.10 1.51
C VAL D 24 -54.75 -48.19 2.74
N GLN D 25 -55.61 -48.49 3.70
CA GLN D 25 -55.77 -47.66 4.88
C GLN D 25 -56.23 -48.52 6.04
N SER D 26 -56.53 -47.88 7.18
CA SER D 26 -57.08 -48.55 8.34
C SER D 26 -58.61 -48.44 8.32
N GLY D 27 -59.24 -48.95 9.37
CA GLY D 27 -60.68 -48.99 9.47
C GLY D 27 -61.27 -47.72 10.04
N ALA D 28 -62.49 -47.84 10.56
CA ALA D 28 -63.20 -46.73 11.19
C ALA D 28 -63.12 -46.90 12.70
N GLU D 29 -62.75 -45.82 13.39
CA GLU D 29 -62.49 -45.89 14.82
C GLU D 29 -63.32 -44.84 15.57
N VAL D 30 -63.55 -45.11 16.84
CA VAL D 30 -64.24 -44.19 17.75
C VAL D 30 -63.35 -43.94 18.95
N LYS D 31 -63.19 -42.66 19.31
CA LYS D 31 -62.34 -42.29 20.43
C LYS D 31 -62.94 -41.12 21.19
N LYS D 32 -62.49 -40.96 22.44
CA LYS D 32 -62.87 -39.87 23.31
C LYS D 32 -62.10 -38.60 22.93
N PRO D 33 -62.68 -37.43 23.18
CA PRO D 33 -61.95 -36.18 22.92
C PRO D 33 -60.80 -35.99 23.89
N GLY D 34 -59.76 -35.30 23.42
CA GLY D 34 -58.60 -34.99 24.20
C GLY D 34 -57.44 -35.95 24.03
N GLU D 35 -57.68 -37.12 23.43
CA GLU D 35 -56.62 -38.09 23.21
C GLU D 35 -55.94 -37.81 21.86
N SER D 36 -55.03 -38.69 21.46
CA SER D 36 -54.30 -38.56 20.21
C SER D 36 -54.64 -39.74 19.31
N LEU D 37 -55.13 -39.44 18.09
CA LEU D 37 -55.50 -40.45 17.12
C LEU D 37 -54.54 -40.36 15.94
N THR D 38 -54.13 -41.52 15.44
CA THR D 38 -53.24 -41.60 14.28
C THR D 38 -53.85 -42.51 13.24
N ILE D 39 -53.97 -42.00 12.02
CA ILE D 39 -54.41 -42.79 10.87
C ILE D 39 -53.22 -42.92 9.92
N SER D 40 -53.22 -44.00 9.15
CA SER D 40 -52.13 -44.28 8.22
C SER D 40 -52.69 -44.68 6.87
N CYS D 41 -52.04 -44.19 5.81
CA CYS D 41 -52.40 -44.58 4.44
C CYS D 41 -51.15 -45.10 3.75
N LYS D 42 -51.27 -46.29 3.16
CA LYS D 42 -50.15 -46.99 2.54
C LYS D 42 -50.35 -47.05 1.04
N ASP D 43 -49.26 -46.88 0.30
CA ASP D 43 -49.28 -46.98 -1.16
C ASP D 43 -48.48 -48.21 -1.57
N SER D 44 -49.11 -49.08 -2.38
CA SER D 44 -48.46 -50.31 -2.83
C SER D 44 -47.61 -50.11 -4.07
N GLY D 45 -47.67 -48.95 -4.71
CA GLY D 45 -46.89 -48.72 -5.91
C GLY D 45 -45.41 -48.58 -5.62
N ASN D 46 -44.61 -48.76 -6.68
CA ASN D 46 -43.16 -48.63 -6.60
C ASN D 46 -42.69 -47.26 -7.09
N SER D 47 -43.56 -46.26 -7.05
CA SER D 47 -43.25 -44.90 -7.47
C SER D 47 -43.68 -43.91 -6.39
N PHE D 48 -43.30 -44.22 -5.15
CA PHE D 48 -43.70 -43.39 -4.02
C PHE D 48 -43.01 -42.03 -4.05
N THR D 49 -41.69 -42.01 -4.25
CA THR D 49 -40.94 -40.76 -4.21
C THR D 49 -40.80 -40.13 -5.58
N ILE D 50 -41.93 -39.99 -6.29
CA ILE D 50 -41.96 -39.28 -7.56
C ILE D 50 -43.06 -38.22 -7.49
N TYR D 51 -44.25 -38.64 -7.09
CA TYR D 51 -45.40 -37.76 -6.95
C TYR D 51 -45.57 -37.32 -5.50
N TRP D 52 -46.59 -36.50 -5.27
CA TRP D 52 -46.89 -36.05 -3.93
C TRP D 52 -47.97 -36.91 -3.30
N ILE D 53 -48.06 -36.85 -1.98
CA ILE D 53 -49.15 -37.49 -1.25
C ILE D 53 -49.79 -36.41 -0.39
N GLY D 54 -50.95 -36.70 0.18
CA GLY D 54 -51.60 -35.70 0.99
C GLY D 54 -52.91 -36.22 1.57
N TRP D 55 -53.64 -35.30 2.19
CA TRP D 55 -54.86 -35.63 2.90
C TRP D 55 -55.97 -34.66 2.54
N VAL D 56 -57.21 -35.12 2.64
CA VAL D 56 -58.38 -34.27 2.44
C VAL D 56 -59.48 -34.75 3.36
N ARG D 57 -60.29 -33.81 3.83
CA ARG D 57 -61.42 -34.11 4.71
C ARG D 57 -62.72 -33.71 4.04
N GLN D 58 -63.80 -34.41 4.40
CA GLN D 58 -65.13 -34.04 3.95
C GLN D 58 -66.09 -34.12 5.14
N MET D 59 -66.63 -32.98 5.53
CA MET D 59 -67.65 -32.94 6.56
C MET D 59 -68.98 -33.42 6.00
N PRO D 60 -69.74 -34.24 6.72
CA PRO D 60 -71.01 -34.75 6.20
C PRO D 60 -71.96 -33.63 5.84
N GLY D 61 -72.54 -33.72 4.64
CA GLY D 61 -73.50 -32.74 4.17
C GLY D 61 -72.92 -31.60 3.36
N LYS D 62 -71.61 -31.39 3.41
CA LYS D 62 -70.98 -30.29 2.71
C LYS D 62 -69.78 -30.80 1.91
N GLY D 63 -69.20 -29.91 1.10
CA GLY D 63 -68.10 -30.27 0.24
C GLY D 63 -66.78 -30.40 0.97
N LEU D 64 -65.81 -30.97 0.27
CA LEU D 64 -64.50 -31.25 0.83
C LEU D 64 -63.61 -30.01 0.81
N GLU D 65 -62.53 -30.07 1.59
CA GLU D 65 -61.56 -28.99 1.67
C GLU D 65 -60.17 -29.58 1.85
N TRP D 66 -59.18 -28.92 1.24
CA TRP D 66 -57.81 -29.41 1.29
C TRP D 66 -57.23 -29.28 2.69
N MET D 67 -56.39 -30.25 3.06
CA MET D 67 -55.80 -30.30 4.39
C MET D 67 -54.28 -30.14 4.39
N GLY D 68 -53.56 -31.00 3.68
CA GLY D 68 -52.10 -30.95 3.71
C GLY D 68 -51.52 -31.86 2.66
N MET D 69 -50.24 -31.65 2.35
CA MET D 69 -49.63 -32.33 1.22
C MET D 69 -48.12 -32.39 1.41
N ILE D 70 -47.55 -33.57 1.13
CA ILE D 70 -46.17 -33.89 1.46
C ILE D 70 -45.48 -34.53 0.25
N TYR D 71 -44.26 -34.09 -0.01
CA TYR D 71 -43.36 -34.73 -0.96
C TYR D 71 -42.31 -35.50 -0.19
N PRO D 72 -42.32 -36.84 -0.22
CA PRO D 72 -41.32 -37.61 0.52
C PRO D 72 -39.93 -37.59 -0.09
N GLY D 73 -39.77 -37.08 -1.31
CA GLY D 73 -38.45 -37.04 -1.92
C GLY D 73 -37.46 -36.20 -1.12
N ASP D 74 -37.92 -35.05 -0.61
CA ASP D 74 -37.10 -34.19 0.22
C ASP D 74 -37.87 -33.70 1.44
N SER D 75 -38.89 -34.45 1.85
CA SER D 75 -39.68 -34.17 3.05
C SER D 75 -40.32 -32.78 3.00
N GLY D 76 -40.80 -32.36 1.83
CA GLY D 76 -41.47 -31.08 1.74
C GLY D 76 -42.89 -31.17 2.26
N THR D 77 -43.28 -30.20 3.09
CA THR D 77 -44.60 -30.22 3.71
C THR D 77 -45.29 -28.89 3.43
N ARG D 78 -46.52 -28.95 2.92
CA ARG D 78 -47.34 -27.79 2.66
C ARG D 78 -48.68 -27.97 3.36
N TYR D 79 -49.15 -26.89 3.99
CA TYR D 79 -50.39 -26.89 4.75
C TYR D 79 -51.35 -25.85 4.17
N SER D 80 -52.57 -25.88 4.68
CA SER D 80 -53.58 -24.90 4.35
C SER D 80 -53.77 -23.93 5.52
N PRO D 81 -54.04 -22.65 5.22
CA PRO D 81 -54.15 -21.66 6.32
C PRO D 81 -55.23 -22.00 7.34
N SER D 82 -56.35 -22.57 6.91
CA SER D 82 -57.42 -22.91 7.83
C SER D 82 -57.12 -24.14 8.66
N PHE D 83 -56.08 -24.90 8.33
CA PHE D 83 -55.71 -26.12 9.02
C PHE D 83 -54.23 -26.11 9.37
N GLU D 84 -53.77 -25.01 9.95
CA GLU D 84 -52.38 -24.88 10.37
C GLU D 84 -52.28 -25.05 11.88
N GLY D 85 -51.41 -25.95 12.32
CA GLY D 85 -51.22 -26.20 13.74
C GLY D 85 -52.24 -27.15 14.35
N GLN D 86 -53.45 -27.17 13.78
CA GLN D 86 -54.50 -28.04 14.32
C GLN D 86 -54.14 -29.52 14.16
N VAL D 87 -53.57 -29.88 13.01
CA VAL D 87 -53.23 -31.27 12.71
C VAL D 87 -51.78 -31.35 12.27
N THR D 88 -51.22 -32.55 12.34
CA THR D 88 -49.86 -32.81 11.91
C THR D 88 -49.85 -34.05 11.02
N ILE D 89 -49.09 -33.98 9.94
CA ILE D 89 -48.97 -35.07 8.97
C ILE D 89 -47.49 -35.32 8.70
N SER D 90 -47.09 -36.59 8.73
CA SER D 90 -45.73 -36.99 8.38
C SER D 90 -45.80 -38.14 7.39
N ALA D 91 -44.64 -38.55 6.88
CA ALA D 91 -44.58 -39.67 5.95
C ALA D 91 -43.22 -40.32 6.04
N ASP D 92 -43.15 -41.57 5.62
CA ASP D 92 -41.90 -42.33 5.62
C ASP D 92 -41.67 -42.96 4.25
N GLU D 93 -40.42 -42.91 3.80
CA GLU D 93 -40.04 -43.41 2.49
C GLU D 93 -39.60 -44.87 2.50
N SER D 94 -39.54 -45.50 3.67
CA SER D 94 -39.17 -46.91 3.76
C SER D 94 -40.38 -47.83 3.82
N ILE D 95 -41.28 -47.61 4.78
CA ILE D 95 -42.52 -48.36 4.84
C ILE D 95 -43.48 -47.89 3.75
N ASN D 96 -43.22 -46.70 3.18
CA ASN D 96 -44.06 -46.09 2.14
C ASN D 96 -45.48 -45.84 2.66
N THR D 97 -45.55 -45.02 3.71
CA THR D 97 -46.81 -44.77 4.38
C THR D 97 -46.83 -43.35 4.92
N ALA D 98 -48.01 -42.73 4.88
CA ALA D 98 -48.23 -41.40 5.42
C ALA D 98 -49.09 -41.49 6.67
N TYR D 99 -48.64 -40.84 7.74
CA TYR D 99 -49.32 -40.82 9.02
C TYR D 99 -49.94 -39.44 9.24
N LEU D 100 -51.16 -39.43 9.78
CA LEU D 100 -51.83 -38.20 10.19
C LEU D 100 -52.22 -38.35 11.65
N GLN D 101 -51.74 -37.42 12.49
CA GLN D 101 -51.95 -37.53 13.93
C GLN D 101 -52.61 -36.26 14.46
N TRP D 102 -53.52 -36.44 15.40
CA TRP D 102 -54.31 -35.36 15.98
C TRP D 102 -53.80 -34.99 17.37
N ARG D 103 -53.80 -33.68 17.64
CA ARG D 103 -53.42 -33.17 18.97
C ARG D 103 -54.54 -33.38 19.98
N SER D 104 -55.68 -32.75 19.76
CA SER D 104 -56.81 -32.82 20.69
C SER D 104 -58.09 -32.87 19.87
N LEU D 105 -58.74 -34.03 19.87
CA LEU D 105 -59.98 -34.19 19.11
C LEU D 105 -61.08 -33.31 19.67
N LYS D 106 -61.85 -32.70 18.78
CA LYS D 106 -62.97 -31.86 19.15
C LYS D 106 -64.26 -32.51 18.71
N ALA D 107 -65.38 -32.01 19.25
CA ALA D 107 -66.68 -32.62 18.95
C ALA D 107 -67.09 -32.41 17.50
N SER D 108 -66.60 -31.36 16.85
CA SER D 108 -67.04 -30.98 15.52
C SER D 108 -66.06 -31.37 14.43
N ASP D 109 -65.09 -32.22 14.73
CA ASP D 109 -64.13 -32.67 13.72
C ASP D 109 -64.46 -34.03 13.14
N THR D 110 -65.64 -34.57 13.46
CA THR D 110 -66.04 -35.85 12.86
C THR D 110 -66.33 -35.64 11.38
N ALA D 111 -65.66 -36.41 10.54
CA ALA D 111 -65.74 -36.25 9.09
C ALA D 111 -65.22 -37.53 8.45
N MET D 112 -65.18 -37.55 7.12
CA MET D 112 -64.68 -38.68 6.36
C MET D 112 -63.36 -38.26 5.73
N TYR D 113 -62.30 -39.06 5.92
CA TYR D 113 -60.95 -38.64 5.60
C TYR D 113 -60.39 -39.48 4.47
N TYR D 114 -59.83 -38.82 3.46
CA TYR D 114 -59.29 -39.50 2.28
C TYR D 114 -57.81 -39.19 2.16
N CYS D 115 -56.99 -40.24 2.08
CA CYS D 115 -55.60 -40.10 1.68
C CYS D 115 -55.55 -40.02 0.16
N VAL D 116 -54.82 -39.05 -0.37
CA VAL D 116 -54.89 -38.69 -1.77
C VAL D 116 -53.49 -38.60 -2.35
N ARG D 117 -53.36 -39.03 -3.60
CA ARG D 117 -52.12 -38.87 -4.37
C ARG D 117 -52.25 -37.65 -5.26
N GLY D 118 -51.20 -36.83 -5.30
CA GLY D 118 -51.25 -35.56 -5.98
C GLY D 118 -50.14 -35.41 -7.01
N ILE D 119 -50.48 -34.74 -8.11
CA ILE D 119 -49.54 -34.47 -9.20
C ILE D 119 -49.21 -32.99 -9.19
N ALA D 120 -48.09 -32.65 -9.83
CA ALA D 120 -47.54 -31.31 -9.76
C ALA D 120 -47.92 -30.48 -10.98
N VAL D 121 -47.56 -29.20 -10.93
CA VAL D 121 -47.71 -28.24 -12.02
C VAL D 121 -49.18 -28.06 -12.40
N ASP D 122 -49.78 -29.10 -12.99
CA ASP D 122 -51.17 -29.00 -13.42
C ASP D 122 -52.11 -28.85 -12.23
N TRP D 123 -51.71 -29.36 -11.06
CA TRP D 123 -52.44 -29.22 -9.80
C TRP D 123 -53.84 -29.83 -9.92
N TYR D 124 -53.86 -31.15 -10.10
CA TYR D 124 -55.08 -31.93 -10.05
C TYR D 124 -54.80 -33.24 -9.32
N PHE D 125 -55.84 -33.80 -8.73
CA PHE D 125 -55.75 -35.13 -8.15
C PHE D 125 -56.05 -36.19 -9.21
N ASP D 126 -55.52 -37.39 -9.00
CA ASP D 126 -55.68 -38.46 -9.97
C ASP D 126 -56.53 -39.62 -9.44
N LEU D 127 -56.13 -40.24 -8.32
CA LEU D 127 -56.85 -41.39 -7.80
C LEU D 127 -56.65 -41.48 -6.30
N TRP D 128 -57.68 -41.96 -5.60
CA TRP D 128 -57.69 -41.97 -4.14
C TRP D 128 -58.16 -43.34 -3.64
N GLY D 129 -57.88 -43.58 -2.36
CA GLY D 129 -58.34 -44.77 -1.70
C GLY D 129 -59.75 -44.62 -1.15
N ARG D 130 -60.19 -45.65 -0.44
CA ARG D 130 -61.54 -45.66 0.10
C ARG D 130 -61.70 -44.74 1.31
N GLY D 131 -60.62 -44.37 1.98
CA GLY D 131 -60.69 -43.47 3.10
C GLY D 131 -61.04 -44.17 4.40
N THR D 132 -61.12 -43.36 5.46
CA THR D 132 -61.36 -43.84 6.81
C THR D 132 -62.33 -42.92 7.54
N LEU D 133 -63.03 -43.50 8.51
CA LEU D 133 -64.06 -42.81 9.28
C LEU D 133 -63.66 -42.77 10.74
N VAL D 134 -63.73 -41.57 11.33
CA VAL D 134 -63.33 -41.35 12.73
C VAL D 134 -64.50 -40.66 13.44
N THR D 135 -64.90 -41.22 14.58
CA THR D 135 -66.00 -40.68 15.36
C THR D 135 -65.52 -40.39 16.78
N VAL D 136 -65.84 -39.20 17.26
CA VAL D 136 -65.47 -38.78 18.61
C VAL D 136 -66.72 -38.33 19.35
N SER D 137 -66.92 -38.83 20.55
CA SER D 137 -68.10 -38.49 21.34
C SER D 137 -67.69 -38.36 22.81
N SER D 138 -68.47 -37.57 23.54
CA SER D 138 -68.22 -37.37 24.96
C SER D 138 -69.44 -37.74 25.80
N SER E 21 -61.72 -18.10 -0.09
CA SER E 21 -61.69 -17.91 -1.54
C SER E 21 -62.31 -19.09 -2.26
N VAL E 22 -63.44 -19.57 -1.73
CA VAL E 22 -64.12 -20.71 -2.32
C VAL E 22 -64.76 -20.31 -3.64
N LEU E 23 -64.84 -21.26 -4.57
CA LEU E 23 -65.42 -20.99 -5.88
C LEU E 23 -66.95 -21.04 -5.80
N THR E 24 -67.60 -20.13 -6.53
CA THR E 24 -69.05 -20.11 -6.58
C THR E 24 -69.57 -21.22 -7.48
N GLN E 25 -70.74 -21.74 -7.13
CA GLN E 25 -71.36 -22.83 -7.88
C GLN E 25 -72.86 -22.89 -7.57
N PRO E 26 -73.70 -22.99 -8.58
CA PRO E 26 -75.14 -23.07 -8.32
C PRO E 26 -75.47 -24.33 -7.55
N PRO E 27 -76.51 -24.28 -6.70
CA PRO E 27 -76.80 -25.43 -5.81
C PRO E 27 -77.11 -26.72 -6.57
N SER E 28 -78.12 -26.69 -7.44
CA SER E 28 -78.49 -27.88 -8.18
C SER E 28 -79.32 -27.48 -9.40
N VAL E 29 -79.42 -28.42 -10.34
CA VAL E 29 -80.25 -28.28 -11.53
C VAL E 29 -81.01 -29.57 -11.74
N SER E 30 -81.88 -29.58 -12.75
CA SER E 30 -82.66 -30.76 -13.10
C SER E 30 -82.53 -31.00 -14.60
N GLY E 31 -82.94 -32.19 -15.02
CA GLY E 31 -82.88 -32.54 -16.43
C GLY E 31 -83.75 -33.74 -16.74
N ALA E 32 -83.86 -34.03 -18.02
CA ALA E 32 -84.62 -35.15 -18.52
C ALA E 32 -83.70 -36.15 -19.22
N PRO E 33 -84.01 -37.44 -19.17
CA PRO E 33 -83.19 -38.42 -19.89
C PRO E 33 -83.24 -38.19 -21.39
N GLY E 34 -82.10 -38.37 -22.04
CA GLY E 34 -82.00 -38.25 -23.48
C GLY E 34 -81.76 -36.85 -24.00
N GLN E 35 -81.58 -35.86 -23.13
CA GLN E 35 -81.37 -34.48 -23.56
C GLN E 35 -80.12 -33.93 -22.89
N ARG E 36 -79.54 -32.91 -23.53
CA ARG E 36 -78.31 -32.31 -23.03
C ARG E 36 -78.56 -31.51 -21.76
N VAL E 37 -77.62 -31.59 -20.83
CA VAL E 37 -77.65 -30.81 -19.60
C VAL E 37 -76.33 -30.08 -19.47
N THR E 38 -76.33 -28.97 -18.74
CA THR E 38 -75.16 -28.11 -18.64
C THR E 38 -75.01 -27.60 -17.22
N ILE E 39 -73.77 -27.53 -16.74
CA ILE E 39 -73.47 -26.93 -15.45
C ILE E 39 -72.32 -25.94 -15.61
N SER E 40 -72.23 -25.01 -14.66
CA SER E 40 -71.26 -23.93 -14.71
C SER E 40 -70.58 -23.76 -13.38
N CYS E 41 -69.35 -23.23 -13.44
CA CYS E 41 -68.54 -22.92 -12.26
C CYS E 41 -67.89 -21.57 -12.50
N THR E 42 -68.20 -20.59 -11.65
CA THR E 42 -67.74 -19.22 -11.82
C THR E 42 -66.86 -18.81 -10.66
N GLY E 43 -65.85 -17.99 -10.97
CA GLY E 43 -64.92 -17.52 -9.96
C GLY E 43 -64.52 -16.07 -10.13
N SER E 44 -63.27 -15.75 -9.82
CA SER E 44 -62.76 -14.39 -9.93
C SER E 44 -61.45 -14.35 -10.70
N SER E 45 -60.83 -13.17 -10.78
CA SER E 45 -59.57 -13.05 -11.48
C SER E 45 -58.42 -13.66 -10.71
N SER E 46 -58.55 -13.78 -9.39
CA SER E 46 -57.47 -14.33 -8.57
C SER E 46 -57.35 -15.84 -8.72
N ASN E 47 -58.48 -16.54 -8.77
CA ASN E 47 -58.47 -18.01 -8.80
C ASN E 47 -58.39 -18.55 -10.22
N ILE E 48 -59.39 -18.24 -11.05
CA ILE E 48 -59.42 -18.78 -12.40
C ILE E 48 -58.66 -17.91 -13.40
N GLY E 49 -58.33 -16.68 -13.04
CA GLY E 49 -57.63 -15.80 -13.94
C GLY E 49 -56.16 -16.19 -14.07
N ALA E 50 -55.46 -15.41 -14.88
CA ALA E 50 -54.03 -15.61 -15.16
C ALA E 50 -53.77 -16.99 -15.78
N GLY E 51 -54.76 -17.55 -16.46
CA GLY E 51 -54.59 -18.82 -17.14
C GLY E 51 -54.41 -20.01 -16.22
N PHE E 52 -55.43 -20.34 -15.45
CA PHE E 52 -55.41 -21.50 -14.56
C PHE E 52 -56.53 -22.45 -14.94
N ASP E 53 -56.19 -23.73 -15.12
CA ASP E 53 -57.16 -24.71 -15.58
C ASP E 53 -58.10 -25.10 -14.45
N VAL E 54 -59.23 -25.69 -14.84
CA VAL E 54 -60.26 -26.17 -13.91
C VAL E 54 -60.49 -27.65 -14.18
N HIS E 55 -60.48 -28.45 -13.12
CA HIS E 55 -60.74 -29.88 -13.22
C HIS E 55 -62.07 -30.22 -12.56
N TRP E 56 -62.59 -31.40 -12.88
CA TRP E 56 -63.90 -31.81 -12.37
C TRP E 56 -63.81 -33.18 -11.70
N TYR E 57 -64.66 -33.37 -10.68
CA TYR E 57 -64.68 -34.58 -9.88
C TYR E 57 -66.12 -35.01 -9.64
N GLN E 58 -66.29 -36.30 -9.35
CA GLN E 58 -67.59 -36.89 -9.08
C GLN E 58 -67.75 -37.18 -7.59
N GLN E 59 -68.98 -37.52 -7.21
CA GLN E 59 -69.27 -38.01 -5.86
C GLN E 59 -70.45 -38.99 -5.96
N LEU E 60 -70.14 -40.28 -6.09
CA LEU E 60 -71.19 -41.27 -6.05
C LEU E 60 -71.70 -41.43 -4.62
N PRO E 61 -73.02 -41.54 -4.43
CA PRO E 61 -73.56 -41.66 -3.06
C PRO E 61 -73.01 -42.86 -2.32
N GLY E 62 -72.25 -42.60 -1.26
CA GLY E 62 -71.64 -43.67 -0.46
C GLY E 62 -70.64 -44.52 -1.22
N THR E 63 -69.81 -43.89 -2.05
CA THR E 63 -68.81 -44.61 -2.83
C THR E 63 -67.60 -43.72 -3.01
N ALA E 64 -66.43 -44.34 -3.14
CA ALA E 64 -65.21 -43.60 -3.38
C ALA E 64 -65.31 -42.85 -4.71
N PRO E 65 -64.99 -41.56 -4.74
CA PRO E 65 -65.27 -40.75 -5.94
C PRO E 65 -64.31 -41.02 -7.08
N LYS E 66 -64.47 -40.30 -8.19
CA LYS E 66 -63.69 -40.54 -9.39
C LYS E 66 -63.59 -39.25 -10.19
N LEU E 67 -62.56 -39.17 -11.03
CA LEU E 67 -62.28 -37.99 -11.83
C LEU E 67 -63.17 -37.95 -13.06
N LEU E 68 -63.44 -36.74 -13.56
CA LEU E 68 -64.18 -36.55 -14.81
C LEU E 68 -63.31 -35.98 -15.91
N ILE E 69 -62.69 -34.82 -15.68
CA ILE E 69 -61.88 -34.16 -16.70
C ILE E 69 -60.78 -33.39 -16.01
N TYR E 70 -59.56 -33.51 -16.55
CA TYR E 70 -58.39 -32.81 -16.05
C TYR E 70 -57.78 -32.00 -17.19
N GLY E 71 -57.34 -30.79 -16.87
CA GLY E 71 -56.78 -29.90 -17.87
C GLY E 71 -57.80 -29.18 -18.73
N ASN E 72 -59.09 -29.41 -18.50
CA ASN E 72 -60.22 -28.77 -19.17
C ASN E 72 -60.33 -29.13 -20.64
N ASN E 73 -59.43 -29.94 -21.19
CA ASN E 73 -59.54 -30.33 -22.58
C ASN E 73 -59.33 -31.84 -22.76
N ASN E 74 -58.55 -32.45 -21.87
CA ASN E 74 -58.24 -33.86 -21.99
C ASN E 74 -59.33 -34.69 -21.33
N ARG E 75 -59.15 -36.01 -21.33
CA ARG E 75 -60.13 -36.93 -20.77
C ARG E 75 -59.44 -38.25 -20.44
N PRO E 76 -59.71 -38.84 -19.28
CA PRO E 76 -59.05 -40.08 -18.89
C PRO E 76 -59.74 -41.30 -19.50
N SER E 77 -59.29 -42.47 -19.09
CA SER E 77 -59.88 -43.73 -19.51
C SER E 77 -60.93 -44.19 -18.52
N GLY E 78 -61.91 -44.93 -19.02
CA GLY E 78 -62.99 -45.42 -18.20
C GLY E 78 -64.17 -44.48 -18.04
N VAL E 79 -64.19 -43.37 -18.77
CA VAL E 79 -65.29 -42.40 -18.69
C VAL E 79 -66.01 -42.36 -20.03
N PRO E 80 -67.34 -42.34 -20.05
CA PRO E 80 -68.05 -42.27 -21.33
C PRO E 80 -67.79 -40.96 -22.05
N ASP E 81 -67.88 -41.02 -23.38
CA ASP E 81 -67.57 -39.88 -24.23
C ASP E 81 -68.64 -38.79 -24.17
N ARG E 82 -69.78 -39.04 -23.54
CA ARG E 82 -70.88 -38.08 -23.51
C ARG E 82 -70.57 -36.84 -22.68
N PHE E 83 -69.36 -36.72 -22.13
CA PHE E 83 -69.00 -35.57 -21.31
C PHE E 83 -68.12 -34.62 -22.11
N SER E 84 -68.32 -33.32 -21.91
CA SER E 84 -67.47 -32.32 -22.52
C SER E 84 -67.47 -31.09 -21.64
N GLY E 85 -66.53 -30.17 -21.90
CA GLY E 85 -66.45 -28.95 -21.13
C GLY E 85 -65.48 -27.97 -21.73
N SER E 86 -65.67 -26.71 -21.38
CA SER E 86 -64.79 -25.64 -21.84
C SER E 86 -64.96 -24.44 -20.93
N LYS E 87 -63.97 -23.54 -20.97
CA LYS E 87 -63.96 -22.36 -20.12
C LYS E 87 -64.02 -21.11 -20.98
N SER E 88 -64.70 -20.09 -20.46
CA SER E 88 -64.83 -18.77 -21.09
C SER E 88 -64.28 -17.77 -20.09
N ALA E 89 -62.98 -17.49 -20.18
CA ALA E 89 -62.32 -16.48 -19.37
C ALA E 89 -62.59 -16.66 -17.88
N THR E 90 -63.54 -15.89 -17.34
CA THR E 90 -63.81 -15.91 -15.91
C THR E 90 -64.61 -17.14 -15.49
N SER E 91 -65.43 -17.70 -16.36
CA SER E 91 -66.29 -18.83 -16.00
C SER E 91 -65.83 -20.09 -16.71
N ALA E 92 -66.40 -21.22 -16.30
CA ALA E 92 -66.20 -22.48 -16.98
C ALA E 92 -67.52 -23.25 -16.95
N SER E 93 -67.65 -24.20 -17.87
CA SER E 93 -68.89 -24.95 -17.97
C SER E 93 -68.61 -26.33 -18.52
N LEU E 94 -69.52 -27.26 -18.24
CA LEU E 94 -69.47 -28.59 -18.83
C LEU E 94 -70.86 -29.00 -19.27
N ALA E 95 -70.89 -29.89 -20.26
CA ALA E 95 -72.11 -30.37 -20.87
C ALA E 95 -72.11 -31.89 -20.91
N ILE E 96 -73.27 -32.47 -20.63
CA ILE E 96 -73.52 -33.90 -20.76
C ILE E 96 -74.58 -34.10 -21.84
N THR E 97 -74.25 -34.91 -22.83
CA THR E 97 -75.15 -35.19 -23.95
C THR E 97 -75.74 -36.58 -23.76
N GLY E 98 -77.02 -36.62 -23.38
CA GLY E 98 -77.69 -37.89 -23.18
C GLY E 98 -77.52 -38.46 -21.79
N LEU E 99 -77.94 -37.71 -20.78
CA LEU E 99 -77.84 -38.17 -19.40
C LEU E 99 -78.70 -39.40 -19.18
N GLN E 100 -78.22 -40.29 -18.32
CA GLN E 100 -78.91 -41.54 -18.02
C GLN E 100 -79.20 -41.58 -16.52
N ALA E 101 -79.78 -42.69 -16.05
CA ALA E 101 -80.22 -42.80 -14.66
C ALA E 101 -79.07 -42.91 -13.67
N GLU E 102 -77.88 -43.30 -14.12
CA GLU E 102 -76.75 -43.46 -13.21
C GLU E 102 -76.03 -42.14 -12.93
N ASP E 103 -76.44 -41.04 -13.56
CA ASP E 103 -75.81 -39.75 -13.33
C ASP E 103 -76.22 -39.12 -12.01
N GLU E 104 -76.92 -39.85 -11.15
CA GLU E 104 -77.28 -39.33 -9.83
C GLU E 104 -76.05 -39.32 -8.95
N ALA E 105 -75.35 -38.19 -8.93
CA ALA E 105 -74.12 -38.03 -8.15
C ALA E 105 -73.88 -36.54 -7.95
N ASP E 106 -72.81 -36.22 -7.22
CA ASP E 106 -72.43 -34.84 -6.95
C ASP E 106 -71.15 -34.51 -7.72
N TYR E 107 -71.07 -33.29 -8.23
CA TYR E 107 -69.98 -32.86 -9.09
C TYR E 107 -69.27 -31.66 -8.47
N TYR E 108 -67.94 -31.66 -8.56
CA TYR E 108 -67.12 -30.61 -7.97
C TYR E 108 -66.22 -30.02 -9.04
N CYS E 109 -66.08 -28.69 -9.03
CA CYS E 109 -65.13 -27.97 -9.86
C CYS E 109 -63.98 -27.48 -8.98
N GLN E 110 -62.76 -27.77 -9.39
CA GLN E 110 -61.57 -27.45 -8.60
C GLN E 110 -60.58 -26.66 -9.45
N SER E 111 -60.01 -25.63 -8.85
CA SER E 111 -59.00 -24.79 -9.52
C SER E 111 -57.91 -24.47 -8.50
N SER E 112 -57.04 -23.54 -8.87
CA SER E 112 -55.92 -23.12 -8.03
C SER E 112 -55.99 -21.61 -7.79
N ASP E 113 -54.97 -21.09 -7.13
CA ASP E 113 -54.93 -19.68 -6.77
C ASP E 113 -53.52 -19.14 -6.99
N SER E 114 -53.42 -17.80 -7.01
CA SER E 114 -52.13 -17.16 -7.28
C SER E 114 -51.11 -17.51 -6.19
N SER E 115 -51.52 -17.43 -4.94
CA SER E 115 -50.61 -17.69 -3.83
C SER E 115 -50.65 -19.16 -3.42
N LEU E 116 -49.68 -19.54 -2.59
CA LEU E 116 -49.63 -20.90 -2.07
C LEU E 116 -50.72 -21.17 -1.05
N SER E 117 -51.47 -20.15 -0.63
CA SER E 117 -52.61 -20.37 0.25
C SER E 117 -53.69 -21.20 -0.44
N GLY E 118 -53.93 -20.94 -1.72
CA GLY E 118 -55.02 -21.59 -2.43
C GLY E 118 -54.58 -22.60 -3.47
N LEU E 119 -53.60 -23.45 -3.13
CA LEU E 119 -53.14 -24.46 -4.06
C LEU E 119 -54.26 -25.36 -4.54
N TYR E 120 -55.20 -25.67 -3.65
CA TYR E 120 -56.32 -26.57 -3.96
C TYR E 120 -57.58 -26.00 -3.32
N VAL E 121 -58.43 -25.38 -4.12
CA VAL E 121 -59.70 -24.83 -3.67
C VAL E 121 -60.81 -25.46 -4.48
N PHE E 122 -61.87 -25.88 -3.79
CA PHE E 122 -63.01 -26.54 -4.41
C PHE E 122 -64.26 -25.67 -4.31
N GLY E 123 -65.22 -25.96 -5.17
CA GLY E 123 -66.50 -25.29 -5.12
C GLY E 123 -67.43 -25.89 -4.09
N THR E 124 -68.63 -25.32 -4.02
CA THR E 124 -69.62 -25.82 -3.06
C THR E 124 -70.16 -27.18 -3.49
N GLY E 125 -70.50 -27.33 -4.76
CA GLY E 125 -71.03 -28.60 -5.26
C GLY E 125 -72.37 -28.46 -5.95
N THR E 126 -72.62 -29.28 -6.96
CA THR E 126 -73.87 -29.24 -7.71
C THR E 126 -74.40 -30.64 -7.90
N ASN E 127 -75.72 -30.75 -8.03
CA ASN E 127 -76.39 -32.03 -8.18
C ASN E 127 -77.46 -31.92 -9.25
N VAL E 128 -77.78 -33.06 -9.87
CA VAL E 128 -78.76 -33.12 -10.95
C VAL E 128 -79.84 -34.13 -10.59
N ILE E 129 -81.02 -33.95 -11.18
CA ILE E 129 -82.14 -34.85 -11.00
C ILE E 129 -82.66 -35.24 -12.38
N VAL E 130 -82.80 -36.54 -12.62
CA VAL E 130 -83.28 -37.05 -13.90
C VAL E 130 -84.80 -36.91 -13.95
N LEU E 131 -85.37 -37.09 -15.15
CA LEU E 131 -86.81 -36.96 -15.38
C LEU E 131 -87.31 -35.57 -15.02
N GLN F 22 -34.29 -58.35 -26.70
CA GLN F 22 -35.38 -58.16 -27.66
C GLN F 22 -35.83 -56.70 -27.68
N LEU F 23 -35.77 -56.09 -28.86
CA LEU F 23 -36.18 -54.71 -29.05
C LEU F 23 -37.26 -54.66 -30.12
N VAL F 24 -38.35 -53.97 -29.82
CA VAL F 24 -39.51 -53.94 -30.70
C VAL F 24 -39.51 -52.64 -31.49
N GLN F 25 -40.31 -52.62 -32.55
CA GLN F 25 -40.41 -51.46 -33.42
C GLN F 25 -41.81 -51.41 -34.03
N SER F 26 -41.97 -50.56 -35.04
CA SER F 26 -43.19 -50.48 -35.82
C SER F 26 -43.05 -51.32 -37.09
N GLY F 27 -44.05 -51.23 -37.96
CA GLY F 27 -44.08 -52.01 -39.18
C GLY F 27 -43.34 -51.35 -40.32
N ALA F 28 -43.70 -51.76 -41.55
CA ALA F 28 -43.14 -51.19 -42.76
C ALA F 28 -44.13 -50.20 -43.36
N GLU F 29 -43.65 -49.00 -43.70
CA GLU F 29 -44.53 -47.94 -44.13
C GLU F 29 -44.09 -47.38 -45.47
N VAL F 30 -45.05 -46.82 -46.21
CA VAL F 30 -44.81 -46.18 -47.49
C VAL F 30 -45.35 -44.75 -47.41
N LYS F 31 -44.53 -43.78 -47.82
CA LYS F 31 -44.91 -42.38 -47.77
C LYS F 31 -44.37 -41.64 -48.99
N LYS F 32 -44.97 -40.48 -49.25
CA LYS F 32 -44.57 -39.59 -50.32
C LYS F 32 -43.34 -38.78 -49.91
N PRO F 33 -42.51 -38.37 -50.88
CA PRO F 33 -41.36 -37.52 -50.54
C PRO F 33 -41.80 -36.12 -50.11
N GLY F 34 -40.99 -35.52 -49.26
CA GLY F 34 -41.23 -34.17 -48.76
C GLY F 34 -41.92 -34.12 -47.41
N GLU F 35 -42.51 -35.21 -46.96
CA GLU F 35 -43.18 -35.25 -45.67
C GLU F 35 -42.19 -35.61 -44.57
N SER F 36 -42.70 -35.77 -43.35
CA SER F 36 -41.89 -36.11 -42.19
C SER F 36 -42.28 -37.51 -41.71
N LEU F 37 -41.29 -38.39 -41.63
CA LEU F 37 -41.49 -39.77 -41.20
C LEU F 37 -40.78 -39.98 -39.87
N THR F 38 -41.43 -40.70 -38.95
CA THR F 38 -40.88 -41.00 -37.65
C THR F 38 -41.00 -42.49 -37.39
N ILE F 39 -39.89 -43.12 -37.04
CA ILE F 39 -39.91 -44.51 -36.56
C ILE F 39 -39.46 -44.51 -35.12
N SER F 40 -39.88 -45.54 -34.39
CA SER F 40 -39.57 -45.67 -32.98
C SER F 40 -39.10 -47.09 -32.68
N CYS F 41 -38.11 -47.20 -31.80
CA CYS F 41 -37.62 -48.49 -31.35
C CYS F 41 -37.67 -48.52 -29.82
N LYS F 42 -38.31 -49.55 -29.28
CA LYS F 42 -38.56 -49.69 -27.86
C LYS F 42 -37.72 -50.83 -27.30
N ASP F 43 -37.18 -50.63 -26.11
CA ASP F 43 -36.41 -51.66 -25.41
C ASP F 43 -37.17 -52.07 -24.16
N SER F 44 -37.40 -53.38 -24.02
CA SER F 44 -38.15 -53.91 -22.89
C SER F 44 -37.29 -54.16 -21.67
N GLY F 45 -35.96 -54.06 -21.79
CA GLY F 45 -35.10 -54.30 -20.65
C GLY F 45 -35.19 -53.21 -19.61
N ASN F 46 -34.74 -53.54 -18.40
CA ASN F 46 -34.70 -52.60 -17.28
C ASN F 46 -33.31 -51.99 -17.09
N SER F 47 -32.51 -51.97 -18.14
CA SER F 47 -31.17 -51.41 -18.12
C SER F 47 -30.99 -50.44 -19.28
N PHE F 48 -31.96 -49.55 -19.45
CA PHE F 48 -31.94 -48.61 -20.57
C PHE F 48 -30.84 -47.58 -20.42
N THR F 49 -30.74 -46.96 -19.24
CA THR F 49 -29.78 -45.89 -19.01
C THR F 49 -28.45 -46.42 -18.47
N ILE F 50 -27.91 -47.45 -19.14
CA ILE F 50 -26.59 -47.98 -18.81
C ILE F 50 -25.75 -48.01 -20.09
N TYR F 51 -26.31 -48.61 -21.13
CA TYR F 51 -25.63 -48.76 -22.41
C TYR F 51 -26.10 -47.69 -23.39
N TRP F 52 -25.63 -47.79 -24.63
CA TRP F 52 -26.00 -46.83 -25.67
C TRP F 52 -27.07 -47.42 -26.58
N ILE F 53 -27.84 -46.52 -27.20
CA ILE F 53 -28.77 -46.92 -28.25
C ILE F 53 -28.34 -46.18 -29.52
N GLY F 54 -28.83 -46.64 -30.66
CA GLY F 54 -28.42 -45.99 -31.89
C GLY F 54 -29.16 -46.56 -33.08
N TRP F 55 -28.78 -46.05 -34.26
CA TRP F 55 -29.44 -46.41 -35.50
C TRP F 55 -28.42 -46.80 -36.55
N VAL F 56 -28.82 -47.69 -37.46
CA VAL F 56 -27.98 -48.07 -38.59
C VAL F 56 -28.88 -48.36 -39.78
N ARG F 57 -28.38 -48.07 -40.98
CA ARG F 57 -29.09 -48.30 -42.21
C ARG F 57 -28.35 -49.31 -43.07
N GLN F 58 -29.10 -50.02 -43.92
CA GLN F 58 -28.51 -50.88 -44.93
C GLN F 58 -29.25 -50.67 -46.24
N MET F 59 -28.53 -50.19 -47.25
CA MET F 59 -29.07 -50.03 -48.60
C MET F 59 -29.10 -51.39 -49.31
N PRO F 60 -30.17 -51.70 -50.02
CA PRO F 60 -30.27 -53.01 -50.68
C PRO F 60 -29.12 -53.24 -51.65
N GLY F 61 -28.47 -54.39 -51.51
CA GLY F 61 -27.39 -54.80 -52.37
C GLY F 61 -26.01 -54.41 -51.89
N LYS F 62 -25.89 -53.56 -50.89
CA LYS F 62 -24.60 -53.11 -50.39
C LYS F 62 -24.56 -53.22 -48.87
N GLY F 63 -23.38 -52.99 -48.31
CA GLY F 63 -23.19 -53.11 -46.88
C GLY F 63 -23.78 -51.96 -46.09
N LEU F 64 -23.83 -52.15 -44.77
CA LEU F 64 -24.44 -51.18 -43.88
C LEU F 64 -23.46 -50.05 -43.55
N GLU F 65 -24.00 -49.00 -42.95
CA GLU F 65 -23.20 -47.84 -42.54
C GLU F 65 -23.81 -47.23 -41.30
N TRP F 66 -22.96 -46.77 -40.39
CA TRP F 66 -23.41 -46.21 -39.12
C TRP F 66 -24.10 -44.86 -39.35
N MET F 67 -25.11 -44.59 -38.50
CA MET F 67 -25.85 -43.33 -38.57
C MET F 67 -25.66 -42.47 -37.33
N GLY F 68 -25.99 -42.99 -36.15
CA GLY F 68 -25.92 -42.15 -34.96
C GLY F 68 -26.18 -42.94 -33.70
N MET F 69 -25.86 -42.32 -32.57
CA MET F 69 -25.94 -42.94 -31.27
C MET F 69 -26.45 -41.94 -30.23
N ILE F 70 -27.10 -42.47 -29.21
CA ILE F 70 -27.63 -41.68 -28.10
C ILE F 70 -27.35 -42.43 -26.79
N TYR F 71 -26.82 -41.70 -25.82
CA TYR F 71 -26.74 -42.15 -24.44
C TYR F 71 -27.82 -41.43 -23.65
N PRO F 72 -28.89 -42.11 -23.22
CA PRO F 72 -29.96 -41.42 -22.49
C PRO F 72 -29.59 -41.03 -21.07
N GLY F 73 -28.46 -41.49 -20.55
CA GLY F 73 -28.08 -41.12 -19.19
C GLY F 73 -27.88 -39.63 -19.03
N ASP F 74 -27.28 -38.98 -20.03
CA ASP F 74 -27.10 -37.54 -20.02
C ASP F 74 -27.41 -36.93 -21.38
N SER F 75 -28.27 -37.58 -22.16
CA SER F 75 -28.73 -37.09 -23.46
C SER F 75 -27.58 -36.84 -24.42
N GLY F 76 -26.56 -37.68 -24.39
CA GLY F 76 -25.45 -37.52 -25.32
C GLY F 76 -25.82 -38.02 -26.71
N THR F 77 -25.47 -37.22 -27.72
CA THR F 77 -25.81 -37.54 -29.10
C THR F 77 -24.55 -37.49 -29.96
N ARG F 78 -24.27 -38.58 -30.68
CA ARG F 78 -23.14 -38.65 -31.58
C ARG F 78 -23.63 -38.97 -32.98
N TYR F 79 -23.05 -38.30 -33.98
CA TYR F 79 -23.46 -38.45 -35.37
C TYR F 79 -22.25 -38.81 -36.22
N SER F 80 -22.54 -39.25 -37.45
CA SER F 80 -21.54 -39.54 -38.46
C SER F 80 -21.45 -38.41 -39.47
N PRO F 81 -20.24 -38.10 -39.96
CA PRO F 81 -20.10 -36.95 -40.87
C PRO F 81 -20.94 -37.07 -42.14
N SER F 82 -21.09 -38.28 -42.67
CA SER F 82 -21.88 -38.46 -43.89
C SER F 82 -23.38 -38.32 -43.65
N PHE F 83 -23.82 -38.34 -42.39
CA PHE F 83 -25.23 -38.25 -42.04
C PHE F 83 -25.45 -37.18 -40.98
N GLU F 84 -24.88 -36.00 -41.20
CA GLU F 84 -25.06 -34.87 -40.31
C GLU F 84 -26.08 -33.90 -40.91
N GLY F 85 -27.12 -33.60 -40.13
CA GLY F 85 -28.16 -32.71 -40.60
C GLY F 85 -29.22 -33.41 -41.44
N GLN F 86 -28.84 -34.52 -42.08
CA GLN F 86 -29.77 -35.24 -42.93
C GLN F 86 -30.93 -35.81 -42.12
N VAL F 87 -30.64 -36.40 -40.96
CA VAL F 87 -31.64 -37.02 -40.11
C VAL F 87 -31.45 -36.55 -38.68
N THR F 88 -32.49 -36.72 -37.88
CA THR F 88 -32.46 -36.38 -36.47
C THR F 88 -32.93 -37.57 -35.65
N ILE F 89 -32.23 -37.84 -34.55
CA ILE F 89 -32.55 -38.94 -33.65
C ILE F 89 -32.62 -38.41 -32.23
N SER F 90 -33.62 -38.87 -31.49
CA SER F 90 -33.83 -38.49 -30.10
C SER F 90 -34.21 -39.73 -29.31
N ALA F 91 -34.28 -39.58 -27.99
CA ALA F 91 -34.67 -40.71 -27.13
C ALA F 91 -35.30 -40.18 -25.86
N ASP F 92 -36.08 -41.04 -25.20
CA ASP F 92 -36.73 -40.69 -23.95
C ASP F 92 -36.44 -41.76 -22.90
N GLU F 93 -36.18 -41.31 -21.68
CA GLU F 93 -35.83 -42.19 -20.58
C GLU F 93 -37.02 -42.66 -19.76
N SER F 94 -38.23 -42.21 -20.09
CA SER F 94 -39.43 -42.63 -19.38
C SER F 94 -40.18 -43.74 -20.11
N ILE F 95 -40.54 -43.50 -21.37
CA ILE F 95 -41.16 -44.54 -22.19
C ILE F 95 -40.12 -45.57 -22.62
N ASN F 96 -38.82 -45.22 -22.51
CA ASN F 96 -37.70 -46.09 -22.90
C ASN F 96 -37.77 -46.42 -24.39
N THR F 97 -37.71 -45.36 -25.20
CA THR F 97 -37.88 -45.49 -26.64
C THR F 97 -37.02 -44.45 -27.35
N ALA F 98 -36.46 -44.86 -28.49
CA ALA F 98 -35.68 -43.97 -29.34
C ALA F 98 -36.46 -43.67 -30.62
N TYR F 99 -36.58 -42.39 -30.95
CA TYR F 99 -37.28 -41.92 -32.14
C TYR F 99 -36.26 -41.47 -33.16
N LEU F 100 -36.55 -41.73 -34.44
CA LEU F 100 -35.78 -41.19 -35.54
C LEU F 100 -36.76 -40.52 -36.50
N GLN F 101 -36.53 -39.25 -36.80
CA GLN F 101 -37.44 -38.47 -37.63
C GLN F 101 -36.71 -37.89 -38.83
N TRP F 102 -37.38 -37.94 -39.98
CA TRP F 102 -36.84 -37.41 -41.22
C TRP F 102 -37.44 -36.04 -41.53
N ARG F 103 -36.66 -35.19 -42.19
CA ARG F 103 -37.12 -33.86 -42.58
C ARG F 103 -37.77 -33.88 -43.96
N SER F 104 -37.01 -34.30 -44.97
CA SER F 104 -37.49 -34.34 -46.36
C SER F 104 -37.00 -35.64 -46.98
N LEU F 105 -37.92 -36.57 -47.20
CA LEU F 105 -37.57 -37.85 -47.79
C LEU F 105 -37.12 -37.68 -49.24
N LYS F 106 -36.12 -38.44 -49.63
CA LYS F 106 -35.60 -38.43 -50.99
C LYS F 106 -35.86 -39.78 -51.64
N ALA F 107 -35.75 -39.82 -52.98
CA ALA F 107 -36.06 -41.03 -53.71
C ALA F 107 -35.04 -42.13 -53.45
N SER F 108 -33.81 -41.77 -53.06
CA SER F 108 -32.71 -42.72 -52.93
C SER F 108 -32.41 -43.06 -51.48
N ASP F 109 -33.29 -42.75 -50.54
CA ASP F 109 -33.08 -43.08 -49.14
C ASP F 109 -33.83 -44.33 -48.71
N THR F 110 -34.44 -45.06 -49.65
CA THR F 110 -35.13 -46.29 -49.31
C THR F 110 -34.10 -47.35 -48.91
N ALA F 111 -34.25 -47.87 -47.70
CA ALA F 111 -33.27 -48.80 -47.13
C ALA F 111 -33.96 -49.56 -46.00
N MET F 112 -33.21 -50.43 -45.34
CA MET F 112 -33.70 -51.23 -44.23
C MET F 112 -33.01 -50.72 -42.96
N TYR F 113 -33.81 -50.39 -41.94
CA TYR F 113 -33.30 -49.62 -40.80
C TYR F 113 -33.34 -50.46 -39.54
N TYR F 114 -32.22 -50.50 -38.82
CA TYR F 114 -32.07 -51.30 -37.61
C TYR F 114 -31.79 -50.39 -36.42
N CYS F 115 -32.61 -50.50 -35.38
CA CYS F 115 -32.29 -49.92 -34.09
C CYS F 115 -31.34 -50.86 -33.36
N VAL F 116 -30.24 -50.31 -32.86
CA VAL F 116 -29.11 -51.10 -32.41
C VAL F 116 -28.71 -50.69 -30.99
N ARG F 117 -28.37 -51.69 -30.18
CA ARG F 117 -27.80 -51.47 -28.86
C ARG F 117 -26.28 -51.46 -28.96
N GLY F 118 -25.64 -50.55 -28.22
CA GLY F 118 -24.22 -50.33 -28.34
C GLY F 118 -23.52 -50.35 -27.00
N ILE F 119 -22.33 -50.94 -26.99
CA ILE F 119 -21.48 -51.03 -25.80
C ILE F 119 -20.31 -50.06 -25.97
N ALA F 120 -19.69 -49.72 -24.85
CA ALA F 120 -18.66 -48.69 -24.81
C ALA F 120 -17.26 -49.29 -24.83
N VAL F 121 -16.27 -48.42 -24.98
CA VAL F 121 -14.84 -48.75 -24.90
C VAL F 121 -14.45 -49.75 -25.98
N ASP F 122 -14.93 -50.99 -25.85
CA ASP F 122 -14.58 -52.02 -26.83
C ASP F 122 -15.13 -51.70 -28.21
N TRP F 123 -16.22 -50.95 -28.27
CA TRP F 123 -16.83 -50.48 -29.52
C TRP F 123 -17.20 -51.65 -30.43
N TYR F 124 -18.18 -52.43 -29.95
CA TYR F 124 -18.83 -53.46 -30.74
C TYR F 124 -20.32 -53.43 -30.44
N PHE F 125 -21.11 -53.92 -31.40
CA PHE F 125 -22.53 -54.10 -31.16
C PHE F 125 -22.79 -55.45 -30.50
N ASP F 126 -23.93 -55.55 -29.80
CA ASP F 126 -24.26 -56.76 -29.07
C ASP F 126 -25.48 -57.48 -29.63
N LEU F 127 -26.64 -56.82 -29.71
CA LEU F 127 -27.83 -57.46 -30.26
C LEU F 127 -28.74 -56.41 -30.86
N TRP F 128 -29.57 -56.85 -31.80
CA TRP F 128 -30.40 -55.96 -32.61
C TRP F 128 -31.81 -56.51 -32.72
N GLY F 129 -32.73 -55.62 -33.08
CA GLY F 129 -34.10 -56.00 -33.37
C GLY F 129 -34.26 -56.46 -34.80
N ARG F 130 -35.52 -56.73 -35.16
CA ARG F 130 -35.81 -57.22 -36.51
C ARG F 130 -35.72 -56.14 -37.57
N GLY F 131 -35.80 -54.87 -37.19
CA GLY F 131 -35.69 -53.78 -38.13
C GLY F 131 -37.03 -53.35 -38.71
N THR F 132 -36.98 -52.24 -39.45
CA THR F 132 -38.16 -51.65 -40.06
C THR F 132 -37.86 -51.26 -41.50
N LEU F 133 -38.90 -51.27 -42.32
CA LEU F 133 -38.80 -51.02 -43.76
C LEU F 133 -39.61 -49.79 -44.12
N VAL F 134 -38.97 -48.87 -44.83
CA VAL F 134 -39.58 -47.60 -45.25
C VAL F 134 -39.42 -47.46 -46.75
N THR F 135 -40.52 -47.17 -47.45
CA THR F 135 -40.52 -47.01 -48.89
C THR F 135 -41.12 -45.65 -49.24
N VAL F 136 -40.45 -44.92 -50.12
CA VAL F 136 -40.89 -43.62 -50.58
C VAL F 136 -40.92 -43.62 -52.10
N SER F 137 -42.03 -43.18 -52.68
CA SER F 137 -42.18 -43.15 -54.13
C SER F 137 -42.95 -41.91 -54.53
N SER F 138 -42.72 -41.47 -55.76
CA SER F 138 -43.40 -40.30 -56.30
C SER F 138 -44.16 -40.65 -57.58
N SER G 21 -13.27 -43.74 -45.20
CA SER G 21 -12.27 -44.60 -44.57
C SER G 21 -12.80 -46.02 -44.40
N VAL G 22 -13.47 -46.53 -45.43
CA VAL G 22 -14.05 -47.88 -45.37
C VAL G 22 -12.93 -48.91 -45.41
N LEU G 23 -13.17 -50.04 -44.75
CA LEU G 23 -12.19 -51.12 -44.70
C LEU G 23 -12.24 -51.95 -45.98
N THR G 24 -11.07 -52.36 -46.46
CA THR G 24 -10.97 -53.20 -47.63
C THR G 24 -11.35 -54.64 -47.29
N GLN G 25 -11.95 -55.33 -48.26
CA GLN G 25 -12.39 -56.70 -48.08
C GLN G 25 -12.57 -57.37 -49.43
N PRO G 26 -12.05 -58.58 -49.62
CA PRO G 26 -12.23 -59.25 -50.90
C PRO G 26 -13.69 -59.54 -51.16
N PRO G 27 -14.11 -59.55 -52.44
CA PRO G 27 -15.54 -59.67 -52.74
C PRO G 27 -16.18 -60.95 -52.24
N SER G 28 -15.63 -62.10 -52.61
CA SER G 28 -16.21 -63.37 -52.19
C SER G 28 -15.15 -64.46 -52.29
N VAL G 29 -15.43 -65.58 -51.62
CA VAL G 29 -14.57 -66.76 -51.66
C VAL G 29 -15.45 -67.98 -51.84
N SER G 30 -14.84 -69.06 -52.31
CA SER G 30 -15.52 -70.34 -52.49
C SER G 30 -14.83 -71.40 -51.66
N GLY G 31 -15.55 -72.49 -51.41
CA GLY G 31 -14.98 -73.58 -50.64
C GLY G 31 -15.78 -74.85 -50.84
N ALA G 32 -15.25 -75.94 -50.29
CA ALA G 32 -15.91 -77.23 -50.33
C ALA G 32 -16.27 -77.68 -48.92
N PRO G 33 -17.37 -78.41 -48.76
CA PRO G 33 -17.70 -78.93 -47.43
C PRO G 33 -16.67 -79.94 -46.95
N GLY G 34 -16.27 -79.80 -45.69
CA GLY G 34 -15.40 -80.76 -45.04
C GLY G 34 -14.01 -80.27 -44.69
N GLN G 35 -13.61 -79.06 -45.12
CA GLN G 35 -12.26 -78.56 -44.93
C GLN G 35 -12.32 -77.07 -44.60
N ARG G 36 -11.21 -76.54 -44.09
CA ARG G 36 -11.15 -75.18 -43.59
C ARG G 36 -11.22 -74.13 -44.69
N VAL G 37 -11.96 -73.05 -44.43
CA VAL G 37 -11.99 -71.87 -45.29
C VAL G 37 -11.46 -70.70 -44.46
N THR G 38 -10.90 -69.71 -45.16
CA THR G 38 -10.28 -68.56 -44.50
C THR G 38 -10.69 -67.28 -45.21
N ILE G 39 -10.94 -66.22 -44.43
CA ILE G 39 -11.23 -64.90 -44.97
C ILE G 39 -10.37 -63.88 -44.25
N SER G 40 -10.17 -62.74 -44.91
CA SER G 40 -9.28 -61.69 -44.43
C SER G 40 -9.95 -60.32 -44.54
N CYS G 41 -9.50 -59.42 -43.67
CA CYS G 41 -9.97 -58.03 -43.65
C CYS G 41 -8.75 -57.16 -43.40
N THR G 42 -8.43 -56.29 -44.36
CA THR G 42 -7.23 -55.48 -44.33
C THR G 42 -7.59 -54.00 -44.28
N GLY G 43 -6.77 -53.22 -43.57
CA GLY G 43 -7.01 -51.79 -43.44
C GLY G 43 -5.74 -50.97 -43.49
N SER G 44 -5.69 -49.90 -42.70
CA SER G 44 -4.53 -49.01 -42.69
C SER G 44 -4.06 -48.76 -41.26
N SER G 45 -3.08 -47.87 -41.09
CA SER G 45 -2.57 -47.58 -39.76
C SER G 45 -3.54 -46.74 -38.94
N SER G 46 -4.38 -45.95 -39.61
CA SER G 46 -5.32 -45.09 -38.89
C SER G 46 -6.49 -45.86 -38.32
N ASN G 47 -6.98 -46.88 -39.03
CA ASN G 47 -8.16 -47.61 -38.60
C ASN G 47 -7.81 -48.79 -37.69
N ILE G 48 -7.04 -49.75 -38.19
CA ILE G 48 -6.70 -50.93 -37.40
C ILE G 48 -5.46 -50.74 -36.55
N GLY G 49 -4.64 -49.73 -36.84
CA GLY G 49 -3.43 -49.51 -36.09
C GLY G 49 -3.70 -48.96 -34.70
N ALA G 50 -2.60 -48.72 -33.98
CA ALA G 50 -2.65 -48.21 -32.61
C ALA G 50 -3.42 -49.13 -31.67
N GLY G 51 -3.43 -50.42 -31.97
CA GLY G 51 -4.08 -51.40 -31.11
C GLY G 51 -5.59 -51.27 -31.03
N PHE G 52 -6.27 -51.51 -32.14
CA PHE G 52 -7.72 -51.46 -32.20
C PHE G 52 -8.26 -52.82 -32.64
N ASP G 53 -9.19 -53.37 -31.86
CA ASP G 53 -9.72 -54.69 -32.13
C ASP G 53 -10.67 -54.68 -33.32
N VAL G 54 -10.89 -55.87 -33.89
CA VAL G 54 -11.81 -56.05 -35.01
C VAL G 54 -12.84 -57.09 -34.61
N HIS G 55 -14.11 -56.79 -34.87
CA HIS G 55 -15.21 -57.69 -34.58
C HIS G 55 -15.84 -58.17 -35.89
N TRP G 56 -16.60 -59.25 -35.79
CA TRP G 56 -17.21 -59.85 -36.98
C TRP G 56 -18.71 -60.05 -36.78
N TYR G 57 -19.43 -59.98 -37.89
CA TYR G 57 -20.89 -60.06 -37.89
C TYR G 57 -21.36 -60.91 -39.07
N GLN G 58 -22.57 -61.45 -38.96
CA GLN G 58 -23.18 -62.29 -39.98
C GLN G 58 -24.30 -61.53 -40.70
N GLN G 59 -24.77 -62.12 -41.79
CA GLN G 59 -25.95 -61.63 -42.50
C GLN G 59 -26.64 -62.84 -43.15
N LEU G 60 -27.62 -63.39 -42.43
CA LEU G 60 -28.42 -64.45 -43.02
C LEU G 60 -29.37 -63.86 -44.07
N PRO G 61 -29.54 -64.53 -45.21
CA PRO G 61 -30.41 -63.99 -46.26
C PRO G 61 -31.84 -63.80 -45.76
N GLY G 62 -32.26 -62.53 -45.70
CA GLY G 62 -33.59 -62.19 -45.25
C GLY G 62 -33.87 -62.52 -43.80
N THR G 63 -32.89 -62.30 -42.92
CA THR G 63 -33.04 -62.59 -41.50
C THR G 63 -32.25 -61.58 -40.70
N ALA G 64 -32.70 -61.30 -39.49
CA ALA G 64 -31.99 -60.39 -38.60
C ALA G 64 -30.59 -60.93 -38.33
N PRO G 65 -29.55 -60.11 -38.43
CA PRO G 65 -28.18 -60.64 -38.38
C PRO G 65 -27.74 -61.00 -36.95
N LYS G 66 -26.53 -61.52 -36.82
CA LYS G 66 -26.05 -62.02 -35.53
C LYS G 66 -24.53 -61.86 -35.48
N LEU G 67 -24.01 -61.82 -34.25
CA LEU G 67 -22.59 -61.62 -34.01
C LEU G 67 -21.82 -62.92 -34.14
N LEU G 68 -20.54 -62.82 -34.52
CA LEU G 68 -19.64 -63.96 -34.59
C LEU G 68 -18.56 -63.91 -33.52
N ILE G 69 -17.77 -62.84 -33.48
CA ILE G 69 -16.66 -62.74 -32.55
C ILE G 69 -16.47 -61.26 -32.20
N TYR G 70 -16.26 -61.01 -30.91
CA TYR G 70 -16.01 -59.68 -30.38
C TYR G 70 -14.71 -59.69 -29.60
N GLY G 71 -13.91 -58.64 -29.76
CA GLY G 71 -12.62 -58.57 -29.12
C GLY G 71 -11.53 -59.36 -29.78
N ASN G 72 -11.83 -60.06 -30.87
CA ASN G 72 -10.90 -60.83 -31.69
C ASN G 72 -10.34 -62.06 -30.98
N ASN G 73 -10.68 -62.28 -29.71
CA ASN G 73 -10.18 -63.47 -29.02
C ASN G 73 -11.30 -64.17 -28.27
N ASN G 74 -12.31 -63.44 -27.84
CA ASN G 74 -13.41 -64.01 -27.08
C ASN G 74 -14.44 -64.61 -28.04
N ARG G 75 -15.51 -65.18 -27.46
CA ARG G 75 -16.55 -65.81 -28.25
C ARG G 75 -17.84 -65.84 -27.44
N PRO G 76 -18.98 -65.54 -28.04
CA PRO G 76 -20.24 -65.52 -27.30
C PRO G 76 -20.84 -66.91 -27.21
N SER G 77 -22.06 -66.96 -26.66
CA SER G 77 -22.82 -68.20 -26.56
C SER G 77 -23.73 -68.37 -27.77
N GLY G 78 -24.04 -69.62 -28.08
CA GLY G 78 -24.89 -69.93 -29.22
C GLY G 78 -24.19 -70.03 -30.56
N VAL G 79 -22.86 -69.98 -30.58
CA VAL G 79 -22.10 -70.05 -31.82
C VAL G 79 -21.27 -71.34 -31.82
N PRO G 80 -21.22 -72.08 -32.92
CA PRO G 80 -20.40 -73.30 -32.95
C PRO G 80 -18.93 -73.00 -32.80
N ASP G 81 -18.20 -73.97 -32.23
CA ASP G 81 -16.78 -73.82 -31.94
C ASP G 81 -15.91 -73.82 -33.18
N ARG G 82 -16.47 -74.16 -34.35
CA ARG G 82 -15.67 -74.28 -35.57
C ARG G 82 -15.14 -72.94 -36.08
N PHE G 83 -15.39 -71.84 -35.38
CA PHE G 83 -14.95 -70.52 -35.81
C PHE G 83 -13.73 -70.09 -35.01
N SER G 84 -12.78 -69.44 -35.68
CA SER G 84 -11.63 -68.87 -35.00
C SER G 84 -11.13 -67.68 -35.80
N GLY G 85 -10.26 -66.88 -35.19
CA GLY G 85 -9.71 -65.74 -35.88
C GLY G 85 -8.59 -65.11 -35.09
N SER G 86 -7.79 -64.32 -35.80
CA SER G 86 -6.68 -63.60 -35.19
C SER G 86 -6.22 -62.51 -36.15
N LYS G 87 -5.48 -61.54 -35.60
CA LYS G 87 -5.02 -60.40 -36.37
C LYS G 87 -3.49 -60.39 -36.41
N SER G 88 -2.95 -59.92 -37.53
CA SER G 88 -1.51 -59.76 -37.74
C SER G 88 -1.29 -58.29 -38.09
N ALA G 89 -1.03 -57.49 -37.07
CA ALA G 89 -0.69 -56.08 -37.24
C ALA G 89 -1.71 -55.34 -38.08
N THR G 90 -1.39 -55.15 -39.37
CA THR G 90 -2.26 -54.37 -40.25
C THR G 90 -3.49 -55.15 -40.71
N SER G 91 -3.40 -56.47 -40.83
CA SER G 91 -4.50 -57.26 -41.34
C SER G 91 -5.13 -58.09 -40.21
N ALA G 92 -6.28 -58.68 -40.53
CA ALA G 92 -6.92 -59.63 -39.64
C ALA G 92 -7.53 -60.73 -40.48
N SER G 93 -7.76 -61.89 -39.87
CA SER G 93 -8.27 -63.04 -40.61
C SER G 93 -9.08 -63.92 -39.68
N LEU G 94 -9.97 -64.71 -40.29
CA LEU G 94 -10.72 -65.71 -39.56
C LEU G 94 -10.76 -67.00 -40.37
N ALA G 95 -10.90 -68.11 -39.66
CA ALA G 95 -10.91 -69.44 -40.23
C ALA G 95 -12.12 -70.21 -39.72
N ILE G 96 -12.74 -70.97 -40.63
CA ILE G 96 -13.82 -71.89 -40.31
C ILE G 96 -13.34 -73.30 -40.62
N THR G 97 -13.38 -74.17 -39.61
CA THR G 97 -12.93 -75.54 -39.74
C THR G 97 -14.15 -76.44 -39.91
N GLY G 98 -14.37 -76.92 -41.13
CA GLY G 98 -15.50 -77.78 -41.39
C GLY G 98 -16.79 -77.04 -41.73
N LEU G 99 -16.75 -76.23 -42.78
CA LEU G 99 -17.93 -75.50 -43.21
C LEU G 99 -19.04 -76.45 -43.63
N GLN G 100 -20.27 -76.06 -43.34
CA GLN G 100 -21.45 -76.86 -43.64
C GLN G 100 -22.34 -76.11 -44.63
N ALA G 101 -23.52 -76.67 -44.90
CA ALA G 101 -24.43 -76.08 -45.88
C ALA G 101 -25.16 -74.84 -45.37
N GLU G 102 -25.23 -74.65 -44.05
CA GLU G 102 -25.93 -73.50 -43.48
C GLU G 102 -25.05 -72.25 -43.41
N ASP G 103 -23.80 -72.33 -43.85
CA ASP G 103 -22.90 -71.18 -43.79
C ASP G 103 -23.17 -70.18 -44.91
N GLU G 104 -24.21 -70.38 -45.71
CA GLU G 104 -24.53 -69.45 -46.79
C GLU G 104 -25.07 -68.15 -46.16
N ALA G 105 -24.19 -67.16 -46.03
CA ALA G 105 -24.54 -65.88 -45.43
C ALA G 105 -23.47 -64.87 -45.82
N ASP G 106 -23.65 -63.63 -45.37
CA ASP G 106 -22.70 -62.56 -45.62
C ASP G 106 -21.98 -62.20 -44.33
N TYR G 107 -20.68 -61.93 -44.43
CA TYR G 107 -19.83 -61.69 -43.28
C TYR G 107 -19.27 -60.28 -43.33
N TYR G 108 -19.24 -59.62 -42.17
CA TYR G 108 -18.78 -58.25 -42.08
C TYR G 108 -17.68 -58.13 -41.03
N CYS G 109 -16.63 -57.38 -41.34
CA CYS G 109 -15.57 -57.04 -40.40
C CYS G 109 -15.70 -55.56 -40.03
N GLN G 110 -15.71 -55.28 -38.73
CA GLN G 110 -15.92 -53.94 -38.24
C GLN G 110 -14.80 -53.55 -37.27
N SER G 111 -14.32 -52.31 -37.40
CA SER G 111 -13.29 -51.78 -36.52
C SER G 111 -13.66 -50.33 -36.22
N SER G 112 -12.71 -49.60 -35.63
CA SER G 112 -12.89 -48.20 -35.27
C SER G 112 -11.79 -47.37 -35.92
N ASP G 113 -11.77 -46.07 -35.61
CA ASP G 113 -10.82 -45.14 -36.18
C ASP G 113 -10.25 -44.25 -35.08
N SER G 114 -9.18 -43.54 -35.41
CA SER G 114 -8.50 -42.71 -34.42
C SER G 114 -9.42 -41.60 -33.92
N SER G 115 -10.15 -40.94 -34.82
CA SER G 115 -10.99 -39.82 -34.45
C SER G 115 -12.43 -40.28 -34.22
N LEU G 116 -13.24 -39.36 -33.69
CA LEU G 116 -14.65 -39.63 -33.47
C LEU G 116 -15.44 -39.70 -34.75
N SER G 117 -14.84 -39.34 -35.89
CA SER G 117 -15.52 -39.51 -37.17
C SER G 117 -15.77 -40.97 -37.47
N GLY G 118 -14.80 -41.84 -37.17
CA GLY G 118 -14.90 -43.24 -37.54
C GLY G 118 -15.11 -44.18 -36.37
N LEU G 119 -16.03 -43.82 -35.45
CA LEU G 119 -16.30 -44.68 -34.31
C LEU G 119 -16.71 -46.08 -34.74
N TYR G 120 -17.50 -46.18 -35.82
CA TYR G 120 -17.94 -47.46 -36.35
C TYR G 120 -17.83 -47.44 -37.86
N VAL G 121 -16.85 -48.16 -38.40
CA VAL G 121 -16.64 -48.29 -39.84
C VAL G 121 -16.67 -49.78 -40.18
N PHE G 122 -17.42 -50.12 -41.22
CA PHE G 122 -17.57 -51.50 -41.64
C PHE G 122 -16.90 -51.71 -43.00
N GLY G 123 -16.62 -52.97 -43.30
CA GLY G 123 -16.07 -53.35 -44.59
C GLY G 123 -17.15 -53.49 -45.64
N THR G 124 -16.70 -53.82 -46.86
CA THR G 124 -17.65 -54.00 -47.96
C THR G 124 -18.48 -55.26 -47.77
N GLY G 125 -17.86 -56.37 -47.37
CA GLY G 125 -18.57 -57.61 -47.17
C GLY G 125 -18.05 -58.75 -48.02
N THR G 126 -18.09 -59.97 -47.49
CA THR G 126 -17.62 -61.14 -48.21
C THR G 126 -18.65 -62.27 -48.09
N ASN G 127 -18.69 -63.12 -49.11
CA ASN G 127 -19.65 -64.21 -49.18
C ASN G 127 -18.93 -65.51 -49.53
N VAL G 128 -19.46 -66.61 -49.01
CA VAL G 128 -18.87 -67.93 -49.20
C VAL G 128 -19.84 -68.79 -50.01
N ILE G 129 -19.28 -69.75 -50.75
CA ILE G 129 -20.06 -70.69 -51.54
C ILE G 129 -19.57 -72.10 -51.23
N VAL G 130 -20.50 -72.98 -50.88
CA VAL G 130 -20.18 -74.37 -50.57
C VAL G 130 -20.00 -75.15 -51.86
N LEU G 131 -19.44 -76.36 -51.76
CA LEU G 131 -19.18 -77.23 -52.90
C LEU G 131 -18.26 -76.55 -53.92
N GLN H 22 -31.12 -65.74 2.57
CA GLN H 22 -30.40 -66.88 2.05
C GLN H 22 -29.21 -66.44 1.21
N LEU H 23 -28.01 -66.86 1.61
CA LEU H 23 -26.77 -66.55 0.92
C LEU H 23 -26.11 -67.83 0.47
N VAL H 24 -25.75 -67.90 -0.81
CA VAL H 24 -25.19 -69.12 -1.38
C VAL H 24 -23.67 -69.03 -1.36
N GLN H 25 -23.03 -70.19 -1.50
CA GLN H 25 -21.58 -70.29 -1.39
C GLN H 25 -21.10 -71.46 -2.23
N SER H 26 -19.79 -71.72 -2.17
CA SER H 26 -19.19 -72.85 -2.84
C SER H 26 -19.10 -74.04 -1.88
N GLY H 27 -18.51 -75.14 -2.36
CA GLY H 27 -18.42 -76.36 -1.59
C GLY H 27 -17.23 -76.39 -0.67
N ALA H 28 -16.85 -77.61 -0.28
CA ALA H 28 -15.69 -77.84 0.58
C ALA H 28 -14.54 -78.33 -0.27
N GLU H 29 -13.36 -77.72 -0.10
CA GLU H 29 -12.22 -77.99 -0.97
C GLU H 29 -11.01 -78.38 -0.14
N VAL H 30 -10.10 -79.11 -0.79
CA VAL H 30 -8.82 -79.51 -0.20
C VAL H 30 -7.71 -79.04 -1.12
N LYS H 31 -6.71 -78.39 -0.55
CA LYS H 31 -5.59 -77.86 -1.34
C LYS H 31 -4.28 -77.98 -0.58
N LYS H 32 -3.19 -77.93 -1.34
CA LYS H 32 -1.83 -77.98 -0.81
C LYS H 32 -1.44 -76.63 -0.22
N PRO H 33 -0.55 -76.62 0.77
CA PRO H 33 -0.08 -75.34 1.32
C PRO H 33 0.79 -74.58 0.35
N GLY H 34 0.75 -73.26 0.45
CA GLY H 34 1.55 -72.38 -0.38
C GLY H 34 0.85 -71.86 -1.61
N GLU H 35 -0.30 -72.42 -1.98
CA GLU H 35 -1.05 -71.95 -3.13
C GLU H 35 -2.01 -70.84 -2.74
N SER H 36 -2.79 -70.37 -3.70
CA SER H 36 -3.78 -69.32 -3.47
C SER H 36 -5.18 -69.90 -3.63
N LEU H 37 -6.00 -69.72 -2.60
CA LEU H 37 -7.36 -70.22 -2.58
C LEU H 37 -8.32 -69.05 -2.51
N THR H 38 -9.41 -69.14 -3.28
CA THR H 38 -10.44 -68.12 -3.30
C THR H 38 -11.80 -68.75 -3.06
N ILE H 39 -12.51 -68.24 -2.06
CA ILE H 39 -13.90 -68.62 -1.82
C ILE H 39 -14.78 -67.42 -2.15
N SER H 40 -16.03 -67.71 -2.50
CA SER H 40 -16.98 -66.67 -2.87
C SER H 40 -18.31 -66.92 -2.16
N CYS H 41 -18.94 -65.83 -1.73
CA CYS H 41 -20.27 -65.88 -1.14
C CYS H 41 -21.17 -64.91 -1.88
N LYS H 42 -22.32 -65.40 -2.34
CA LYS H 42 -23.25 -64.64 -3.16
C LYS H 42 -24.52 -64.36 -2.39
N ASP H 43 -25.06 -63.17 -2.57
CA ASP H 43 -26.31 -62.77 -1.95
C ASP H 43 -27.37 -62.59 -3.03
N SER H 44 -28.51 -63.27 -2.86
CA SER H 44 -29.58 -63.20 -3.84
C SER H 44 -30.53 -62.03 -3.62
N GLY H 45 -30.40 -61.31 -2.51
CA GLY H 45 -31.28 -60.19 -2.25
C GLY H 45 -31.00 -59.01 -3.15
N ASN H 46 -31.98 -58.11 -3.24
CA ASN H 46 -31.88 -56.90 -4.03
C ASN H 46 -31.51 -55.68 -3.18
N SER H 47 -30.93 -55.93 -2.01
CA SER H 47 -30.51 -54.87 -1.08
C SER H 47 -29.05 -55.07 -0.69
N PHE H 48 -28.21 -55.30 -1.70
CA PHE H 48 -26.80 -55.59 -1.45
C PHE H 48 -26.07 -54.36 -0.93
N THR H 49 -26.24 -53.21 -1.59
CA THR H 49 -25.51 -52.00 -1.22
C THR H 49 -26.30 -51.14 -0.22
N ILE H 50 -26.75 -51.78 0.86
CA ILE H 50 -27.40 -51.05 1.95
C ILE H 50 -26.72 -51.44 3.25
N TYR H 51 -26.63 -52.75 3.49
CA TYR H 51 -25.99 -53.29 4.69
C TYR H 51 -24.56 -53.69 4.38
N TRP H 52 -23.87 -54.13 5.42
CA TRP H 52 -22.50 -54.60 5.25
C TRP H 52 -22.49 -56.11 5.02
N ILE H 53 -21.38 -56.59 4.48
CA ILE H 53 -21.13 -58.02 4.36
C ILE H 53 -19.82 -58.27 5.10
N GLY H 54 -19.52 -59.53 5.38
CA GLY H 54 -18.29 -59.80 6.10
C GLY H 54 -18.02 -61.29 6.19
N TRP H 55 -16.90 -61.60 6.84
CA TRP H 55 -16.42 -62.96 6.97
C TRP H 55 -16.13 -63.28 8.43
N VAL H 56 -16.28 -64.56 8.77
CA VAL H 56 -15.95 -65.02 10.12
C VAL H 56 -15.44 -66.45 10.01
N ARG H 57 -14.52 -66.81 10.90
CA ARG H 57 -13.95 -68.14 10.95
C ARG H 57 -14.24 -68.79 12.29
N GLN H 58 -14.29 -70.13 12.30
CA GLN H 58 -14.40 -70.88 13.54
C GLN H 58 -13.46 -72.06 13.47
N MET H 59 -12.46 -72.08 14.36
CA MET H 59 -11.58 -73.23 14.47
C MET H 59 -12.30 -74.36 15.20
N PRO H 60 -12.13 -75.60 14.76
CA PRO H 60 -12.84 -76.72 15.39
C PRO H 60 -12.49 -76.83 16.88
N GLY H 61 -13.54 -76.93 17.70
CA GLY H 61 -13.38 -77.09 19.13
C GLY H 61 -13.40 -75.81 19.94
N LYS H 62 -13.27 -74.65 19.30
CA LYS H 62 -13.25 -73.37 19.98
C LYS H 62 -14.22 -72.40 19.33
N GLY H 63 -14.39 -71.24 19.96
CA GLY H 63 -15.33 -70.25 19.48
C GLY H 63 -14.82 -69.48 18.28
N LEU H 64 -15.74 -68.75 17.65
CA LEU H 64 -15.46 -68.01 16.43
C LEU H 64 -14.79 -66.68 16.74
N GLU H 65 -14.22 -66.08 15.69
CA GLU H 65 -13.55 -64.79 15.81
C GLU H 65 -13.76 -64.01 14.51
N TRP H 66 -13.93 -62.70 14.65
CA TRP H 66 -14.21 -61.84 13.51
C TRP H 66 -12.99 -61.72 12.61
N MET H 67 -13.22 -61.59 11.30
CA MET H 67 -12.14 -61.50 10.33
C MET H 67 -12.12 -60.17 9.58
N GLY H 68 -13.19 -59.84 8.86
CA GLY H 68 -13.18 -58.65 8.03
C GLY H 68 -14.58 -58.34 7.53
N MET H 69 -14.74 -57.10 7.06
CA MET H 69 -16.08 -56.57 6.81
C MET H 69 -16.01 -55.49 5.74
N ILE H 70 -16.98 -55.54 4.82
CA ILE H 70 -16.95 -54.80 3.57
C ILE H 70 -18.29 -54.09 3.38
N TYR H 71 -18.21 -52.81 3.04
CA TYR H 71 -19.38 -52.06 2.60
C TYR H 71 -19.23 -51.79 1.12
N PRO H 72 -20.03 -52.44 0.25
CA PRO H 72 -19.88 -52.21 -1.19
C PRO H 72 -20.39 -50.86 -1.66
N GLY H 73 -21.09 -50.10 -0.83
CA GLY H 73 -21.58 -48.80 -1.25
C GLY H 73 -20.48 -47.85 -1.64
N ASP H 74 -19.38 -47.85 -0.88
CA ASP H 74 -18.21 -47.03 -1.19
C ASP H 74 -16.92 -47.81 -1.00
N SER H 75 -16.97 -49.14 -1.12
CA SER H 75 -15.80 -50.00 -1.05
C SER H 75 -15.05 -49.83 0.27
N GLY H 76 -15.80 -49.73 1.37
CA GLY H 76 -15.17 -49.61 2.67
C GLY H 76 -14.73 -50.96 3.20
N THR H 77 -13.48 -51.03 3.67
CA THR H 77 -12.89 -52.27 4.14
C THR H 77 -12.41 -52.09 5.58
N ARG H 78 -12.88 -52.97 6.47
CA ARG H 78 -12.46 -52.98 7.87
C ARG H 78 -11.91 -54.36 8.21
N TYR H 79 -10.80 -54.37 8.95
CA TYR H 79 -10.11 -55.60 9.29
C TYR H 79 -9.92 -55.69 10.80
N SER H 80 -9.59 -56.88 11.26
CA SER H 80 -9.26 -57.12 12.66
C SER H 80 -7.75 -57.16 12.85
N PRO H 81 -7.25 -56.65 13.97
CA PRO H 81 -5.79 -56.60 14.16
C PRO H 81 -5.12 -57.97 14.10
N SER H 82 -5.78 -59.01 14.61
CA SER H 82 -5.19 -60.34 14.60
C SER H 82 -5.19 -60.97 13.21
N PHE H 83 -5.91 -60.40 12.25
CA PHE H 83 -6.01 -60.93 10.90
C PHE H 83 -5.75 -59.83 9.88
N GLU H 84 -4.67 -59.08 10.07
CA GLU H 84 -4.28 -58.02 9.15
C GLU H 84 -3.13 -58.51 8.28
N GLY H 85 -3.31 -58.42 6.96
CA GLY H 85 -2.29 -58.81 6.02
C GLY H 85 -2.30 -60.30 5.71
N GLN H 86 -2.74 -61.11 6.66
CA GLN H 86 -2.76 -62.56 6.46
C GLN H 86 -3.72 -62.96 5.35
N VAL H 87 -4.90 -62.33 5.32
CA VAL H 87 -5.93 -62.66 4.33
C VAL H 87 -6.39 -61.37 3.67
N THR H 88 -7.01 -61.52 2.50
CA THR H 88 -7.56 -60.40 1.75
C THR H 88 -9.00 -60.72 1.37
N ILE H 89 -9.88 -59.73 1.52
CA ILE H 89 -11.28 -59.86 1.19
C ILE H 89 -11.70 -58.67 0.33
N SER H 90 -12.56 -58.94 -0.66
CA SER H 90 -13.07 -57.90 -1.56
C SER H 90 -14.50 -58.25 -1.91
N ALA H 91 -15.15 -57.35 -2.66
CA ALA H 91 -16.53 -57.59 -3.07
C ALA H 91 -16.80 -56.83 -4.35
N ASP H 92 -17.86 -57.24 -5.05
CA ASP H 92 -18.27 -56.60 -6.29
C ASP H 92 -19.76 -56.27 -6.23
N GLU H 93 -20.11 -55.09 -6.73
CA GLU H 93 -21.48 -54.60 -6.68
C GLU H 93 -22.31 -54.98 -7.90
N SER H 94 -21.72 -55.64 -8.89
CA SER H 94 -22.46 -56.06 -10.07
C SER H 94 -22.89 -57.52 -9.99
N ILE H 95 -21.94 -58.44 -9.79
CA ILE H 95 -22.27 -59.84 -9.59
C ILE H 95 -22.89 -60.05 -8.21
N ASN H 96 -22.72 -59.09 -7.30
CA ASN H 96 -23.23 -59.15 -5.93
C ASN H 96 -22.62 -60.33 -5.17
N THR H 97 -21.29 -60.31 -5.07
CA THR H 97 -20.55 -61.42 -4.48
C THR H 97 -19.33 -60.89 -3.75
N ALA H 98 -19.01 -61.52 -2.64
CA ALA H 98 -17.81 -61.21 -1.86
C ALA H 98 -16.80 -62.34 -2.01
N TYR H 99 -15.57 -61.98 -2.36
CA TYR H 99 -14.48 -62.92 -2.55
C TYR H 99 -13.52 -62.84 -1.37
N LEU H 100 -13.00 -63.99 -0.96
CA LEU H 100 -11.95 -64.06 0.05
C LEU H 100 -10.81 -64.88 -0.53
N GLN H 101 -9.63 -64.27 -0.63
CA GLN H 101 -8.47 -64.93 -1.21
C GLN H 101 -7.32 -64.98 -0.22
N TRP H 102 -6.60 -66.10 -0.21
CA TRP H 102 -5.49 -66.31 0.69
C TRP H 102 -4.17 -66.07 -0.03
N ARG H 103 -3.13 -65.76 0.76
CA ARG H 103 -1.79 -65.60 0.22
C ARG H 103 -1.04 -66.93 0.20
N SER H 104 -0.87 -67.54 1.36
CA SER H 104 -0.15 -68.82 1.50
C SER H 104 -0.80 -69.60 2.62
N LEU H 105 -1.45 -70.71 2.28
CA LEU H 105 -2.13 -71.52 3.27
C LEU H 105 -1.13 -72.13 4.26
N LYS H 106 -1.54 -72.18 5.52
CA LYS H 106 -0.73 -72.80 6.57
C LYS H 106 -1.43 -74.03 7.09
N ALA H 107 -0.68 -74.87 7.83
CA ALA H 107 -1.23 -76.14 8.30
C ALA H 107 -2.31 -75.94 9.35
N SER H 108 -2.28 -74.80 10.06
CA SER H 108 -3.17 -74.59 11.20
C SER H 108 -4.30 -73.62 10.89
N ASP H 109 -4.57 -73.35 9.62
CA ASP H 109 -5.66 -72.45 9.24
C ASP H 109 -6.92 -73.20 8.81
N THR H 110 -6.95 -74.52 8.99
CA THR H 110 -8.15 -75.28 8.64
C THR H 110 -9.25 -74.98 9.66
N ALA H 111 -10.40 -74.54 9.16
CA ALA H 111 -11.50 -74.09 10.01
C ALA H 111 -12.77 -74.07 9.15
N MET H 112 -13.87 -73.69 9.78
CA MET H 112 -15.15 -73.56 9.09
C MET H 112 -15.41 -72.08 8.87
N TYR H 113 -15.74 -71.69 7.64
CA TYR H 113 -15.78 -70.28 7.27
C TYR H 113 -17.20 -69.87 6.91
N TYR H 114 -17.66 -68.76 7.50
CA TYR H 114 -19.02 -68.27 7.29
C TYR H 114 -19.00 -66.88 6.69
N CYS H 115 -19.68 -66.71 5.56
CA CYS H 115 -19.98 -65.39 5.03
C CYS H 115 -21.25 -64.88 5.71
N VAL H 116 -21.17 -63.66 6.26
CA VAL H 116 -22.21 -63.14 7.14
C VAL H 116 -22.63 -61.77 6.65
N ARG H 117 -23.87 -61.39 6.96
CA ARG H 117 -24.40 -60.07 6.68
C ARG H 117 -24.44 -59.27 7.98
N GLY H 118 -24.01 -58.02 7.93
CA GLY H 118 -23.86 -57.21 9.12
C GLY H 118 -24.64 -55.91 9.05
N ILE H 119 -25.18 -55.52 10.20
CA ILE H 119 -25.94 -54.29 10.34
C ILE H 119 -25.09 -53.28 11.11
N ALA H 120 -25.46 -52.02 10.99
CA ALA H 120 -24.65 -50.92 11.50
C ALA H 120 -25.16 -50.44 12.87
N VAL H 121 -24.37 -49.56 13.48
CA VAL H 121 -24.70 -48.88 14.73
C VAL H 121 -24.90 -49.88 15.87
N ASP H 122 -25.97 -50.67 15.79
CA ASP H 122 -26.24 -51.63 16.85
C ASP H 122 -25.17 -52.70 16.92
N TRP H 123 -24.51 -52.98 15.79
CA TRP H 123 -23.37 -53.90 15.72
C TRP H 123 -23.77 -55.31 16.19
N TYR H 124 -24.65 -55.92 15.40
CA TYR H 124 -25.01 -57.32 15.58
C TYR H 124 -25.16 -57.96 14.21
N PHE H 125 -24.94 -59.27 14.16
CA PHE H 125 -25.24 -60.03 12.95
C PHE H 125 -26.70 -60.44 12.95
N ASP H 126 -27.25 -60.63 11.75
CA ASP H 126 -28.65 -61.00 11.60
C ASP H 126 -28.83 -62.42 11.08
N LEU H 127 -28.27 -62.74 9.91
CA LEU H 127 -28.40 -64.07 9.35
C LEU H 127 -27.22 -64.35 8.44
N TRP H 128 -26.82 -65.61 8.38
CA TRP H 128 -25.64 -66.04 7.63
C TRP H 128 -25.98 -67.24 6.75
N GLY H 129 -25.04 -67.58 5.87
CA GLY H 129 -25.17 -68.76 5.03
C GLY H 129 -24.65 -70.01 5.73
N ARG H 130 -24.67 -71.11 4.97
CA ARG H 130 -24.21 -72.38 5.52
C ARG H 130 -22.70 -72.46 5.64
N GLY H 131 -21.95 -71.65 4.90
CA GLY H 131 -20.52 -71.62 5.02
C GLY H 131 -19.82 -72.67 4.17
N THR H 132 -18.49 -72.67 4.28
CA THR H 132 -17.64 -73.54 3.48
C THR H 132 -16.51 -74.11 4.32
N LEU H 133 -16.04 -75.29 3.91
CA LEU H 133 -15.00 -76.04 4.60
C LEU H 133 -13.78 -76.14 3.71
N VAL H 134 -12.63 -75.77 4.26
CA VAL H 134 -11.36 -75.78 3.53
C VAL H 134 -10.36 -76.62 4.32
N THR H 135 -9.73 -77.58 3.65
CA THR H 135 -8.76 -78.46 4.27
C THR H 135 -7.44 -78.36 3.52
N VAL H 136 -6.35 -78.20 4.25
CA VAL H 136 -5.01 -78.12 3.69
C VAL H 136 -4.12 -79.13 4.41
N SER H 137 -3.40 -79.93 3.62
CA SER H 137 -2.52 -80.95 4.18
C SER H 137 -1.26 -81.03 3.35
N SER H 138 -0.19 -81.53 3.97
CA SER H 138 1.09 -81.67 3.30
C SER H 138 1.59 -83.10 3.39
N SER I 21 -8.90 -58.96 23.96
CA SER I 21 -9.99 -58.41 24.76
C SER I 21 -11.24 -59.29 24.68
N VAL I 22 -11.03 -60.61 24.79
CA VAL I 22 -12.14 -61.55 24.71
C VAL I 22 -12.99 -61.45 25.98
N LEU I 23 -14.28 -61.72 25.82
CA LEU I 23 -15.20 -61.65 26.95
C LEU I 23 -15.14 -62.93 27.77
N THR I 24 -15.22 -62.79 29.09
CA THR I 24 -15.22 -63.93 29.99
C THR I 24 -16.58 -64.62 29.96
N GLN I 25 -16.56 -65.95 30.14
CA GLN I 25 -17.77 -66.75 30.12
C GLN I 25 -17.52 -68.09 30.81
N PRO I 26 -18.40 -68.51 31.70
CA PRO I 26 -18.20 -69.80 32.37
C PRO I 26 -18.25 -70.92 31.37
N PRO I 27 -17.52 -72.02 31.62
CA PRO I 27 -17.41 -73.09 30.62
C PRO I 27 -18.74 -73.74 30.27
N SER I 28 -19.46 -74.25 31.28
CA SER I 28 -20.71 -74.92 31.02
C SER I 28 -21.57 -74.92 32.28
N VAL I 29 -22.85 -75.20 32.09
CA VAL I 29 -23.80 -75.31 33.19
C VAL I 29 -24.67 -76.54 32.94
N SER I 30 -25.25 -77.06 34.01
CA SER I 30 -26.16 -78.19 33.94
C SER I 30 -27.55 -77.76 34.38
N GLY I 31 -28.54 -78.57 34.01
CA GLY I 31 -29.91 -78.25 34.37
C GLY I 31 -30.80 -79.47 34.25
N ALA I 32 -32.07 -79.26 34.60
CA ALA I 32 -33.09 -80.29 34.54
C ALA I 32 -34.29 -79.78 33.75
N PRO I 33 -35.01 -80.65 33.05
CA PRO I 33 -36.18 -80.21 32.30
C PRO I 33 -37.27 -79.68 33.21
N GLY I 34 -37.95 -78.64 32.75
CA GLY I 34 -39.08 -78.08 33.48
C GLY I 34 -38.74 -77.00 34.48
N GLN I 35 -37.48 -76.62 34.64
CA GLN I 35 -37.09 -75.61 35.60
C GLN I 35 -36.23 -74.55 34.93
N ARG I 36 -36.22 -73.36 35.53
CA ARG I 36 -35.49 -72.24 34.99
C ARG I 36 -33.99 -72.45 35.08
N VAL I 37 -33.27 -72.03 34.03
CA VAL I 37 -31.82 -72.06 34.00
C VAL I 37 -31.33 -70.66 33.65
N THR I 38 -30.10 -70.35 34.06
CA THR I 38 -29.56 -69.01 33.90
C THR I 38 -28.10 -69.08 33.50
N ILE I 39 -27.69 -68.20 32.60
CA ILE I 39 -26.29 -68.07 32.22
C ILE I 39 -25.90 -66.60 32.26
N SER I 40 -24.59 -66.36 32.36
CA SER I 40 -24.04 -65.02 32.52
C SER I 40 -22.85 -64.81 31.61
N CYS I 41 -22.62 -63.53 31.27
CA CYS I 41 -21.51 -63.10 30.45
C CYS I 41 -20.96 -61.82 31.07
N THR I 42 -19.70 -61.85 31.50
CA THR I 42 -19.09 -60.76 32.23
C THR I 42 -17.91 -60.19 31.44
N GLY I 43 -17.72 -58.88 31.53
CA GLY I 43 -16.63 -58.22 30.83
C GLY I 43 -15.96 -57.13 31.66
N SER I 44 -15.54 -56.05 30.99
CA SER I 44 -14.86 -54.96 31.66
C SER I 44 -15.49 -53.62 31.30
N SER I 45 -14.89 -52.52 31.75
CA SER I 45 -15.43 -51.20 31.45
C SER I 45 -15.20 -50.80 30.00
N SER I 46 -14.16 -51.33 29.36
CA SER I 46 -13.84 -50.96 27.99
C SER I 46 -14.77 -51.63 26.98
N ASN I 47 -15.18 -52.87 27.25
CA ASN I 47 -16.01 -53.62 26.30
C ASN I 47 -17.49 -53.39 26.52
N ILE I 48 -18.01 -53.75 27.70
CA ILE I 48 -19.43 -53.62 27.96
C ILE I 48 -19.80 -52.26 28.56
N GLY I 49 -18.82 -51.50 29.04
CA GLY I 49 -19.11 -50.22 29.63
C GLY I 49 -19.47 -49.18 28.59
N ALA I 50 -19.71 -47.96 29.07
CA ALA I 50 -20.09 -46.82 28.24
C ALA I 50 -21.39 -47.09 27.46
N GLY I 51 -22.24 -47.96 27.99
CA GLY I 51 -23.53 -48.23 27.38
C GLY I 51 -23.46 -48.94 26.04
N PHE I 52 -22.98 -50.18 26.04
CA PHE I 52 -22.90 -50.99 24.84
C PHE I 52 -23.72 -52.26 25.03
N ASP I 53 -24.60 -52.55 24.08
CA ASP I 53 -25.51 -53.68 24.19
C ASP I 53 -24.77 -55.00 23.96
N VAL I 54 -25.40 -56.09 24.41
CA VAL I 54 -24.88 -57.44 24.25
C VAL I 54 -25.93 -58.27 23.53
N HIS I 55 -25.51 -58.99 22.50
CA HIS I 55 -26.38 -59.87 21.74
C HIS I 55 -26.00 -61.33 21.99
N TRP I 56 -26.91 -62.23 21.66
CA TRP I 56 -26.71 -63.65 21.92
C TRP I 56 -26.94 -64.47 20.65
N TYR I 57 -26.20 -65.58 20.55
CA TYR I 57 -26.23 -66.42 19.36
C TYR I 57 -26.21 -67.90 19.78
N GLN I 58 -26.71 -68.75 18.87
CA GLN I 58 -26.79 -70.18 19.10
C GLN I 58 -25.75 -70.91 18.26
N GLN I 59 -25.55 -72.19 18.59
CA GLN I 59 -24.71 -73.09 17.79
C GLN I 59 -25.28 -74.50 17.94
N LEU I 60 -26.14 -74.87 17.00
CA LEU I 60 -26.64 -76.24 16.96
C LEU I 60 -25.53 -77.18 16.49
N PRO I 61 -25.42 -78.37 17.08
CA PRO I 61 -24.35 -79.29 16.67
C PRO I 61 -24.45 -79.65 15.20
N GLY I 62 -23.45 -79.22 14.43
CA GLY I 62 -23.42 -79.49 13.00
C GLY I 62 -24.53 -78.84 12.22
N THR I 63 -24.90 -77.61 12.55
CA THR I 63 -25.97 -76.90 11.87
C THR I 63 -25.63 -75.41 11.84
N ALA I 64 -26.14 -74.72 10.83
CA ALA I 64 -25.91 -73.29 10.71
C ALA I 64 -26.50 -72.56 11.91
N PRO I 65 -25.80 -71.56 12.46
CA PRO I 65 -26.27 -70.92 13.70
C PRO I 65 -27.50 -70.05 13.51
N LYS I 66 -28.01 -69.50 14.61
CA LYS I 66 -29.21 -68.67 14.58
C LYS I 66 -29.16 -67.70 15.76
N LEU I 67 -29.84 -66.57 15.61
CA LEU I 67 -29.83 -65.51 16.61
C LEU I 67 -30.82 -65.83 17.74
N LEU I 68 -30.50 -65.32 18.93
CA LEU I 68 -31.40 -65.45 20.08
C LEU I 68 -32.00 -64.10 20.48
N ILE I 69 -31.17 -63.11 20.77
CA ILE I 69 -31.62 -61.80 21.22
C ILE I 69 -30.65 -60.75 20.75
N TYR I 70 -31.19 -59.63 20.29
CA TYR I 70 -30.43 -58.48 19.81
C TYR I 70 -30.92 -57.23 20.51
N GLY I 71 -29.99 -56.38 20.93
CA GLY I 71 -30.34 -55.18 21.66
C GLY I 71 -30.63 -55.40 23.12
N ASN I 72 -30.57 -56.63 23.61
CA ASN I 72 -30.75 -57.05 24.99
C ASN I 72 -32.18 -56.87 25.49
N ASN I 73 -33.10 -56.34 24.69
CA ASN I 73 -34.47 -56.18 25.14
C ASN I 73 -35.47 -56.67 24.10
N ASN I 74 -35.08 -56.61 22.82
CA ASN I 74 -35.99 -57.03 21.75
C ASN I 74 -35.90 -58.53 21.55
N ARG I 75 -36.62 -59.03 20.54
CA ARG I 75 -36.63 -60.45 20.24
C ARG I 75 -37.12 -60.65 18.81
N PRO I 76 -36.49 -61.53 18.04
CA PRO I 76 -36.88 -61.73 16.64
C PRO I 76 -38.04 -62.71 16.53
N SER I 77 -38.38 -63.03 15.28
CA SER I 77 -39.43 -64.00 14.99
C SER I 77 -38.82 -65.40 14.82
N GLY I 78 -39.63 -66.40 15.15
CA GLY I 78 -39.19 -67.78 15.06
C GLY I 78 -38.50 -68.32 16.29
N VAL I 79 -38.51 -67.59 17.40
CA VAL I 79 -37.87 -68.03 18.64
C VAL I 79 -38.93 -68.16 19.72
N PRO I 80 -38.90 -69.22 20.53
CA PRO I 80 -39.90 -69.36 21.60
C PRO I 80 -39.77 -68.27 22.65
N ASP I 81 -40.89 -67.96 23.28
CA ASP I 81 -40.95 -66.87 24.26
C ASP I 81 -40.27 -67.22 25.58
N ARG I 82 -39.87 -68.48 25.78
CA ARG I 82 -39.28 -68.90 27.04
C ARG I 82 -37.91 -68.30 27.30
N PHE I 83 -37.40 -67.46 26.42
CA PHE I 83 -36.08 -66.85 26.58
C PHE I 83 -36.23 -65.41 27.08
N SER I 84 -35.31 -65.01 27.96
CA SER I 84 -35.29 -63.63 28.42
C SER I 84 -33.86 -63.29 28.83
N GLY I 85 -33.60 -62.00 29.01
CA GLY I 85 -32.27 -61.58 29.42
C GLY I 85 -32.24 -60.12 29.78
N SER I 86 -31.21 -59.75 30.53
CA SER I 86 -31.00 -58.36 30.93
C SER I 86 -29.57 -58.19 31.40
N LYS I 87 -29.12 -56.94 31.40
CA LYS I 87 -27.76 -56.61 31.79
C LYS I 87 -27.76 -55.77 33.06
N SER I 88 -26.74 -55.96 33.88
CA SER I 88 -26.54 -55.22 35.13
C SER I 88 -25.14 -54.61 35.04
N ALA I 89 -25.07 -53.37 34.52
CA ALA I 89 -23.82 -52.62 34.45
C ALA I 89 -22.70 -53.41 33.79
N THR I 90 -21.82 -53.98 34.60
CA THR I 90 -20.65 -54.67 34.08
C THR I 90 -20.98 -56.06 33.52
N SER I 91 -22.00 -56.72 34.04
CA SER I 91 -22.33 -58.07 33.62
C SER I 91 -23.64 -58.10 32.84
N ALA I 92 -23.91 -59.26 32.24
CA ALA I 92 -25.19 -59.50 31.59
C ALA I 92 -25.58 -60.94 31.84
N SER I 93 -26.87 -61.23 31.73
CA SER I 93 -27.35 -62.58 32.00
C SER I 93 -28.60 -62.85 31.18
N LEU I 94 -28.86 -64.14 30.98
CA LEU I 94 -30.09 -64.57 30.32
C LEU I 94 -30.65 -65.77 31.08
N ALA I 95 -31.96 -65.93 30.95
CA ALA I 95 -32.72 -66.97 31.64
C ALA I 95 -33.61 -67.70 30.64
N ILE I 96 -33.68 -69.02 30.81
CA ILE I 96 -34.60 -69.87 30.06
C ILE I 96 -35.57 -70.47 31.05
N THR I 97 -36.87 -70.30 30.80
CA THR I 97 -37.92 -70.80 31.67
C THR I 97 -38.54 -72.02 31.01
N GLY I 98 -38.22 -73.20 31.54
CA GLY I 98 -38.75 -74.43 31.00
C GLY I 98 -37.92 -75.01 29.87
N LEU I 99 -36.65 -75.30 30.14
CA LEU I 99 -35.78 -75.87 29.13
C LEU I 99 -36.28 -77.24 28.71
N GLN I 100 -36.07 -77.57 27.45
CA GLN I 100 -36.52 -78.83 26.86
C GLN I 100 -35.31 -79.61 26.35
N ALA I 101 -35.57 -80.73 25.67
CA ALA I 101 -34.51 -81.61 25.20
C ALA I 101 -33.77 -81.06 23.98
N GLU I 102 -34.37 -80.12 23.25
CA GLU I 102 -33.76 -79.57 22.05
C GLU I 102 -32.79 -78.42 22.35
N ASP I 103 -32.65 -78.03 23.62
CA ASP I 103 -31.75 -76.94 23.98
C ASP I 103 -30.30 -77.35 23.98
N GLU I 104 -29.97 -78.56 23.53
CA GLU I 104 -28.58 -79.01 23.48
C GLU I 104 -27.87 -78.28 22.34
N ALA I 105 -27.22 -77.16 22.68
CA ALA I 105 -26.52 -76.34 21.70
C ALA I 105 -25.49 -75.50 22.44
N ASP I 106 -24.76 -74.68 21.70
CA ASP I 106 -23.76 -73.79 22.25
C ASP I 106 -24.23 -72.35 22.14
N TYR I 107 -23.97 -71.56 23.18
CA TYR I 107 -24.45 -70.19 23.27
C TYR I 107 -23.29 -69.21 23.32
N TYR I 108 -23.41 -68.10 22.60
CA TYR I 108 -22.36 -67.10 22.51
C TYR I 108 -22.91 -65.73 22.87
N CYS I 109 -22.14 -64.98 23.65
CA CYS I 109 -22.44 -63.59 23.97
C CYS I 109 -21.46 -62.69 23.23
N GLN I 110 -21.98 -61.69 22.53
CA GLN I 110 -21.18 -60.81 21.70
C GLN I 110 -21.46 -59.36 22.04
N SER I 111 -20.40 -58.55 22.10
CA SER I 111 -20.50 -57.13 22.39
C SER I 111 -19.53 -56.39 21.48
N SER I 112 -19.32 -55.11 21.77
CA SER I 112 -18.44 -54.25 21.00
C SER I 112 -17.36 -53.67 21.92
N ASP I 113 -16.56 -52.77 21.38
CA ASP I 113 -15.45 -52.17 22.12
C ASP I 113 -15.36 -50.69 21.77
N SER I 114 -14.61 -49.95 22.60
CA SER I 114 -14.48 -48.51 22.40
C SER I 114 -13.82 -48.18 21.07
N SER I 115 -12.74 -48.90 20.74
CA SER I 115 -11.99 -48.62 19.53
C SER I 115 -12.47 -49.50 18.39
N LEU I 116 -12.03 -49.17 17.17
CA LEU I 116 -12.36 -49.96 16.00
C LEU I 116 -11.66 -51.30 15.98
N SER I 117 -10.71 -51.53 16.89
CA SER I 117 -10.10 -52.84 16.99
C SER I 117 -11.11 -53.90 17.39
N GLY I 118 -12.01 -53.57 18.32
CA GLY I 118 -12.93 -54.56 18.87
C GLY I 118 -14.37 -54.37 18.43
N LEU I 119 -14.59 -54.11 17.13
CA LEU I 119 -15.94 -53.93 16.63
C LEU I 119 -16.81 -55.15 16.92
N TYR I 120 -16.25 -56.35 16.77
CA TYR I 120 -16.97 -57.59 17.00
C TYR I 120 -16.09 -58.52 17.83
N VAL I 121 -16.39 -58.65 19.12
CA VAL I 121 -15.67 -59.53 20.01
C VAL I 121 -16.68 -60.51 20.63
N PHE I 122 -16.32 -61.78 20.65
CA PHE I 122 -17.18 -62.83 21.16
C PHE I 122 -16.58 -63.44 22.41
N GLY I 123 -17.43 -64.11 23.19
CA GLY I 123 -16.98 -64.84 24.36
C GLY I 123 -16.46 -66.21 24.01
N THR I 124 -16.06 -66.95 25.05
CA THR I 124 -15.54 -68.30 24.85
C THR I 124 -16.66 -69.26 24.47
N GLY I 125 -17.80 -69.20 25.15
CA GLY I 125 -18.91 -70.08 24.87
C GLY I 125 -19.34 -70.91 26.06
N THR I 126 -20.64 -71.18 26.16
CA THR I 126 -21.18 -71.96 27.28
C THR I 126 -22.17 -72.99 26.74
N ASN I 127 -22.23 -74.13 27.43
CA ASN I 127 -23.06 -75.24 27.01
C ASN I 127 -23.91 -75.72 28.17
N VAL I 128 -25.09 -76.26 27.85
CA VAL I 128 -26.06 -76.71 28.84
C VAL I 128 -26.25 -78.21 28.69
N ILE I 129 -26.62 -78.85 29.80
CA ILE I 129 -26.91 -80.29 29.83
C ILE I 129 -28.25 -80.48 30.52
N VAL I 130 -29.16 -81.21 29.88
CA VAL I 130 -30.49 -81.47 30.42
C VAL I 130 -30.40 -82.61 31.43
N LEU I 131 -31.47 -82.80 32.20
CA LEU I 131 -31.54 -83.83 33.24
C LEU I 131 -30.43 -83.65 34.28
C1 NAG J . -44.20 -19.13 1.22
C2 NAG J . -44.00 -18.16 2.39
C3 NAG J . -43.38 -18.93 3.54
C4 NAG J . -44.27 -20.12 3.87
C5 NAG J . -44.46 -21.00 2.65
C6 NAG J . -45.38 -22.17 2.98
C7 NAG J . -42.54 -16.25 2.81
C8 NAG J . -43.34 -15.10 3.36
N2 NAG J . -43.20 -17.05 1.96
O3 NAG J . -43.28 -18.11 4.71
O4 NAG J . -43.66 -20.89 4.91
O5 NAG J . -45.01 -20.23 1.59
O6 NAG J . -46.62 -21.66 3.45
O7 NAG J . -41.39 -16.44 3.13
C1 NAG J . -44.39 -20.69 6.13
C2 NAG J . -43.45 -21.02 7.28
C3 NAG J . -44.11 -20.76 8.62
C4 NAG J . -44.66 -19.35 8.65
C5 NAG J . -45.57 -19.08 7.46
C6 NAG J . -45.95 -17.61 7.41
C7 NAG J . -43.90 -23.38 6.85
C8 NAG J . -43.50 -24.19 5.65
N2 NAG J . -43.06 -22.41 7.21
O3 NAG J . -43.13 -20.93 9.63
O4 NAG J . -45.43 -19.20 9.85
O5 NAG J . -44.90 -19.36 6.25
O6 NAG J . -46.56 -17.20 8.65
O7 NAG J . -44.95 -23.59 7.45
C1 NAG K . -14.79 -32.76 -31.22
C2 NAG K . -14.33 -31.40 -31.74
C3 NAG K . -15.52 -30.45 -31.80
C4 NAG K . -16.64 -31.09 -32.60
C5 NAG K . -17.01 -32.45 -32.06
C6 NAG K . -18.06 -33.12 -32.94
C7 NAG K . -13.12 -29.63 -30.54
C8 NAG K . -12.08 -28.87 -31.32
N2 NAG K . -13.28 -30.91 -30.86
O3 NAG K . -15.16 -29.23 -32.42
O4 NAG K . -17.79 -30.25 -32.54
O5 NAG K . -15.86 -33.28 -32.00
O6 NAG K . -18.51 -34.33 -32.31
O7 NAG K . -13.78 -29.09 -29.66
C1 NAG K . -18.07 -29.75 -33.86
C2 NAG K . -19.46 -29.14 -33.88
C3 NAG K . -19.77 -28.59 -35.25
C4 NAG K . -18.69 -27.58 -35.62
C5 NAG K . -17.33 -28.24 -35.55
C6 NAG K . -16.23 -27.23 -35.85
C7 NAG K . -20.78 -30.29 -32.26
C8 NAG K . -21.26 -31.67 -31.86
N2 NAG K . -20.43 -30.14 -33.52
O3 NAG K . -21.05 -27.96 -35.23
O4 NAG K . -18.92 -27.09 -36.94
O5 NAG K . -17.10 -28.77 -34.25
O6 NAG K . -16.25 -26.23 -34.83
O7 NAG K . -20.72 -29.37 -31.45
#